data_8S9X
#
_entry.id   8S9X
#
_cell.length_a   1.00
_cell.length_b   1.00
_cell.length_c   1.00
_cell.angle_alpha   90.00
_cell.angle_beta   90.00
_cell.angle_gamma   90.00
#
_symmetry.space_group_name_H-M   'P 1'
#
loop_
_entity.id
_entity.type
_entity.pdbx_description
1 polymer Cas7-Cas5-Cas11
2 polymer 'TIGR03984 family CRISPR-associated protein'
3 polymer Cas10
4 polymer Cas7-2x
5 polymer 'TIGR03986 family CRISPR-associated RAMP protein'
6 polymer 'CRISPR RNA'
7 polymer 'Self-target RNA'
#
loop_
_entity_poly.entity_id
_entity_poly.type
_entity_poly.pdbx_seq_one_letter_code
_entity_poly.pdbx_strand_id
1 'polypeptide(L)'
;MRGIEITITMQSDWHVGTGMGRGELDSVVQRDGDNLPYIPGKTLTGILRDSCEQVALGLDNGQTRGLWHGWINFIFGDQP
ALAQGAIEPEPRPALIAIGSAHLDPKLKAAFQGKKQLQEAIAFMKPGVAIDAITGTAKKDFLRFEEVVRLGAKLTAEVEL
NLPDNLSETNKKVIAGILASGAKLTERLGGKRRRGNGRCELKFSGYSDQQIQWLKDNYQSVDQPPKYQQNKLQSAGDNPE
QQPPWHIIPLTIKTLSPVVLPARTVGNVVECLDYIPGRYLLGYIHKTLGEYFDVSQAIAAGDLIITNATIKIDGKAGRAT
PFCLFGEKLDGGLGKGKGVYNRFQESEPDGIQLKGERGGYVGQFEQEQRNLPNTGKINSELFTHNTIQDDVQRPTSDVGG
VYSYEAIIAGQTFVAELRLPDSLVKQITSKNKNWQAQLKATIRIGQSKKDQYGKIEVTSGNSADLPKPTGNNKTLSIWFL
SDILLRGDRLNFNATPDDLKKYLENALDIKLKERSDNDLICIALRSQRTESWQVRWGLPRPSLVGWQAGSCLIYDIESGT
VNAEKLQELMITGIGDRCTEGYGQIGFNDPLLSASLGKLTAKPKASNNQSQNSQSNPLPTNHPTQDYARLIEKAAWREAI
QNKALALASSRAKREEILGIKIMGKDSQPTMTQLGGFRSVLKRLHSRNNRDIVTGYLTALEQVSNRKEKWSNTSQGLTKI
RNLVTQENLIWNHLDIDFSPLTITQNGVNQLKSELWAEAVRTLVDAIIRGHKRDLEKAQENESNQQSQGAA
;
A
2 'polypeptide(L)'
;MPAGGRLMKNLYHYHQYEITLESAVDSCKNHLQAAIGLLYSPQKCELVKLDNSGKLVDSYNRLKFNNLGVFEARFFNLNC
ELRWVNESNGNGTAVLLSESDITLTGFEKGLQEFITAIDQQYLLWGEPAKHPPNADGWQRLAEARIGKLDIPLDNPLKPK
DRVFLTSEEYIAEVDDFGNCAVIDERLIKLEVK
;
B
3 'polypeptide(L)'
;MAHHHHHHVGTENLYFQGFLVLIETSGNQHFIFSTNKLRENIGASELTYLATTEILFQGVDRVFQTNYYDQWSDTNSLNF
LADSKLNPAIDDPKNNADIEILLATSGKAIALVKEEGKAKQLIKEVTKQALINAPGLEIGGIYVNCNWQDKLGVAKAVKE
AHKQFEVNRAKRAGANGRFLRLPIAAGCSVSELPASDFDYNADGDKIPVSTVSKVKRETAKSAKKRLRSVDGRLVNDLAQ
LEKSFDELDWLAVVHADGNGLGQILLSLEKYIGEQTNRNYIDKYRRLSLALDNCTINAFKMAIAVFKEDSKKIDLPIVPL
ILGGDDLTVICRGDYALEFTREFLEAFEGQTETHDDIKVIAQKAFGVDRLSACAGISIIKPHFPFSVAYTLAERLIKSAK
EVKQKVTVTNSSPITPFPCSAIDFHILYDSSGIDFDRIREKLRPEDNTELYNRPYVVTAAENLSQAQGYEWSQAHSLQTL
ADRVSYLRSEDGEGKSALPSSQSHALRTALYLEKNEADAQYSLISQRYKILKNFAEDGENKSLFHLENGKYVTRFLDALD
AKDFFANANHKNQGE
;
C
4 'polypeptide(L)'
;MARKVTTRWKITGTLIAETPLHIGGVGGDADTDLALAVNGAGEYYVPGTSLAGALRGWMTQLLNNDESQIKDLWGDHLDA
KRGASFVIVDDAVIHIPNNADVEIREGVGIDRHFGTAANGFKYSRAVIPKGSKFKLPLTFDSQDDGLPNALIQLLCALEA
GDIRLGAAKTRGLGRIKLDDLKLKSFALDKPEGIFSALLDQGKKLDWNQLKANVTYQSPPYLGISITWNPKDPVMVKAEG
DGLAIDILPLVSQVGSDVRFVIPGSSIKGILRTQAERIIRTICQSNGSEKNFLEQLRINLVNELFGSASLSQKQNGKDID
LGKIGALAVNDCFSSLSMTPDQWKAVENATEMTGNLQPALKQATGYPNNISQAYKVLQPAMHVAVDRWTGGAAEGMLYSV
LEPIGVTWEPIQVHLDIARLKNYYHGKEEKLKPAIALLLLVLRDLANKKIPVGYGTNRGMGTITVSQITLNGKALPTELE
PLNKTMTCPNLTDLDEAFRQDLSTAWKEWIADPIDLCQQEAA
;
D
5 'polypeptide(L)'
;MTVGTLGVVGSAKNLKLQLSFINTRQQYVQITLFERNSFKVAEEEFSTELVEIIKTALPTLKNKKVEFEEDGDQIKQIRE
KGQAWVGAAEQIAPYVLPSGNITETPRNVNASNFHNPYNFVPALPRDGITGDLGDCAPAGHSYYHGDKYSGRIAVKLTTV
TPLLIPDASKEEINNNHKTYPVRIGKDGKPYLPPTSIKGMLRSAYEAVTNSRLAVFEDHDSRLAYRMPATMGLQMVPARI
EGDNIVLYPGTSRIGNNGRPANNDPMYAAWLPYYQNRIAYDGSRDYQMAEHGDHVRFWAERYTRGNFCYWRVRQIARHNQ
NLGNRPERGRNYGQHHSTGVIEQFEGFVYKTNKNIGNKHDERVFIIDRESIEIPLSRDLRRKWRELITSYQEIHKKEVDR
GDTGPSAVNGAVWSRQIIADESERNLSDGTLCYAHVKKEDGQYKILNLYPVMITRGLYEIAPVDLLDETLKPATDKKQLS
PADRVFGWVNQRGNGCYKGQLRIHSVTCQHDDAIDDFGNQNFSVPLAILGQPKPEQARFYCADDRKGIPLEDGYDRDDGY
SDSEQGLRGRKVYPHHKGLPNGYWSNPTEDRSQQAIQGHYQEYRRPKKDGLEQRDDQNRSVKGWVKPLTEFTFEIDVTNL
SEVELGALLWLLTLPDLHFHRLGGGKPLGFGSVRLDIDPDKTDLRNGAGWRDYYGSLLETSQPDFTTLISQWINAFQTAV
KEEYGSSSFDQVTFIKASGQSLQGFHDNASIHYPRSTPEPKPDGEAFKWFVANEKGRRLALPALEKSQSFPIKPS
;
E
6 'polyribonucleotide' ACUGAAACUGUAGUAGAACCAAUCGGGGUCGUCAAUA F
7 'polyribonucleotide' CAUGACGGAUCGCGGGAGUUAUUGACGACCCCGAUUGGUUCUACUACAAACGUGAUACUA G
#
# COMPACT_ATOMS: atom_id res chain seq x y z
N MET A 1 -39.89 16.42 -22.81
CA MET A 1 -38.69 17.09 -23.29
C MET A 1 -37.45 16.33 -22.87
N ARG A 2 -36.65 15.92 -23.84
CA ARG A 2 -35.51 15.04 -23.63
C ARG A 2 -34.30 15.59 -24.38
N GLY A 3 -33.11 15.20 -23.93
CA GLY A 3 -31.89 15.61 -24.59
C GLY A 3 -31.21 16.84 -24.03
N ILE A 4 -31.75 17.44 -22.96
CA ILE A 4 -30.93 18.27 -22.09
C ILE A 4 -29.91 17.39 -21.39
N GLU A 5 -28.67 17.86 -21.32
CA GLU A 5 -27.62 17.11 -20.64
C GLU A 5 -26.89 17.99 -19.63
N ILE A 6 -26.61 17.41 -18.47
CA ILE A 6 -25.63 17.98 -17.55
C ILE A 6 -24.25 17.55 -17.98
N THR A 7 -23.28 18.46 -17.90
CA THR A 7 -21.87 18.11 -18.04
C THR A 7 -21.15 18.45 -16.75
N ILE A 8 -20.21 17.59 -16.35
CA ILE A 8 -19.46 17.73 -15.12
C ILE A 8 -17.98 17.62 -15.46
N THR A 9 -17.17 18.55 -14.95
CA THR A 9 -15.73 18.44 -15.01
C THR A 9 -15.18 18.44 -13.59
N MET A 10 -14.47 17.37 -13.23
CA MET A 10 -13.86 17.29 -11.92
C MET A 10 -12.52 17.98 -11.94
N GLN A 11 -12.32 18.93 -11.03
CA GLN A 11 -11.11 19.74 -11.00
C GLN A 11 -10.24 19.45 -9.80
N SER A 12 -10.65 18.54 -8.92
CA SER A 12 -9.80 17.98 -7.89
C SER A 12 -10.17 16.51 -7.72
N ASP A 13 -9.26 15.76 -7.09
CA ASP A 13 -9.48 14.33 -6.95
C ASP A 13 -10.75 14.09 -6.13
N TRP A 14 -11.51 13.07 -6.52
CA TRP A 14 -12.91 13.01 -6.11
C TRP A 14 -13.28 11.59 -5.69
N HIS A 15 -14.30 11.51 -4.84
CA HIS A 15 -14.60 10.31 -4.08
C HIS A 15 -16.09 10.24 -3.82
N VAL A 16 -16.72 9.16 -4.27
CA VAL A 16 -18.12 8.88 -3.95
C VAL A 16 -18.17 7.56 -3.20
N GLY A 17 -18.46 7.62 -1.90
CA GLY A 17 -18.28 6.46 -1.04
C GLY A 17 -19.31 5.39 -1.31
N THR A 18 -18.88 4.13 -1.15
CA THR A 18 -19.82 3.04 -0.92
C THR A 18 -20.42 3.04 0.47
N GLY A 19 -20.03 3.99 1.33
CA GLY A 19 -20.34 3.93 2.74
C GLY A 19 -19.60 2.88 3.54
N MET A 20 -18.57 2.27 2.95
CA MET A 20 -17.78 1.25 3.63
C MET A 20 -16.40 1.23 3.01
N GLY A 21 -15.49 0.47 3.63
CA GLY A 21 -14.25 0.10 2.99
C GLY A 21 -14.31 -1.28 2.36
N ARG A 22 -13.14 -1.76 1.95
CA ARG A 22 -12.93 -3.19 1.73
C ARG A 22 -11.49 -3.52 2.07
N GLY A 23 -11.30 -4.48 2.97
CA GLY A 23 -9.98 -4.95 3.34
C GLY A 23 -9.03 -3.88 3.84
N GLU A 24 -7.92 -3.71 3.13
CA GLU A 24 -6.92 -2.69 3.46
C GLU A 24 -7.37 -1.27 3.15
N LEU A 25 -8.47 -1.07 2.44
CA LEU A 25 -8.99 0.26 2.15
C LEU A 25 -10.19 0.57 3.03
N ASP A 26 -10.15 1.72 3.69
CA ASP A 26 -11.24 2.13 4.57
C ASP A 26 -12.38 2.80 3.81
N SER A 27 -12.11 3.30 2.61
CA SER A 27 -13.14 3.85 1.75
C SER A 27 -12.90 3.39 0.32
N VAL A 28 -13.96 2.97 -0.36
CA VAL A 28 -13.89 2.59 -1.76
C VAL A 28 -15.07 3.21 -2.50
N VAL A 29 -14.86 3.53 -3.76
CA VAL A 29 -15.79 4.36 -4.51
C VAL A 29 -16.81 3.48 -5.22
N GLN A 30 -17.98 4.04 -5.49
CA GLN A 30 -19.01 3.33 -6.25
C GLN A 30 -18.59 3.21 -7.71
N ARG A 31 -18.73 2.00 -8.26
CA ARG A 31 -18.43 1.75 -9.65
C ARG A 31 -19.68 1.20 -10.35
N ASP A 32 -19.85 1.58 -11.62
CA ASP A 32 -21.02 1.20 -12.39
C ASP A 32 -20.92 -0.26 -12.86
N GLY A 33 -21.85 -0.67 -13.71
CA GLY A 33 -21.83 -1.99 -14.33
C GLY A 33 -20.64 -2.24 -15.25
N ASP A 34 -19.90 -1.20 -15.63
CA ASP A 34 -18.66 -1.37 -16.38
C ASP A 34 -17.42 -1.20 -15.51
N ASN A 35 -17.58 -1.26 -14.20
CA ASN A 35 -16.52 -1.21 -13.21
C ASN A 35 -15.75 0.11 -13.23
N LEU A 36 -16.25 1.14 -13.90
CA LEU A 36 -15.58 2.43 -13.86
C LEU A 36 -16.19 3.30 -12.77
N PRO A 37 -15.42 4.25 -12.24
CA PRO A 37 -16.02 5.30 -11.40
C PRO A 37 -17.11 6.06 -12.14
N TYR A 38 -18.10 6.51 -11.37
CA TYR A 38 -19.22 7.28 -11.89
C TYR A 38 -19.90 7.94 -10.71
N ILE A 39 -20.75 8.91 -11.02
CA ILE A 39 -21.45 9.69 -10.00
C ILE A 39 -22.91 9.27 -10.02
N PRO A 40 -23.44 8.68 -8.96
CA PRO A 40 -24.81 8.18 -8.99
C PRO A 40 -25.80 9.33 -9.10
N GLY A 41 -26.85 9.12 -9.89
CA GLY A 41 -27.84 10.16 -10.10
C GLY A 41 -28.47 10.64 -8.82
N LYS A 42 -28.61 9.75 -7.84
CA LYS A 42 -29.19 10.15 -6.57
C LYS A 42 -28.31 11.17 -5.85
N THR A 43 -26.99 10.99 -5.92
CA THR A 43 -26.07 12.02 -5.45
C THR A 43 -26.22 13.30 -6.26
N LEU A 44 -26.28 13.18 -7.59
CA LEU A 44 -26.28 14.36 -8.45
C LEU A 44 -27.50 15.24 -8.18
N THR A 45 -28.70 14.66 -8.17
CA THR A 45 -29.88 15.43 -7.79
C THR A 45 -29.75 16.01 -6.39
N GLY A 46 -29.27 15.21 -5.44
CA GLY A 46 -29.13 15.70 -4.08
C GLY A 46 -28.24 16.92 -3.97
N ILE A 47 -27.09 16.90 -4.66
CA ILE A 47 -26.19 18.06 -4.63
C ILE A 47 -26.83 19.25 -5.34
N LEU A 48 -27.38 19.03 -6.53
CA LEU A 48 -27.96 20.13 -7.30
C LEU A 48 -29.13 20.78 -6.57
N ARG A 49 -30.01 19.96 -5.98
CA ARG A 49 -31.09 20.49 -5.15
C ARG A 49 -30.56 21.36 -4.03
N ASP A 50 -29.52 20.90 -3.34
CA ASP A 50 -28.95 21.67 -2.24
C ASP A 50 -28.51 23.07 -2.68
N SER A 51 -27.82 23.18 -3.81
CA SER A 51 -27.46 24.50 -4.30
C SER A 51 -28.67 25.34 -4.69
N CYS A 52 -29.70 24.72 -5.25
CA CYS A 52 -30.92 25.46 -5.56
C CYS A 52 -31.56 26.03 -4.31
N GLU A 53 -31.57 25.25 -3.23
CA GLU A 53 -32.11 25.74 -1.97
C GLU A 53 -31.31 26.91 -1.40
N GLN A 54 -30.01 26.97 -1.69
CA GLN A 54 -29.23 28.17 -1.34
C GLN A 54 -29.77 29.40 -2.06
N VAL A 55 -30.09 29.27 -3.35
CA VAL A 55 -30.72 30.37 -4.07
C VAL A 55 -32.04 30.76 -3.42
N ALA A 56 -32.85 29.77 -3.07
CA ALA A 56 -34.14 30.05 -2.44
C ALA A 56 -33.98 30.83 -1.14
N LEU A 57 -32.96 30.50 -0.34
CA LEU A 57 -32.64 31.31 0.82
C LEU A 57 -32.37 32.76 0.42
N GLY A 58 -31.51 32.97 -0.58
CA GLY A 58 -31.19 34.31 -1.04
C GLY A 58 -32.37 35.09 -1.57
N LEU A 59 -33.42 34.41 -2.01
CA LEU A 59 -34.60 35.10 -2.52
C LEU A 59 -35.75 35.17 -1.53
N ASP A 60 -35.87 34.21 -0.62
CA ASP A 60 -36.78 34.31 0.50
C ASP A 60 -36.22 35.09 1.68
N ASN A 61 -35.12 35.82 1.49
CA ASN A 61 -34.49 36.60 2.56
C ASN A 61 -34.22 35.74 3.79
N GLY A 62 -33.80 34.50 3.56
CA GLY A 62 -33.55 33.55 4.62
C GLY A 62 -34.77 32.89 5.25
N GLN A 63 -35.98 33.18 4.80
CA GLN A 63 -37.14 32.48 5.36
C GLN A 63 -37.12 31.04 4.91
N THR A 64 -37.13 30.11 5.87
CA THR A 64 -37.07 28.69 5.57
C THR A 64 -38.35 28.17 4.92
N ARG A 65 -39.43 28.95 4.94
CA ARG A 65 -40.62 28.68 4.16
C ARG A 65 -41.05 29.97 3.46
N GLY A 66 -41.54 29.83 2.23
CA GLY A 66 -41.85 31.01 1.46
C GLY A 66 -42.10 30.66 0.00
N LEU A 67 -42.33 31.71 -0.77
CA LEU A 67 -42.65 31.56 -2.19
C LEU A 67 -41.58 30.79 -2.94
N TRP A 68 -40.31 31.13 -2.72
CA TRP A 68 -39.25 30.52 -3.52
C TRP A 68 -38.93 29.10 -3.07
N HIS A 69 -38.98 28.80 -1.77
CA HIS A 69 -39.01 27.41 -1.35
C HIS A 69 -40.19 26.67 -1.97
N GLY A 70 -41.30 27.37 -2.20
CA GLY A 70 -42.36 26.80 -3.02
C GLY A 70 -41.89 26.33 -4.38
N TRP A 71 -41.13 27.19 -5.07
CA TRP A 71 -40.58 26.82 -6.37
C TRP A 71 -39.65 25.61 -6.29
N ILE A 72 -38.77 25.56 -5.29
CA ILE A 72 -37.86 24.42 -5.19
C ILE A 72 -38.65 23.14 -4.96
N ASN A 73 -39.65 23.20 -4.08
CA ASN A 73 -40.55 22.07 -3.89
C ASN A 73 -41.26 21.72 -5.19
N PHE A 74 -41.62 22.74 -5.97
CA PHE A 74 -42.22 22.51 -7.28
C PHE A 74 -41.24 21.82 -8.23
N ILE A 75 -40.01 22.31 -8.30
CA ILE A 75 -39.06 21.80 -9.27
C ILE A 75 -38.55 20.41 -8.87
N PHE A 76 -38.10 20.26 -7.62
CA PHE A 76 -37.47 19.03 -7.17
C PHE A 76 -38.40 18.12 -6.37
N GLY A 77 -39.68 18.44 -6.32
CA GLY A 77 -40.65 17.67 -5.55
C GLY A 77 -40.58 17.93 -4.06
N ASP A 78 -41.71 17.69 -3.40
CA ASP A 78 -41.82 17.80 -1.95
C ASP A 78 -41.09 16.66 -1.26
N GLN A 79 -40.64 16.92 -0.03
CA GLN A 79 -40.07 15.89 0.81
C GLN A 79 -41.03 15.43 1.90
N PRO A 80 -42.07 14.65 1.56
CA PRO A 80 -43.06 14.26 2.58
C PRO A 80 -42.49 13.46 3.74
N ALA A 81 -41.25 12.97 3.61
CA ALA A 81 -40.59 12.35 4.76
C ALA A 81 -40.42 13.31 5.91
N LEU A 82 -40.08 14.57 5.61
CA LEU A 82 -39.63 15.49 6.66
C LEU A 82 -40.72 16.46 7.10
N ALA A 83 -41.58 16.88 6.18
CA ALA A 83 -42.79 17.60 6.59
C ALA A 83 -43.67 16.70 7.45
N GLN A 84 -44.28 17.29 8.47
CA GLN A 84 -45.01 16.51 9.46
C GLN A 84 -46.10 17.38 10.08
N GLY A 85 -47.10 16.71 10.65
CA GLY A 85 -48.37 17.34 10.93
C GLY A 85 -49.39 17.05 9.84
N ALA A 86 -50.52 17.75 9.93
CA ALA A 86 -51.67 17.46 9.09
C ALA A 86 -51.56 18.09 7.70
N ILE A 87 -50.46 17.82 7.00
CA ILE A 87 -50.26 18.38 5.67
C ILE A 87 -51.33 17.83 4.74
N GLU A 88 -52.14 18.72 4.18
CA GLU A 88 -53.27 18.32 3.32
C GLU A 88 -52.89 18.12 1.85
N PRO A 89 -52.14 19.02 1.22
CA PRO A 89 -51.86 18.84 -0.21
C PRO A 89 -51.07 17.57 -0.48
N GLU A 90 -51.44 16.89 -1.55
CA GLU A 90 -50.69 15.71 -2.00
C GLU A 90 -49.23 16.07 -2.26
N PRO A 91 -48.30 15.17 -1.97
CA PRO A 91 -46.89 15.46 -2.26
C PRO A 91 -46.64 15.48 -3.77
N ARG A 92 -46.04 16.56 -4.25
CA ARG A 92 -45.85 16.70 -5.68
C ARG A 92 -44.58 15.98 -6.12
N PRO A 93 -44.59 15.29 -7.26
CA PRO A 93 -43.35 14.77 -7.82
C PRO A 93 -42.51 15.88 -8.42
N ALA A 94 -41.22 15.57 -8.60
CA ALA A 94 -40.33 16.51 -9.29
C ALA A 94 -40.68 16.60 -10.77
N LEU A 95 -40.41 17.78 -11.34
CA LEU A 95 -40.37 17.96 -12.78
C LEU A 95 -39.08 17.46 -13.42
N ILE A 96 -37.99 17.40 -12.67
CA ILE A 96 -36.66 17.16 -13.23
C ILE A 96 -36.18 15.77 -12.85
N ALA A 97 -35.79 15.01 -13.86
CA ALA A 97 -35.26 13.66 -13.69
C ALA A 97 -33.84 13.62 -14.23
N ILE A 98 -32.90 13.11 -13.44
CA ILE A 98 -31.49 13.20 -13.75
C ILE A 98 -30.85 11.81 -13.62
N GLY A 99 -30.15 11.39 -14.66
CA GLY A 99 -29.42 10.15 -14.66
C GLY A 99 -28.17 10.21 -13.79
N SER A 100 -27.48 9.07 -13.75
CA SER A 100 -26.10 9.06 -13.29
C SER A 100 -25.17 9.65 -14.33
N ALA A 101 -24.18 10.40 -13.88
CA ALA A 101 -23.15 10.93 -14.77
C ALA A 101 -22.09 9.85 -15.00
N HIS A 102 -21.97 9.39 -16.23
CA HIS A 102 -20.97 8.41 -16.62
C HIS A 102 -19.81 9.09 -17.34
N LEU A 103 -18.69 8.37 -17.41
CA LEU A 103 -17.61 8.76 -18.31
C LEU A 103 -18.10 8.77 -19.75
N ASP A 104 -17.32 9.44 -20.60
CA ASP A 104 -17.60 9.45 -22.04
C ASP A 104 -17.70 8.03 -22.57
N PRO A 105 -18.69 7.74 -23.42
CA PRO A 105 -18.86 6.37 -23.92
C PRO A 105 -17.64 5.78 -24.61
N LYS A 106 -16.90 6.58 -25.37
CA LYS A 106 -15.73 6.04 -26.06
C LYS A 106 -14.62 5.68 -25.10
N LEU A 107 -14.33 6.56 -24.14
CA LEU A 107 -13.35 6.25 -23.11
C LEU A 107 -13.75 4.99 -22.33
N LYS A 108 -15.02 4.91 -21.94
CA LYS A 108 -15.53 3.72 -21.28
C LYS A 108 -15.31 2.46 -22.11
N ALA A 109 -15.64 2.50 -23.40
CA ALA A 109 -15.44 1.35 -24.26
C ALA A 109 -13.96 0.97 -24.35
N ALA A 110 -13.07 1.96 -24.41
CA ALA A 110 -11.64 1.69 -24.53
C ALA A 110 -11.10 0.82 -23.41
N PHE A 111 -11.65 0.97 -22.19
CA PHE A 111 -11.19 0.17 -21.06
C PHE A 111 -11.62 -1.29 -21.10
N GLN A 112 -12.51 -1.68 -22.00
CA GLN A 112 -13.02 -3.05 -22.01
C GLN A 112 -11.89 -4.06 -22.09
N GLY A 113 -11.95 -5.07 -21.22
CA GLY A 113 -10.96 -6.13 -21.17
C GLY A 113 -9.62 -5.75 -20.58
N LYS A 114 -9.40 -4.49 -20.25
CA LYS A 114 -8.09 -3.99 -19.83
C LYS A 114 -8.09 -3.74 -18.33
N LYS A 115 -8.20 -4.85 -17.58
CA LYS A 115 -8.41 -4.80 -16.13
C LYS A 115 -7.46 -3.83 -15.43
N GLN A 116 -6.17 -3.89 -15.77
CA GLN A 116 -5.18 -3.06 -15.08
C GLN A 116 -5.40 -1.58 -15.29
N LEU A 117 -5.95 -1.17 -16.43
CA LEU A 117 -6.35 0.23 -16.59
C LEU A 117 -7.55 0.57 -15.71
N GLN A 118 -8.55 -0.31 -15.66
CA GLN A 118 -9.74 -0.07 -14.84
C GLN A 118 -9.38 0.13 -13.37
N GLU A 119 -8.26 -0.44 -12.92
CA GLU A 119 -7.76 -0.13 -11.59
C GLU A 119 -7.07 1.22 -11.53
N ALA A 120 -6.22 1.53 -12.52
CA ALA A 120 -5.39 2.72 -12.49
C ALA A 120 -6.17 4.03 -12.47
N ILE A 121 -7.47 4.01 -12.80
CA ILE A 121 -8.26 5.23 -12.75
C ILE A 121 -8.35 5.79 -11.33
N ALA A 122 -8.38 4.92 -10.33
CA ALA A 122 -8.30 5.33 -8.93
C ALA A 122 -6.88 5.27 -8.40
N PHE A 123 -6.67 5.92 -7.26
CA PHE A 123 -5.43 5.75 -6.52
C PHE A 123 -5.71 5.95 -5.03
N MET A 124 -4.82 5.42 -4.21
CA MET A 124 -4.94 5.52 -2.76
C MET A 124 -4.38 6.84 -2.23
N LYS A 125 -5.14 7.46 -1.32
CA LYS A 125 -4.71 8.63 -0.58
C LYS A 125 -4.61 8.28 0.90
N PRO A 126 -3.54 8.66 1.58
CA PRO A 126 -3.44 8.41 3.02
C PRO A 126 -4.20 9.43 3.86
N GLY A 127 -4.40 9.06 5.12
CA GLY A 127 -4.85 10.00 6.13
C GLY A 127 -4.41 9.56 7.50
N VAL A 128 -4.26 10.53 8.41
CA VAL A 128 -3.77 10.26 9.75
C VAL A 128 -4.35 11.30 10.69
N ALA A 129 -4.51 10.92 11.96
CA ALA A 129 -4.79 11.84 13.05
C ALA A 129 -3.54 12.10 13.87
N ILE A 130 -3.37 13.33 14.34
CA ILE A 130 -2.22 13.73 15.13
C ILE A 130 -2.68 13.93 16.57
N ASP A 131 -1.98 13.29 17.51
CA ASP A 131 -2.17 13.55 18.93
C ASP A 131 -1.76 14.99 19.25
N ALA A 132 -2.72 15.77 19.75
CA ALA A 132 -2.46 17.16 20.11
C ALA A 132 -1.34 17.32 21.13
N ILE A 133 -1.16 16.34 22.02
CA ILE A 133 -0.10 16.43 23.03
C ILE A 133 1.25 16.09 22.42
N THR A 134 1.46 14.80 22.12
CA THR A 134 2.76 14.34 21.64
C THR A 134 3.08 14.81 20.23
N GLY A 135 2.11 15.34 19.50
CA GLY A 135 2.37 15.87 18.18
C GLY A 135 2.87 14.83 17.19
N THR A 136 2.40 13.59 17.31
CA THR A 136 2.80 12.50 16.44
C THR A 136 1.55 11.84 15.87
N ALA A 137 1.76 11.03 14.84
CA ALA A 137 0.68 10.23 14.25
C ALA A 137 0.00 9.40 15.33
N LYS A 138 -1.30 9.59 15.47
CA LYS A 138 -2.10 8.85 16.46
C LYS A 138 -2.38 7.46 15.91
N LYS A 139 -1.71 6.46 16.48
CA LYS A 139 -1.78 5.10 15.96
C LYS A 139 -3.20 4.54 16.06
N ASP A 140 -3.53 3.66 15.12
CA ASP A 140 -4.87 3.13 14.87
C ASP A 140 -5.85 4.21 14.43
N PHE A 141 -5.37 5.39 14.07
CA PHE A 141 -6.12 6.36 13.28
C PHE A 141 -5.54 6.54 11.87
N LEU A 142 -4.58 5.72 11.49
CA LEU A 142 -4.06 5.74 10.12
C LEU A 142 -5.08 5.15 9.15
N ARG A 143 -5.34 5.90 8.07
CA ARG A 143 -6.48 5.68 7.20
C ARG A 143 -6.02 5.75 5.75
N PHE A 144 -6.47 4.81 4.93
CA PHE A 144 -6.16 4.78 3.51
C PHE A 144 -7.44 4.83 2.72
N GLU A 145 -7.49 5.69 1.71
CA GLU A 145 -8.74 6.04 1.06
C GLU A 145 -8.56 6.03 -0.45
N GLU A 146 -9.46 5.34 -1.15
CA GLU A 146 -9.51 5.39 -2.61
C GLU A 146 -10.08 6.72 -3.08
N VAL A 147 -9.39 7.36 -4.02
CA VAL A 147 -9.92 8.54 -4.70
C VAL A 147 -9.65 8.41 -6.20
N VAL A 148 -10.47 9.09 -6.99
CA VAL A 148 -10.51 8.95 -8.44
C VAL A 148 -9.83 10.17 -9.07
N ARG A 149 -8.97 9.91 -10.05
CA ARG A 149 -8.13 10.96 -10.63
C ARG A 149 -8.95 12.09 -11.22
N LEU A 150 -8.55 13.33 -10.89
CA LEU A 150 -9.16 14.54 -11.41
C LEU A 150 -9.02 14.63 -12.92
N GLY A 151 -9.74 15.61 -13.49
CA GLY A 151 -9.81 15.79 -14.92
C GLY A 151 -10.86 14.96 -15.62
N ALA A 152 -11.54 14.07 -14.90
CA ALA A 152 -12.61 13.29 -15.49
C ALA A 152 -13.74 14.20 -15.95
N LYS A 153 -14.22 13.98 -17.16
CA LYS A 153 -15.37 14.70 -17.69
C LYS A 153 -16.53 13.73 -17.80
N LEU A 154 -17.62 14.02 -17.10
CA LEU A 154 -18.76 13.15 -16.99
C LEU A 154 -20.02 13.89 -17.44
N THR A 155 -21.02 13.12 -17.86
CA THR A 155 -22.26 13.71 -18.34
C THR A 155 -23.42 12.79 -18.02
N ALA A 156 -24.59 13.39 -17.84
CA ALA A 156 -25.82 12.66 -17.51
C ALA A 156 -26.95 13.26 -18.31
N GLU A 157 -27.87 12.41 -18.77
CA GLU A 157 -29.12 12.91 -19.29
C GLU A 157 -29.92 13.63 -18.21
N VAL A 158 -30.61 14.69 -18.61
CA VAL A 158 -31.72 15.26 -17.85
C VAL A 158 -32.97 15.17 -18.71
N GLU A 159 -34.10 14.85 -18.09
CA GLU A 159 -35.40 15.02 -18.71
C GLU A 159 -36.23 15.99 -17.87
N LEU A 160 -36.86 16.94 -18.54
CA LEU A 160 -37.88 17.79 -17.93
C LEU A 160 -39.25 17.41 -18.49
N ASN A 161 -40.23 17.27 -17.62
CA ASN A 161 -41.60 17.04 -18.08
C ASN A 161 -42.52 18.17 -17.60
N LEU A 162 -42.13 19.40 -17.90
CA LEU A 162 -42.91 20.57 -17.51
C LEU A 162 -44.37 20.40 -17.90
N PRO A 163 -45.31 20.89 -17.09
CA PRO A 163 -46.73 20.83 -17.47
C PRO A 163 -46.98 21.58 -18.77
N ASP A 164 -47.79 20.97 -19.64
CA ASP A 164 -48.04 21.56 -20.95
C ASP A 164 -48.77 22.91 -20.84
N ASN A 165 -49.51 23.12 -19.75
CA ASN A 165 -50.17 24.39 -19.50
C ASN A 165 -49.25 25.45 -18.89
N LEU A 166 -47.99 25.12 -18.62
CA LEU A 166 -47.13 26.01 -17.87
C LEU A 166 -46.90 27.32 -18.64
N SER A 167 -47.07 28.43 -17.95
CA SER A 167 -46.84 29.74 -18.56
C SER A 167 -45.42 29.85 -19.08
N GLU A 168 -45.27 30.55 -20.21
CA GLU A 168 -43.94 30.84 -20.74
C GLU A 168 -43.07 31.60 -19.73
N THR A 169 -43.69 32.50 -18.97
CA THR A 169 -42.98 33.18 -17.90
C THR A 169 -42.35 32.21 -16.91
N ASN A 170 -43.12 31.22 -16.45
CA ASN A 170 -42.62 30.27 -15.47
C ASN A 170 -41.51 29.38 -16.01
N LYS A 171 -41.53 29.05 -17.31
CA LYS A 171 -40.41 28.31 -17.89
C LYS A 171 -39.09 29.05 -17.70
N LYS A 172 -39.08 30.37 -17.89
CA LYS A 172 -37.83 31.11 -17.67
C LYS A 172 -37.45 31.17 -16.20
N VAL A 173 -38.43 31.22 -15.30
CA VAL A 173 -38.15 31.08 -13.87
C VAL A 173 -37.43 29.77 -13.60
N ILE A 174 -38.01 28.65 -14.05
CA ILE A 174 -37.41 27.34 -13.79
C ILE A 174 -36.02 27.26 -14.39
N ALA A 175 -35.88 27.66 -15.65
CA ALA A 175 -34.56 27.73 -16.27
C ALA A 175 -33.63 28.63 -15.45
N GLY A 176 -34.16 29.73 -14.92
CA GLY A 176 -33.35 30.59 -14.08
C GLY A 176 -32.84 29.91 -12.83
N ILE A 177 -33.73 29.27 -12.07
CA ILE A 177 -33.33 28.57 -10.85
C ILE A 177 -32.35 27.46 -11.17
N LEU A 178 -32.68 26.60 -12.13
CA LEU A 178 -31.82 25.46 -12.45
C LEU A 178 -30.45 25.92 -12.91
N ALA A 179 -30.39 26.93 -13.78
CA ALA A 179 -29.11 27.51 -14.18
C ALA A 179 -28.34 28.03 -12.97
N SER A 180 -29.03 28.71 -12.05
CA SER A 180 -28.36 29.26 -10.88
C SER A 180 -27.76 28.16 -10.01
N GLY A 181 -28.48 27.06 -9.84
CA GLY A 181 -27.96 25.97 -9.03
C GLY A 181 -26.68 25.36 -9.60
N ALA A 182 -26.64 25.15 -10.91
CA ALA A 182 -25.42 24.71 -11.56
C ALA A 182 -24.27 25.68 -11.32
N LYS A 183 -24.52 26.99 -11.54
CA LYS A 183 -23.48 27.98 -11.32
C LYS A 183 -22.96 27.95 -9.89
N LEU A 184 -23.87 27.89 -8.92
CA LEU A 184 -23.48 27.98 -7.52
C LEU A 184 -22.86 26.71 -6.97
N THR A 185 -23.14 25.56 -7.59
CA THR A 185 -22.55 24.30 -7.15
C THR A 185 -21.05 24.29 -7.39
N GLU A 186 -20.28 23.87 -6.38
CA GLU A 186 -18.84 23.82 -6.49
C GLU A 186 -18.23 22.47 -6.16
N ARG A 187 -18.89 21.64 -5.36
CA ARG A 187 -18.30 20.40 -4.89
C ARG A 187 -19.36 19.32 -4.77
N LEU A 188 -18.93 18.07 -4.89
CA LEU A 188 -19.78 16.92 -4.63
C LEU A 188 -18.93 15.79 -4.08
N GLY A 189 -19.60 14.80 -3.50
CA GLY A 189 -18.91 13.62 -3.00
C GLY A 189 -18.30 13.79 -1.62
N GLY A 190 -17.36 12.90 -1.34
CA GLY A 190 -16.82 12.76 0.01
C GLY A 190 -15.67 13.70 0.30
N LYS A 191 -15.63 14.18 1.55
CA LYS A 191 -14.65 15.16 2.00
C LYS A 191 -14.67 16.43 1.15
N ARG A 192 -15.87 16.85 0.74
CA ARG A 192 -16.02 18.14 0.09
C ARG A 192 -15.31 19.24 0.86
N ARG A 193 -15.50 19.27 2.17
CA ARG A 193 -14.95 20.33 3.01
C ARG A 193 -13.43 20.27 3.12
N ARG A 194 -12.79 19.22 2.61
CA ARG A 194 -11.34 19.12 2.62
C ARG A 194 -10.79 18.91 1.21
N GLY A 195 -11.54 19.33 0.20
CA GLY A 195 -11.03 19.65 -1.11
C GLY A 195 -11.19 18.56 -2.14
N ASN A 196 -11.57 17.36 -1.73
CA ASN A 196 -12.03 16.37 -2.69
C ASN A 196 -13.26 16.86 -3.43
N GLY A 197 -13.39 16.45 -4.68
CA GLY A 197 -14.64 16.55 -5.40
C GLY A 197 -15.01 17.94 -5.89
N ARG A 198 -14.08 18.90 -5.87
CA ARG A 198 -14.34 20.17 -6.52
C ARG A 198 -14.63 19.96 -8.00
N CYS A 199 -15.67 20.63 -8.51
CA CYS A 199 -16.13 20.36 -9.86
C CYS A 199 -16.79 21.62 -10.42
N GLU A 200 -16.94 21.62 -11.74
CA GLU A 200 -17.85 22.52 -12.44
C GLU A 200 -19.04 21.72 -12.95
N LEU A 201 -20.24 22.27 -12.78
CA LEU A 201 -21.44 21.65 -13.31
C LEU A 201 -22.19 22.66 -14.17
N LYS A 202 -22.52 22.25 -15.40
CA LYS A 202 -23.23 23.10 -16.34
C LYS A 202 -24.36 22.32 -16.97
N PHE A 203 -25.43 23.01 -17.30
CA PHE A 203 -26.47 22.47 -18.17
C PHE A 203 -26.18 22.85 -19.62
N SER A 204 -26.37 21.90 -20.52
CA SER A 204 -26.45 22.22 -21.94
C SER A 204 -27.65 23.14 -22.20
N GLY A 205 -27.39 24.27 -22.84
CA GLY A 205 -28.45 25.17 -23.23
C GLY A 205 -28.93 26.13 -22.16
N TYR A 206 -28.32 26.13 -20.98
CA TYR A 206 -28.48 27.20 -20.01
C TYR A 206 -27.17 27.95 -19.81
N SER A 207 -27.27 29.27 -19.75
CA SER A 207 -26.11 30.15 -19.61
C SER A 207 -26.54 31.36 -18.80
N ASP A 208 -25.55 32.19 -18.43
CA ASP A 208 -25.76 33.37 -17.61
C ASP A 208 -26.97 34.20 -18.03
N GLN A 209 -27.26 34.22 -19.34
CA GLN A 209 -28.46 34.90 -19.81
C GLN A 209 -29.72 34.39 -19.13
N GLN A 210 -29.78 33.08 -18.83
CA GLN A 210 -30.91 32.54 -18.08
C GLN A 210 -30.95 33.11 -16.67
N ILE A 211 -29.79 33.23 -16.03
CA ILE A 211 -29.70 33.86 -14.72
C ILE A 211 -30.02 35.34 -14.81
N GLN A 212 -29.54 36.00 -15.87
CA GLN A 212 -29.82 37.42 -16.08
C GLN A 212 -31.32 37.70 -16.14
N TRP A 213 -32.08 36.85 -16.84
CA TRP A 213 -33.53 37.04 -16.88
C TRP A 213 -34.14 36.95 -15.49
N LEU A 214 -33.70 36.00 -14.68
CA LEU A 214 -34.18 35.92 -13.30
C LEU A 214 -33.82 37.16 -12.51
N LYS A 215 -32.55 37.58 -12.58
CA LYS A 215 -32.10 38.75 -11.83
C LYS A 215 -32.89 39.99 -12.21
N ASP A 216 -33.27 40.12 -13.47
CA ASP A 216 -34.09 41.23 -13.92
C ASP A 216 -35.56 41.10 -13.54
N ASN A 217 -36.07 39.88 -13.36
CA ASN A 217 -37.50 39.65 -13.23
C ASN A 217 -37.98 39.14 -11.89
N TYR A 218 -37.08 38.59 -11.05
CA TYR A 218 -37.51 37.68 -9.99
C TYR A 218 -38.57 38.27 -9.07
N GLN A 219 -38.48 39.59 -8.82
CA GLN A 219 -39.49 40.24 -7.97
C GLN A 219 -40.90 40.15 -8.53
N SER A 220 -41.05 39.89 -9.83
CA SER A 220 -42.35 39.83 -10.46
C SER A 220 -42.99 38.44 -10.44
N VAL A 221 -42.28 37.40 -9.99
CA VAL A 221 -42.74 36.03 -10.12
C VAL A 221 -44.03 35.88 -9.30
N ASP A 222 -44.62 34.67 -9.20
CA ASP A 222 -45.51 34.27 -8.09
C ASP A 222 -45.15 32.86 -7.62
N GLN A 223 -45.90 32.38 -6.62
CA GLN A 223 -45.92 30.96 -6.29
C GLN A 223 -46.19 30.12 -7.51
N PRO A 224 -45.63 28.91 -7.59
CA PRO A 224 -45.83 28.05 -8.75
C PRO A 224 -47.29 27.65 -8.90
N PRO A 225 -47.72 27.31 -10.12
CA PRO A 225 -49.08 26.83 -10.31
C PRO A 225 -49.29 25.52 -9.56
N LYS A 226 -50.52 25.32 -9.08
CA LYS A 226 -50.82 24.09 -8.36
C LYS A 226 -50.70 22.87 -9.27
N TYR A 227 -50.32 21.75 -8.67
CA TYR A 227 -50.13 20.51 -9.40
C TYR A 227 -51.45 19.85 -9.77
N GLN A 228 -51.44 19.13 -10.89
CA GLN A 228 -52.60 18.37 -11.34
C GLN A 228 -52.15 17.00 -11.81
N GLN A 229 -52.93 15.98 -11.44
CA GLN A 229 -52.73 14.64 -12.00
C GLN A 229 -53.15 14.59 -13.46
N ASN A 230 -52.45 13.75 -14.23
CA ASN A 230 -52.80 13.46 -15.62
C ASN A 230 -53.79 12.31 -15.66
N LYS A 231 -55.07 12.64 -15.61
CA LYS A 231 -56.12 11.61 -15.56
C LYS A 231 -56.19 10.83 -16.87
N LEU A 232 -56.87 9.69 -16.79
CA LEU A 232 -57.29 8.96 -17.98
C LEU A 232 -58.45 9.65 -18.68
N GLN A 233 -58.73 9.21 -19.91
CA GLN A 233 -59.94 9.59 -20.65
C GLN A 233 -60.41 8.39 -21.46
N SER A 234 -61.43 7.70 -20.95
CA SER A 234 -62.07 6.64 -21.71
C SER A 234 -62.86 7.21 -22.89
N ALA A 235 -63.16 6.34 -23.85
CA ALA A 235 -63.93 6.75 -25.03
C ALA A 235 -64.97 5.74 -25.49
N GLY A 236 -64.84 4.46 -25.17
CA GLY A 236 -65.86 3.49 -25.52
C GLY A 236 -65.83 3.00 -26.94
N ASP A 237 -64.75 3.27 -27.68
CA ASP A 237 -64.71 2.98 -29.11
C ASP A 237 -64.51 1.50 -29.42
N ASN A 238 -64.06 0.71 -28.45
CA ASN A 238 -63.40 -0.56 -28.78
C ASN A 238 -64.36 -1.54 -29.45
N PRO A 239 -63.98 -2.08 -30.61
CA PRO A 239 -64.77 -3.17 -31.21
C PRO A 239 -64.63 -4.45 -30.40
N GLU A 240 -65.75 -5.15 -30.23
CA GLU A 240 -65.82 -6.20 -29.23
C GLU A 240 -64.94 -7.38 -29.64
N GLN A 241 -64.33 -8.01 -28.62
CA GLN A 241 -63.22 -8.93 -28.84
C GLN A 241 -63.63 -10.15 -29.66
N GLN A 242 -62.80 -10.49 -30.65
CA GLN A 242 -62.99 -11.66 -31.50
C GLN A 242 -61.64 -12.32 -31.72
N PRO A 243 -61.59 -13.64 -31.74
CA PRO A 243 -60.35 -14.34 -32.09
C PRO A 243 -59.96 -14.07 -33.54
N PRO A 244 -58.73 -14.42 -33.94
CA PRO A 244 -57.62 -14.96 -33.15
C PRO A 244 -57.04 -13.98 -32.14
N TRP A 245 -56.29 -14.49 -31.18
CA TRP A 245 -55.38 -13.67 -30.39
C TRP A 245 -54.05 -13.53 -31.11
N HIS A 246 -53.69 -12.30 -31.46
CA HIS A 246 -52.32 -12.00 -31.83
C HIS A 246 -51.45 -11.88 -30.58
N ILE A 247 -50.17 -12.22 -30.73
CA ILE A 247 -49.23 -12.21 -29.62
C ILE A 247 -47.96 -11.50 -30.05
N ILE A 248 -47.73 -10.31 -29.50
CA ILE A 248 -46.56 -9.50 -29.86
C ILE A 248 -45.53 -9.71 -28.75
N PRO A 249 -44.37 -10.31 -29.05
CA PRO A 249 -43.30 -10.38 -28.05
C PRO A 249 -42.61 -9.04 -27.89
N LEU A 250 -42.49 -8.60 -26.65
CA LEU A 250 -41.74 -7.39 -26.30
C LEU A 250 -40.48 -7.80 -25.57
N THR A 251 -39.33 -7.35 -26.06
CA THR A 251 -38.05 -7.58 -25.40
C THR A 251 -37.67 -6.36 -24.58
N ILE A 252 -37.31 -6.59 -23.32
CA ILE A 252 -36.92 -5.53 -22.40
C ILE A 252 -35.45 -5.74 -22.01
N LYS A 253 -34.63 -4.71 -22.20
CA LYS A 253 -33.25 -4.73 -21.76
C LYS A 253 -33.05 -3.65 -20.70
N THR A 254 -32.48 -4.04 -19.57
CA THR A 254 -32.22 -3.10 -18.48
C THR A 254 -31.00 -2.26 -18.82
N LEU A 255 -31.22 -1.03 -19.26
CA LEU A 255 -30.12 -0.15 -19.60
C LEU A 255 -29.47 0.46 -18.36
N SER A 256 -30.27 0.78 -17.35
CA SER A 256 -29.78 1.16 -16.03
C SER A 256 -30.21 0.10 -15.03
N PRO A 257 -29.80 0.20 -13.77
CA PRO A 257 -30.46 -0.62 -12.74
C PRO A 257 -31.94 -0.30 -12.65
N VAL A 258 -32.71 -1.29 -12.21
CA VAL A 258 -34.15 -1.16 -12.04
C VAL A 258 -34.53 -1.72 -10.68
N VAL A 259 -35.39 -1.00 -9.96
CA VAL A 259 -35.86 -1.42 -8.64
C VAL A 259 -37.33 -1.78 -8.76
N LEU A 260 -37.69 -2.99 -8.36
CA LEU A 260 -39.03 -3.53 -8.53
C LEU A 260 -39.51 -4.07 -7.20
N PRO A 261 -40.20 -3.26 -6.40
CA PRO A 261 -40.46 -3.64 -5.00
C PRO A 261 -41.22 -4.93 -4.84
N ALA A 262 -40.56 -5.95 -4.29
CA ALA A 262 -41.23 -7.19 -3.93
C ALA A 262 -41.95 -7.05 -2.60
N ARG A 263 -41.24 -6.59 -1.58
CA ARG A 263 -41.83 -6.30 -0.28
C ARG A 263 -41.01 -5.19 0.37
N THR A 264 -41.65 -4.07 0.65
CA THR A 264 -41.06 -3.03 1.46
C THR A 264 -41.04 -3.44 2.93
N VAL A 265 -39.94 -3.14 3.61
CA VAL A 265 -39.81 -3.41 5.04
C VAL A 265 -38.92 -2.36 5.69
N GLY A 266 -39.56 -1.37 6.29
CA GLY A 266 -38.85 -0.23 6.86
C GLY A 266 -38.05 0.55 5.82
N ASN A 267 -36.78 0.80 6.14
CA ASN A 267 -35.88 1.55 5.28
C ASN A 267 -35.20 0.71 4.19
N VAL A 268 -35.72 -0.46 3.82
CA VAL A 268 -35.12 -1.24 2.74
C VAL A 268 -36.22 -1.85 1.89
N VAL A 269 -35.96 -1.95 0.59
CA VAL A 269 -36.89 -2.51 -0.38
C VAL A 269 -36.22 -3.72 -1.04
N GLU A 270 -36.84 -4.88 -0.89
CA GLU A 270 -36.45 -6.06 -1.65
C GLU A 270 -37.01 -6.00 -3.07
N CYS A 271 -36.27 -6.57 -4.01
CA CYS A 271 -36.61 -6.50 -5.42
C CYS A 271 -36.97 -7.88 -5.97
N LEU A 272 -37.91 -7.89 -6.89
CA LEU A 272 -38.23 -9.04 -7.72
C LEU A 272 -37.06 -9.39 -8.63
N ASP A 273 -37.21 -10.50 -9.35
CA ASP A 273 -36.30 -10.86 -10.44
C ASP A 273 -37.07 -11.08 -11.73
N TYR A 274 -38.22 -10.43 -11.86
CA TYR A 274 -38.96 -10.30 -13.10
C TYR A 274 -39.64 -8.94 -13.08
N ILE A 275 -40.14 -8.51 -14.23
CA ILE A 275 -40.85 -7.24 -14.33
C ILE A 275 -42.35 -7.52 -14.36
N PRO A 276 -43.10 -7.09 -13.35
CA PRO A 276 -44.56 -7.25 -13.40
C PRO A 276 -45.17 -6.55 -14.60
N GLY A 277 -46.10 -7.23 -15.25
CA GLY A 277 -46.76 -6.66 -16.42
C GLY A 277 -47.43 -5.33 -16.15
N ARG A 278 -47.85 -5.09 -14.90
CA ARG A 278 -48.48 -3.83 -14.54
C ARG A 278 -47.59 -2.62 -14.84
N TYR A 279 -46.26 -2.78 -14.74
CA TYR A 279 -45.39 -1.64 -14.97
C TYR A 279 -45.51 -1.09 -16.38
N LEU A 280 -45.85 -1.93 -17.35
CA LEU A 280 -45.83 -1.53 -18.75
C LEU A 280 -47.09 -0.79 -19.19
N LEU A 281 -48.14 -0.78 -18.37
CA LEU A 281 -49.43 -0.25 -18.83
C LEU A 281 -49.34 1.23 -19.18
N GLY A 282 -48.55 1.99 -18.41
CA GLY A 282 -48.28 3.37 -18.78
C GLY A 282 -47.69 3.50 -20.18
N TYR A 283 -46.73 2.64 -20.50
CA TYR A 283 -46.17 2.59 -21.84
C TYR A 283 -47.21 2.24 -22.89
N ILE A 284 -48.12 1.31 -22.57
CA ILE A 284 -49.23 1.02 -23.48
C ILE A 284 -50.04 2.27 -23.77
N HIS A 285 -50.42 3.01 -22.73
CA HIS A 285 -51.09 4.29 -22.92
C HIS A 285 -50.28 5.22 -23.83
N LYS A 286 -49.00 5.43 -23.50
CA LYS A 286 -48.18 6.43 -24.18
C LYS A 286 -47.86 6.06 -25.62
N THR A 287 -48.21 4.86 -26.08
CA THR A 287 -47.91 4.45 -27.44
C THR A 287 -49.09 3.90 -28.21
N LEU A 288 -50.19 3.54 -27.56
CA LEU A 288 -51.35 2.99 -28.24
C LEU A 288 -52.68 3.67 -27.92
N GLY A 289 -52.75 4.48 -26.87
CA GLY A 289 -54.01 5.10 -26.51
C GLY A 289 -54.58 6.05 -27.56
N GLU A 290 -53.78 6.44 -28.54
CA GLU A 290 -54.31 7.16 -29.70
C GLU A 290 -55.07 6.26 -30.66
N TYR A 291 -54.90 4.94 -30.57
CA TYR A 291 -55.45 4.03 -31.58
C TYR A 291 -56.70 3.31 -31.10
N PHE A 292 -56.87 3.14 -29.80
CA PHE A 292 -58.05 2.51 -29.24
C PHE A 292 -58.14 2.93 -27.78
N ASP A 293 -59.31 2.72 -27.18
CA ASP A 293 -59.50 3.05 -25.77
C ASP A 293 -58.84 1.95 -24.95
N VAL A 294 -57.56 2.17 -24.60
CA VAL A 294 -56.80 1.23 -23.79
C VAL A 294 -57.52 0.92 -22.48
N SER A 295 -58.04 1.96 -21.81
CA SER A 295 -58.66 1.76 -20.50
C SER A 295 -59.92 0.91 -20.59
N GLN A 296 -60.73 1.10 -21.64
CA GLN A 296 -61.88 0.24 -21.84
C GLN A 296 -61.45 -1.21 -22.09
N ALA A 297 -60.39 -1.41 -22.87
CA ALA A 297 -59.93 -2.77 -23.16
C ALA A 297 -59.50 -3.50 -21.90
N ILE A 298 -58.77 -2.82 -21.01
CA ILE A 298 -58.37 -3.42 -19.74
C ILE A 298 -59.60 -3.83 -18.94
N ALA A 299 -60.56 -2.91 -18.77
CA ALA A 299 -61.74 -3.22 -17.99
C ALA A 299 -62.52 -4.39 -18.58
N ALA A 300 -62.52 -4.52 -19.90
CA ALA A 300 -63.19 -5.63 -20.55
C ALA A 300 -62.35 -6.90 -20.51
N GLY A 301 -61.08 -6.80 -20.12
CA GLY A 301 -60.14 -7.90 -20.27
C GLY A 301 -59.68 -8.15 -21.68
N ASP A 302 -59.94 -7.23 -22.61
CA ASP A 302 -59.50 -7.39 -23.99
C ASP A 302 -57.99 -7.22 -24.17
N LEU A 303 -57.24 -6.90 -23.12
CA LEU A 303 -55.80 -6.84 -23.22
C LEU A 303 -55.18 -7.67 -22.11
N ILE A 304 -54.12 -8.41 -22.45
CA ILE A 304 -53.24 -9.01 -21.45
C ILE A 304 -51.81 -8.63 -21.81
N ILE A 305 -51.06 -8.16 -20.81
CA ILE A 305 -49.61 -8.06 -20.88
C ILE A 305 -49.03 -9.01 -19.83
N THR A 306 -48.22 -9.97 -20.28
CA THR A 306 -47.61 -10.89 -19.33
C THR A 306 -46.54 -10.16 -18.51
N ASN A 307 -46.10 -10.82 -17.45
CA ASN A 307 -44.84 -10.46 -16.83
C ASN A 307 -43.70 -10.57 -17.85
N ALA A 308 -42.61 -9.87 -17.58
CA ALA A 308 -41.35 -10.10 -18.25
C ALA A 308 -40.47 -11.03 -17.42
N THR A 309 -40.12 -12.18 -17.97
CA THR A 309 -39.15 -13.08 -17.37
C THR A 309 -37.85 -13.03 -18.17
N ILE A 310 -36.77 -13.49 -17.55
CA ILE A 310 -35.48 -13.46 -18.21
C ILE A 310 -35.55 -14.28 -19.51
N LYS A 311 -34.89 -13.77 -20.55
CA LYS A 311 -34.82 -14.48 -21.81
C LYS A 311 -33.90 -15.69 -21.70
N ILE A 312 -34.41 -16.85 -22.09
CA ILE A 312 -33.63 -18.09 -22.17
C ILE A 312 -33.98 -18.77 -23.48
N ASP A 313 -32.96 -19.32 -24.15
CA ASP A 313 -33.14 -20.07 -25.40
C ASP A 313 -33.91 -19.24 -26.42
N GLY A 314 -33.63 -17.93 -26.45
CA GLY A 314 -34.32 -17.03 -27.33
C GLY A 314 -35.75 -16.71 -26.96
N LYS A 315 -36.24 -17.20 -25.82
CA LYS A 315 -37.66 -17.10 -25.49
C LYS A 315 -37.80 -16.74 -24.02
N ALA A 316 -39.05 -16.53 -23.61
CA ALA A 316 -39.35 -16.22 -22.22
C ALA A 316 -39.01 -17.40 -21.31
N GLY A 317 -38.21 -17.14 -20.29
CA GLY A 317 -37.92 -18.15 -19.30
C GLY A 317 -39.11 -18.44 -18.40
N ARG A 318 -39.10 -19.64 -17.81
CA ARG A 318 -40.26 -20.17 -17.11
C ARG A 318 -39.86 -20.57 -15.70
N ALA A 319 -40.65 -20.14 -14.73
CA ALA A 319 -40.29 -20.29 -13.32
C ALA A 319 -40.21 -21.76 -12.92
N THR A 320 -39.17 -22.09 -12.16
CA THR A 320 -38.80 -23.50 -11.96
C THR A 320 -39.94 -24.26 -11.29
N PRO A 321 -40.40 -25.36 -11.87
CA PRO A 321 -41.47 -26.16 -11.25
C PRO A 321 -41.10 -26.62 -9.85
N PHE A 322 -42.00 -26.39 -8.90
CA PHE A 322 -41.80 -26.90 -7.54
C PHE A 322 -41.97 -28.41 -7.45
N CYS A 323 -42.32 -29.08 -8.54
CA CYS A 323 -42.28 -30.54 -8.57
C CYS A 323 -40.86 -31.09 -8.68
N LEU A 324 -39.88 -30.27 -9.07
CA LEU A 324 -38.51 -30.74 -9.17
C LEU A 324 -37.84 -30.78 -7.80
N PHE A 325 -37.13 -31.86 -7.54
CA PHE A 325 -36.39 -32.06 -6.30
C PHE A 325 -34.96 -32.46 -6.65
N GLY A 326 -34.00 -31.92 -5.91
CA GLY A 326 -32.60 -32.22 -6.11
C GLY A 326 -32.03 -33.04 -4.98
N GLU A 327 -30.98 -33.80 -5.28
CA GLU A 327 -30.27 -34.53 -4.24
C GLU A 327 -29.63 -33.55 -3.26
N LYS A 328 -29.94 -33.73 -1.97
CA LYS A 328 -29.67 -32.68 -0.98
C LYS A 328 -28.21 -32.29 -0.95
N LEU A 329 -27.30 -33.27 -1.09
CA LEU A 329 -25.89 -32.97 -1.25
C LEU A 329 -25.51 -32.71 -2.71
N ASP A 330 -25.65 -33.73 -3.55
CA ASP A 330 -24.91 -33.78 -4.80
C ASP A 330 -25.67 -33.21 -6.00
N GLY A 331 -26.94 -32.90 -5.87
CA GLY A 331 -27.75 -32.65 -7.06
C GLY A 331 -28.59 -31.40 -7.08
N GLY A 332 -29.57 -31.38 -7.97
CA GLY A 332 -30.38 -30.23 -8.28
C GLY A 332 -29.87 -29.47 -9.51
N LEU A 333 -30.75 -28.62 -10.05
CA LEU A 333 -30.43 -27.86 -11.26
C LEU A 333 -29.23 -26.93 -11.06
N GLY A 334 -29.00 -26.49 -9.82
CA GLY A 334 -27.80 -25.71 -9.54
C GLY A 334 -26.52 -26.49 -9.78
N LYS A 335 -26.55 -27.81 -9.57
CA LYS A 335 -25.39 -28.67 -9.76
C LYS A 335 -25.44 -29.43 -11.08
N GLY A 336 -26.48 -29.23 -11.89
CA GLY A 336 -26.60 -29.90 -13.17
C GLY A 336 -26.80 -31.40 -13.13
N LYS A 337 -27.27 -31.94 -12.00
CA LYS A 337 -27.43 -33.39 -11.88
C LYS A 337 -28.47 -33.67 -10.82
N GLY A 338 -28.98 -34.90 -10.81
CA GLY A 338 -29.83 -35.38 -9.75
C GLY A 338 -31.11 -34.60 -9.53
N VAL A 339 -31.93 -34.49 -10.58
CA VAL A 339 -33.18 -33.74 -10.52
C VAL A 339 -34.32 -34.70 -10.84
N TYR A 340 -35.30 -34.78 -9.94
CA TYR A 340 -36.36 -35.78 -10.02
C TYR A 340 -37.71 -35.09 -10.08
N ASN A 341 -38.48 -35.41 -11.11
CA ASN A 341 -39.84 -34.90 -11.24
C ASN A 341 -40.73 -35.79 -10.39
N ARG A 342 -41.03 -35.33 -9.17
CA ARG A 342 -41.79 -36.14 -8.22
C ARG A 342 -43.24 -36.33 -8.60
N PHE A 343 -43.70 -35.80 -9.73
CA PHE A 343 -44.98 -36.25 -10.27
C PHE A 343 -44.89 -37.62 -10.92
N GLN A 344 -43.69 -38.05 -11.31
CA GLN A 344 -43.53 -39.26 -12.10
C GLN A 344 -42.56 -40.26 -11.48
N GLU A 345 -41.62 -39.78 -10.67
CA GLU A 345 -40.52 -40.59 -10.18
C GLU A 345 -40.58 -40.77 -8.67
N SER A 346 -40.26 -41.99 -8.23
CA SER A 346 -40.02 -42.24 -6.81
C SER A 346 -38.74 -41.53 -6.35
N GLU A 347 -38.68 -41.25 -5.06
CA GLU A 347 -37.42 -40.88 -4.45
C GLU A 347 -36.41 -42.03 -4.55
N PRO A 348 -35.15 -41.73 -4.89
CA PRO A 348 -34.10 -42.76 -4.85
C PRO A 348 -34.01 -43.40 -3.48
N ASP A 349 -33.37 -44.57 -3.45
CA ASP A 349 -33.28 -45.33 -2.22
C ASP A 349 -32.37 -44.61 -1.23
N GLY A 350 -32.90 -44.31 -0.06
CA GLY A 350 -32.14 -43.66 1.01
C GLY A 350 -31.90 -42.18 0.91
N ILE A 351 -31.47 -41.69 -0.26
CA ILE A 351 -31.08 -40.29 -0.40
C ILE A 351 -32.31 -39.40 -0.22
N GLN A 352 -32.23 -38.47 0.73
CA GLN A 352 -33.26 -37.46 0.90
C GLN A 352 -33.09 -36.37 -0.16
N LEU A 353 -34.20 -35.98 -0.77
CA LEU A 353 -34.23 -34.87 -1.71
C LEU A 353 -34.83 -33.61 -1.09
N LYS A 354 -34.54 -32.47 -1.72
CA LYS A 354 -35.16 -31.20 -1.38
C LYS A 354 -35.81 -30.61 -2.61
N GLY A 355 -37.01 -30.06 -2.44
CA GLY A 355 -37.70 -29.42 -3.55
C GLY A 355 -36.96 -28.19 -4.05
N GLU A 356 -36.95 -28.03 -5.38
CA GLU A 356 -36.47 -26.80 -5.99
C GLU A 356 -37.45 -25.66 -5.77
N ARG A 357 -36.94 -24.44 -5.74
CA ARG A 357 -37.82 -23.29 -5.51
C ARG A 357 -37.52 -22.10 -6.42
N GLY A 358 -36.28 -21.61 -6.41
CA GLY A 358 -35.93 -20.41 -7.16
C GLY A 358 -35.72 -20.63 -8.64
N GLY A 359 -35.35 -19.54 -9.30
CA GLY A 359 -34.76 -19.60 -10.64
C GLY A 359 -35.76 -19.95 -11.72
N TYR A 360 -35.24 -20.01 -12.95
CA TYR A 360 -36.03 -20.20 -14.16
C TYR A 360 -35.42 -21.29 -15.03
N VAL A 361 -36.28 -22.04 -15.69
CA VAL A 361 -35.87 -23.10 -16.60
C VAL A 361 -36.32 -22.73 -18.01
N GLY A 362 -35.49 -23.04 -19.00
CA GLY A 362 -35.79 -22.70 -20.37
C GLY A 362 -36.76 -23.65 -21.05
N GLN A 363 -36.43 -24.02 -22.28
CA GLN A 363 -37.28 -24.91 -23.06
C GLN A 363 -37.08 -26.36 -22.65
N PHE A 364 -38.13 -27.16 -22.83
CA PHE A 364 -38.05 -28.60 -22.69
C PHE A 364 -38.96 -29.26 -23.72
N GLU A 365 -38.70 -30.54 -23.98
CA GLU A 365 -39.40 -31.26 -25.02
C GLU A 365 -39.41 -32.75 -24.66
N GLN A 366 -40.22 -33.51 -25.39
CA GLN A 366 -40.57 -34.87 -24.98
C GLN A 366 -39.36 -35.76 -24.76
N GLU A 367 -38.27 -35.57 -25.52
CA GLU A 367 -36.99 -36.19 -25.16
C GLU A 367 -35.85 -35.22 -25.49
N GLN A 368 -35.43 -34.44 -24.50
CA GLN A 368 -34.36 -33.47 -24.71
C GLN A 368 -32.98 -34.07 -24.48
N ARG A 369 -32.89 -35.26 -23.87
CA ARG A 369 -31.64 -35.84 -23.40
C ARG A 369 -30.87 -34.97 -22.42
N ASN A 370 -31.43 -33.83 -22.02
CA ASN A 370 -30.72 -32.94 -21.11
C ASN A 370 -31.73 -32.18 -20.26
N LEU A 371 -31.32 -31.90 -19.03
CA LEU A 371 -32.08 -30.98 -18.18
C LEU A 371 -32.25 -29.63 -18.88
N PRO A 372 -33.36 -28.94 -18.64
CA PRO A 372 -33.56 -27.63 -19.26
C PRO A 372 -32.50 -26.64 -18.80
N ASN A 373 -32.20 -25.68 -19.66
CA ASN A 373 -31.25 -24.62 -19.34
C ASN A 373 -31.79 -23.75 -18.21
N THR A 374 -30.90 -23.33 -17.31
CA THR A 374 -31.27 -22.58 -16.13
C THR A 374 -30.83 -21.14 -16.27
N GLY A 375 -31.76 -20.22 -16.03
CA GLY A 375 -31.46 -18.80 -16.01
C GLY A 375 -31.30 -18.26 -14.60
N LYS A 376 -30.61 -17.11 -14.52
CA LYS A 376 -30.43 -16.43 -13.25
C LYS A 376 -30.41 -14.93 -13.52
N ILE A 377 -30.87 -14.16 -12.53
CA ILE A 377 -30.83 -12.71 -12.60
C ILE A 377 -29.80 -12.19 -11.62
N ASN A 378 -28.82 -11.45 -12.13
CA ASN A 378 -27.85 -10.77 -11.28
C ASN A 378 -28.49 -9.56 -10.62
N SER A 379 -28.26 -9.41 -9.32
CA SER A 379 -28.83 -8.30 -8.56
C SER A 379 -27.78 -7.75 -7.60
N GLU A 380 -27.91 -6.47 -7.27
CA GLU A 380 -27.05 -5.84 -6.28
C GLU A 380 -27.89 -4.95 -5.37
N LEU A 381 -27.44 -4.84 -4.12
CA LEU A 381 -28.07 -3.96 -3.13
C LEU A 381 -27.37 -2.61 -3.13
N PHE A 382 -28.02 -1.61 -3.72
CA PHE A 382 -27.53 -0.24 -3.67
C PHE A 382 -27.88 0.39 -2.33
N THR A 383 -27.06 1.36 -1.91
CA THR A 383 -27.25 2.01 -0.62
C THR A 383 -27.22 3.53 -0.79
N HIS A 384 -28.06 4.21 -0.01
CA HIS A 384 -28.24 5.65 -0.09
C HIS A 384 -28.37 6.21 1.32
N ASN A 385 -28.27 7.53 1.45
CA ASN A 385 -28.53 8.18 2.73
C ASN A 385 -29.33 9.44 2.48
N THR A 386 -29.91 9.98 3.55
CA THR A 386 -30.47 11.32 3.58
C THR A 386 -29.62 12.23 4.45
N ILE A 387 -29.28 13.40 3.92
CA ILE A 387 -28.61 14.44 4.70
C ILE A 387 -29.65 15.26 5.44
N GLN A 388 -29.45 15.48 6.74
CA GLN A 388 -30.23 16.47 7.47
C GLN A 388 -29.72 17.85 7.09
N ASP A 389 -30.55 18.63 6.41
CA ASP A 389 -30.05 19.71 5.58
C ASP A 389 -29.42 20.85 6.36
N ASP A 390 -29.64 20.94 7.68
CA ASP A 390 -28.99 22.01 8.43
C ASP A 390 -27.64 21.61 9.03
N VAL A 391 -27.58 20.49 9.76
CA VAL A 391 -26.31 19.98 10.25
C VAL A 391 -25.48 19.33 9.16
N GLN A 392 -26.08 19.06 8.00
CA GLN A 392 -25.38 18.61 6.81
C GLN A 392 -24.66 17.28 7.04
N ARG A 393 -25.31 16.39 7.78
CA ARG A 393 -24.94 14.99 7.85
C ARG A 393 -26.20 14.18 8.04
N PRO A 394 -26.16 12.87 7.80
CA PRO A 394 -27.29 12.01 8.22
C PRO A 394 -27.47 11.99 9.72
N THR A 395 -28.74 11.81 10.13
CA THR A 395 -29.12 11.65 11.52
C THR A 395 -30.29 10.68 11.58
N SER A 396 -30.45 10.04 12.74
CA SER A 396 -31.61 9.16 12.95
C SER A 396 -32.93 9.92 12.85
N ASP A 397 -32.92 11.22 13.17
CA ASP A 397 -34.14 12.02 13.02
C ASP A 397 -34.53 12.19 11.56
N VAL A 398 -33.54 12.32 10.67
CA VAL A 398 -33.83 12.42 9.24
C VAL A 398 -33.94 11.05 8.58
N GLY A 399 -33.65 9.96 9.29
CA GLY A 399 -33.86 8.63 8.81
C GLY A 399 -32.61 7.89 8.37
N GLY A 400 -31.45 8.54 8.42
CA GLY A 400 -30.19 7.87 8.13
C GLY A 400 -30.12 7.24 6.76
N VAL A 401 -29.73 5.98 6.75
CA VAL A 401 -29.50 5.17 5.55
C VAL A 401 -30.78 4.49 5.07
N TYR A 402 -30.86 4.26 3.77
CA TYR A 402 -31.83 3.37 3.16
C TYR A 402 -31.18 2.70 1.97
N SER A 403 -31.78 1.61 1.50
CA SER A 403 -31.14 0.81 0.46
C SER A 403 -32.17 0.09 -0.40
N TYR A 404 -31.78 -0.18 -1.65
CA TYR A 404 -32.62 -0.87 -2.62
C TYR A 404 -31.84 -2.04 -3.21
N GLU A 405 -32.49 -3.20 -3.30
CA GLU A 405 -32.09 -4.19 -4.29
C GLU A 405 -32.39 -3.67 -5.69
N ALA A 406 -31.48 -3.92 -6.62
CA ALA A 406 -31.74 -3.60 -8.02
C ALA A 406 -31.33 -4.76 -8.93
N ILE A 407 -32.10 -4.95 -10.00
CA ILE A 407 -31.62 -5.69 -11.15
C ILE A 407 -30.56 -4.86 -11.87
N ILE A 408 -29.40 -5.45 -12.12
CA ILE A 408 -28.31 -4.67 -12.73
C ILE A 408 -28.51 -4.55 -14.24
N ALA A 409 -27.76 -3.65 -14.85
CA ALA A 409 -27.81 -3.42 -16.29
C ALA A 409 -27.41 -4.67 -17.07
N GLY A 410 -27.81 -4.70 -18.33
CA GLY A 410 -27.47 -5.77 -19.24
C GLY A 410 -28.29 -7.03 -19.10
N GLN A 411 -29.04 -7.20 -18.02
CA GLN A 411 -30.06 -8.23 -17.96
C GLN A 411 -31.14 -7.96 -19.00
N THR A 412 -31.71 -9.03 -19.53
CA THR A 412 -32.61 -8.93 -20.68
C THR A 412 -33.80 -9.83 -20.45
N PHE A 413 -34.99 -9.36 -20.84
CA PHE A 413 -36.25 -9.95 -20.45
C PHE A 413 -37.16 -9.98 -21.66
N VAL A 414 -38.19 -10.82 -21.60
CA VAL A 414 -39.19 -10.92 -22.66
C VAL A 414 -40.57 -10.93 -22.05
N ALA A 415 -41.49 -10.19 -22.67
CA ALA A 415 -42.90 -10.23 -22.32
C ALA A 415 -43.73 -10.22 -23.59
N GLU A 416 -44.97 -10.69 -23.49
CA GLU A 416 -45.88 -10.74 -24.62
C GLU A 416 -47.06 -9.81 -24.38
N LEU A 417 -47.29 -8.88 -25.31
CA LEU A 417 -48.53 -8.12 -25.38
C LEU A 417 -49.53 -8.89 -26.25
N ARG A 418 -50.66 -9.26 -25.66
CA ARG A 418 -51.65 -10.11 -26.30
C ARG A 418 -52.91 -9.32 -26.60
N LEU A 419 -53.30 -9.28 -27.87
CA LEU A 419 -54.40 -8.46 -28.34
C LEU A 419 -55.32 -9.31 -29.20
N PRO A 420 -56.63 -9.15 -29.06
CA PRO A 420 -57.55 -9.77 -30.01
C PRO A 420 -57.46 -9.12 -31.39
N ASP A 421 -57.75 -9.93 -32.41
CA ASP A 421 -57.81 -9.44 -33.78
C ASP A 421 -58.64 -8.17 -33.89
N SER A 422 -59.70 -8.05 -33.09
CA SER A 422 -60.57 -6.87 -33.13
C SER A 422 -59.80 -5.57 -32.96
N LEU A 423 -58.90 -5.53 -31.97
CA LEU A 423 -58.10 -4.32 -31.78
C LEU A 423 -56.97 -4.21 -32.78
N VAL A 424 -56.37 -5.35 -33.17
CA VAL A 424 -55.31 -5.34 -34.16
C VAL A 424 -55.80 -4.81 -35.50
N LYS A 425 -57.01 -5.19 -35.90
CA LYS A 425 -57.60 -4.61 -37.11
C LYS A 425 -57.70 -3.10 -37.01
N GLN A 426 -58.17 -2.59 -35.87
CA GLN A 426 -58.27 -1.14 -35.69
C GLN A 426 -56.89 -0.48 -35.73
N ILE A 427 -55.94 -1.01 -34.96
CA ILE A 427 -54.59 -0.46 -34.94
C ILE A 427 -53.95 -0.51 -36.32
N THR A 428 -53.95 -1.68 -36.95
CA THR A 428 -53.29 -1.83 -38.24
C THR A 428 -53.90 -0.93 -39.30
N SER A 429 -55.23 -0.87 -39.37
CA SER A 429 -55.88 -0.02 -40.36
C SER A 429 -55.56 1.45 -40.13
N LYS A 430 -55.33 1.85 -38.88
CA LYS A 430 -54.85 3.20 -38.61
C LYS A 430 -53.35 3.35 -38.84
N ASN A 431 -52.56 2.29 -38.65
CA ASN A 431 -51.11 2.38 -38.81
C ASN A 431 -50.54 0.99 -38.97
N LYS A 432 -50.04 0.68 -40.16
CA LYS A 432 -49.42 -0.63 -40.41
C LYS A 432 -48.03 -0.74 -39.78
N ASN A 433 -47.41 0.39 -39.45
CA ASN A 433 -46.05 0.41 -38.91
C ASN A 433 -46.02 0.45 -37.39
N TRP A 434 -47.18 0.31 -36.74
CA TRP A 434 -47.27 0.43 -35.29
C TRP A 434 -46.26 -0.44 -34.55
N GLN A 435 -46.04 -1.68 -35.02
CA GLN A 435 -45.05 -2.54 -34.37
C GLN A 435 -43.64 -1.98 -34.47
N ALA A 436 -43.35 -1.12 -35.44
CA ALA A 436 -42.09 -0.39 -35.42
C ALA A 436 -42.10 0.69 -34.36
N GLN A 437 -43.23 1.36 -34.17
CA GLN A 437 -43.33 2.43 -33.19
C GLN A 437 -43.23 1.96 -31.75
N LEU A 438 -43.45 0.66 -31.49
CA LEU A 438 -43.28 0.15 -30.13
C LEU A 438 -41.85 0.28 -29.63
N LYS A 439 -40.88 0.42 -30.51
CA LYS A 439 -39.51 0.65 -30.07
C LYS A 439 -39.44 1.98 -29.33
N ALA A 440 -39.14 1.92 -28.03
CA ALA A 440 -39.06 3.12 -27.21
C ALA A 440 -38.15 2.83 -26.03
N THR A 441 -37.67 3.90 -25.41
CA THR A 441 -37.00 3.82 -24.11
C THR A 441 -37.86 4.52 -23.07
N ILE A 442 -38.07 3.87 -21.93
CA ILE A 442 -39.01 4.32 -20.91
C ILE A 442 -38.36 4.15 -19.54
N ARG A 443 -38.99 4.75 -18.53
CA ARG A 443 -38.56 4.64 -17.15
C ARG A 443 -39.63 3.90 -16.37
N ILE A 444 -39.26 2.79 -15.73
CA ILE A 444 -40.17 2.06 -14.87
C ILE A 444 -39.49 1.74 -13.55
N GLY A 445 -40.30 1.43 -12.55
CA GLY A 445 -39.81 0.93 -11.28
C GLY A 445 -39.88 1.97 -10.18
N GLN A 446 -39.25 1.63 -9.07
CA GLN A 446 -39.06 2.56 -7.97
C GLN A 446 -38.02 3.61 -8.34
N SER A 447 -38.19 4.81 -7.77
CA SER A 447 -37.21 5.89 -7.91
C SER A 447 -36.95 6.26 -9.37
N LYS A 448 -37.97 6.08 -10.22
CA LYS A 448 -37.75 5.99 -11.66
C LYS A 448 -37.19 7.28 -12.26
N LYS A 449 -37.26 8.40 -11.55
CA LYS A 449 -36.73 9.64 -12.13
C LYS A 449 -35.22 9.73 -12.04
N ASP A 450 -34.58 8.93 -11.19
CA ASP A 450 -33.15 9.07 -10.95
C ASP A 450 -32.36 8.03 -11.73
N GLN A 451 -31.31 7.49 -11.11
CA GLN A 451 -30.47 6.52 -11.80
C GLN A 451 -31.20 5.22 -12.12
N TYR A 452 -32.28 4.91 -11.43
CA TYR A 452 -32.99 3.66 -11.64
C TYR A 452 -33.98 3.76 -12.80
N GLY A 453 -34.23 2.62 -13.44
CA GLY A 453 -35.43 2.40 -14.20
C GLY A 453 -35.33 2.50 -15.72
N LYS A 454 -34.20 2.91 -16.28
CA LYS A 454 -34.11 3.02 -17.73
C LYS A 454 -34.12 1.63 -18.36
N ILE A 455 -35.13 1.33 -19.17
CA ILE A 455 -35.20 0.09 -19.92
C ILE A 455 -35.49 0.39 -21.38
N GLU A 456 -34.85 -0.37 -22.29
CA GLU A 456 -35.25 -0.44 -23.67
C GLU A 456 -36.41 -1.41 -23.86
N VAL A 457 -37.39 -1.01 -24.67
CA VAL A 457 -38.45 -1.91 -25.15
C VAL A 457 -38.32 -2.06 -26.66
N THR A 458 -38.46 -3.29 -27.14
CA THR A 458 -38.31 -3.56 -28.58
C THR A 458 -39.21 -4.72 -28.99
N SER A 459 -40.14 -4.45 -29.90
CA SER A 459 -40.97 -5.50 -30.48
C SER A 459 -40.12 -6.46 -31.30
N GLY A 460 -40.40 -7.75 -31.14
CA GLY A 460 -40.05 -8.74 -32.16
C GLY A 460 -41.05 -8.81 -33.29
N ASN A 461 -40.97 -9.89 -34.06
CA ASN A 461 -42.07 -10.31 -34.92
C ASN A 461 -43.10 -11.11 -34.12
N SER A 462 -44.33 -11.13 -34.64
CA SER A 462 -45.42 -11.83 -33.96
C SER A 462 -45.10 -13.31 -33.76
N ALA A 463 -45.28 -13.77 -32.52
CA ALA A 463 -45.08 -15.17 -32.17
C ALA A 463 -46.26 -16.02 -32.63
N ASP A 464 -46.08 -17.33 -32.57
CA ASP A 464 -47.21 -18.24 -32.74
C ASP A 464 -47.96 -18.44 -31.43
N LEU A 465 -49.28 -18.64 -31.57
CA LEU A 465 -50.10 -18.97 -30.42
C LEU A 465 -49.66 -20.31 -29.82
N PRO A 466 -49.61 -20.42 -28.50
CA PRO A 466 -49.22 -21.69 -27.87
C PRO A 466 -50.22 -22.80 -28.17
N LYS A 467 -49.72 -24.03 -28.19
CA LYS A 467 -50.48 -25.20 -28.65
C LYS A 467 -50.37 -26.33 -27.63
N PRO A 468 -51.13 -26.24 -26.54
CA PRO A 468 -51.05 -27.28 -25.50
C PRO A 468 -51.44 -28.65 -26.02
N THR A 469 -50.68 -29.66 -25.59
CA THR A 469 -51.01 -31.06 -25.89
C THR A 469 -52.19 -31.52 -25.05
N GLY A 470 -53.27 -31.91 -25.72
CA GLY A 470 -54.36 -32.56 -25.02
C GLY A 470 -54.04 -33.98 -24.63
N ASN A 471 -54.56 -34.40 -23.48
CA ASN A 471 -54.32 -35.73 -22.93
C ASN A 471 -55.55 -36.10 -22.11
N ASN A 472 -56.37 -37.00 -22.64
CA ASN A 472 -57.63 -37.37 -22.01
C ASN A 472 -57.48 -38.29 -20.82
N LYS A 473 -56.26 -38.63 -20.41
CA LYS A 473 -56.06 -39.33 -19.15
C LYS A 473 -55.83 -38.40 -17.96
N THR A 474 -55.01 -37.36 -18.13
CA THR A 474 -54.52 -36.57 -17.01
C THR A 474 -54.41 -35.11 -17.43
N LEU A 475 -54.81 -34.23 -16.52
CA LEU A 475 -54.53 -32.79 -16.64
C LEU A 475 -53.44 -32.41 -15.65
N SER A 476 -52.43 -31.70 -16.13
CA SER A 476 -51.31 -31.25 -15.33
C SER A 476 -51.09 -29.76 -15.56
N ILE A 477 -50.78 -29.03 -14.50
CA ILE A 477 -50.88 -27.58 -14.48
C ILE A 477 -49.60 -27.00 -13.92
N TRP A 478 -49.03 -26.04 -14.65
CA TRP A 478 -47.85 -25.30 -14.24
C TRP A 478 -48.22 -23.82 -14.15
N PHE A 479 -48.04 -23.22 -12.98
CA PHE A 479 -48.30 -21.78 -12.82
C PHE A 479 -47.11 -20.98 -13.32
N LEU A 480 -47.21 -20.44 -14.54
CA LEU A 480 -46.10 -19.69 -15.09
C LEU A 480 -45.97 -18.31 -14.46
N SER A 481 -47.04 -17.82 -13.83
CA SER A 481 -47.05 -16.59 -13.07
C SER A 481 -47.89 -16.82 -11.82
N ASP A 482 -47.83 -15.87 -10.89
CA ASP A 482 -48.65 -15.97 -9.69
C ASP A 482 -50.12 -16.06 -10.04
N ILE A 483 -50.85 -16.88 -9.30
CA ILE A 483 -52.28 -17.11 -9.52
C ILE A 483 -53.05 -16.48 -8.36
N LEU A 484 -54.01 -15.62 -8.70
CA LEU A 484 -54.88 -15.03 -7.70
C LEU A 484 -56.29 -15.59 -7.88
N LEU A 485 -56.88 -16.07 -6.80
CA LEU A 485 -58.26 -16.52 -6.83
C LEU A 485 -59.05 -15.89 -5.69
N ARG A 486 -60.31 -15.60 -5.96
CA ARG A 486 -61.25 -15.26 -4.91
C ARG A 486 -61.75 -16.53 -4.22
N GLY A 487 -61.87 -16.46 -2.90
CA GLY A 487 -62.71 -17.42 -2.19
C GLY A 487 -64.17 -17.26 -2.55
N ASP A 488 -64.98 -18.23 -2.13
CA ASP A 488 -66.39 -18.20 -2.51
C ASP A 488 -67.13 -17.02 -1.92
N ARG A 489 -66.57 -16.32 -0.92
CA ARG A 489 -67.11 -15.03 -0.48
C ARG A 489 -66.27 -13.86 -0.99
N LEU A 490 -65.69 -13.99 -2.19
CA LEU A 490 -65.02 -12.90 -2.89
C LEU A 490 -63.79 -12.38 -2.17
N ASN A 491 -63.61 -12.73 -0.89
CA ASN A 491 -62.33 -12.54 -0.26
C ASN A 491 -61.24 -13.27 -1.04
N PHE A 492 -60.00 -12.79 -0.91
CA PHE A 492 -58.88 -13.64 -1.27
C PHE A 492 -58.69 -14.77 -0.27
N ASN A 493 -58.25 -15.91 -0.80
CA ASN A 493 -57.89 -17.08 -0.02
C ASN A 493 -57.03 -17.95 -0.92
N ALA A 494 -56.43 -18.98 -0.34
CA ALA A 494 -55.71 -19.98 -1.12
C ALA A 494 -56.11 -21.35 -0.60
N THR A 495 -57.09 -21.96 -1.26
CA THR A 495 -57.49 -23.34 -0.98
C THR A 495 -57.50 -24.10 -2.31
N PRO A 496 -56.75 -25.20 -2.42
CA PRO A 496 -56.57 -25.81 -3.75
C PRO A 496 -57.84 -26.38 -4.35
N ASP A 497 -58.81 -26.76 -3.52
CA ASP A 497 -60.06 -27.29 -4.06
C ASP A 497 -60.92 -26.20 -4.71
N ASP A 498 -60.68 -24.93 -4.38
CA ASP A 498 -61.26 -23.85 -5.18
C ASP A 498 -60.73 -23.91 -6.60
N LEU A 499 -59.40 -24.05 -6.74
CA LEU A 499 -58.80 -24.16 -8.05
C LEU A 499 -59.22 -25.43 -8.77
N LYS A 500 -59.39 -26.53 -8.02
CA LYS A 500 -59.98 -27.74 -8.59
C LYS A 500 -61.34 -27.44 -9.20
N LYS A 501 -62.24 -26.83 -8.40
CA LYS A 501 -63.55 -26.44 -8.91
C LYS A 501 -63.42 -25.53 -10.13
N TYR A 502 -62.57 -24.50 -10.01
CA TYR A 502 -62.40 -23.53 -11.09
C TYR A 502 -62.03 -24.19 -12.41
N LEU A 503 -60.95 -24.97 -12.42
CA LEU A 503 -60.46 -25.52 -13.68
C LEU A 503 -61.46 -26.50 -14.28
N GLU A 504 -62.02 -27.39 -13.46
CA GLU A 504 -62.93 -28.40 -14.01
C GLU A 504 -64.18 -27.75 -14.58
N ASN A 505 -64.68 -26.70 -13.92
CA ASN A 505 -65.80 -25.94 -14.47
C ASN A 505 -65.41 -25.23 -15.77
N ALA A 506 -64.27 -24.55 -15.77
CA ALA A 506 -63.85 -23.80 -16.95
C ALA A 506 -63.59 -24.72 -18.14
N LEU A 507 -62.96 -25.87 -17.90
CA LEU A 507 -62.74 -26.82 -18.98
C LEU A 507 -63.96 -27.71 -19.25
N ASP A 508 -64.99 -27.60 -18.41
CA ASP A 508 -66.22 -28.40 -18.57
C ASP A 508 -65.92 -29.89 -18.48
N ILE A 509 -65.22 -30.28 -17.42
CA ILE A 509 -64.81 -31.65 -17.16
C ILE A 509 -64.94 -31.92 -15.66
N LYS A 510 -64.57 -33.12 -15.25
CA LYS A 510 -64.46 -33.47 -13.84
C LYS A 510 -63.06 -33.98 -13.55
N LEU A 511 -62.52 -33.62 -12.39
CA LEU A 511 -61.13 -33.92 -12.04
C LEU A 511 -61.07 -34.66 -10.72
N LYS A 512 -60.11 -35.56 -10.62
CA LYS A 512 -59.81 -36.30 -9.39
C LYS A 512 -58.33 -36.18 -9.08
N GLU A 513 -58.02 -36.00 -7.81
CA GLU A 513 -56.63 -35.88 -7.38
C GLU A 513 -55.88 -37.19 -7.54
N ARG A 514 -54.60 -37.07 -7.92
CA ARG A 514 -53.71 -38.21 -8.03
C ARG A 514 -53.46 -38.83 -6.66
N SER A 515 -53.88 -40.08 -6.49
CA SER A 515 -53.96 -40.73 -5.18
C SER A 515 -52.72 -41.54 -4.81
N ASP A 516 -51.75 -41.67 -5.71
CA ASP A 516 -50.63 -42.58 -5.46
C ASP A 516 -49.82 -42.15 -4.24
N ASN A 517 -49.38 -43.14 -3.47
CA ASN A 517 -48.71 -42.90 -2.19
C ASN A 517 -47.36 -42.23 -2.34
N ASP A 518 -46.64 -42.47 -3.43
CA ASP A 518 -45.27 -41.99 -3.58
C ASP A 518 -45.08 -40.98 -4.70
N LEU A 519 -46.13 -40.66 -5.45
CA LEU A 519 -46.11 -39.58 -6.41
C LEU A 519 -46.95 -38.44 -5.85
N ILE A 520 -46.32 -37.30 -5.60
CA ILE A 520 -47.00 -36.18 -4.97
C ILE A 520 -47.92 -35.51 -5.98
N CYS A 521 -49.14 -35.21 -5.53
CA CYS A 521 -50.15 -34.61 -6.39
C CYS A 521 -50.04 -33.09 -6.47
N ILE A 522 -49.59 -32.44 -5.41
CA ILE A 522 -49.74 -31.00 -5.24
C ILE A 522 -48.48 -30.42 -4.62
N ALA A 523 -48.00 -29.29 -5.17
CA ALA A 523 -46.85 -28.59 -4.59
C ALA A 523 -47.04 -27.09 -4.82
N LEU A 524 -47.61 -26.41 -3.83
CA LEU A 524 -47.96 -25.00 -3.90
C LEU A 524 -47.27 -24.24 -2.76
N ARG A 525 -47.06 -22.94 -2.98
CA ARG A 525 -46.74 -22.03 -1.88
C ARG A 525 -47.55 -20.75 -2.01
N SER A 526 -47.96 -20.22 -0.86
CA SER A 526 -48.73 -18.98 -0.81
C SER A 526 -47.91 -17.79 -1.30
N GLN A 527 -48.62 -16.71 -1.62
CA GLN A 527 -48.03 -15.48 -2.14
C GLN A 527 -48.87 -14.31 -1.67
N ARG A 528 -48.20 -13.22 -1.28
CA ARG A 528 -48.88 -12.01 -0.84
C ARG A 528 -48.09 -10.82 -1.34
N THR A 529 -48.80 -9.78 -1.81
CA THR A 529 -48.16 -8.74 -2.62
C THR A 529 -48.51 -7.35 -2.12
N GLU A 530 -47.48 -6.60 -1.75
CA GLU A 530 -47.55 -5.15 -1.58
C GLU A 530 -47.66 -4.44 -2.93
N SER A 531 -48.49 -3.40 -3.00
CA SER A 531 -48.62 -2.62 -4.22
C SER A 531 -49.25 -1.28 -3.90
N TRP A 532 -49.17 -0.37 -4.87
CA TRP A 532 -49.64 1.01 -4.71
C TRP A 532 -50.46 1.45 -5.91
N GLN A 533 -51.58 2.13 -5.65
CA GLN A 533 -52.34 2.82 -6.70
C GLN A 533 -51.70 4.18 -6.93
N VAL A 534 -50.75 4.25 -7.86
CA VAL A 534 -50.17 5.56 -8.20
C VAL A 534 -51.23 6.50 -8.75
N ARG A 535 -52.28 5.96 -9.39
CA ARG A 535 -53.42 6.78 -9.80
C ARG A 535 -54.08 7.50 -8.63
N TRP A 536 -53.88 7.02 -7.40
CA TRP A 536 -54.63 7.56 -6.27
C TRP A 536 -53.79 7.73 -5.02
N GLY A 537 -52.51 7.37 -5.03
CA GLY A 537 -51.69 7.68 -3.88
C GLY A 537 -52.06 6.90 -2.65
N LEU A 538 -52.51 5.66 -2.83
CA LEU A 538 -52.85 4.75 -1.75
C LEU A 538 -52.37 3.36 -2.14
N PRO A 539 -52.14 2.48 -1.17
CA PRO A 539 -51.81 1.10 -1.50
C PRO A 539 -52.96 0.36 -2.16
N ARG A 540 -52.60 -0.66 -2.93
CA ARG A 540 -53.58 -1.59 -3.45
C ARG A 540 -53.92 -2.64 -2.39
N PRO A 541 -55.12 -3.20 -2.43
CA PRO A 541 -55.46 -4.28 -1.50
C PRO A 541 -54.48 -5.45 -1.63
N SER A 542 -54.12 -6.03 -0.50
CA SER A 542 -53.11 -7.08 -0.48
C SER A 542 -53.59 -8.30 -1.25
N LEU A 543 -52.95 -8.57 -2.38
CA LEU A 543 -53.28 -9.72 -3.21
C LEU A 543 -52.69 -10.99 -2.60
N VAL A 544 -53.49 -12.04 -2.52
CA VAL A 544 -53.06 -13.32 -1.97
C VAL A 544 -53.34 -14.42 -2.99
N GLY A 545 -52.42 -15.36 -3.11
CA GLY A 545 -52.54 -16.41 -4.09
C GLY A 545 -51.45 -17.46 -4.05
N TRP A 546 -51.20 -18.10 -5.18
CA TRP A 546 -50.14 -19.09 -5.34
C TRP A 546 -49.01 -18.47 -6.15
N GLN A 547 -47.77 -18.69 -5.72
CA GLN A 547 -46.66 -18.08 -6.42
C GLN A 547 -46.29 -18.89 -7.65
N ALA A 548 -45.76 -18.18 -8.66
CA ALA A 548 -45.26 -18.79 -9.89
C ALA A 548 -44.34 -19.97 -9.60
N GLY A 549 -44.44 -20.99 -10.45
CA GLY A 549 -43.71 -22.23 -10.27
C GLY A 549 -44.41 -23.29 -9.45
N SER A 550 -45.44 -22.92 -8.69
CA SER A 550 -46.34 -23.92 -8.13
C SER A 550 -46.91 -24.80 -9.23
N CYS A 551 -47.00 -26.10 -8.95
CA CYS A 551 -47.50 -27.05 -9.94
C CYS A 551 -48.39 -28.06 -9.24
N LEU A 552 -49.31 -28.64 -10.01
CA LEU A 552 -50.12 -29.74 -9.53
C LEU A 552 -50.66 -30.52 -10.73
N ILE A 553 -51.12 -31.74 -10.45
CA ILE A 553 -51.53 -32.66 -11.50
C ILE A 553 -52.78 -33.41 -11.03
N TYR A 554 -53.59 -33.82 -11.99
CA TYR A 554 -54.79 -34.60 -11.70
C TYR A 554 -54.95 -35.72 -12.70
N ASP A 555 -55.61 -36.78 -12.28
CA ASP A 555 -56.28 -37.68 -13.21
C ASP A 555 -57.60 -37.05 -13.65
N ILE A 556 -57.92 -37.19 -14.92
CA ILE A 556 -59.24 -36.82 -15.40
C ILE A 556 -60.23 -37.90 -14.99
N GLU A 557 -61.27 -37.50 -14.25
CA GLU A 557 -62.27 -38.45 -13.81
C GLU A 557 -63.37 -38.68 -14.84
N SER A 558 -63.86 -37.62 -15.48
CA SER A 558 -64.83 -37.77 -16.55
C SER A 558 -64.85 -36.53 -17.43
N GLY A 559 -65.43 -36.70 -18.61
CA GLY A 559 -65.40 -35.70 -19.66
C GLY A 559 -64.24 -35.85 -20.61
N THR A 560 -64.12 -34.87 -21.50
CA THR A 560 -63.01 -34.76 -22.43
C THR A 560 -62.42 -33.35 -22.38
N VAL A 561 -61.09 -33.27 -22.42
CA VAL A 561 -60.40 -32.00 -22.36
C VAL A 561 -60.24 -31.46 -23.79
N ASN A 562 -60.91 -30.34 -24.07
CA ASN A 562 -60.82 -29.71 -25.37
C ASN A 562 -59.46 -29.03 -25.53
N ALA A 563 -58.72 -29.41 -26.59
CA ALA A 563 -57.45 -28.77 -26.88
C ALA A 563 -57.61 -27.27 -27.14
N GLU A 564 -58.72 -26.86 -27.76
CA GLU A 564 -58.93 -25.45 -28.05
C GLU A 564 -59.18 -24.64 -26.77
N LYS A 565 -59.92 -25.21 -25.83
CA LYS A 565 -60.15 -24.52 -24.55
C LYS A 565 -58.85 -24.38 -23.76
N LEU A 566 -58.01 -25.41 -23.75
CA LEU A 566 -56.69 -25.30 -23.15
C LEU A 566 -55.91 -24.14 -23.74
N GLN A 567 -55.87 -24.04 -25.07
CA GLN A 567 -55.16 -22.95 -25.72
C GLN A 567 -55.70 -21.59 -25.28
N GLU A 568 -57.02 -21.45 -25.23
CA GLU A 568 -57.63 -20.19 -24.81
C GLU A 568 -57.17 -19.78 -23.41
N LEU A 569 -57.23 -20.70 -22.44
CA LEU A 569 -56.82 -20.36 -21.08
C LEU A 569 -55.32 -20.06 -20.99
N MET A 570 -54.49 -20.72 -21.78
CA MET A 570 -53.07 -20.38 -21.77
C MET A 570 -52.82 -19.00 -22.32
N ILE A 571 -53.63 -18.53 -23.27
CA ILE A 571 -53.46 -17.19 -23.82
C ILE A 571 -54.04 -16.14 -22.88
N THR A 572 -55.24 -16.40 -22.34
CA THR A 572 -55.90 -15.40 -21.51
C THR A 572 -55.40 -15.40 -20.07
N GLY A 573 -55.03 -16.56 -19.55
CA GLY A 573 -54.79 -16.72 -18.14
C GLY A 573 -56.07 -16.89 -17.33
N ILE A 574 -55.91 -17.53 -16.18
CA ILE A 574 -57.03 -17.87 -15.32
C ILE A 574 -57.08 -16.92 -14.13
N GLY A 575 -58.18 -17.00 -13.38
CA GLY A 575 -58.34 -16.30 -12.13
C GLY A 575 -58.56 -14.80 -12.30
N ASP A 576 -58.21 -14.05 -11.26
CA ASP A 576 -58.38 -12.60 -11.25
C ASP A 576 -57.19 -11.87 -11.86
N ARG A 577 -57.44 -10.61 -12.23
CA ARG A 577 -56.40 -9.63 -12.57
C ARG A 577 -55.45 -10.11 -13.66
N CYS A 578 -55.93 -10.98 -14.55
CA CYS A 578 -55.06 -11.55 -15.57
C CYS A 578 -54.43 -10.47 -16.44
N THR A 579 -55.19 -9.40 -16.71
CA THR A 579 -54.76 -8.33 -17.61
C THR A 579 -53.39 -7.78 -17.24
N GLU A 580 -53.09 -7.62 -15.96
CA GLU A 580 -51.81 -7.06 -15.58
C GLU A 580 -50.71 -8.11 -15.42
N GLY A 581 -50.99 -9.37 -15.73
CA GLY A 581 -49.95 -10.38 -15.84
C GLY A 581 -50.11 -11.58 -14.93
N TYR A 582 -51.04 -11.54 -13.97
CA TYR A 582 -51.27 -12.71 -13.12
C TYR A 582 -51.96 -13.80 -13.93
N GLY A 583 -52.10 -14.97 -13.31
CA GLY A 583 -52.96 -16.00 -13.86
C GLY A 583 -52.36 -16.80 -14.99
N GLN A 584 -51.13 -16.51 -15.42
CA GLN A 584 -50.55 -17.20 -16.56
C GLN A 584 -50.13 -18.62 -16.17
N ILE A 585 -50.41 -19.57 -17.08
CA ILE A 585 -50.59 -20.97 -16.72
C ILE A 585 -50.20 -21.82 -17.93
N GLY A 586 -49.68 -23.02 -17.67
CA GLY A 586 -49.38 -23.96 -18.73
C GLY A 586 -49.84 -25.37 -18.45
N PHE A 587 -50.48 -26.01 -19.43
CA PHE A 587 -51.11 -27.32 -19.26
C PHE A 587 -50.32 -28.42 -19.93
N ASN A 588 -50.24 -29.57 -19.25
CA ASN A 588 -49.65 -30.79 -19.79
C ASN A 588 -48.26 -30.57 -20.37
N ASP A 589 -47.51 -29.63 -19.79
CA ASP A 589 -46.18 -29.35 -20.31
C ASP A 589 -45.32 -30.61 -20.24
N PRO A 590 -44.53 -30.90 -21.27
CA PRO A 590 -43.67 -32.09 -21.24
C PRO A 590 -42.74 -32.18 -20.05
N LEU A 591 -42.33 -31.05 -19.48
CA LEU A 591 -41.45 -31.08 -18.32
C LEU A 591 -42.13 -31.69 -17.11
N LEU A 592 -43.38 -31.34 -16.85
CA LEU A 592 -44.12 -32.01 -15.79
C LEU A 592 -44.39 -33.47 -16.13
N SER A 593 -44.43 -33.81 -17.42
CA SER A 593 -44.79 -35.15 -17.86
C SER A 593 -43.60 -36.10 -17.88
N ALA A 594 -42.42 -35.63 -18.25
CA ALA A 594 -41.25 -36.48 -18.39
C ALA A 594 -40.61 -36.79 -17.04
N SER A 595 -39.81 -37.85 -17.03
CA SER A 595 -38.97 -38.21 -15.89
C SER A 595 -37.51 -37.91 -16.19
N LEU A 596 -36.84 -37.22 -15.26
CA LEU A 596 -35.57 -36.57 -15.54
C LEU A 596 -34.41 -37.12 -14.72
N GLY A 597 -34.67 -38.05 -13.80
CA GLY A 597 -33.63 -38.47 -12.86
C GLY A 597 -32.35 -38.97 -13.51
N LYS A 598 -32.45 -39.55 -14.71
CA LYS A 598 -31.26 -40.03 -15.40
C LYS A 598 -30.46 -38.92 -16.06
N LEU A 599 -31.08 -37.77 -16.32
CA LEU A 599 -30.47 -36.74 -17.16
C LEU A 599 -29.45 -35.91 -16.40
N THR A 600 -28.68 -35.14 -17.16
CA THR A 600 -27.82 -34.08 -16.65
C THR A 600 -28.05 -32.84 -17.49
N ALA A 601 -27.58 -31.70 -17.01
CA ALA A 601 -27.43 -30.54 -17.87
C ALA A 601 -26.40 -30.79 -18.97
N LYS A 602 -26.49 -29.98 -20.02
CA LYS A 602 -25.48 -29.93 -21.06
C LYS A 602 -24.19 -29.31 -20.53
N PRO A 603 -23.06 -29.57 -21.19
CA PRO A 603 -21.89 -28.71 -21.02
C PRO A 603 -22.23 -27.27 -21.42
N LYS A 604 -21.57 -26.33 -20.78
CA LYS A 604 -21.81 -24.92 -21.08
C LYS A 604 -20.98 -24.45 -22.26
N GLN A 614 -11.89 -7.70 -27.38
CA GLN A 614 -10.96 -6.72 -27.92
C GLN A 614 -11.51 -5.31 -27.74
N SER A 615 -10.68 -4.31 -28.04
CA SER A 615 -11.05 -2.92 -27.86
C SER A 615 -10.24 -2.06 -28.82
N ASN A 616 -10.67 -0.82 -28.97
CA ASN A 616 -10.25 0.03 -30.07
C ASN A 616 -9.79 1.38 -29.53
N PRO A 617 -8.86 2.03 -30.22
CA PRO A 617 -8.25 3.24 -29.68
C PRO A 617 -9.17 4.45 -29.81
N LEU A 618 -8.94 5.42 -28.93
CA LEU A 618 -9.53 6.74 -29.10
C LEU A 618 -8.90 7.43 -30.31
N PRO A 619 -9.69 8.15 -31.10
CA PRO A 619 -9.10 9.16 -32.00
C PRO A 619 -8.30 10.18 -31.22
N THR A 620 -7.15 10.56 -31.77
CA THR A 620 -6.26 11.50 -31.09
C THR A 620 -6.97 12.79 -30.71
N ASN A 621 -7.93 13.23 -31.53
CA ASN A 621 -8.65 14.47 -31.34
C ASN A 621 -9.85 14.33 -30.40
N HIS A 622 -10.14 13.12 -29.93
CA HIS A 622 -11.27 12.93 -29.04
C HIS A 622 -11.06 13.70 -27.74
N PRO A 623 -12.07 14.43 -27.25
CA PRO A 623 -11.84 15.37 -26.15
C PRO A 623 -11.24 14.75 -24.90
N THR A 624 -11.59 13.51 -24.58
CA THR A 624 -11.10 12.86 -23.36
C THR A 624 -9.70 12.28 -23.50
N GLN A 625 -9.07 12.43 -24.67
CA GLN A 625 -7.75 11.83 -24.88
C GLN A 625 -6.74 12.35 -23.87
N ASP A 626 -6.84 13.63 -23.50
CA ASP A 626 -5.99 14.18 -22.44
C ASP A 626 -6.19 13.44 -21.13
N TYR A 627 -7.43 13.08 -20.81
CA TYR A 627 -7.68 12.33 -19.57
C TYR A 627 -7.15 10.92 -19.65
N ALA A 628 -7.34 10.25 -20.79
CA ALA A 628 -6.82 8.90 -20.96
C ALA A 628 -5.30 8.87 -20.79
N ARG A 629 -4.62 9.92 -21.26
CA ARG A 629 -3.16 10.00 -21.12
C ARG A 629 -2.72 9.88 -19.67
N LEU A 630 -3.47 10.46 -18.73
CA LEU A 630 -3.14 10.30 -17.32
C LEU A 630 -3.24 8.84 -16.89
N ILE A 631 -4.28 8.13 -17.33
CA ILE A 631 -4.46 6.73 -16.95
C ILE A 631 -3.34 5.88 -17.53
N GLU A 632 -3.00 6.10 -18.80
CA GLU A 632 -1.92 5.35 -19.44
C GLU A 632 -0.62 5.43 -18.65
N LYS A 633 -0.20 6.64 -18.29
CA LYS A 633 1.07 6.81 -17.60
C LYS A 633 1.08 6.11 -16.24
N ALA A 634 0.00 6.25 -15.48
CA ALA A 634 -0.08 5.60 -14.17
C ALA A 634 0.00 4.08 -14.28
N ALA A 635 -0.73 3.49 -15.21
CA ALA A 635 -0.67 2.04 -15.39
C ALA A 635 0.70 1.58 -15.88
N TRP A 636 1.30 2.32 -16.81
CA TRP A 636 2.64 1.97 -17.27
C TRP A 636 3.67 2.04 -16.16
N ARG A 637 3.63 3.10 -15.35
CA ARG A 637 4.62 3.28 -14.28
C ARG A 637 4.64 2.09 -13.33
N GLU A 638 3.47 1.64 -12.89
CA GLU A 638 3.43 0.51 -11.96
C GLU A 638 3.90 -0.77 -12.63
N ALA A 639 3.48 -1.00 -13.89
CA ALA A 639 3.94 -2.18 -14.61
C ALA A 639 5.45 -2.20 -14.77
N ILE A 640 6.04 -1.05 -15.11
CA ILE A 640 7.49 -0.95 -15.22
C ILE A 640 8.15 -1.26 -13.88
N GLN A 641 7.65 -0.68 -12.80
CA GLN A 641 8.20 -0.96 -11.48
C GLN A 641 8.13 -2.43 -11.13
N ASN A 642 7.00 -3.08 -11.41
CA ASN A 642 6.89 -4.51 -11.15
C ASN A 642 7.87 -5.32 -12.00
N LYS A 643 7.84 -5.14 -13.32
CA LYS A 643 8.65 -5.97 -14.19
C LYS A 643 10.14 -5.76 -13.97
N ALA A 644 10.55 -4.53 -13.67
CA ALA A 644 11.94 -4.29 -13.28
C ALA A 644 12.30 -5.05 -12.01
N LEU A 645 11.41 -5.06 -11.03
CA LEU A 645 11.67 -5.80 -9.79
C LEU A 645 11.65 -7.31 -10.02
N ALA A 646 10.82 -7.80 -10.93
CA ALA A 646 10.89 -9.21 -11.33
C ALA A 646 12.27 -9.57 -11.87
N LEU A 647 12.80 -8.75 -12.79
CA LEU A 647 14.09 -9.05 -13.39
C LEU A 647 15.24 -8.87 -12.42
N ALA A 648 15.15 -7.89 -11.51
CA ALA A 648 16.14 -7.76 -10.45
C ALA A 648 16.19 -8.98 -9.53
N SER A 649 15.13 -9.79 -9.49
CA SER A 649 15.09 -10.93 -8.58
C SER A 649 16.01 -12.06 -9.00
N SER A 650 16.46 -12.07 -10.25
CA SER A 650 17.22 -13.19 -10.80
C SER A 650 18.68 -12.80 -10.90
N ARG A 651 19.57 -13.64 -10.36
CA ARG A 651 21.00 -13.36 -10.40
C ARG A 651 21.59 -13.56 -11.79
N ALA A 652 20.94 -14.35 -12.65
CA ALA A 652 21.33 -14.39 -14.05
C ALA A 652 20.93 -13.11 -14.78
N LYS A 653 19.74 -12.57 -14.47
CA LYS A 653 19.24 -11.41 -15.21
C LYS A 653 20.09 -10.16 -14.96
N ARG A 654 20.53 -9.96 -13.72
CA ARG A 654 21.43 -8.84 -13.44
C ARG A 654 22.72 -8.96 -14.25
N GLU A 655 23.22 -10.18 -14.45
CA GLU A 655 24.40 -10.38 -15.28
C GLU A 655 24.10 -10.12 -16.75
N GLU A 656 22.92 -10.53 -17.22
CA GLU A 656 22.56 -10.27 -18.61
C GLU A 656 22.49 -8.77 -18.91
N ILE A 657 21.82 -8.02 -18.03
CA ILE A 657 21.50 -6.63 -18.34
C ILE A 657 22.69 -5.71 -18.08
N LEU A 658 23.34 -5.83 -16.92
CA LEU A 658 24.45 -4.95 -16.59
C LEU A 658 25.78 -5.66 -16.41
N GLY A 659 25.81 -6.99 -16.32
CA GLY A 659 27.05 -7.69 -16.09
C GLY A 659 27.49 -7.77 -14.64
N ILE A 660 26.71 -7.20 -13.71
CA ILE A 660 27.00 -7.40 -12.30
C ILE A 660 26.79 -8.87 -11.95
N LYS A 661 27.67 -9.40 -11.10
CA LYS A 661 27.46 -10.76 -10.59
C LYS A 661 28.22 -10.94 -9.29
N ILE A 662 27.86 -12.00 -8.57
CA ILE A 662 28.54 -12.44 -7.36
C ILE A 662 29.53 -13.52 -7.72
N MET A 663 30.75 -13.43 -7.17
CA MET A 663 31.77 -14.46 -7.34
C MET A 663 32.47 -14.65 -6.00
N GLY A 664 32.21 -15.80 -5.37
CA GLY A 664 32.61 -16.03 -3.99
C GLY A 664 32.02 -15.02 -3.03
N LYS A 665 32.88 -14.47 -2.17
CA LYS A 665 32.47 -13.39 -1.28
C LYS A 665 32.23 -12.07 -2.00
N ASP A 666 32.83 -11.89 -3.17
CA ASP A 666 32.92 -10.56 -3.76
C ASP A 666 31.70 -10.26 -4.61
N SER A 667 31.52 -8.97 -4.89
CA SER A 667 30.67 -8.50 -5.97
C SER A 667 31.56 -7.89 -7.05
N GLN A 668 31.20 -8.11 -8.30
CA GLN A 668 31.81 -7.39 -9.41
C GLN A 668 30.81 -6.43 -10.03
N PRO A 669 31.11 -5.12 -10.09
CA PRO A 669 32.20 -4.51 -9.33
C PRO A 669 31.85 -4.36 -7.85
N THR A 670 32.71 -3.69 -7.10
CA THR A 670 32.40 -3.38 -5.71
C THR A 670 31.15 -2.52 -5.63
N MET A 671 30.40 -2.67 -4.53
CA MET A 671 29.17 -1.92 -4.33
C MET A 671 29.37 -0.42 -4.49
N THR A 672 30.49 0.10 -3.99
CA THR A 672 30.79 1.52 -4.15
C THR A 672 30.80 1.93 -5.62
N GLN A 673 31.31 1.07 -6.50
CA GLN A 673 31.31 1.40 -7.92
C GLN A 673 29.89 1.48 -8.48
N LEU A 674 28.99 0.59 -8.04
CA LEU A 674 27.59 0.74 -8.39
C LEU A 674 27.00 2.02 -7.81
N GLY A 675 27.25 2.26 -6.51
CA GLY A 675 26.75 3.46 -5.88
C GLY A 675 27.18 4.73 -6.59
N GLY A 676 28.44 4.79 -7.00
CA GLY A 676 28.89 5.93 -7.80
C GLY A 676 28.07 6.10 -9.06
N PHE A 677 27.94 5.03 -9.85
CA PHE A 677 27.12 5.09 -11.05
C PHE A 677 25.67 5.44 -10.73
N ARG A 678 25.11 4.82 -9.71
CA ARG A 678 23.74 5.12 -9.29
C ARG A 678 23.56 6.61 -8.98
N SER A 679 24.55 7.21 -8.33
CA SER A 679 24.47 8.65 -8.03
C SER A 679 24.42 9.50 -9.28
N VAL A 680 25.19 9.12 -10.31
CA VAL A 680 25.16 9.85 -11.57
C VAL A 680 23.84 9.62 -12.30
N LEU A 681 23.34 8.38 -12.30
CA LEU A 681 22.17 8.05 -13.12
C LEU A 681 20.94 8.86 -12.74
N LYS A 682 20.84 9.30 -11.48
CA LYS A 682 19.72 10.15 -11.09
C LYS A 682 19.68 11.49 -11.80
N ARG A 683 20.74 11.90 -12.49
CA ARG A 683 20.68 13.09 -13.33
C ARG A 683 20.01 12.83 -14.67
N LEU A 684 19.74 11.57 -15.01
CA LEU A 684 19.09 11.21 -16.27
C LEU A 684 17.58 11.48 -16.20
N HIS A 685 17.24 12.78 -16.21
CA HIS A 685 15.84 13.16 -16.14
C HIS A 685 15.15 13.00 -17.50
N SER A 686 15.87 13.31 -18.57
CA SER A 686 15.30 13.35 -19.91
C SER A 686 16.33 12.82 -20.90
N ARG A 687 15.85 12.35 -22.05
CA ARG A 687 16.70 11.57 -22.94
C ARG A 687 17.92 12.35 -23.40
N ASN A 688 17.81 13.67 -23.53
CA ASN A 688 18.97 14.48 -23.86
C ASN A 688 20.06 14.41 -22.79
N ASN A 689 19.69 14.12 -21.54
CA ASN A 689 20.67 13.92 -20.47
C ASN A 689 21.55 12.70 -20.66
N ARG A 690 21.29 11.86 -21.67
CA ARG A 690 22.21 10.76 -21.98
C ARG A 690 23.63 11.25 -22.23
N ASP A 691 23.79 12.52 -22.59
CA ASP A 691 25.09 13.19 -22.56
C ASP A 691 25.81 12.97 -21.22
N ILE A 692 25.15 13.36 -20.13
CA ILE A 692 25.77 13.25 -18.81
C ILE A 692 26.23 11.83 -18.51
N VAL A 693 25.34 10.84 -18.70
CA VAL A 693 25.72 9.46 -18.40
C VAL A 693 26.81 8.97 -19.33
N THR A 694 26.71 9.30 -20.63
CA THR A 694 27.79 8.94 -21.55
C THR A 694 29.07 9.69 -21.21
N GLY A 695 28.95 10.97 -20.84
CA GLY A 695 30.10 11.71 -20.36
C GLY A 695 30.80 11.06 -19.18
N TYR A 696 30.01 10.64 -18.18
CA TYR A 696 30.56 9.93 -17.04
C TYR A 696 31.32 8.67 -17.45
N LEU A 697 30.68 7.80 -18.24
CA LEU A 697 31.29 6.52 -18.57
C LEU A 697 32.58 6.68 -19.36
N THR A 698 32.62 7.64 -20.30
CA THR A 698 33.87 7.87 -21.01
C THR A 698 34.96 8.42 -20.10
N ALA A 699 34.58 9.30 -19.16
CA ALA A 699 35.54 9.77 -18.17
C ALA A 699 35.99 8.64 -17.25
N LEU A 700 35.08 7.74 -16.89
CA LEU A 700 35.46 6.53 -16.16
C LEU A 700 36.39 5.66 -16.99
N GLU A 701 36.01 5.37 -18.24
CA GLU A 701 36.78 4.44 -19.06
C GLU A 701 38.20 4.93 -19.32
N GLN A 702 38.42 6.25 -19.37
CA GLN A 702 39.76 6.77 -19.63
C GLN A 702 40.75 6.45 -18.51
N VAL A 703 40.30 6.29 -17.27
CA VAL A 703 41.21 6.02 -16.16
C VAL A 703 41.36 4.51 -16.01
N SER A 704 42.53 4.00 -16.42
CA SER A 704 42.75 2.55 -16.55
C SER A 704 42.40 1.80 -15.27
N ASN A 705 42.84 2.31 -14.11
CA ASN A 705 42.56 1.62 -12.86
C ASN A 705 41.06 1.53 -12.59
N ARG A 706 40.32 2.55 -12.99
CA ARG A 706 38.87 2.54 -12.80
C ARG A 706 38.19 1.67 -13.86
N LYS A 707 38.72 1.67 -15.08
CA LYS A 707 38.25 0.75 -16.11
C LYS A 707 38.37 -0.71 -15.66
N GLU A 708 39.53 -1.09 -15.14
CA GLU A 708 39.73 -2.48 -14.74
C GLU A 708 38.95 -2.87 -13.50
N LYS A 709 38.52 -1.89 -12.70
CA LYS A 709 37.54 -2.17 -11.65
C LYS A 709 36.29 -2.85 -12.20
N TRP A 710 35.95 -2.60 -13.46
CA TRP A 710 34.83 -3.25 -14.12
C TRP A 710 35.22 -4.49 -14.92
N SER A 711 36.49 -4.90 -14.90
CA SER A 711 36.81 -6.23 -15.36
C SER A 711 36.07 -7.26 -14.52
N ASN A 712 36.02 -8.50 -15.05
CA ASN A 712 35.31 -9.61 -14.42
C ASN A 712 33.80 -9.37 -14.30
N THR A 713 33.33 -8.19 -14.70
CA THR A 713 31.96 -8.07 -15.13
C THR A 713 31.78 -8.69 -16.51
N SER A 714 30.52 -8.97 -16.86
CA SER A 714 30.17 -9.24 -18.25
C SER A 714 30.05 -7.93 -19.02
N GLN A 715 31.17 -7.48 -19.58
CA GLN A 715 31.19 -6.36 -20.52
C GLN A 715 30.54 -5.09 -19.98
N GLY A 716 30.53 -4.94 -18.65
CA GLY A 716 29.52 -4.09 -18.02
C GLY A 716 29.48 -2.68 -18.55
N LEU A 717 30.66 -2.07 -18.77
CA LEU A 717 30.70 -0.70 -19.27
C LEU A 717 30.02 -0.57 -20.63
N THR A 718 30.20 -1.56 -21.51
CA THR A 718 29.50 -1.53 -22.80
C THR A 718 28.01 -1.75 -22.64
N LYS A 719 27.61 -2.66 -21.75
CA LYS A 719 26.18 -2.89 -21.52
C LYS A 719 25.48 -1.63 -21.03
N ILE A 720 26.10 -0.92 -20.10
CA ILE A 720 25.52 0.33 -19.61
C ILE A 720 25.41 1.34 -20.74
N ARG A 721 26.50 1.53 -21.49
CA ARG A 721 26.47 2.45 -22.63
C ARG A 721 25.33 2.15 -23.59
N ASN A 722 25.15 0.87 -23.92
CA ASN A 722 24.05 0.48 -24.80
C ASN A 722 22.70 0.85 -24.20
N LEU A 723 22.45 0.42 -22.96
CA LEU A 723 21.16 0.68 -22.33
C LEU A 723 20.87 2.18 -22.23
N VAL A 724 21.90 2.99 -21.99
CA VAL A 724 21.70 4.43 -21.90
C VAL A 724 21.50 5.08 -23.26
N THR A 725 21.97 4.45 -24.35
CA THR A 725 21.95 5.07 -25.67
C THR A 725 20.90 4.49 -26.59
N GLN A 726 20.74 3.17 -26.64
CA GLN A 726 19.81 2.54 -27.57
C GLN A 726 18.39 2.71 -27.06
N GLU A 727 17.61 3.56 -27.72
CA GLU A 727 16.25 3.85 -27.29
C GLU A 727 15.40 2.59 -27.15
N ASN A 728 15.65 1.59 -28.00
CA ASN A 728 14.86 0.36 -27.94
C ASN A 728 15.22 -0.51 -26.75
N LEU A 729 16.48 -0.47 -26.31
CA LEU A 729 17.04 -1.59 -25.55
C LEU A 729 16.40 -1.72 -24.18
N ILE A 730 16.05 -0.60 -23.54
CA ILE A 730 15.33 -0.65 -22.27
C ILE A 730 14.02 -1.43 -22.40
N TRP A 731 13.27 -1.18 -23.48
CA TRP A 731 12.00 -1.88 -23.68
C TRP A 731 12.20 -3.33 -24.08
N ASN A 732 13.26 -3.62 -24.84
CA ASN A 732 13.60 -5.00 -25.15
C ASN A 732 13.89 -5.81 -23.89
N HIS A 733 14.63 -5.23 -22.95
CA HIS A 733 14.90 -5.92 -21.69
C HIS A 733 13.64 -6.11 -20.86
N LEU A 734 12.93 -5.01 -20.57
CA LEU A 734 11.75 -5.10 -19.73
C LEU A 734 10.72 -6.05 -20.34
N ASP A 735 10.56 -5.99 -21.66
CA ASP A 735 9.69 -6.90 -22.42
C ASP A 735 8.28 -6.94 -21.83
N ILE A 736 7.61 -5.80 -21.97
CA ILE A 736 6.25 -5.63 -21.50
C ILE A 736 5.35 -5.51 -22.72
N ASP A 737 4.33 -6.36 -22.80
CA ASP A 737 3.26 -6.13 -23.78
C ASP A 737 2.44 -4.95 -23.29
N PHE A 738 2.73 -3.76 -23.83
CA PHE A 738 1.99 -2.56 -23.46
C PHE A 738 0.60 -2.48 -24.06
N SER A 739 0.22 -3.41 -24.93
CA SER A 739 -1.09 -3.32 -25.60
C SER A 739 -2.27 -3.30 -24.63
N PRO A 740 -2.34 -4.14 -23.59
CA PRO A 740 -3.42 -3.99 -22.61
C PRO A 740 -3.31 -2.75 -21.74
N LEU A 741 -2.16 -2.07 -21.73
CA LEU A 741 -1.95 -0.90 -20.90
C LEU A 741 -1.99 0.40 -21.70
N THR A 742 -2.55 0.39 -22.90
CA THR A 742 -2.66 1.59 -23.71
C THR A 742 -3.97 1.58 -24.47
N ILE A 743 -4.46 2.79 -24.80
CA ILE A 743 -5.79 2.96 -25.38
C ILE A 743 -5.79 4.15 -26.33
N THR A 744 -4.80 5.03 -26.21
CA THR A 744 -4.68 6.15 -27.12
C THR A 744 -4.06 5.72 -28.45
N GLN A 745 -4.57 6.28 -29.54
CA GLN A 745 -3.92 6.17 -30.83
C GLN A 745 -2.48 6.68 -30.77
N ASN A 746 -1.55 5.84 -31.24
CA ASN A 746 -0.11 6.09 -31.14
C ASN A 746 0.36 6.25 -29.70
N GLY A 747 -0.45 5.80 -28.74
CA GLY A 747 -0.07 5.94 -27.35
C GLY A 747 1.23 5.23 -27.01
N VAL A 748 1.47 4.08 -27.64
CA VAL A 748 2.67 3.29 -27.36
C VAL A 748 3.93 4.12 -27.62
N ASN A 749 4.05 4.68 -28.83
CA ASN A 749 5.23 5.47 -29.14
C ASN A 749 5.28 6.76 -28.34
N GLN A 750 4.13 7.41 -28.15
CA GLN A 750 4.07 8.61 -27.33
C GLN A 750 4.58 8.35 -25.91
N LEU A 751 4.19 7.20 -25.33
CA LEU A 751 4.56 6.91 -23.95
C LEU A 751 5.96 6.32 -23.81
N LYS A 752 6.40 5.49 -24.75
CA LYS A 752 7.78 5.01 -24.73
C LYS A 752 8.76 6.16 -24.77
N SER A 753 8.57 7.08 -25.72
CA SER A 753 9.45 8.25 -25.80
C SER A 753 9.32 9.11 -24.55
N GLU A 754 8.11 9.18 -23.99
CA GLU A 754 7.90 9.90 -22.74
C GLU A 754 8.66 9.27 -21.57
N LEU A 755 8.40 7.99 -21.31
CA LEU A 755 8.83 7.36 -20.07
C LEU A 755 10.26 6.83 -20.10
N TRP A 756 10.91 6.82 -21.27
CA TRP A 756 12.21 6.19 -21.42
C TRP A 756 13.16 6.49 -20.26
N ALA A 757 13.29 7.78 -19.92
CA ALA A 757 14.22 8.19 -18.88
C ALA A 757 13.87 7.56 -17.54
N GLU A 758 12.59 7.43 -17.24
CA GLU A 758 12.18 6.82 -15.98
C GLU A 758 12.33 5.30 -16.00
N ALA A 759 12.09 4.66 -17.15
CA ALA A 759 12.30 3.24 -17.26
C ALA A 759 13.75 2.86 -16.97
N VAL A 760 14.71 3.61 -17.52
CA VAL A 760 16.12 3.37 -17.22
C VAL A 760 16.40 3.48 -15.72
N ARG A 761 16.02 4.61 -15.13
CA ARG A 761 16.25 4.80 -13.69
C ARG A 761 15.62 3.69 -12.86
N THR A 762 14.37 3.31 -13.18
CA THR A 762 13.71 2.24 -12.44
C THR A 762 14.45 0.92 -12.57
N LEU A 763 14.88 0.56 -13.77
CA LEU A 763 15.50 -0.75 -13.96
C LEU A 763 16.85 -0.85 -13.26
N VAL A 764 17.74 0.11 -13.51
CA VAL A 764 19.07 0.04 -12.91
C VAL A 764 18.99 0.09 -11.39
N ASP A 765 18.14 0.96 -10.86
CA ASP A 765 17.95 1.02 -9.41
C ASP A 765 17.49 -0.32 -8.84
N ALA A 766 16.48 -0.92 -9.48
CA ALA A 766 16.02 -2.24 -9.05
C ALA A 766 17.14 -3.27 -9.07
N ILE A 767 17.93 -3.29 -10.14
CA ILE A 767 19.00 -4.29 -10.26
C ILE A 767 20.03 -4.12 -9.15
N ILE A 768 20.48 -2.88 -8.94
CA ILE A 768 21.50 -2.63 -7.93
C ILE A 768 20.98 -2.99 -6.53
N ARG A 769 19.74 -2.62 -6.23
CA ARG A 769 19.17 -2.97 -4.93
C ARG A 769 19.03 -4.49 -4.77
N GLY A 770 18.43 -5.14 -5.76
CA GLY A 770 18.26 -6.58 -5.70
C GLY A 770 19.57 -7.34 -5.61
N HIS A 771 20.58 -6.87 -6.35
CA HIS A 771 21.92 -7.44 -6.25
C HIS A 771 22.49 -7.35 -4.83
N LYS A 772 22.25 -6.22 -4.16
CA LYS A 772 22.76 -6.06 -2.79
C LYS A 772 22.23 -7.13 -1.85
N ARG A 773 20.95 -7.50 -1.98
CA ARG A 773 20.40 -8.57 -1.14
C ARG A 773 21.14 -9.89 -1.33
N ASP A 774 21.42 -10.26 -2.58
CA ASP A 774 22.13 -11.52 -2.83
C ASP A 774 23.58 -11.46 -2.36
N LEU A 775 24.22 -10.30 -2.44
CA LEU A 775 25.52 -10.12 -1.82
C LEU A 775 25.48 -10.39 -0.31
N GLU A 776 24.44 -9.92 0.38
CA GLU A 776 24.37 -10.15 1.82
C GLU A 776 24.22 -11.62 2.16
N LYS A 777 23.42 -12.36 1.40
CA LYS A 777 23.37 -13.82 1.57
C LYS A 777 24.76 -14.44 1.45
N ALA A 778 25.52 -14.06 0.42
CA ALA A 778 26.83 -14.66 0.22
C ALA A 778 27.86 -14.12 1.21
N GLN A 779 27.75 -12.86 1.59
CA GLN A 779 28.67 -12.27 2.57
C GLN A 779 28.41 -12.82 3.97
N LYS B 9 -72.45 -21.99 16.41
CA LYS B 9 -71.98 -20.66 16.08
C LYS B 9 -71.54 -20.58 14.61
N ASN B 10 -72.22 -19.73 13.84
CA ASN B 10 -72.12 -19.76 12.39
C ASN B 10 -71.80 -18.37 11.86
N LEU B 11 -71.08 -18.35 10.74
CA LEU B 11 -70.98 -17.17 9.87
C LEU B 11 -71.81 -17.45 8.62
N TYR B 12 -72.76 -16.57 8.34
CA TYR B 12 -73.66 -16.74 7.21
C TYR B 12 -73.17 -15.93 6.01
N HIS B 13 -73.20 -16.56 4.84
CA HIS B 13 -72.81 -15.93 3.59
C HIS B 13 -73.91 -16.08 2.55
N TYR B 14 -74.04 -15.08 1.69
CA TYR B 14 -75.14 -14.97 0.75
C TYR B 14 -74.59 -14.56 -0.61
N HIS B 15 -75.13 -15.17 -1.68
CA HIS B 15 -74.57 -15.00 -3.01
C HIS B 15 -75.68 -14.61 -3.97
N GLN B 16 -75.34 -13.72 -4.91
CA GLN B 16 -76.15 -13.47 -6.10
C GLN B 16 -75.22 -13.18 -7.27
N TYR B 17 -75.68 -13.51 -8.47
CA TYR B 17 -74.82 -13.55 -9.65
C TYR B 17 -75.43 -12.74 -10.77
N GLU B 18 -74.56 -12.27 -11.66
CA GLU B 18 -74.88 -11.33 -12.74
C GLU B 18 -75.38 -9.97 -12.25
N ILE B 19 -75.67 -9.85 -10.95
CA ILE B 19 -76.29 -8.63 -10.45
C ILE B 19 -75.38 -7.44 -10.66
N THR B 20 -75.93 -6.38 -11.26
CA THR B 20 -75.20 -5.14 -11.45
C THR B 20 -75.08 -4.40 -10.11
N LEU B 21 -73.96 -3.68 -9.94
CA LEU B 21 -73.58 -3.19 -8.62
C LEU B 21 -74.66 -2.32 -8.00
N GLU B 22 -75.21 -1.37 -8.76
CA GLU B 22 -76.28 -0.52 -8.22
C GLU B 22 -77.49 -1.36 -7.81
N SER B 23 -77.81 -2.40 -8.57
CA SER B 23 -78.96 -3.23 -8.24
C SER B 23 -78.69 -4.12 -7.03
N ALA B 24 -77.45 -4.57 -6.85
CA ALA B 24 -77.09 -5.29 -5.64
C ALA B 24 -77.26 -4.44 -4.39
N VAL B 25 -76.68 -3.24 -4.41
CA VAL B 25 -76.81 -2.33 -3.26
C VAL B 25 -78.28 -2.02 -2.98
N ASP B 26 -79.04 -1.72 -4.04
CA ASP B 26 -80.46 -1.43 -3.88
C ASP B 26 -81.21 -2.61 -3.28
N SER B 27 -80.80 -3.84 -3.60
CA SER B 27 -81.44 -5.01 -3.00
C SER B 27 -81.14 -5.15 -1.52
N CYS B 28 -79.93 -4.77 -1.10
CA CYS B 28 -79.47 -5.00 0.27
C CYS B 28 -79.73 -3.83 1.20
N LYS B 29 -80.33 -2.75 0.71
CA LYS B 29 -80.46 -1.52 1.47
C LYS B 29 -81.06 -1.73 2.86
N ASN B 30 -81.99 -2.67 2.99
CA ASN B 30 -82.57 -2.98 4.29
C ASN B 30 -81.52 -3.36 5.33
N HIS B 31 -80.40 -3.93 4.90
CA HIS B 31 -79.34 -4.33 5.84
C HIS B 31 -78.15 -3.39 5.84
N LEU B 32 -77.78 -2.84 4.69
CA LEU B 32 -76.70 -1.86 4.58
C LEU B 32 -77.08 -0.47 5.06
N GLN B 33 -78.15 -0.34 5.85
CA GLN B 33 -78.58 0.95 6.34
C GLN B 33 -77.44 1.72 7.00
N ALA B 34 -77.25 2.96 6.57
CA ALA B 34 -76.22 3.87 7.07
C ALA B 34 -74.80 3.31 6.94
N ALA B 35 -74.59 2.28 6.13
CA ALA B 35 -73.28 1.65 6.05
C ALA B 35 -72.24 2.61 5.51
N ILE B 36 -71.00 2.42 5.96
CA ILE B 36 -69.83 2.95 5.27
C ILE B 36 -69.69 2.21 3.94
N GLY B 37 -69.20 2.90 2.93
CA GLY B 37 -68.81 2.25 1.69
C GLY B 37 -67.41 2.62 1.25
N LEU B 38 -66.78 1.68 0.55
CA LEU B 38 -65.47 1.86 -0.07
C LEU B 38 -65.53 1.36 -1.50
N LEU B 39 -65.09 2.19 -2.44
CA LEU B 39 -65.32 1.96 -3.86
C LEU B 39 -64.00 2.04 -4.61
N TYR B 40 -63.75 1.06 -5.48
CA TYR B 40 -62.51 0.98 -6.22
C TYR B 40 -62.75 1.29 -7.69
N SER B 41 -61.99 2.24 -8.22
CA SER B 41 -62.05 2.65 -9.60
C SER B 41 -60.63 2.80 -10.11
N PRO B 42 -60.40 2.57 -11.40
CA PRO B 42 -59.03 2.73 -11.93
C PRO B 42 -58.43 4.09 -11.65
N GLN B 43 -59.25 5.15 -11.63
CA GLN B 43 -58.78 6.49 -11.33
C GLN B 43 -58.96 6.89 -9.86
N LYS B 44 -59.71 6.12 -9.07
CA LYS B 44 -60.11 6.61 -7.75
C LYS B 44 -60.25 5.45 -6.78
N CYS B 45 -60.12 5.78 -5.50
CA CYS B 45 -60.56 4.92 -4.40
C CYS B 45 -61.28 5.81 -3.40
N GLU B 46 -62.60 5.85 -3.48
CA GLU B 46 -63.40 6.86 -2.82
C GLU B 46 -64.28 6.20 -1.76
N LEU B 47 -64.37 6.83 -0.60
CA LEU B 47 -65.35 6.41 0.40
C LEU B 47 -66.70 7.04 0.13
N VAL B 48 -67.75 6.34 0.56
CA VAL B 48 -69.11 6.87 0.58
C VAL B 48 -69.75 6.41 1.88
N LYS B 49 -70.81 7.11 2.28
CA LYS B 49 -71.72 6.60 3.30
C LYS B 49 -73.14 6.66 2.77
N LEU B 50 -73.84 5.54 2.85
CA LEU B 50 -75.23 5.47 2.42
C LEU B 50 -76.12 6.29 3.34
N ASP B 51 -77.24 6.75 2.79
CA ASP B 51 -78.30 7.33 3.60
C ASP B 51 -78.77 6.33 4.65
N ASN B 52 -79.49 6.85 5.65
CA ASN B 52 -80.12 5.97 6.63
C ASN B 52 -81.05 4.96 5.96
N SER B 53 -81.71 5.35 4.87
CA SER B 53 -82.48 4.41 4.07
C SER B 53 -81.61 3.40 3.34
N GLY B 54 -80.30 3.60 3.30
CA GLY B 54 -79.41 2.76 2.51
C GLY B 54 -79.31 3.12 1.04
N LYS B 55 -79.96 4.17 0.59
CA LYS B 55 -79.80 4.65 -0.77
C LYS B 55 -78.54 5.51 -0.89
N LEU B 56 -78.25 5.97 -2.11
CA LEU B 56 -77.12 6.85 -2.34
C LEU B 56 -77.55 7.97 -3.29
N VAL B 57 -77.08 9.18 -2.99
CA VAL B 57 -77.52 10.38 -3.70
C VAL B 57 -77.18 10.34 -5.19
N ASP B 58 -76.12 9.63 -5.57
CA ASP B 58 -75.71 9.56 -6.97
C ASP B 58 -75.89 8.20 -7.61
N SER B 59 -76.56 7.27 -6.92
CA SER B 59 -76.50 5.82 -7.17
C SER B 59 -76.05 5.45 -8.58
N TYR B 60 -76.93 5.61 -9.56
CA TYR B 60 -76.63 5.13 -10.91
C TYR B 60 -75.48 5.92 -11.53
N ASN B 61 -75.39 7.23 -11.27
CA ASN B 61 -74.24 8.00 -11.74
C ASN B 61 -72.96 7.56 -11.03
N ARG B 62 -73.04 7.26 -9.74
CA ARG B 62 -71.85 6.90 -8.98
C ARG B 62 -71.40 5.48 -9.29
N LEU B 63 -72.33 4.54 -9.29
CA LEU B 63 -72.05 3.12 -9.43
C LEU B 63 -72.05 2.67 -10.88
N LYS B 64 -72.10 3.60 -11.82
CA LYS B 64 -71.84 3.28 -13.22
C LYS B 64 -70.48 2.60 -13.37
N PHE B 65 -70.45 1.53 -14.17
CA PHE B 65 -69.27 0.70 -14.39
C PHE B 65 -68.37 1.21 -15.51
N ASN B 66 -68.94 1.55 -16.66
CA ASN B 66 -68.18 1.50 -17.91
C ASN B 66 -67.15 2.62 -18.00
N ASN B 67 -67.52 3.84 -17.65
CA ASN B 67 -66.64 4.99 -17.84
C ASN B 67 -65.67 5.08 -16.66
N LEU B 68 -64.66 4.20 -16.67
CA LEU B 68 -63.71 4.06 -15.58
C LEU B 68 -64.40 3.85 -14.22
N GLY B 69 -65.56 3.22 -14.24
CA GLY B 69 -66.42 3.19 -13.07
C GLY B 69 -66.00 2.14 -12.07
N VAL B 70 -66.81 2.04 -11.01
CA VAL B 70 -66.50 1.14 -9.90
C VAL B 70 -66.54 -0.30 -10.39
N PHE B 71 -65.47 -1.04 -10.10
CA PHE B 71 -65.37 -2.45 -10.44
C PHE B 71 -65.34 -3.37 -9.22
N GLU B 72 -65.05 -2.84 -8.04
CA GLU B 72 -65.15 -3.59 -6.81
C GLU B 72 -65.57 -2.63 -5.70
N ALA B 73 -66.40 -3.11 -4.78
CA ALA B 73 -66.98 -2.25 -3.76
C ALA B 73 -67.12 -3.04 -2.48
N ARG B 74 -67.00 -2.35 -1.35
CA ARG B 74 -67.36 -2.92 -0.06
C ARG B 74 -68.25 -1.96 0.70
N PHE B 75 -69.23 -2.51 1.39
CA PHE B 75 -70.06 -1.76 2.33
C PHE B 75 -70.19 -2.58 3.59
N PHE B 76 -70.25 -1.91 4.74
CA PHE B 76 -70.41 -2.64 5.98
C PHE B 76 -71.04 -1.74 7.03
N ASN B 77 -71.71 -2.39 7.99
CA ASN B 77 -72.21 -1.76 9.20
C ASN B 77 -72.18 -2.82 10.30
N LEU B 78 -72.73 -2.47 11.47
CA LEU B 78 -72.66 -3.36 12.63
C LEU B 78 -73.15 -4.76 12.29
N ASN B 79 -74.28 -4.87 11.60
CA ASN B 79 -74.88 -6.18 11.36
C ASN B 79 -74.27 -6.92 10.19
N CYS B 80 -73.80 -6.24 9.15
CA CYS B 80 -73.45 -6.94 7.93
C CYS B 80 -72.36 -6.20 7.15
N GLU B 81 -71.76 -6.93 6.21
CA GLU B 81 -70.85 -6.39 5.19
C GLU B 81 -71.28 -6.91 3.82
N LEU B 82 -71.39 -6.01 2.85
CA LEU B 82 -71.52 -6.39 1.45
C LEU B 82 -70.17 -6.33 0.72
N ARG B 83 -69.91 -7.34 -0.11
CA ARG B 83 -68.82 -7.33 -1.07
C ARG B 83 -69.38 -7.49 -2.48
N TRP B 84 -68.79 -6.78 -3.44
CA TRP B 84 -69.13 -6.99 -4.84
C TRP B 84 -67.89 -6.80 -5.70
N VAL B 85 -67.81 -7.57 -6.78
CA VAL B 85 -66.72 -7.43 -7.75
C VAL B 85 -67.26 -7.74 -9.13
N ASN B 86 -66.82 -6.95 -10.11
CA ASN B 86 -67.19 -7.15 -11.50
C ASN B 86 -66.75 -8.51 -12.02
N GLU B 87 -67.72 -9.31 -12.48
CA GLU B 87 -67.43 -10.55 -13.17
C GLU B 87 -67.19 -10.34 -14.66
N SER B 88 -67.95 -9.43 -15.28
CA SER B 88 -67.85 -9.16 -16.71
C SER B 88 -68.69 -7.96 -17.11
N ASN B 89 -68.05 -6.96 -17.73
CA ASN B 89 -68.74 -5.80 -18.30
C ASN B 89 -69.74 -5.18 -17.33
N GLY B 90 -69.36 -5.17 -16.04
CA GLY B 90 -70.20 -4.61 -15.00
C GLY B 90 -71.19 -5.54 -14.36
N ASN B 91 -71.42 -6.72 -14.91
CA ASN B 91 -72.08 -7.78 -14.16
C ASN B 91 -71.13 -8.35 -13.12
N GLY B 92 -71.65 -8.69 -11.95
CA GLY B 92 -70.78 -9.12 -10.88
C GLY B 92 -71.47 -9.97 -9.84
N THR B 93 -70.64 -10.70 -9.09
CA THR B 93 -71.09 -11.39 -7.89
C THR B 93 -71.23 -10.41 -6.74
N ALA B 94 -72.35 -10.49 -6.02
CA ALA B 94 -72.47 -9.88 -4.71
C ALA B 94 -72.39 -10.98 -3.66
N VAL B 95 -71.65 -10.72 -2.58
CA VAL B 95 -71.71 -11.54 -1.38
C VAL B 95 -71.85 -10.63 -0.16
N LEU B 96 -72.82 -10.95 0.68
CA LEU B 96 -72.99 -10.31 1.98
C LEU B 96 -72.53 -11.26 3.07
N LEU B 97 -71.92 -10.72 4.12
CA LEU B 97 -71.67 -11.45 5.34
C LEU B 97 -72.62 -10.96 6.42
N SER B 98 -73.15 -11.89 7.21
CA SER B 98 -73.81 -11.54 8.46
C SER B 98 -73.54 -12.62 9.50
N GLU B 99 -73.30 -12.18 10.74
CA GLU B 99 -73.19 -13.11 11.87
C GLU B 99 -74.55 -13.58 12.35
N SER B 100 -75.64 -13.07 11.78
CA SER B 100 -76.98 -13.50 12.13
C SER B 100 -77.75 -13.79 10.85
N ASP B 101 -78.53 -14.86 10.87
CA ASP B 101 -79.26 -15.28 9.68
C ASP B 101 -80.36 -14.27 9.34
N ILE B 102 -80.29 -13.74 8.12
CA ILE B 102 -81.23 -12.73 7.65
C ILE B 102 -81.63 -13.11 6.22
N THR B 103 -82.92 -13.04 5.93
CA THR B 103 -83.38 -13.34 4.58
C THR B 103 -82.97 -12.22 3.63
N LEU B 104 -82.33 -12.58 2.52
CA LEU B 104 -82.22 -11.72 1.35
C LEU B 104 -83.01 -12.34 0.21
N THR B 105 -83.91 -11.55 -0.36
CA THR B 105 -84.74 -12.03 -1.46
C THR B 105 -83.88 -12.34 -2.68
N GLY B 106 -84.03 -13.57 -3.18
CA GLY B 106 -83.33 -14.00 -4.39
C GLY B 106 -81.86 -14.35 -4.23
N PHE B 107 -81.32 -14.30 -3.02
CA PHE B 107 -79.95 -14.73 -2.80
C PHE B 107 -79.92 -16.22 -2.49
N GLU B 108 -78.85 -16.89 -2.92
CA GLU B 108 -78.46 -18.15 -2.31
C GLU B 108 -77.98 -17.93 -0.89
N LYS B 109 -78.27 -18.88 -0.01
CA LYS B 109 -77.83 -18.84 1.37
C LYS B 109 -77.05 -20.10 1.73
N GLY B 110 -75.99 -19.92 2.52
CA GLY B 110 -75.28 -21.00 3.17
C GLY B 110 -74.64 -20.46 4.42
N LEU B 111 -73.91 -21.33 5.13
CA LEU B 111 -73.22 -20.89 6.33
C LEU B 111 -71.93 -21.68 6.51
N GLN B 112 -71.02 -21.11 7.28
CA GLN B 112 -69.87 -21.81 7.82
C GLN B 112 -69.91 -21.73 9.34
N GLU B 113 -69.75 -22.87 10.01
CA GLU B 113 -69.53 -22.86 11.45
C GLU B 113 -68.11 -22.39 11.75
N PHE B 114 -67.95 -21.62 12.82
CA PHE B 114 -66.63 -21.21 13.25
C PHE B 114 -66.51 -21.35 14.76
N ILE B 115 -65.29 -21.58 15.22
CA ILE B 115 -65.04 -21.83 16.63
C ILE B 115 -65.17 -20.55 17.45
N THR B 116 -64.48 -19.50 17.06
CA THR B 116 -64.46 -18.27 17.84
C THR B 116 -64.09 -17.11 16.91
N ALA B 117 -64.34 -15.90 17.40
CA ALA B 117 -64.05 -14.69 16.65
C ALA B 117 -63.44 -13.64 17.57
N ILE B 118 -62.58 -12.80 16.99
CA ILE B 118 -61.73 -11.88 17.74
C ILE B 118 -61.65 -10.55 17.02
N ASP B 119 -61.41 -9.49 17.78
CA ASP B 119 -61.32 -8.14 17.22
C ASP B 119 -59.95 -7.89 16.63
N GLN B 120 -59.92 -7.21 15.49
CA GLN B 120 -58.72 -6.55 15.00
C GLN B 120 -59.00 -5.09 14.67
N GLN B 121 -57.94 -4.30 14.64
CA GLN B 121 -58.00 -2.89 14.33
C GLN B 121 -57.03 -2.58 13.21
N TYR B 122 -57.38 -1.59 12.39
CA TYR B 122 -56.47 -1.06 11.39
C TYR B 122 -56.45 0.46 11.50
N LEU B 123 -55.27 1.01 11.75
CA LEU B 123 -55.12 2.46 11.85
C LEU B 123 -55.31 3.09 10.48
N LEU B 124 -56.29 3.97 10.35
CA LEU B 124 -56.42 4.73 9.11
C LEU B 124 -55.33 5.78 9.01
N TRP B 125 -55.01 6.16 7.78
CA TRP B 125 -54.09 7.26 7.54
C TRP B 125 -54.62 8.56 8.13
N GLY B 126 -53.69 9.47 8.40
CA GLY B 126 -54.01 10.85 8.67
C GLY B 126 -54.23 11.18 10.13
N GLU B 127 -53.73 12.32 10.56
CA GLU B 127 -54.11 12.98 11.80
C GLU B 127 -55.32 13.88 11.58
N PRO B 128 -56.03 14.24 12.65
CA PRO B 128 -57.17 15.16 12.51
C PRO B 128 -56.74 16.49 11.89
N ALA B 129 -57.35 16.80 10.75
CA ALA B 129 -56.99 18.00 10.01
C ALA B 129 -57.43 19.25 10.76
N LYS B 130 -56.74 20.35 10.48
CA LYS B 130 -56.97 21.60 11.21
C LYS B 130 -58.34 22.21 10.95
N HIS B 131 -59.09 21.71 9.97
CA HIS B 131 -60.48 22.10 9.80
C HIS B 131 -61.24 20.94 9.17
N PRO B 132 -62.54 20.83 9.41
CA PRO B 132 -63.30 19.70 8.88
C PRO B 132 -63.55 19.87 7.39
N PRO B 133 -64.01 18.81 6.73
CA PRO B 133 -64.72 18.99 5.45
C PRO B 133 -65.90 19.92 5.62
N ASN B 134 -66.17 20.72 4.59
CA ASN B 134 -67.35 21.58 4.63
C ASN B 134 -68.64 20.78 4.64
N ALA B 135 -68.63 19.54 4.14
CA ALA B 135 -69.77 18.66 4.26
C ALA B 135 -69.92 18.21 5.71
N ASP B 136 -71.09 18.46 6.30
CA ASP B 136 -71.39 17.93 7.62
C ASP B 136 -71.55 16.42 7.57
N GLY B 137 -71.26 15.77 8.69
CA GLY B 137 -71.21 14.33 8.75
C GLY B 137 -69.92 13.72 8.25
N TRP B 138 -68.87 14.52 8.06
CA TRP B 138 -67.57 14.06 7.63
C TRP B 138 -66.49 14.63 8.52
N GLN B 139 -65.34 13.96 8.53
CA GLN B 139 -64.13 14.48 9.14
C GLN B 139 -63.00 14.32 8.14
N ARG B 140 -61.90 15.03 8.38
CA ARG B 140 -60.75 15.00 7.48
C ARG B 140 -59.50 14.54 8.21
N LEU B 141 -58.83 13.55 7.64
CA LEU B 141 -57.55 13.04 8.13
C LEU B 141 -56.49 13.36 7.09
N ALA B 142 -55.36 13.90 7.54
CA ALA B 142 -54.34 14.36 6.60
C ALA B 142 -52.96 13.98 7.10
N GLU B 143 -52.11 13.58 6.16
CA GLU B 143 -50.79 13.05 6.48
C GLU B 143 -49.97 13.07 5.21
N ALA B 144 -48.81 13.74 5.24
CA ALA B 144 -48.17 14.18 4.00
C ALA B 144 -47.88 13.02 3.07
N ARG B 145 -47.68 11.82 3.62
CA ARG B 145 -47.44 10.63 2.82
C ARG B 145 -48.55 10.35 1.81
N ILE B 146 -49.79 10.78 2.10
CA ILE B 146 -50.88 10.58 1.16
C ILE B 146 -51.66 11.87 0.92
N GLY B 147 -51.36 12.90 1.71
CA GLY B 147 -52.16 14.11 1.65
C GLY B 147 -53.45 14.06 2.45
N LYS B 148 -54.50 14.69 1.95
CA LYS B 148 -55.79 14.67 2.62
C LYS B 148 -56.50 13.33 2.44
N LEU B 149 -57.31 12.98 3.44
CA LEU B 149 -58.20 11.82 3.40
C LEU B 149 -59.50 12.21 4.08
N ASP B 150 -60.62 12.05 3.37
CA ASP B 150 -61.94 12.39 3.92
C ASP B 150 -62.68 11.11 4.29
N ILE B 151 -63.14 11.05 5.54
CA ILE B 151 -63.78 9.86 6.08
C ILE B 151 -65.19 10.19 6.56
N PRO B 152 -66.17 9.30 6.37
CA PRO B 152 -67.55 9.57 6.83
C PRO B 152 -67.70 9.29 8.32
N LEU B 153 -67.10 10.16 9.12
CA LEU B 153 -67.27 10.15 10.57
C LEU B 153 -68.01 11.41 11.01
N ASP B 154 -68.95 11.26 11.93
CA ASP B 154 -69.80 12.35 12.39
C ASP B 154 -69.29 13.04 13.64
N ASN B 155 -68.71 12.29 14.57
CA ASN B 155 -68.19 12.91 15.79
C ASN B 155 -66.98 13.79 15.45
N PRO B 156 -66.90 14.99 16.03
CA PRO B 156 -65.75 15.86 15.76
C PRO B 156 -64.48 15.28 16.37
N LEU B 157 -63.44 15.18 15.55
CA LEU B 157 -62.13 14.73 16.04
C LEU B 157 -61.44 15.82 16.84
N LYS B 158 -60.95 15.45 18.01
CA LYS B 158 -60.02 16.24 18.80
C LYS B 158 -58.62 16.15 18.21
N PRO B 159 -57.82 17.20 18.32
CA PRO B 159 -56.37 17.06 18.10
C PRO B 159 -55.77 15.88 18.86
N LYS B 160 -54.87 15.17 18.19
CA LYS B 160 -54.25 13.93 18.68
C LYS B 160 -55.25 12.81 18.90
N ASP B 161 -56.43 12.89 18.30
CA ASP B 161 -57.18 11.68 17.98
C ASP B 161 -56.48 10.88 16.88
N ARG B 162 -56.85 9.60 16.79
CA ARG B 162 -56.65 8.81 15.60
C ARG B 162 -57.91 8.01 15.35
N VAL B 163 -58.21 7.74 14.08
CA VAL B 163 -59.35 6.91 13.73
C VAL B 163 -58.85 5.49 13.48
N PHE B 164 -59.52 4.50 14.06
CA PHE B 164 -59.26 3.11 13.76
C PHE B 164 -60.48 2.50 13.08
N LEU B 165 -60.24 1.70 12.05
CA LEU B 165 -61.20 0.67 11.66
C LEU B 165 -61.18 -0.45 12.70
N THR B 166 -62.32 -1.13 12.83
CA THR B 166 -62.42 -2.31 13.67
C THR B 166 -63.02 -3.46 12.87
N SER B 167 -62.51 -4.66 13.10
CA SER B 167 -62.85 -5.82 12.27
C SER B 167 -62.88 -7.05 13.14
N GLU B 168 -63.68 -8.04 12.71
CA GLU B 168 -63.81 -9.30 13.41
C GLU B 168 -63.28 -10.43 12.53
N GLU B 169 -62.27 -11.14 13.02
CA GLU B 169 -61.78 -12.35 12.35
C GLU B 169 -62.49 -13.58 12.91
N TYR B 170 -62.86 -14.49 12.03
CA TYR B 170 -63.49 -15.74 12.44
C TYR B 170 -62.52 -16.90 12.26
N ILE B 171 -62.36 -17.69 13.32
CA ILE B 171 -61.45 -18.82 13.33
C ILE B 171 -62.27 -20.10 13.23
N ALA B 172 -61.85 -21.01 12.35
CA ALA B 172 -62.58 -22.25 12.15
C ALA B 172 -61.61 -23.37 11.82
N GLU B 173 -62.10 -24.60 11.90
CA GLU B 173 -61.35 -25.74 11.39
C GLU B 173 -61.29 -25.69 9.87
N VAL B 174 -60.13 -26.08 9.32
CA VAL B 174 -60.00 -26.24 7.87
C VAL B 174 -59.53 -27.66 7.54
N ASP B 175 -58.39 -28.05 8.09
CA ASP B 175 -57.94 -29.43 7.94
C ASP B 175 -58.81 -30.38 8.74
N ASP B 176 -58.94 -31.60 8.24
CA ASP B 176 -59.51 -32.69 9.02
C ASP B 176 -58.65 -33.06 10.22
N PHE B 177 -57.38 -32.66 10.23
CA PHE B 177 -56.54 -32.74 11.42
C PHE B 177 -56.93 -31.71 12.48
N GLY B 178 -57.91 -30.86 12.22
CA GLY B 178 -58.37 -29.90 13.20
C GLY B 178 -57.56 -28.62 13.26
N ASN B 179 -56.59 -28.45 12.38
CA ASN B 179 -55.82 -27.21 12.32
C ASN B 179 -56.75 -26.02 12.11
N CYS B 180 -56.69 -25.05 13.03
CA CYS B 180 -57.46 -23.84 12.88
C CYS B 180 -56.91 -22.97 11.77
N ALA B 181 -57.79 -22.22 11.11
CA ALA B 181 -57.40 -21.13 10.25
C ALA B 181 -58.44 -20.03 10.32
N VAL B 182 -58.02 -18.81 9.99
CA VAL B 182 -58.96 -17.69 9.84
C VAL B 182 -59.67 -17.84 8.50
N ILE B 183 -60.97 -18.13 8.55
CA ILE B 183 -61.71 -18.40 7.32
C ILE B 183 -62.06 -17.10 6.61
N ASP B 184 -62.36 -16.05 7.36
CA ASP B 184 -62.86 -14.80 6.79
C ASP B 184 -62.66 -13.69 7.79
N GLU B 185 -62.78 -12.45 7.32
CA GLU B 185 -62.71 -11.29 8.18
C GLU B 185 -63.76 -10.27 7.74
N ARG B 186 -64.52 -9.78 8.70
CA ARG B 186 -65.59 -8.82 8.46
C ARG B 186 -65.26 -7.47 9.08
N LEU B 187 -65.48 -6.41 8.31
CA LEU B 187 -65.35 -5.05 8.83
C LEU B 187 -66.60 -4.65 9.60
N ILE B 188 -66.42 -3.95 10.71
CA ILE B 188 -67.55 -3.61 11.58
C ILE B 188 -67.90 -2.13 11.47
N LYS B 189 -67.01 -1.26 11.93
CA LYS B 189 -67.28 0.17 11.95
C LYS B 189 -65.97 0.92 12.12
N LEU B 190 -66.01 2.22 11.84
CA LEU B 190 -64.93 3.10 12.27
C LEU B 190 -65.08 3.48 13.73
N GLU B 191 -63.95 3.68 14.40
CA GLU B 191 -63.90 3.96 15.82
C GLU B 191 -62.81 4.99 16.07
N VAL B 192 -63.15 6.04 16.81
CA VAL B 192 -62.15 7.02 17.24
C VAL B 192 -61.43 6.50 18.47
N LYS B 193 -60.10 6.55 18.45
CA LYS B 193 -59.28 6.24 19.62
C LYS B 193 -58.30 7.37 19.89
N GLN C 17 -52.77 -50.00 21.67
CA GLN C 17 -52.71 -49.29 20.39
C GLN C 17 -53.04 -47.82 20.59
N GLY C 18 -52.68 -46.99 19.61
CA GLY C 18 -53.18 -45.64 19.56
C GLY C 18 -52.75 -44.86 18.34
N PHE C 19 -52.45 -43.58 18.54
CA PHE C 19 -52.02 -42.69 17.46
C PHE C 19 -50.81 -41.89 17.92
N LEU C 20 -49.88 -41.66 16.99
CA LEU C 20 -48.90 -40.60 17.17
C LEU C 20 -49.48 -39.27 16.69
N VAL C 21 -49.18 -38.20 17.42
CA VAL C 21 -49.47 -36.85 16.98
C VAL C 21 -48.15 -36.07 16.91
N LEU C 22 -47.94 -35.41 15.77
CA LEU C 22 -46.80 -34.52 15.57
C LEU C 22 -47.30 -33.10 15.43
N ILE C 23 -46.60 -32.16 16.06
CA ILE C 23 -46.85 -30.74 15.89
C ILE C 23 -45.55 -30.08 15.47
N GLU C 24 -45.59 -29.35 14.35
CA GLU C 24 -44.39 -28.81 13.73
C GLU C 24 -44.65 -27.37 13.31
N THR C 25 -43.63 -26.52 13.47
CA THR C 25 -43.72 -25.10 13.17
C THR C 25 -42.96 -24.83 11.87
N SER C 26 -43.65 -24.25 10.89
CA SER C 26 -43.09 -24.01 9.58
C SER C 26 -42.69 -22.54 9.41
N GLY C 27 -41.85 -22.30 8.41
CA GLY C 27 -41.51 -20.95 8.02
C GLY C 27 -40.75 -20.18 9.09
N ASN C 28 -39.97 -20.88 9.92
CA ASN C 28 -39.35 -20.25 11.07
C ASN C 28 -38.35 -19.18 10.64
N GLN C 29 -37.68 -19.38 9.51
CA GLN C 29 -36.94 -18.31 8.84
C GLN C 29 -37.74 -17.03 8.74
N HIS C 30 -38.88 -17.07 8.04
CA HIS C 30 -39.61 -15.85 7.73
C HIS C 30 -40.14 -15.16 8.98
N PHE C 31 -40.74 -15.93 9.88
CA PHE C 31 -41.37 -15.33 11.07
C PHE C 31 -40.39 -14.57 11.94
N ILE C 32 -39.15 -15.05 12.07
CA ILE C 32 -38.19 -14.38 12.94
C ILE C 32 -37.63 -13.13 12.27
N PHE C 33 -37.21 -13.24 11.01
CA PHE C 33 -36.45 -12.18 10.36
C PHE C 33 -37.28 -11.24 9.50
N SER C 34 -38.61 -11.41 9.44
CA SER C 34 -39.40 -10.58 8.53
C SER C 34 -39.45 -9.12 8.94
N THR C 35 -38.93 -8.75 10.11
CA THR C 35 -38.73 -7.35 10.47
C THR C 35 -37.32 -7.15 11.01
N ASN C 36 -36.75 -5.99 10.71
CA ASN C 36 -35.34 -5.72 10.95
C ASN C 36 -35.10 -5.08 12.32
N LYS C 37 -36.08 -5.10 13.22
CA LYS C 37 -35.93 -4.54 14.55
C LYS C 37 -35.63 -5.66 15.53
N LEU C 38 -34.48 -5.56 16.20
CA LEU C 38 -33.97 -6.64 17.05
C LEU C 38 -35.02 -7.13 18.05
N ARG C 39 -35.66 -6.20 18.76
CA ARG C 39 -36.68 -6.59 19.74
C ARG C 39 -37.81 -7.40 19.12
N GLU C 40 -38.19 -7.08 17.88
CA GLU C 40 -39.22 -7.88 17.22
C GLU C 40 -38.70 -9.25 16.83
N ASN C 41 -37.43 -9.34 16.41
CA ASN C 41 -36.84 -10.65 16.14
C ASN C 41 -36.85 -11.53 17.38
N ILE C 42 -36.46 -10.97 18.52
CA ILE C 42 -36.46 -11.72 19.77
C ILE C 42 -37.87 -12.19 20.12
N GLY C 43 -38.84 -11.27 20.06
CA GLY C 43 -40.23 -11.65 20.29
C GLY C 43 -40.67 -12.81 19.42
N ALA C 44 -40.34 -12.76 18.13
CA ALA C 44 -40.73 -13.83 17.22
C ALA C 44 -40.15 -15.17 17.66
N SER C 45 -38.89 -15.18 18.09
CA SER C 45 -38.28 -16.42 18.56
C SER C 45 -39.01 -16.98 19.78
N GLU C 46 -39.45 -16.11 20.68
CA GLU C 46 -40.20 -16.57 21.85
C GLU C 46 -41.53 -17.21 21.45
N LEU C 47 -42.28 -16.59 20.54
CA LEU C 47 -43.52 -17.20 20.08
C LEU C 47 -43.28 -18.57 19.47
N THR C 48 -42.26 -18.70 18.63
CA THR C 48 -41.92 -20.01 18.09
C THR C 48 -41.66 -21.02 19.21
N TYR C 49 -40.81 -20.66 20.17
CA TYR C 49 -40.49 -21.57 21.27
C TYR C 49 -41.70 -21.85 22.14
N LEU C 50 -42.38 -20.79 22.60
CA LEU C 50 -43.48 -20.97 23.55
C LEU C 50 -44.66 -21.71 22.92
N ALA C 51 -44.83 -21.60 21.61
CA ALA C 51 -45.87 -22.38 20.92
C ALA C 51 -45.72 -23.88 21.20
N THR C 52 -44.61 -24.47 20.77
CA THR C 52 -44.39 -25.90 20.96
C THR C 52 -43.85 -26.26 22.35
N THR C 53 -44.02 -25.41 23.35
CA THR C 53 -43.65 -25.76 24.73
C THR C 53 -44.72 -25.30 25.69
N GLU C 54 -44.59 -24.08 26.19
CA GLU C 54 -45.55 -23.52 27.15
C GLU C 54 -46.98 -23.67 26.65
N ILE C 55 -47.25 -23.15 25.45
CA ILE C 55 -48.60 -23.19 24.89
C ILE C 55 -49.07 -24.63 24.70
N LEU C 56 -48.17 -25.48 24.18
CA LEU C 56 -48.50 -26.90 23.99
C LEU C 56 -49.02 -27.55 25.25
N PHE C 57 -48.26 -27.46 26.35
CA PHE C 57 -48.68 -28.11 27.58
C PHE C 57 -50.04 -27.59 28.06
N GLN C 58 -50.29 -26.28 27.91
CA GLN C 58 -51.59 -25.76 28.26
C GLN C 58 -52.69 -26.35 27.40
N GLY C 59 -52.39 -26.60 26.13
CA GLY C 59 -53.35 -27.30 25.28
C GLY C 59 -53.61 -28.74 25.72
N VAL C 60 -52.53 -29.47 25.99
CA VAL C 60 -52.65 -30.85 26.49
C VAL C 60 -53.49 -30.89 27.76
N ASP C 61 -53.23 -29.97 28.69
CA ASP C 61 -53.96 -29.97 29.96
C ASP C 61 -55.46 -29.71 29.76
N ARG C 62 -55.83 -28.76 28.92
CA ARG C 62 -57.25 -28.49 28.73
C ARG C 62 -57.97 -29.65 28.05
N VAL C 63 -57.29 -30.41 27.20
CA VAL C 63 -57.94 -31.57 26.58
C VAL C 63 -58.01 -32.73 27.56
N PHE C 64 -56.87 -33.19 28.07
CA PHE C 64 -56.77 -34.43 28.82
C PHE C 64 -56.82 -34.23 30.34
N GLN C 65 -57.06 -33.01 30.81
CA GLN C 65 -57.13 -32.69 32.24
C GLN C 65 -55.82 -32.98 32.98
N THR C 66 -54.70 -33.07 32.25
CA THR C 66 -53.40 -33.20 32.89
C THR C 66 -52.96 -31.85 33.45
N ASN C 67 -51.75 -31.81 34.02
CA ASN C 67 -51.14 -30.55 34.43
C ASN C 67 -49.66 -30.49 34.06
N TYR C 68 -49.32 -30.97 32.86
CA TYR C 68 -47.96 -30.85 32.35
C TYR C 68 -47.44 -29.41 32.44
N TYR C 69 -48.31 -28.42 32.22
CA TYR C 69 -47.88 -27.03 32.25
C TYR C 69 -47.39 -26.62 33.63
N ASP C 70 -48.13 -26.99 34.67
CA ASP C 70 -47.71 -26.70 36.04
C ASP C 70 -46.34 -27.30 36.34
N GLN C 71 -46.17 -28.58 36.02
CA GLN C 71 -44.94 -29.28 36.33
C GLN C 71 -43.74 -28.68 35.60
N TRP C 72 -43.92 -28.34 34.32
CA TRP C 72 -42.86 -27.67 33.57
C TRP C 72 -42.50 -26.33 34.20
N SER C 73 -43.48 -25.45 34.38
CA SER C 73 -43.18 -24.11 34.86
C SER C 73 -42.60 -24.14 36.26
N ASP C 74 -43.01 -25.10 37.08
CA ASP C 74 -42.33 -25.34 38.35
C ASP C 74 -40.93 -25.89 38.14
N THR C 75 -40.72 -26.68 37.09
CA THR C 75 -39.39 -27.20 36.79
C THR C 75 -38.53 -26.18 36.05
N ASN C 76 -39.15 -25.33 35.23
CA ASN C 76 -38.46 -24.46 34.27
C ASN C 76 -37.58 -25.25 33.30
N SER C 77 -37.84 -26.54 33.09
CA SER C 77 -37.11 -27.29 32.09
C SER C 77 -37.90 -28.52 31.66
N LEU C 78 -37.61 -28.99 30.45
CA LEU C 78 -38.35 -30.09 29.85
C LEU C 78 -38.15 -31.41 30.58
N ASN C 79 -37.06 -31.53 31.35
CA ASN C 79 -36.67 -32.82 31.92
C ASN C 79 -37.73 -33.42 32.84
N PHE C 80 -38.69 -32.61 33.29
CA PHE C 80 -39.81 -33.14 34.08
C PHE C 80 -40.55 -34.28 33.38
N LEU C 81 -40.51 -34.33 32.04
CA LEU C 81 -41.17 -35.41 31.32
C LEU C 81 -40.32 -36.67 31.23
N ALA C 82 -39.08 -36.65 31.75
CA ALA C 82 -38.22 -37.83 31.67
C ALA C 82 -38.76 -38.99 32.50
N ASP C 83 -39.09 -38.74 33.77
CA ASP C 83 -39.51 -39.81 34.67
C ASP C 83 -40.96 -40.15 34.39
N SER C 84 -41.20 -41.37 33.92
CA SER C 84 -42.52 -41.81 33.45
C SER C 84 -43.46 -42.20 34.58
N LYS C 85 -43.09 -41.96 35.84
CA LYS C 85 -44.10 -41.85 36.89
C LYS C 85 -44.93 -40.58 36.70
N LEU C 86 -44.29 -39.50 36.24
CA LEU C 86 -44.97 -38.25 35.98
C LEU C 86 -45.42 -38.10 34.53
N ASN C 87 -44.81 -38.84 33.60
CA ASN C 87 -45.19 -38.85 32.19
C ASN C 87 -45.54 -40.27 31.78
N PRO C 88 -46.76 -40.75 32.14
CA PRO C 88 -47.06 -42.19 32.13
C PRO C 88 -46.58 -42.95 30.91
N ALA C 89 -45.89 -44.07 31.14
CA ALA C 89 -45.49 -44.97 30.06
C ALA C 89 -46.72 -45.77 29.62
N ILE C 90 -47.55 -45.12 28.80
CA ILE C 90 -48.90 -45.61 28.53
C ILE C 90 -48.92 -46.94 27.77
N ASP C 91 -47.78 -47.36 27.22
CA ASP C 91 -47.69 -48.69 26.65
C ASP C 91 -47.81 -49.79 27.70
N ASP C 92 -47.59 -49.45 28.97
CA ASP C 92 -48.02 -50.30 30.08
C ASP C 92 -49.46 -49.97 30.43
N PRO C 93 -50.43 -50.86 30.16
CA PRO C 93 -51.82 -50.57 30.53
C PRO C 93 -52.08 -50.50 32.02
N LYS C 94 -51.10 -50.84 32.86
CA LYS C 94 -51.21 -50.55 34.29
C LYS C 94 -50.90 -49.08 34.57
N ASN C 95 -49.88 -48.53 33.91
CA ASN C 95 -49.61 -47.10 33.99
C ASN C 95 -50.58 -46.35 33.07
N ASN C 96 -51.88 -46.63 33.24
CA ASN C 96 -52.89 -46.20 32.29
C ASN C 96 -53.03 -44.69 32.23
N ALA C 97 -52.99 -44.15 31.02
CA ALA C 97 -53.40 -42.78 30.75
C ALA C 97 -53.72 -42.65 29.27
N ASP C 98 -54.39 -41.56 28.92
CA ASP C 98 -54.69 -41.25 27.53
C ASP C 98 -53.50 -40.69 26.75
N ILE C 99 -52.43 -40.28 27.42
CA ILE C 99 -51.48 -39.34 26.82
C ILE C 99 -50.08 -39.68 27.31
N GLU C 100 -49.12 -39.58 26.39
CA GLU C 100 -47.71 -39.47 26.72
C GLU C 100 -47.09 -38.46 25.77
N ILE C 101 -46.13 -37.68 26.28
CA ILE C 101 -45.27 -36.89 25.41
C ILE C 101 -44.05 -37.72 25.03
N LEU C 102 -43.90 -37.99 23.73
CA LEU C 102 -42.63 -38.50 23.23
C LEU C 102 -41.54 -37.44 23.37
N LEU C 103 -41.75 -36.27 22.76
CA LEU C 103 -40.72 -35.25 22.73
C LEU C 103 -41.36 -33.88 22.54
N ALA C 104 -40.76 -32.88 23.17
CA ALA C 104 -40.97 -31.48 22.83
C ALA C 104 -39.62 -30.82 22.60
N THR C 105 -39.56 -29.92 21.62
CA THR C 105 -38.39 -29.08 21.42
C THR C 105 -38.80 -27.85 20.63
N SER C 106 -37.82 -27.03 20.29
CA SER C 106 -38.09 -25.77 19.59
C SER C 106 -38.71 -26.06 18.23
N GLY C 107 -39.92 -25.54 18.02
CA GLY C 107 -40.60 -25.66 16.75
C GLY C 107 -41.15 -27.03 16.43
N LYS C 108 -40.84 -28.05 17.23
CA LYS C 108 -41.32 -29.40 16.98
C LYS C 108 -41.70 -30.05 18.31
N ALA C 109 -42.80 -30.79 18.31
CA ALA C 109 -43.09 -31.67 19.43
C ALA C 109 -43.87 -32.88 18.93
N ILE C 110 -43.77 -33.96 19.69
CA ILE C 110 -44.39 -35.23 19.33
C ILE C 110 -45.04 -35.81 20.59
N ALA C 111 -46.28 -36.26 20.46
CA ALA C 111 -47.03 -36.80 21.59
C ALA C 111 -47.84 -38.00 21.13
N LEU C 112 -48.16 -38.87 22.08
CA LEU C 112 -48.76 -40.17 21.81
C LEU C 112 -50.09 -40.29 22.53
N VAL C 113 -51.15 -40.60 21.78
CA VAL C 113 -52.52 -40.58 22.30
C VAL C 113 -53.30 -41.73 21.69
N LYS C 114 -54.16 -42.34 22.51
CA LYS C 114 -54.85 -43.57 22.13
C LYS C 114 -56.26 -43.36 21.61
N GLU C 115 -56.75 -42.13 21.55
CA GLU C 115 -58.16 -41.86 21.27
C GLU C 115 -58.25 -40.82 20.16
N GLU C 116 -58.77 -41.23 19.00
CA GLU C 116 -58.72 -40.41 17.80
C GLU C 116 -59.47 -39.09 17.97
N GLY C 117 -60.64 -39.12 18.60
CA GLY C 117 -61.38 -37.88 18.82
C GLY C 117 -60.62 -36.88 19.66
N LYS C 118 -60.03 -37.33 20.77
CA LYS C 118 -59.24 -36.43 21.61
C LYS C 118 -57.93 -36.01 20.94
N ALA C 119 -57.38 -36.86 20.07
CA ALA C 119 -56.23 -36.46 19.28
C ALA C 119 -56.52 -35.24 18.41
N LYS C 120 -57.65 -35.27 17.69
CA LYS C 120 -58.04 -34.12 16.88
C LYS C 120 -58.24 -32.87 17.74
N GLN C 121 -58.89 -33.02 18.89
CA GLN C 121 -59.08 -31.88 19.79
C GLN C 121 -57.76 -31.25 20.20
N LEU C 122 -56.75 -32.07 20.48
CA LEU C 122 -55.45 -31.54 20.90
C LEU C 122 -54.84 -30.63 19.85
N ILE C 123 -54.80 -31.07 18.60
CA ILE C 123 -54.19 -30.26 17.54
C ILE C 123 -54.94 -28.94 17.37
N LYS C 124 -56.27 -29.02 17.31
CA LYS C 124 -57.11 -27.82 17.24
C LYS C 124 -56.84 -26.86 18.40
N GLU C 125 -56.84 -27.38 19.62
CA GLU C 125 -56.66 -26.55 20.80
C GLU C 125 -55.38 -25.71 20.73
N VAL C 126 -54.25 -26.35 20.42
CA VAL C 126 -52.99 -25.62 20.33
C VAL C 126 -53.03 -24.59 19.21
N THR C 127 -53.53 -25.00 18.03
CA THR C 127 -53.53 -24.08 16.89
C THR C 127 -54.51 -22.93 17.08
N LYS C 128 -55.60 -23.13 17.82
CA LYS C 128 -56.47 -22.02 18.19
C LYS C 128 -55.72 -20.99 19.03
N GLN C 129 -55.03 -21.44 20.08
CA GLN C 129 -54.24 -20.52 20.88
C GLN C 129 -53.16 -19.84 20.05
N ALA C 130 -52.56 -20.57 19.10
CA ALA C 130 -51.55 -19.98 18.24
C ALA C 130 -52.09 -18.79 17.46
N LEU C 131 -53.26 -18.93 16.85
CA LEU C 131 -53.86 -17.81 16.14
C LEU C 131 -54.14 -16.63 17.05
N ILE C 132 -54.42 -16.88 18.34
CA ILE C 132 -54.79 -15.81 19.25
C ILE C 132 -53.54 -15.18 19.87
N ASN C 133 -52.72 -15.99 20.53
CA ASN C 133 -51.56 -15.47 21.25
C ASN C 133 -50.35 -15.23 20.35
N ALA C 134 -50.26 -15.90 19.21
CA ALA C 134 -49.11 -15.81 18.32
C ALA C 134 -49.54 -15.50 16.88
N PRO C 135 -50.20 -14.36 16.68
CA PRO C 135 -50.59 -13.98 15.32
C PRO C 135 -49.38 -13.96 14.38
N GLY C 136 -49.60 -14.43 13.15
CA GLY C 136 -48.55 -14.51 12.16
C GLY C 136 -47.71 -15.77 12.21
N LEU C 137 -47.78 -16.52 13.30
CA LEU C 137 -47.10 -17.81 13.35
C LEU C 137 -47.86 -18.85 12.53
N GLU C 138 -47.12 -19.68 11.80
CA GLU C 138 -47.67 -20.85 11.14
C GLU C 138 -47.32 -22.09 11.97
N ILE C 139 -48.35 -22.82 12.39
CA ILE C 139 -48.16 -24.09 13.08
C ILE C 139 -49.31 -25.03 12.72
N GLY C 140 -49.01 -26.32 12.62
CA GLY C 140 -50.02 -27.31 12.35
C GLY C 140 -49.55 -28.67 12.78
N GLY C 141 -50.51 -29.61 12.87
CA GLY C 141 -50.20 -30.95 13.31
C GLY C 141 -50.91 -32.00 12.48
N ILE C 142 -50.54 -33.26 12.76
CA ILE C 142 -51.09 -34.42 12.08
C ILE C 142 -51.21 -35.57 13.08
N TYR C 143 -52.26 -36.39 12.94
CA TYR C 143 -52.35 -37.66 13.63
C TYR C 143 -52.19 -38.81 12.64
N VAL C 144 -51.50 -39.86 13.06
CA VAL C 144 -51.34 -41.07 12.26
C VAL C 144 -51.48 -42.28 13.17
N ASN C 145 -51.95 -43.39 12.58
CA ASN C 145 -52.23 -44.60 13.32
C ASN C 145 -50.95 -45.22 13.87
N CYS C 146 -51.11 -46.07 14.88
CA CYS C 146 -50.01 -46.89 15.37
C CYS C 146 -50.56 -48.22 15.88
N ASN C 147 -50.29 -49.28 15.13
CA ASN C 147 -50.58 -50.65 15.55
C ASN C 147 -49.52 -51.10 16.56
N TRP C 148 -49.63 -50.53 17.77
CA TRP C 148 -48.59 -50.67 18.78
C TRP C 148 -48.33 -52.12 19.19
N GLN C 149 -49.28 -53.03 18.96
CA GLN C 149 -48.98 -54.44 19.15
C GLN C 149 -47.86 -54.94 18.25
N ASP C 150 -47.49 -54.19 17.22
CA ASP C 150 -46.27 -54.44 16.48
C ASP C 150 -45.13 -53.53 16.93
N LYS C 151 -43.98 -54.13 17.22
CA LYS C 151 -42.72 -53.44 17.40
C LYS C 151 -42.39 -52.50 16.25
N LEU C 152 -41.57 -51.48 16.51
CA LEU C 152 -41.25 -50.40 15.56
C LEU C 152 -42.47 -49.58 15.14
N GLY C 153 -43.65 -49.89 15.69
CA GLY C 153 -44.81 -49.07 15.40
C GLY C 153 -44.58 -47.59 15.65
N VAL C 154 -43.86 -47.26 16.71
CA VAL C 154 -43.52 -45.86 16.98
C VAL C 154 -42.53 -45.35 15.94
N ALA C 155 -41.49 -46.15 15.66
CA ALA C 155 -40.52 -45.78 14.64
C ALA C 155 -41.18 -45.53 13.30
N LYS C 156 -42.08 -46.43 12.90
CA LYS C 156 -42.86 -46.21 11.69
C LYS C 156 -43.69 -44.93 11.77
N ALA C 157 -44.41 -44.76 12.87
CA ALA C 157 -45.26 -43.58 13.04
C ALA C 157 -44.47 -42.28 12.96
N VAL C 158 -43.25 -42.25 13.49
CA VAL C 158 -42.42 -41.05 13.37
C VAL C 158 -42.18 -40.72 11.89
N LYS C 159 -41.63 -41.66 11.13
CA LYS C 159 -41.29 -41.38 9.75
C LYS C 159 -42.54 -41.12 8.91
N GLU C 160 -43.62 -41.87 9.17
CA GLU C 160 -44.87 -41.65 8.46
C GLU C 160 -45.44 -40.26 8.69
N ALA C 161 -45.42 -39.78 9.93
CA ALA C 161 -45.89 -38.43 10.22
C ALA C 161 -45.05 -37.38 9.51
N HIS C 162 -43.73 -37.54 9.48
CA HIS C 162 -42.87 -36.62 8.75
C HIS C 162 -43.28 -36.50 7.29
N LYS C 163 -43.29 -37.62 6.57
CA LYS C 163 -43.50 -37.58 5.13
C LYS C 163 -44.91 -37.18 4.74
N GLN C 164 -45.92 -37.51 5.55
CA GLN C 164 -47.27 -37.02 5.29
C GLN C 164 -47.43 -35.53 5.62
N PHE C 165 -46.70 -35.04 6.62
CA PHE C 165 -46.83 -33.64 7.00
C PHE C 165 -46.34 -32.69 5.92
N GLU C 166 -45.21 -33.01 5.27
CA GLU C 166 -44.70 -32.20 4.18
C GLU C 166 -45.75 -31.91 3.12
N VAL C 167 -46.54 -32.92 2.75
CA VAL C 167 -47.61 -32.72 1.77
C VAL C 167 -48.69 -31.80 2.33
N ASN C 168 -49.15 -32.07 3.55
CA ASN C 168 -50.28 -31.32 4.11
C ASN C 168 -49.98 -29.84 4.29
N ARG C 169 -48.73 -29.50 4.63
CA ARG C 169 -48.34 -28.08 4.63
C ARG C 169 -48.70 -27.39 3.33
N ALA C 170 -48.37 -28.02 2.20
CA ALA C 170 -48.64 -27.39 0.90
C ALA C 170 -50.13 -27.26 0.63
N LYS C 171 -50.88 -28.34 0.78
CA LYS C 171 -52.30 -28.32 0.47
C LYS C 171 -53.15 -27.65 1.55
N ARG C 172 -52.59 -27.31 2.70
CA ARG C 172 -53.32 -26.52 3.69
C ARG C 172 -53.72 -25.17 3.10
N ALA C 173 -54.86 -24.66 3.57
CA ALA C 173 -55.34 -23.35 3.15
C ALA C 173 -54.40 -22.24 3.62
N GLY C 174 -54.44 -21.12 2.90
CA GLY C 174 -53.47 -20.04 3.02
C GLY C 174 -53.35 -19.42 4.40
N ALA C 175 -52.19 -19.61 5.03
CA ALA C 175 -51.95 -19.06 6.36
C ALA C 175 -51.89 -17.52 6.34
N ASN C 176 -51.30 -16.95 5.28
CA ASN C 176 -51.07 -15.50 5.25
C ASN C 176 -52.35 -14.68 5.20
N GLY C 177 -53.45 -15.25 4.73
CA GLY C 177 -54.62 -14.46 4.37
C GLY C 177 -55.41 -13.91 5.53
N ARG C 178 -54.80 -13.09 6.38
CA ARG C 178 -55.55 -12.49 7.48
C ARG C 178 -55.24 -11.01 7.71
N PHE C 179 -53.96 -10.64 7.81
CA PHE C 179 -53.60 -9.23 7.97
C PHE C 179 -53.52 -8.47 6.66
N LEU C 180 -54.60 -8.50 5.87
CA LEU C 180 -54.60 -7.80 4.60
C LEU C 180 -54.64 -6.29 4.85
N ARG C 181 -53.77 -5.54 4.17
CA ARG C 181 -53.95 -4.10 4.01
C ARG C 181 -55.20 -3.77 3.20
N LEU C 182 -56.20 -4.63 3.29
CA LEU C 182 -57.44 -4.54 2.49
C LEU C 182 -58.56 -4.55 3.52
N PRO C 183 -59.17 -3.40 3.83
CA PRO C 183 -58.98 -2.11 3.15
C PRO C 183 -57.71 -1.32 3.46
N ILE C 184 -57.58 -0.20 2.74
CA ILE C 184 -56.46 0.73 2.79
C ILE C 184 -56.30 1.38 4.15
N ALA C 185 -55.17 1.09 4.80
CA ALA C 185 -54.89 1.54 6.16
C ALA C 185 -53.38 1.72 6.30
N ALA C 186 -53.00 2.51 7.30
CA ALA C 186 -51.65 3.05 7.35
C ALA C 186 -50.59 1.95 7.42
N GLY C 187 -49.52 2.13 6.66
CA GLY C 187 -48.43 1.17 6.67
C GLY C 187 -47.78 1.06 8.04
N CYS C 188 -47.52 -0.18 8.45
CA CYS C 188 -46.65 -0.43 9.60
C CYS C 188 -45.27 0.16 9.36
N SER C 189 -44.67 0.65 10.45
CA SER C 189 -43.35 1.27 10.36
C SER C 189 -42.25 0.28 10.00
N VAL C 190 -42.48 -1.02 10.15
CA VAL C 190 -41.38 -1.99 10.13
C VAL C 190 -41.79 -3.28 9.42
N SER C 191 -42.96 -3.29 8.78
CA SER C 191 -43.37 -4.46 8.02
C SER C 191 -44.41 -4.05 7.00
N GLU C 192 -44.65 -4.92 6.02
CA GLU C 192 -45.61 -4.67 4.95
C GLU C 192 -47.06 -4.87 5.36
N LEU C 193 -47.33 -5.09 6.65
CA LEU C 193 -48.68 -5.25 7.13
C LEU C 193 -49.30 -3.90 7.45
N PRO C 194 -50.62 -3.81 7.50
CA PRO C 194 -51.24 -2.57 7.99
C PRO C 194 -51.00 -2.41 9.48
N ALA C 195 -50.78 -1.17 9.89
CA ALA C 195 -50.65 -0.87 11.32
C ALA C 195 -51.99 -1.06 12.02
N SER C 196 -51.90 -1.51 13.28
CA SER C 196 -53.08 -1.91 14.02
C SER C 196 -53.13 -1.22 15.38
N ASP C 197 -51.96 -0.88 15.91
CA ASP C 197 -51.90 0.00 17.08
C ASP C 197 -50.53 0.65 17.10
N PHE C 198 -50.41 1.68 17.95
CA PHE C 198 -49.16 2.38 18.15
C PHE C 198 -48.22 1.62 19.08
N ASP C 199 -46.93 1.89 18.91
CA ASP C 199 -45.92 1.58 19.90
C ASP C 199 -44.82 2.63 19.76
N TYR C 200 -43.62 2.34 20.24
CA TYR C 200 -42.58 3.35 20.29
C TYR C 200 -41.31 2.85 19.61
N ASN C 201 -40.65 3.74 18.89
CA ASN C 201 -39.32 3.47 18.35
C ASN C 201 -38.29 3.40 19.48
N ALA C 202 -37.05 3.10 19.10
CA ALA C 202 -35.99 2.95 20.10
C ALA C 202 -35.72 4.25 20.84
N ASP C 203 -36.06 5.39 20.26
CA ASP C 203 -35.94 6.68 20.93
C ASP C 203 -37.20 7.08 21.69
N GLY C 204 -38.24 6.26 21.65
CA GLY C 204 -39.48 6.56 22.34
C GLY C 204 -40.48 7.40 21.58
N ASP C 205 -40.24 7.66 20.30
CA ASP C 205 -41.25 8.35 19.49
C ASP C 205 -42.41 7.41 19.21
N LYS C 206 -43.62 7.92 19.40
CA LYS C 206 -44.80 7.11 19.12
C LYS C 206 -44.91 6.83 17.63
N ILE C 207 -45.04 5.55 17.27
CA ILE C 207 -45.03 5.14 15.87
C ILE C 207 -46.00 3.99 15.68
N PRO C 208 -46.58 3.89 14.48
CA PRO C 208 -47.58 2.83 14.23
C PRO C 208 -46.91 1.52 13.86
N VAL C 209 -47.46 0.43 14.40
CA VAL C 209 -46.94 -0.91 14.14
C VAL C 209 -48.11 -1.87 13.98
N SER C 210 -47.81 -3.02 13.36
CA SER C 210 -48.79 -4.09 13.21
C SER C 210 -48.90 -4.93 14.47
N THR C 211 -50.04 -5.62 14.59
CA THR C 211 -50.27 -6.50 15.73
C THR C 211 -49.17 -7.53 15.86
N VAL C 212 -48.69 -8.06 14.73
CA VAL C 212 -47.60 -9.01 14.74
C VAL C 212 -46.36 -8.41 15.41
N SER C 213 -45.95 -7.23 14.97
CA SER C 213 -44.83 -6.56 15.63
C SER C 213 -45.14 -6.26 17.09
N LYS C 214 -46.35 -5.76 17.36
CA LYS C 214 -46.75 -5.46 18.73
C LYS C 214 -46.68 -6.69 19.62
N VAL C 215 -47.34 -7.78 19.20
CA VAL C 215 -47.39 -8.98 20.04
C VAL C 215 -46.01 -9.63 20.17
N LYS C 216 -45.18 -9.53 19.14
CA LYS C 216 -43.77 -9.90 19.30
C LYS C 216 -43.10 -9.07 20.41
N ARG C 217 -43.22 -7.74 20.33
CA ARG C 217 -42.57 -6.90 21.33
C ARG C 217 -43.06 -7.20 22.73
N GLU C 218 -44.36 -7.44 22.89
CA GLU C 218 -44.88 -7.90 24.18
C GLU C 218 -44.21 -9.19 24.62
N THR C 219 -44.20 -10.19 23.74
CA THR C 219 -43.62 -11.49 24.07
C THR C 219 -42.11 -11.44 24.25
N ALA C 220 -41.44 -10.44 23.65
CA ALA C 220 -39.99 -10.35 23.76
C ALA C 220 -39.53 -10.26 25.22
N LYS C 221 -40.33 -9.65 26.08
CA LYS C 221 -39.97 -9.55 27.49
C LYS C 221 -39.92 -10.90 28.19
N SER C 222 -40.59 -11.92 27.67
CA SER C 222 -40.42 -13.28 28.19
C SER C 222 -39.00 -13.80 27.97
N ALA C 223 -38.32 -13.34 26.91
CA ALA C 223 -37.01 -13.88 26.59
C ALA C 223 -36.00 -13.54 27.67
N LYS C 224 -35.88 -12.26 28.02
CA LYS C 224 -34.92 -11.83 29.02
C LYS C 224 -35.18 -12.46 30.38
N LYS C 225 -36.42 -12.89 30.63
CA LYS C 225 -36.69 -13.74 31.79
C LYS C 225 -36.15 -15.15 31.57
N ARG C 226 -36.58 -15.79 30.48
CA ARG C 226 -36.20 -17.18 30.24
C ARG C 226 -34.70 -17.36 30.09
N LEU C 227 -34.03 -16.41 29.42
CA LEU C 227 -32.58 -16.48 29.29
C LEU C 227 -31.82 -16.26 30.59
N ARG C 228 -32.50 -15.85 31.67
CA ARG C 228 -31.84 -15.85 32.97
C ARG C 228 -31.43 -17.25 33.42
N SER C 229 -32.11 -18.28 32.92
CA SER C 229 -31.63 -19.65 33.11
C SER C 229 -30.28 -19.88 32.46
N VAL C 230 -29.99 -19.19 31.36
CA VAL C 230 -28.71 -19.34 30.67
C VAL C 230 -27.66 -18.48 31.34
N ASP C 231 -27.73 -17.16 31.15
CA ASP C 231 -26.70 -16.27 31.68
C ASP C 231 -27.18 -14.83 31.66
N GLY C 232 -27.08 -14.17 32.81
CA GLY C 232 -27.43 -12.77 32.94
C GLY C 232 -26.53 -11.82 32.17
N ARG C 233 -25.40 -12.31 31.64
CA ARG C 233 -24.59 -11.51 30.73
C ARG C 233 -25.31 -11.21 29.42
N LEU C 234 -26.36 -11.96 29.09
CA LEU C 234 -26.96 -11.90 27.76
C LEU C 234 -27.80 -10.64 27.51
N VAL C 235 -28.99 -10.57 28.08
CA VAL C 235 -29.95 -9.53 27.77
C VAL C 235 -30.58 -9.00 29.06
N ASN C 236 -30.56 -7.68 29.23
CA ASN C 236 -31.12 -7.04 30.41
C ASN C 236 -31.82 -5.74 30.04
N ASP C 237 -31.28 -5.02 29.07
CA ASP C 237 -31.92 -3.82 28.52
C ASP C 237 -32.04 -4.01 27.01
N LEU C 238 -33.18 -4.56 26.58
CA LEU C 238 -33.46 -4.77 25.16
C LEU C 238 -33.26 -3.48 24.35
N ALA C 239 -33.78 -2.36 24.86
CA ALA C 239 -33.72 -1.11 24.11
C ALA C 239 -32.30 -0.59 23.97
N GLN C 240 -31.49 -0.68 25.03
CA GLN C 240 -30.09 -0.27 24.92
C GLN C 240 -29.33 -1.11 23.92
N LEU C 241 -29.61 -2.42 23.87
CA LEU C 241 -28.93 -3.29 22.94
C LEU C 241 -29.30 -2.97 21.49
N GLU C 242 -30.58 -2.70 21.23
CA GLU C 242 -31.01 -2.24 19.92
C GLU C 242 -30.31 -0.94 19.52
N LYS C 243 -30.29 0.04 20.43
CA LYS C 243 -29.45 1.23 20.27
C LYS C 243 -27.96 0.94 20.45
N SER C 244 -27.52 -0.26 20.09
CA SER C 244 -26.09 -0.51 19.95
C SER C 244 -25.75 -1.38 18.75
N PHE C 245 -26.60 -2.32 18.35
CA PHE C 245 -26.38 -3.04 17.08
C PHE C 245 -26.45 -2.12 15.88
N ASP C 246 -27.02 -0.92 16.03
CA ASP C 246 -26.90 0.11 15.01
C ASP C 246 -25.55 0.84 15.08
N GLU C 247 -24.87 0.80 16.22
CA GLU C 247 -23.57 1.43 16.34
C GLU C 247 -22.45 0.57 15.80
N LEU C 248 -22.58 -0.76 15.90
CA LEU C 248 -21.51 -1.66 15.49
C LEU C 248 -21.20 -1.51 14.01
N ASP C 249 -19.92 -1.65 13.68
CA ASP C 249 -19.49 -1.57 12.28
C ASP C 249 -20.03 -2.75 11.47
N TRP C 250 -20.09 -3.94 12.08
CA TRP C 250 -20.59 -5.12 11.40
C TRP C 250 -21.43 -5.94 12.37
N LEU C 251 -22.54 -6.47 11.87
CA LEU C 251 -23.25 -7.54 12.55
C LEU C 251 -22.90 -8.87 11.90
N ALA C 252 -23.31 -9.96 12.55
CA ALA C 252 -23.33 -11.25 11.89
C ALA C 252 -24.59 -12.01 12.26
N VAL C 253 -25.03 -12.86 11.33
CA VAL C 253 -25.98 -13.93 11.60
C VAL C 253 -25.21 -15.24 11.59
N VAL C 254 -25.30 -16.00 12.68
CA VAL C 254 -24.73 -17.33 12.75
C VAL C 254 -25.87 -18.35 12.75
N HIS C 255 -25.78 -19.32 11.85
CA HIS C 255 -26.71 -20.44 11.76
C HIS C 255 -25.91 -21.73 11.78
N ALA C 256 -26.34 -22.71 12.59
CA ALA C 256 -25.63 -23.97 12.67
C ALA C 256 -26.59 -25.14 12.82
N ASP C 257 -26.26 -26.25 12.14
CA ASP C 257 -27.04 -27.48 12.17
C ASP C 257 -26.11 -28.64 12.49
N GLY C 258 -26.58 -29.56 13.32
CA GLY C 258 -25.90 -30.83 13.53
C GLY C 258 -25.77 -31.74 12.32
N ASN C 259 -24.55 -32.24 12.08
CA ASN C 259 -24.33 -33.20 11.02
C ASN C 259 -25.01 -34.53 11.31
N GLY C 260 -25.68 -35.08 10.30
CA GLY C 260 -26.19 -36.44 10.35
C GLY C 260 -27.30 -36.67 11.35
N LEU C 261 -27.48 -35.74 12.29
CA LEU C 261 -28.45 -35.94 13.37
C LEU C 261 -29.84 -36.21 12.81
N GLY C 262 -30.23 -35.47 11.76
CA GLY C 262 -31.49 -35.76 11.10
C GLY C 262 -31.56 -37.19 10.60
N GLN C 263 -30.54 -37.60 9.83
CA GLN C 263 -30.46 -38.99 9.39
C GLN C 263 -30.44 -39.96 10.57
N ILE C 264 -29.79 -39.58 11.68
CA ILE C 264 -29.80 -40.41 12.87
C ILE C 264 -31.22 -40.61 13.37
N LEU C 265 -31.97 -39.51 13.51
CA LEU C 265 -33.38 -39.62 13.86
C LEU C 265 -34.15 -40.45 12.85
N LEU C 266 -33.83 -40.32 11.57
CA LEU C 266 -34.47 -41.08 10.50
C LEU C 266 -33.93 -42.51 10.37
N SER C 267 -33.17 -43.00 11.36
CA SER C 267 -32.64 -44.35 11.29
C SER C 267 -32.59 -45.04 12.65
N LEU C 268 -33.25 -44.47 13.67
CA LEU C 268 -32.92 -44.81 15.05
C LEU C 268 -33.20 -46.27 15.40
N GLU C 269 -34.11 -46.94 14.69
CA GLU C 269 -34.41 -48.34 15.00
C GLU C 269 -33.18 -49.24 14.88
N LYS C 270 -32.21 -48.87 14.04
CA LYS C 270 -30.96 -49.62 13.98
C LYS C 270 -30.18 -49.51 15.28
N TYR C 271 -30.15 -48.31 15.86
CA TYR C 271 -29.21 -48.00 16.94
C TYR C 271 -29.75 -48.31 18.32
N ILE C 272 -31.07 -48.35 18.51
CA ILE C 272 -31.62 -48.66 19.82
C ILE C 272 -31.41 -50.12 20.20
N GLY C 273 -31.06 -50.98 19.25
CA GLY C 273 -30.89 -52.39 19.54
C GLY C 273 -32.20 -53.12 19.78
N GLU C 274 -32.67 -53.07 21.03
CA GLU C 274 -33.87 -53.80 21.42
C GLU C 274 -35.09 -53.15 20.79
N GLN C 275 -35.76 -53.88 19.91
CA GLN C 275 -36.74 -53.29 19.00
C GLN C 275 -38.05 -52.92 19.70
N THR C 276 -38.17 -53.14 21.00
CA THR C 276 -39.39 -52.80 21.71
C THR C 276 -39.64 -51.30 21.67
N ASN C 277 -40.90 -50.92 21.46
CA ASN C 277 -41.26 -49.52 21.31
C ASN C 277 -40.80 -48.68 22.50
N ARG C 278 -40.87 -49.25 23.70
CA ARG C 278 -40.39 -48.56 24.90
C ARG C 278 -38.92 -48.16 24.79
N ASN C 279 -38.08 -49.04 24.23
CA ASN C 279 -36.68 -48.68 24.09
C ASN C 279 -36.47 -47.59 23.05
N TYR C 280 -37.18 -47.67 21.92
CA TYR C 280 -37.13 -46.60 20.93
C TYR C 280 -37.52 -45.25 21.55
N ILE C 281 -38.67 -45.21 22.22
CA ILE C 281 -39.11 -44.00 22.90
C ILE C 281 -38.06 -43.49 23.88
N ASP C 282 -37.61 -44.36 24.79
CA ASP C 282 -36.69 -43.92 25.83
C ASP C 282 -35.44 -43.29 25.24
N LYS C 283 -34.81 -43.94 24.26
CA LYS C 283 -33.59 -43.38 23.68
C LYS C 283 -33.91 -42.14 22.84
N TYR C 284 -34.96 -42.19 22.02
CA TYR C 284 -35.33 -41.05 21.21
C TYR C 284 -35.59 -39.82 22.07
N ARG C 285 -36.39 -39.98 23.12
CA ARG C 285 -36.66 -38.89 24.06
C ARG C 285 -35.37 -38.37 24.69
N ARG C 286 -34.59 -39.27 25.29
CA ARG C 286 -33.41 -38.86 26.03
C ARG C 286 -32.36 -38.21 25.13
N LEU C 287 -32.11 -38.82 23.96
CA LEU C 287 -31.16 -38.25 23.02
C LEU C 287 -31.46 -36.78 22.71
N SER C 288 -32.72 -36.48 22.39
CA SER C 288 -33.08 -35.12 22.01
C SER C 288 -32.89 -34.15 23.17
N LEU C 289 -33.35 -34.52 24.37
CA LEU C 289 -33.12 -33.70 25.55
C LEU C 289 -31.64 -33.49 25.79
N ALA C 290 -30.84 -34.56 25.70
CA ALA C 290 -29.40 -34.44 25.86
C ALA C 290 -28.81 -33.47 24.84
N LEU C 291 -29.32 -33.49 23.61
CA LEU C 291 -28.82 -32.58 22.58
C LEU C 291 -29.15 -31.13 22.90
N ASP C 292 -30.34 -30.86 23.42
CA ASP C 292 -30.65 -29.52 23.91
C ASP C 292 -29.69 -29.09 25.01
N ASN C 293 -29.46 -29.97 25.99
CA ASN C 293 -28.53 -29.65 27.06
C ASN C 293 -27.13 -29.35 26.54
N CYS C 294 -26.62 -30.18 25.62
CA CYS C 294 -25.33 -29.92 25.01
C CYS C 294 -25.30 -28.58 24.30
N THR C 295 -26.38 -28.24 23.59
CA THR C 295 -26.43 -26.99 22.85
C THR C 295 -26.34 -25.79 23.80
N ILE C 296 -27.16 -25.79 24.85
CA ILE C 296 -27.16 -24.70 25.82
C ILE C 296 -25.79 -24.59 26.50
N ASN C 297 -25.24 -25.72 26.94
CA ASN C 297 -23.96 -25.70 27.64
C ASN C 297 -22.84 -25.16 26.75
N ALA C 298 -22.74 -25.67 25.52
CA ALA C 298 -21.73 -25.18 24.60
C ALA C 298 -21.88 -23.70 24.32
N PHE C 299 -23.11 -23.19 24.31
CA PHE C 299 -23.33 -21.76 24.18
C PHE C 299 -22.76 -20.97 25.35
N LYS C 300 -23.05 -21.40 26.58
CA LYS C 300 -22.44 -20.79 27.76
C LYS C 300 -20.92 -20.76 27.65
N MET C 301 -20.32 -21.82 27.11
CA MET C 301 -18.88 -21.86 26.91
C MET C 301 -18.42 -20.89 25.84
N ALA C 302 -19.14 -20.82 24.71
CA ALA C 302 -18.69 -20.03 23.58
C ALA C 302 -18.78 -18.52 23.83
N ILE C 303 -19.83 -18.07 24.52
CA ILE C 303 -20.00 -16.63 24.74
C ILE C 303 -18.84 -15.99 25.49
N ALA C 304 -18.00 -16.78 26.15
CA ALA C 304 -16.73 -16.29 26.68
C ALA C 304 -15.85 -15.58 25.64
N VAL C 305 -16.07 -15.84 24.35
CA VAL C 305 -15.27 -15.21 23.30
C VAL C 305 -15.48 -13.70 23.21
N PHE C 306 -16.61 -13.19 23.69
CA PHE C 306 -16.93 -11.76 23.61
C PHE C 306 -16.12 -10.94 24.62
N LYS C 307 -14.82 -11.24 24.71
CA LYS C 307 -14.01 -10.82 25.85
C LYS C 307 -13.96 -9.31 26.01
N GLU C 308 -13.80 -8.57 24.89
CA GLU C 308 -13.63 -7.13 25.02
C GLU C 308 -14.86 -6.43 25.58
N ASP C 309 -16.06 -6.96 25.32
CA ASP C 309 -17.26 -6.33 25.85
C ASP C 309 -17.59 -6.77 27.27
N SER C 310 -16.78 -7.65 27.86
CA SER C 310 -17.04 -8.21 29.19
C SER C 310 -17.04 -7.17 30.31
N LYS C 311 -16.67 -5.92 30.03
CA LYS C 311 -16.73 -4.89 31.05
C LYS C 311 -18.12 -4.30 31.28
N LYS C 312 -19.07 -4.53 30.38
CA LYS C 312 -20.28 -3.72 30.34
C LYS C 312 -21.51 -4.61 30.30
N ILE C 313 -22.66 -3.97 30.57
CA ILE C 313 -23.85 -4.66 31.08
C ILE C 313 -24.16 -5.94 30.31
N ASP C 314 -24.28 -5.85 28.98
CA ASP C 314 -24.76 -6.98 28.21
C ASP C 314 -23.82 -7.28 27.05
N LEU C 315 -23.53 -8.57 26.85
CA LEU C 315 -22.76 -9.02 25.71
C LEU C 315 -23.52 -8.79 24.40
N PRO C 316 -22.81 -8.49 23.32
CA PRO C 316 -23.43 -8.11 22.05
C PRO C 316 -23.87 -9.32 21.22
N ILE C 317 -24.74 -10.15 21.81
CA ILE C 317 -25.21 -11.37 21.16
C ILE C 317 -26.66 -11.58 21.56
N VAL C 318 -27.43 -12.16 20.64
CA VAL C 318 -28.83 -12.49 20.89
C VAL C 318 -29.15 -13.88 20.37
N PRO C 319 -29.35 -14.87 21.25
CA PRO C 319 -29.84 -16.16 20.79
C PRO C 319 -31.29 -16.07 20.34
N LEU C 320 -31.61 -16.77 19.26
CA LEU C 320 -32.97 -16.78 18.75
C LEU C 320 -33.48 -18.21 18.62
N ILE C 321 -32.60 -19.14 18.29
CA ILE C 321 -32.86 -20.56 18.42
C ILE C 321 -31.66 -21.19 19.11
N LEU C 322 -31.92 -22.12 20.03
CA LEU C 322 -30.89 -22.59 20.94
C LEU C 322 -31.16 -24.02 21.39
N GLY C 323 -31.75 -24.83 20.52
CA GLY C 323 -32.09 -26.19 20.90
C GLY C 323 -32.48 -26.99 19.68
N GLY C 324 -32.79 -28.26 19.94
CA GLY C 324 -32.76 -29.27 18.89
C GLY C 324 -31.36 -29.42 18.33
N ASP C 325 -31.27 -29.58 17.02
CA ASP C 325 -29.99 -29.55 16.32
C ASP C 325 -29.47 -28.14 16.07
N ASP C 326 -30.23 -27.10 16.42
CA ASP C 326 -30.09 -25.79 15.78
C ASP C 326 -29.55 -24.79 16.79
N LEU C 327 -28.54 -24.03 16.38
CA LEU C 327 -28.24 -22.72 16.95
C LEU C 327 -28.44 -21.64 15.91
N THR C 328 -29.18 -20.59 16.28
CA THR C 328 -29.32 -19.41 15.44
C THR C 328 -29.19 -18.19 16.35
N VAL C 329 -28.16 -17.37 16.11
CA VAL C 329 -27.94 -16.16 16.88
C VAL C 329 -27.52 -15.03 15.95
N ILE C 330 -27.83 -13.81 16.37
CA ILE C 330 -27.18 -12.60 15.87
C ILE C 330 -26.09 -12.22 16.87
N CYS C 331 -24.96 -11.76 16.37
CA CYS C 331 -23.90 -11.28 17.24
C CYS C 331 -23.12 -10.18 16.53
N ARG C 332 -22.20 -9.57 17.28
CA ARG C 332 -21.23 -8.65 16.70
C ARG C 332 -20.42 -9.37 15.61
N GLY C 333 -20.28 -8.71 14.46
CA GLY C 333 -19.86 -9.40 13.26
C GLY C 333 -18.42 -9.90 13.31
N ASP C 334 -17.48 -9.03 13.67
CA ASP C 334 -16.07 -9.42 13.71
C ASP C 334 -15.76 -10.49 14.75
N TYR C 335 -16.66 -10.77 15.68
CA TYR C 335 -16.46 -11.84 16.64
C TYR C 335 -16.89 -13.21 16.13
N ALA C 336 -17.74 -13.24 15.11
CA ALA C 336 -18.60 -14.40 14.88
C ALA C 336 -17.81 -15.67 14.61
N LEU C 337 -16.72 -15.55 13.82
CA LEU C 337 -15.92 -16.74 13.51
C LEU C 337 -15.38 -17.38 14.78
N GLU C 338 -14.71 -16.60 15.64
CA GLU C 338 -14.11 -17.17 16.83
C GLU C 338 -15.19 -17.71 17.77
N PHE C 339 -16.26 -16.95 17.96
CA PHE C 339 -17.42 -17.44 18.71
C PHE C 339 -17.94 -18.77 18.15
N THR C 340 -18.14 -18.84 16.83
CA THR C 340 -18.72 -20.04 16.24
C THR C 340 -17.76 -21.22 16.32
N ARG C 341 -16.46 -20.97 16.13
CA ARG C 341 -15.48 -22.03 16.28
C ARG C 341 -15.54 -22.64 17.67
N GLU C 342 -15.45 -21.81 18.71
CA GLU C 342 -15.49 -22.31 20.08
C GLU C 342 -16.78 -23.03 20.38
N PHE C 343 -17.90 -22.56 19.81
CA PHE C 343 -19.15 -23.31 19.94
C PHE C 343 -19.03 -24.71 19.35
N LEU C 344 -18.54 -24.81 18.11
CA LEU C 344 -18.43 -26.11 17.46
C LEU C 344 -17.49 -27.03 18.21
N GLU C 345 -16.32 -26.51 18.61
CA GLU C 345 -15.38 -27.32 19.38
C GLU C 345 -16.00 -27.78 20.70
N ALA C 346 -16.61 -26.86 21.43
CA ALA C 346 -17.27 -27.21 22.69
C ALA C 346 -18.43 -28.16 22.46
N PHE C 347 -19.18 -27.97 21.38
CA PHE C 347 -20.30 -28.87 21.09
C PHE C 347 -19.84 -30.30 20.83
N GLU C 348 -18.80 -30.47 20.01
CA GLU C 348 -18.29 -31.81 19.76
C GLU C 348 -17.80 -32.46 21.06
N GLY C 349 -17.01 -31.74 21.84
CA GLY C 349 -16.61 -32.26 23.14
C GLY C 349 -17.79 -32.62 24.03
N GLN C 350 -18.76 -31.71 24.15
CA GLN C 350 -19.93 -31.98 24.99
C GLN C 350 -20.69 -33.22 24.55
N THR C 351 -20.86 -33.42 23.23
CA THR C 351 -21.61 -34.58 22.76
C THR C 351 -20.98 -35.90 23.19
N GLU C 352 -19.65 -35.94 23.32
CA GLU C 352 -19.01 -37.17 23.75
C GLU C 352 -19.35 -37.55 25.18
N THR C 353 -19.73 -36.57 26.01
CA THR C 353 -19.87 -36.79 27.45
C THR C 353 -21.15 -37.50 27.85
N HIS C 354 -22.13 -37.63 26.95
CA HIS C 354 -23.45 -38.16 27.30
C HIS C 354 -23.63 -39.59 26.82
N ASP C 355 -24.02 -40.46 27.75
CA ASP C 355 -24.42 -41.82 27.38
C ASP C 355 -25.58 -41.83 26.41
N ASP C 356 -26.52 -40.90 26.58
CA ASP C 356 -27.64 -40.77 25.64
C ASP C 356 -27.18 -40.50 24.22
N ILE C 357 -25.93 -40.09 24.04
CA ILE C 357 -25.32 -39.94 22.73
C ILE C 357 -24.40 -41.12 22.42
N LYS C 358 -23.47 -41.41 23.33
CA LYS C 358 -22.41 -42.40 23.13
C LYS C 358 -22.87 -43.66 22.41
N VAL C 359 -23.86 -44.36 22.98
CA VAL C 359 -24.25 -45.66 22.42
C VAL C 359 -24.84 -45.51 21.01
N ILE C 360 -25.50 -44.38 20.72
CA ILE C 360 -26.04 -44.18 19.39
C ILE C 360 -24.96 -43.70 18.43
N ALA C 361 -24.21 -42.68 18.83
CA ALA C 361 -23.13 -42.15 17.99
C ALA C 361 -22.07 -43.20 17.70
N GLN C 362 -21.71 -44.01 18.70
CA GLN C 362 -20.71 -45.05 18.48
C GLN C 362 -21.19 -46.06 17.45
N LYS C 363 -22.44 -46.50 17.54
CA LYS C 363 -22.98 -47.44 16.57
C LYS C 363 -23.20 -46.77 15.22
N ALA C 364 -23.62 -45.50 15.22
CA ALA C 364 -23.89 -44.81 13.96
C ALA C 364 -22.61 -44.45 13.21
N PHE C 365 -21.51 -44.21 13.94
CA PHE C 365 -20.32 -43.66 13.30
C PHE C 365 -19.00 -44.25 13.80
N GLY C 366 -18.97 -44.89 14.96
CA GLY C 366 -17.71 -45.35 15.52
C GLY C 366 -16.91 -44.33 16.27
N VAL C 367 -17.53 -43.22 16.69
CA VAL C 367 -16.86 -42.21 17.50
C VAL C 367 -17.84 -41.72 18.55
N ASP C 368 -17.31 -41.25 19.68
CA ASP C 368 -18.16 -40.77 20.76
C ASP C 368 -18.93 -39.51 20.37
N ARG C 369 -18.43 -38.73 19.42
CA ARG C 369 -18.96 -37.41 19.15
C ARG C 369 -20.00 -37.44 18.03
N LEU C 370 -20.89 -36.45 18.06
CA LEU C 370 -21.56 -35.94 16.87
C LEU C 370 -20.82 -34.69 16.39
N SER C 371 -21.41 -34.00 15.40
CA SER C 371 -20.77 -32.83 14.84
C SER C 371 -21.85 -31.94 14.24
N ALA C 372 -21.47 -30.70 13.93
CA ALA C 372 -22.39 -29.73 13.38
C ALA C 372 -21.68 -28.83 12.38
N CYS C 373 -22.41 -28.42 11.36
CA CYS C 373 -21.94 -27.42 10.42
C CYS C 373 -22.55 -26.07 10.77
N ALA C 374 -21.88 -25.00 10.33
CA ALA C 374 -22.39 -23.66 10.54
C ALA C 374 -22.16 -22.79 9.31
N GLY C 375 -23.07 -21.84 9.11
CA GLY C 375 -22.96 -20.80 8.10
C GLY C 375 -23.01 -19.44 8.75
N ILE C 376 -22.11 -18.54 8.38
CA ILE C 376 -22.01 -17.24 9.03
C ILE C 376 -22.09 -16.14 7.98
N SER C 377 -23.13 -15.32 8.04
CA SER C 377 -23.28 -14.14 7.21
C SER C 377 -22.89 -12.91 8.01
N ILE C 378 -22.01 -12.07 7.45
CA ILE C 378 -21.50 -10.89 8.13
C ILE C 378 -21.91 -9.66 7.33
N ILE C 379 -22.61 -8.73 7.99
CA ILE C 379 -23.46 -7.75 7.33
C ILE C 379 -23.39 -6.42 8.06
N LYS C 380 -23.65 -5.35 7.31
CA LYS C 380 -23.80 -4.04 7.92
C LYS C 380 -25.13 -3.97 8.67
N PRO C 381 -25.24 -3.10 9.68
CA PRO C 381 -26.44 -3.11 10.53
C PRO C 381 -27.74 -2.88 9.77
N HIS C 382 -27.72 -2.12 8.68
CA HIS C 382 -28.92 -1.85 7.91
C HIS C 382 -29.20 -2.90 6.84
N PHE C 383 -28.32 -3.88 6.67
CA PHE C 383 -28.56 -4.91 5.67
C PHE C 383 -29.76 -5.76 6.08
N PRO C 384 -30.69 -6.04 5.17
CA PRO C 384 -31.91 -6.76 5.55
C PRO C 384 -31.59 -8.17 6.03
N PHE C 385 -31.96 -8.47 7.27
CA PHE C 385 -31.59 -9.74 7.88
C PHE C 385 -32.19 -10.93 7.13
N SER C 386 -33.36 -10.75 6.53
CA SER C 386 -33.93 -11.81 5.70
C SER C 386 -32.96 -12.26 4.61
N VAL C 387 -32.37 -11.30 3.90
CA VAL C 387 -31.40 -11.64 2.86
C VAL C 387 -30.18 -12.30 3.48
N ALA C 388 -29.68 -11.76 4.59
CA ALA C 388 -28.49 -12.30 5.23
C ALA C 388 -28.70 -13.73 5.71
N TYR C 389 -29.85 -14.02 6.33
CA TYR C 389 -30.12 -15.38 6.76
C TYR C 389 -30.29 -16.33 5.57
N THR C 390 -30.97 -15.87 4.52
CA THR C 390 -31.09 -16.66 3.30
C THR C 390 -29.72 -17.12 2.82
N LEU C 391 -28.75 -16.22 2.82
CA LEU C 391 -27.39 -16.59 2.43
C LEU C 391 -26.78 -17.58 3.42
N ALA C 392 -27.04 -17.40 4.72
CA ALA C 392 -26.50 -18.32 5.71
C ALA C 392 -26.96 -19.75 5.49
N GLU C 393 -28.21 -19.95 5.06
CA GLU C 393 -28.67 -21.29 4.70
C GLU C 393 -27.88 -21.87 3.53
N ARG C 394 -27.64 -21.08 2.49
CA ARG C 394 -26.80 -21.54 1.39
C ARG C 394 -25.38 -21.82 1.84
N LEU C 395 -24.83 -20.97 2.69
CA LEU C 395 -23.47 -21.17 3.20
C LEU C 395 -23.33 -22.48 3.98
N ILE C 396 -24.22 -22.73 4.93
CA ILE C 396 -24.15 -23.99 5.67
C ILE C 396 -24.36 -25.19 4.76
N LYS C 397 -25.22 -25.04 3.75
CA LYS C 397 -25.40 -26.13 2.78
C LYS C 397 -24.10 -26.44 2.06
N SER C 398 -23.30 -25.42 1.78
CA SER C 398 -21.94 -25.63 1.29
C SER C 398 -21.06 -26.33 2.31
N ALA C 399 -21.04 -25.83 3.55
CA ALA C 399 -20.20 -26.43 4.59
C ALA C 399 -20.52 -27.91 4.81
N LYS C 400 -21.78 -28.29 4.73
CA LYS C 400 -22.17 -29.69 4.85
C LYS C 400 -21.56 -30.61 3.81
N GLU C 401 -20.97 -30.07 2.73
CA GLU C 401 -20.30 -30.92 1.75
C GLU C 401 -19.17 -31.75 2.35
N VAL C 402 -18.67 -31.41 3.55
CA VAL C 402 -17.71 -32.27 4.21
C VAL C 402 -18.27 -33.67 4.45
N LYS C 403 -19.59 -33.79 4.57
CA LYS C 403 -20.22 -35.10 4.64
C LYS C 403 -19.86 -35.96 3.44
N GLN C 404 -19.80 -35.33 2.26
CA GLN C 404 -19.45 -36.04 1.04
C GLN C 404 -17.95 -36.23 0.88
N LYS C 405 -17.15 -35.23 1.29
CA LYS C 405 -15.71 -35.28 1.10
C LYS C 405 -14.99 -36.16 2.12
N VAL C 406 -15.63 -36.48 3.24
CA VAL C 406 -14.99 -37.24 4.32
C VAL C 406 -15.94 -38.35 4.73
N THR C 407 -15.46 -39.59 4.74
CA THR C 407 -16.32 -40.76 4.87
C THR C 407 -15.69 -41.78 5.78
N VAL C 408 -16.54 -42.62 6.38
CA VAL C 408 -16.08 -43.68 7.25
C VAL C 408 -15.32 -44.73 6.46
N THR C 409 -14.16 -45.13 6.95
CA THR C 409 -13.30 -46.09 6.26
C THR C 409 -14.05 -47.38 5.97
N ASN C 410 -14.06 -47.79 4.71
CA ASN C 410 -14.76 -49.00 4.26
C ASN C 410 -16.23 -49.01 4.70
N SER C 411 -16.83 -47.83 4.82
CA SER C 411 -18.24 -47.74 5.15
C SER C 411 -19.08 -48.37 4.04
N SER C 412 -20.17 -49.02 4.44
CA SER C 412 -21.07 -49.67 3.50
C SER C 412 -22.44 -49.83 4.15
N PRO C 413 -23.42 -48.98 3.81
CA PRO C 413 -23.40 -47.86 2.86
C PRO C 413 -22.37 -46.77 3.21
N ILE C 414 -21.83 -46.11 2.18
CA ILE C 414 -20.89 -45.01 2.40
C ILE C 414 -21.58 -43.92 3.21
N THR C 415 -20.95 -43.50 4.30
CA THR C 415 -21.63 -42.66 5.28
C THR C 415 -20.69 -41.57 5.78
N PRO C 416 -21.24 -40.40 6.14
CA PRO C 416 -20.37 -39.26 6.45
C PRO C 416 -19.60 -39.47 7.74
N PHE C 417 -18.33 -39.09 7.72
CA PHE C 417 -17.58 -39.10 8.96
C PHE C 417 -17.96 -37.88 9.80
N PRO C 418 -17.98 -38.01 11.13
CA PRO C 418 -18.27 -36.86 12.00
C PRO C 418 -17.18 -35.80 11.98
N CYS C 419 -17.51 -34.63 11.43
CA CYS C 419 -16.53 -33.56 11.26
C CYS C 419 -17.28 -32.24 11.11
N SER C 420 -17.06 -31.34 12.05
CA SER C 420 -17.67 -30.02 12.00
C SER C 420 -16.98 -29.14 10.95
N ALA C 421 -17.78 -28.26 10.34
CA ALA C 421 -17.30 -27.42 9.24
C ALA C 421 -17.94 -26.04 9.34
N ILE C 422 -17.26 -25.06 8.75
CA ILE C 422 -17.76 -23.70 8.68
C ILE C 422 -17.76 -23.25 7.23
N ASP C 423 -18.76 -22.45 6.85
CA ASP C 423 -18.68 -21.55 5.72
C ASP C 423 -19.17 -20.17 6.13
N PHE C 424 -18.59 -19.14 5.52
CA PHE C 424 -18.89 -17.77 5.89
C PHE C 424 -18.73 -16.87 4.67
N HIS C 425 -19.32 -15.68 4.75
CA HIS C 425 -19.08 -14.63 3.76
C HIS C 425 -19.25 -13.27 4.40
N ILE C 426 -18.53 -12.29 3.86
CA ILE C 426 -18.60 -10.90 4.31
C ILE C 426 -19.16 -10.06 3.17
N LEU C 427 -20.34 -9.48 3.39
CA LEU C 427 -21.11 -8.88 2.31
C LEU C 427 -20.71 -7.42 2.09
N TYR C 428 -19.51 -7.23 1.52
CA TYR C 428 -19.12 -5.92 1.03
C TYR C 428 -20.06 -5.45 -0.08
N ASP C 429 -20.18 -4.13 -0.20
CA ASP C 429 -21.31 -3.53 -0.89
C ASP C 429 -21.36 -3.91 -2.37
N SER C 430 -20.21 -4.24 -2.97
CA SER C 430 -20.17 -4.62 -4.37
C SER C 430 -20.11 -6.13 -4.57
N SER C 431 -20.14 -6.91 -3.49
CA SER C 431 -19.91 -8.35 -3.54
C SER C 431 -21.20 -9.12 -3.82
N GLY C 432 -22.29 -8.43 -4.14
CA GLY C 432 -23.56 -9.08 -4.37
C GLY C 432 -24.18 -9.61 -3.08
N ILE C 433 -25.34 -10.22 -3.24
CA ILE C 433 -26.22 -10.53 -2.11
C ILE C 433 -26.88 -11.89 -2.29
N ASP C 434 -26.38 -12.69 -3.23
CA ASP C 434 -26.79 -14.08 -3.34
C ASP C 434 -25.57 -14.96 -3.55
N PHE C 435 -25.64 -16.17 -3.00
CA PHE C 435 -24.47 -17.03 -2.89
C PHE C 435 -23.83 -17.29 -4.26
N ASP C 436 -24.65 -17.60 -5.27
CA ASP C 436 -24.11 -17.94 -6.57
C ASP C 436 -23.42 -16.75 -7.21
N ARG C 437 -24.05 -15.58 -7.16
CA ARG C 437 -23.42 -14.36 -7.63
C ARG C 437 -22.14 -14.04 -6.86
N ILE C 438 -22.15 -14.27 -5.54
CA ILE C 438 -20.95 -14.05 -4.74
C ILE C 438 -19.82 -14.94 -5.22
N ARG C 439 -20.06 -16.25 -5.30
CA ARG C 439 -19.02 -17.18 -5.72
C ARG C 439 -18.60 -16.96 -7.16
N GLU C 440 -19.57 -16.66 -8.04
CA GLU C 440 -19.26 -16.32 -9.42
C GLU C 440 -18.28 -15.14 -9.50
N LYS C 441 -18.54 -14.08 -8.74
CA LYS C 441 -17.64 -12.93 -8.74
C LYS C 441 -16.23 -13.30 -8.30
N LEU C 442 -16.08 -14.37 -7.51
CA LEU C 442 -14.77 -14.82 -7.07
C LEU C 442 -14.19 -15.92 -7.96
N ARG C 443 -14.72 -16.11 -9.16
CA ARG C 443 -14.13 -16.98 -10.17
C ARG C 443 -13.73 -16.18 -11.41
N PRO C 444 -12.70 -15.34 -11.31
CA PRO C 444 -12.37 -14.43 -12.42
C PRO C 444 -11.85 -15.18 -13.64
N GLU C 445 -10.93 -16.12 -13.43
CA GLU C 445 -10.47 -17.02 -14.47
C GLU C 445 -11.24 -18.33 -14.37
N ASP C 446 -11.74 -18.82 -15.51
CA ASP C 446 -12.66 -19.94 -15.51
C ASP C 446 -12.08 -21.17 -14.81
N ASN C 447 -10.77 -21.34 -14.87
CA ASN C 447 -10.10 -22.44 -14.20
C ASN C 447 -9.71 -22.11 -12.75
N THR C 448 -10.07 -20.93 -12.26
CA THR C 448 -9.53 -20.42 -11.00
C THR C 448 -10.67 -20.04 -10.07
N GLU C 449 -10.52 -20.36 -8.79
CA GLU C 449 -11.40 -19.89 -7.73
C GLU C 449 -10.57 -19.17 -6.69
N LEU C 450 -10.92 -17.93 -6.39
CA LEU C 450 -10.16 -17.17 -5.39
C LEU C 450 -10.52 -17.55 -3.96
N TYR C 451 -11.60 -18.29 -3.75
CA TYR C 451 -11.93 -18.84 -2.45
C TYR C 451 -11.49 -20.30 -2.34
N ASN C 452 -11.44 -20.78 -1.10
CA ASN C 452 -11.13 -22.17 -0.79
C ASN C 452 -11.99 -22.55 0.41
N ARG C 453 -13.18 -23.07 0.15
CA ARG C 453 -14.16 -23.33 1.19
C ARG C 453 -14.84 -24.65 0.90
N PRO C 454 -15.46 -25.28 1.92
CA PRO C 454 -15.61 -24.89 3.32
C PRO C 454 -14.36 -25.10 4.14
N TYR C 455 -14.31 -24.50 5.33
CA TYR C 455 -13.24 -24.76 6.28
C TYR C 455 -13.62 -25.88 7.24
N VAL C 456 -12.75 -26.89 7.32
CA VAL C 456 -12.89 -27.94 8.32
C VAL C 456 -12.49 -27.40 9.69
N VAL C 457 -13.35 -27.64 10.68
CA VAL C 457 -13.17 -27.08 12.02
C VAL C 457 -12.64 -28.12 13.01
N THR C 458 -13.06 -29.37 12.86
CA THR C 458 -12.61 -30.43 13.76
C THR C 458 -11.09 -30.57 13.68
N ALA C 459 -10.47 -30.84 14.83
CA ALA C 459 -9.03 -30.98 14.91
C ALA C 459 -8.56 -32.27 14.27
N ALA C 460 -7.32 -32.24 13.76
CA ALA C 460 -6.80 -33.32 12.93
C ALA C 460 -6.83 -34.67 13.65
N GLU C 461 -6.47 -34.67 14.94
CA GLU C 461 -6.43 -35.92 15.69
C GLU C 461 -7.77 -36.64 15.68
N ASN C 462 -8.87 -35.89 15.80
CA ASN C 462 -10.20 -36.50 15.80
C ASN C 462 -10.61 -36.97 14.41
N LEU C 463 -9.91 -36.54 13.37
CA LEU C 463 -10.13 -37.00 12.00
C LEU C 463 -9.09 -38.01 11.52
N SER C 464 -8.06 -38.28 12.32
CA SER C 464 -6.81 -38.84 11.83
C SER C 464 -6.98 -40.19 11.15
N GLN C 465 -8.03 -40.95 11.46
CA GLN C 465 -8.26 -42.20 10.77
C GLN C 465 -9.10 -42.05 9.50
N ALA C 466 -9.84 -40.95 9.36
CA ALA C 466 -10.87 -40.86 8.35
C ALA C 466 -10.27 -40.89 6.95
N GLN C 467 -11.01 -41.49 6.02
CA GLN C 467 -10.72 -41.34 4.59
C GLN C 467 -11.01 -39.91 4.14
N GLY C 468 -10.02 -39.28 3.53
CA GLY C 468 -10.09 -37.85 3.28
C GLY C 468 -9.50 -36.97 4.35
N TYR C 469 -8.80 -37.56 5.33
CA TYR C 469 -8.08 -36.78 6.32
C TYR C 469 -7.19 -35.72 5.69
N GLU C 470 -6.42 -36.12 4.67
CA GLU C 470 -5.52 -35.17 4.01
C GLU C 470 -6.28 -34.03 3.35
N TRP C 471 -7.44 -34.32 2.75
CA TRP C 471 -8.30 -33.26 2.24
C TRP C 471 -8.79 -32.36 3.36
N SER C 472 -9.23 -32.96 4.47
CA SER C 472 -9.72 -32.17 5.60
C SER C 472 -8.65 -31.25 6.17
N GLN C 473 -7.40 -31.68 6.16
CA GLN C 473 -6.32 -30.80 6.62
C GLN C 473 -6.07 -29.64 5.67
N ALA C 474 -6.08 -29.87 4.36
CA ALA C 474 -5.98 -28.76 3.42
C ALA C 474 -7.06 -27.71 3.67
N HIS C 475 -8.30 -28.16 3.90
CA HIS C 475 -9.42 -27.29 4.21
C HIS C 475 -9.57 -26.96 5.69
N SER C 476 -8.56 -27.22 6.51
CA SER C 476 -8.69 -26.94 7.94
C SER C 476 -8.81 -25.45 8.20
N LEU C 477 -9.83 -25.08 8.99
CA LEU C 477 -10.00 -23.69 9.43
C LEU C 477 -8.74 -23.10 10.03
N GLN C 478 -7.91 -23.93 10.68
CA GLN C 478 -6.69 -23.44 11.29
C GLN C 478 -5.78 -22.75 10.28
N THR C 479 -5.75 -23.24 9.04
CA THR C 479 -4.90 -22.65 8.02
C THR C 479 -5.23 -21.17 7.79
N LEU C 480 -6.52 -20.82 7.73
CA LEU C 480 -6.90 -19.42 7.57
C LEU C 480 -6.60 -18.60 8.81
N ALA C 481 -6.97 -19.10 9.99
CA ALA C 481 -6.76 -18.34 11.22
C ALA C 481 -5.27 -18.05 11.45
N ASP C 482 -4.41 -19.02 11.12
CA ASP C 482 -2.97 -18.77 11.10
C ASP C 482 -2.62 -17.60 10.20
N ARG C 483 -3.08 -17.62 8.95
CA ARG C 483 -2.63 -16.66 7.96
C ARG C 483 -3.13 -15.24 8.27
N VAL C 484 -4.38 -15.11 8.73
CA VAL C 484 -4.87 -13.83 9.22
C VAL C 484 -4.01 -13.33 10.39
N SER C 485 -3.67 -14.24 11.30
CA SER C 485 -2.79 -13.89 12.41
C SER C 485 -1.48 -13.29 11.91
N TYR C 486 -0.92 -13.85 10.82
CA TYR C 486 0.30 -13.30 10.24
C TYR C 486 0.11 -11.86 9.78
N LEU C 487 -1.00 -11.56 9.11
CA LEU C 487 -1.26 -10.20 8.65
C LEU C 487 -1.45 -9.24 9.80
N ARG C 488 -1.94 -9.71 10.95
CA ARG C 488 -2.04 -8.87 12.13
C ARG C 488 -0.72 -8.69 12.86
N SER C 489 0.30 -9.49 12.56
CA SER C 489 1.61 -9.26 13.14
C SER C 489 2.21 -7.96 12.63
N GLU C 490 3.15 -7.42 13.41
CA GLU C 490 3.73 -6.10 13.16
C GLU C 490 5.24 -6.18 13.17
N ASP C 491 5.86 -5.21 12.51
CA ASP C 491 7.29 -4.94 12.65
C ASP C 491 7.53 -3.91 13.75
N GLY C 492 8.80 -3.79 14.13
CA GLY C 492 9.14 -3.22 15.43
C GLY C 492 8.66 -1.80 15.64
N GLU C 493 8.60 -1.00 14.57
CA GLU C 493 8.03 0.34 14.67
C GLU C 493 6.50 0.34 14.76
N GLY C 494 5.88 -0.84 14.81
CA GLY C 494 4.46 -0.96 15.04
C GLY C 494 3.62 -1.08 13.79
N LYS C 495 4.24 -1.22 12.62
CA LYS C 495 3.52 -1.30 11.36
C LYS C 495 3.41 -2.76 10.90
N SER C 496 2.26 -3.10 10.34
CA SER C 496 1.94 -4.49 10.02
C SER C 496 2.97 -5.10 9.09
N ALA C 497 3.20 -6.40 9.26
CA ALA C 497 4.26 -7.09 8.53
C ALA C 497 4.05 -7.13 7.03
N LEU C 498 2.83 -6.85 6.56
CA LEU C 498 2.62 -6.44 5.18
C LEU C 498 1.89 -5.11 5.15
N PRO C 499 2.37 -4.13 4.39
CA PRO C 499 1.64 -2.86 4.25
C PRO C 499 0.36 -3.02 3.43
N SER C 500 -0.57 -2.10 3.69
CA SER C 500 -1.87 -2.12 3.03
C SER C 500 -1.74 -2.00 1.52
N SER C 501 -0.92 -1.07 1.06
CA SER C 501 -0.70 -0.89 -0.38
C SER C 501 -0.28 -2.19 -1.06
N GLN C 502 0.66 -2.91 -0.46
CA GLN C 502 1.08 -4.19 -1.03
C GLN C 502 -0.07 -5.19 -1.07
N SER C 503 -0.88 -5.23 0.00
CA SER C 503 -2.06 -6.09 0.01
C SER C 503 -2.99 -5.77 -1.15
N HIS C 504 -3.21 -4.48 -1.43
CA HIS C 504 -4.07 -4.09 -2.54
C HIS C 504 -3.53 -4.59 -3.88
N ALA C 505 -2.22 -4.50 -4.08
CA ALA C 505 -1.62 -5.04 -5.31
C ALA C 505 -1.84 -6.54 -5.42
N LEU C 506 -1.73 -7.27 -4.30
CA LEU C 506 -1.98 -8.71 -4.33
C LEU C 506 -3.42 -9.04 -4.72
N ARG C 507 -4.39 -8.37 -4.10
CA ARG C 507 -5.78 -8.59 -4.50
C ARG C 507 -5.99 -8.31 -5.98
N THR C 508 -5.43 -7.20 -6.47
CA THR C 508 -5.50 -6.91 -7.90
C THR C 508 -4.93 -8.05 -8.72
N ALA C 509 -3.78 -8.60 -8.29
CA ALA C 509 -3.14 -9.66 -9.05
C ALA C 509 -4.00 -10.91 -9.15
N LEU C 510 -4.82 -11.18 -8.13
CA LEU C 510 -5.63 -12.40 -8.16
C LEU C 510 -6.62 -12.39 -9.31
N TYR C 511 -7.08 -11.22 -9.73
CA TYR C 511 -7.98 -11.10 -10.87
C TYR C 511 -7.26 -11.24 -12.20
N LEU C 512 -5.93 -11.19 -12.21
CA LEU C 512 -5.15 -11.35 -13.42
C LEU C 512 -5.00 -12.84 -13.77
N GLU C 513 -4.22 -13.11 -14.81
CA GLU C 513 -3.87 -14.48 -15.15
C GLU C 513 -3.03 -15.09 -14.04
N LYS C 514 -3.14 -16.41 -13.89
CA LYS C 514 -2.38 -17.15 -12.88
C LYS C 514 -0.90 -16.79 -12.90
N ASN C 515 -0.28 -16.79 -14.09
CA ASN C 515 1.14 -16.50 -14.18
C ASN C 515 1.45 -15.10 -13.66
N GLU C 516 0.54 -14.14 -13.88
CA GLU C 516 0.74 -12.79 -13.35
C GLU C 516 0.63 -12.78 -11.83
N ALA C 517 -0.38 -13.46 -11.28
CA ALA C 517 -0.53 -13.55 -9.82
C ALA C 517 0.64 -14.29 -9.18
N ASP C 518 1.11 -15.36 -9.82
CA ASP C 518 2.29 -16.07 -9.32
C ASP C 518 3.53 -15.20 -9.36
N ALA C 519 3.69 -14.41 -10.42
CA ALA C 519 4.75 -13.42 -10.48
C ALA C 519 4.67 -12.43 -9.32
N GLN C 520 3.54 -11.74 -9.19
CA GLN C 520 3.34 -10.74 -8.15
C GLN C 520 3.70 -11.26 -6.77
N TYR C 521 3.28 -12.49 -6.43
CA TYR C 521 3.68 -13.07 -5.15
C TYR C 521 5.20 -13.13 -5.01
N SER C 522 5.88 -13.61 -6.06
CA SER C 522 7.34 -13.70 -6.00
C SER C 522 7.96 -12.34 -5.72
N LEU C 523 7.54 -11.31 -6.48
CA LEU C 523 8.07 -9.97 -6.30
C LEU C 523 7.96 -9.49 -4.86
N ILE C 524 6.77 -9.64 -4.26
CA ILE C 524 6.50 -9.09 -2.94
C ILE C 524 7.07 -9.97 -1.82
N SER C 525 7.02 -11.29 -1.99
CA SER C 525 7.58 -12.18 -0.97
C SER C 525 9.09 -12.09 -0.90
N GLN C 526 9.75 -11.72 -2.01
CA GLN C 526 11.18 -11.43 -1.95
C GLN C 526 11.50 -10.26 -1.04
N ARG C 527 10.54 -9.34 -0.87
CA ARG C 527 10.71 -8.23 0.08
C ARG C 527 10.19 -8.58 1.48
N TYR C 528 8.93 -8.99 1.58
CA TYR C 528 8.29 -9.26 2.86
C TYR C 528 8.30 -10.77 3.13
N LYS C 529 9.32 -11.21 3.88
CA LYS C 529 9.64 -12.64 3.97
C LYS C 529 8.48 -13.45 4.54
N ILE C 530 7.63 -12.82 5.36
CA ILE C 530 6.49 -13.51 5.97
C ILE C 530 5.63 -14.23 4.94
N LEU C 531 5.54 -13.70 3.70
CA LEU C 531 4.70 -14.33 2.70
C LEU C 531 5.17 -15.73 2.34
N LYS C 532 6.39 -16.10 2.70
CA LYS C 532 6.82 -17.49 2.56
C LYS C 532 5.87 -18.44 3.27
N ASN C 533 5.26 -18.00 4.37
CA ASN C 533 4.29 -18.82 5.08
C ASN C 533 2.99 -18.98 4.29
N PHE C 534 2.69 -18.06 3.39
CA PHE C 534 1.40 -18.04 2.70
C PHE C 534 1.37 -18.86 1.43
N ALA C 535 2.53 -19.29 0.92
CA ALA C 535 2.55 -20.06 -0.31
C ALA C 535 1.92 -21.43 -0.12
N GLU C 536 1.24 -21.90 -1.17
CA GLU C 536 0.39 -23.09 -1.09
C GLU C 536 0.82 -24.19 -2.05
N ASP C 537 1.57 -23.86 -3.09
CA ASP C 537 2.10 -24.86 -4.02
C ASP C 537 3.03 -25.85 -3.31
N GLY C 538 3.66 -25.44 -2.22
CA GLY C 538 4.80 -26.15 -1.68
C GLY C 538 6.08 -25.93 -2.43
N GLU C 539 6.07 -25.05 -3.42
CA GLU C 539 7.24 -24.66 -4.19
C GLU C 539 7.64 -23.22 -3.88
N ASN C 540 6.88 -22.54 -3.02
CA ASN C 540 7.17 -21.20 -2.54
C ASN C 540 7.26 -20.21 -3.70
N LYS C 541 6.41 -20.43 -4.72
CA LYS C 541 6.38 -19.54 -5.87
C LYS C 541 4.96 -19.27 -6.38
N SER C 542 3.94 -19.85 -5.77
CA SER C 542 2.55 -19.54 -6.11
C SER C 542 1.72 -19.45 -4.84
N LEU C 543 0.83 -18.45 -4.78
CA LEU C 543 -0.22 -18.47 -3.78
C LEU C 543 -1.27 -19.54 -4.07
N PHE C 544 -1.32 -20.05 -5.28
CA PHE C 544 -2.29 -21.06 -5.65
C PHE C 544 -1.73 -22.47 -5.44
N HIS C 545 -2.63 -23.42 -5.27
CA HIS C 545 -2.35 -24.82 -5.51
C HIS C 545 -3.44 -25.40 -6.40
N LEU C 546 -3.07 -26.46 -7.12
CA LEU C 546 -4.03 -27.19 -7.93
C LEU C 546 -4.98 -28.02 -7.07
N GLU C 547 -6.25 -27.99 -7.42
CA GLU C 547 -7.30 -28.61 -6.60
C GLU C 547 -8.49 -28.98 -7.48
N ASN C 548 -8.81 -30.26 -7.53
CA ASN C 548 -9.86 -30.80 -8.42
C ASN C 548 -9.71 -30.28 -9.85
N GLY C 549 -8.46 -30.06 -10.26
CA GLY C 549 -8.16 -29.49 -11.56
C GLY C 549 -8.32 -27.99 -11.65
N LYS C 550 -8.97 -27.36 -10.69
CA LYS C 550 -9.02 -25.91 -10.63
C LYS C 550 -7.80 -25.40 -9.86
N TYR C 551 -7.55 -24.10 -9.97
CA TYR C 551 -6.62 -23.43 -9.08
C TYR C 551 -7.40 -22.64 -8.03
N VAL C 552 -7.02 -22.80 -6.77
CA VAL C 552 -7.69 -22.13 -5.66
C VAL C 552 -6.64 -21.63 -4.67
N THR C 553 -7.04 -20.65 -3.87
CA THR C 553 -6.19 -20.16 -2.79
C THR C 553 -7.05 -19.72 -1.62
N ARG C 554 -6.49 -19.86 -0.43
CA ARG C 554 -7.06 -19.28 0.79
C ARG C 554 -6.61 -17.86 1.03
N PHE C 555 -5.62 -17.37 0.29
CA PHE C 555 -4.98 -16.10 0.64
C PHE C 555 -5.97 -14.94 0.61
N LEU C 556 -6.83 -14.88 -0.42
CA LEU C 556 -7.79 -13.79 -0.50
C LEU C 556 -8.62 -13.68 0.77
N ASP C 557 -9.02 -14.82 1.33
CA ASP C 557 -9.82 -14.82 2.55
C ASP C 557 -9.07 -14.16 3.70
N ALA C 558 -7.76 -14.39 3.78
CA ALA C 558 -6.94 -13.75 4.80
C ALA C 558 -6.93 -12.24 4.65
N LEU C 559 -7.00 -11.74 3.41
CA LEU C 559 -7.16 -10.31 3.20
C LEU C 559 -8.52 -9.83 3.69
N ASP C 560 -9.60 -10.50 3.27
CA ASP C 560 -10.94 -9.99 3.54
C ASP C 560 -11.38 -10.25 4.98
N ALA C 561 -10.89 -11.33 5.59
CA ALA C 561 -11.18 -11.63 6.99
C ALA C 561 -10.15 -11.03 7.94
N LYS C 562 -9.24 -10.20 7.42
CA LYS C 562 -8.12 -9.69 8.20
C LYS C 562 -8.52 -9.19 9.59
N ASP C 563 -9.66 -8.51 9.69
CA ASP C 563 -10.11 -7.97 10.97
C ASP C 563 -11.05 -8.88 11.75
N PHE C 564 -11.57 -9.95 11.14
CA PHE C 564 -12.77 -10.59 11.66
C PHE C 564 -12.48 -11.78 12.57
N PHE C 565 -11.53 -11.62 13.48
CA PHE C 565 -11.29 -12.59 14.53
C PHE C 565 -11.24 -11.88 15.88
N ALA C 566 -11.82 -12.50 16.89
CA ALA C 566 -12.03 -11.84 18.18
C ALA C 566 -10.71 -11.66 18.92
N MET D 1 -34.07 23.27 5.49
CA MET D 1 -33.34 24.08 4.53
C MET D 1 -31.87 23.67 4.45
N ALA D 2 -31.28 23.82 3.27
CA ALA D 2 -29.83 23.84 3.15
C ALA D 2 -29.23 24.85 4.10
N ARG D 3 -28.12 24.46 4.74
CA ARG D 3 -27.41 25.23 5.75
C ARG D 3 -27.55 26.74 5.57
N LYS D 4 -28.24 27.39 6.50
CA LYS D 4 -28.63 28.80 6.37
C LYS D 4 -27.39 29.69 6.53
N VAL D 5 -26.60 29.78 5.47
CA VAL D 5 -25.47 30.70 5.43
C VAL D 5 -26.00 32.13 5.37
N THR D 6 -25.55 32.96 6.30
CA THR D 6 -25.78 34.40 6.18
C THR D 6 -24.75 35.07 5.26
N THR D 7 -23.46 34.85 5.53
CA THR D 7 -22.40 35.44 4.72
C THR D 7 -21.36 34.37 4.42
N ARG D 8 -21.20 34.05 3.14
CA ARG D 8 -20.04 33.31 2.69
C ARG D 8 -18.84 34.24 2.57
N TRP D 9 -17.68 33.75 2.99
CA TRP D 9 -16.42 34.45 2.83
C TRP D 9 -15.49 33.59 1.98
N LYS D 10 -15.02 34.15 0.87
CA LYS D 10 -13.88 33.60 0.15
C LYS D 10 -12.62 34.34 0.57
N ILE D 11 -11.58 33.56 0.87
CA ILE D 11 -10.38 34.03 1.56
C ILE D 11 -9.21 33.42 0.82
N THR D 12 -8.50 34.24 0.04
CA THR D 12 -7.55 33.67 -0.90
C THR D 12 -6.39 34.64 -1.12
N GLY D 13 -5.34 34.10 -1.71
CA GLY D 13 -4.05 34.75 -1.75
C GLY D 13 -2.99 33.70 -2.06
N THR D 14 -1.73 34.13 -1.98
CA THR D 14 -0.62 33.25 -2.31
C THR D 14 0.04 32.78 -1.02
N LEU D 15 0.14 31.47 -0.86
CA LEU D 15 1.02 30.87 0.13
C LEU D 15 2.39 30.62 -0.50
N ILE D 16 3.44 31.01 0.20
CA ILE D 16 4.81 30.83 -0.27
C ILE D 16 5.54 29.94 0.71
N ALA D 17 6.25 28.94 0.18
CA ALA D 17 7.11 28.10 0.99
C ALA D 17 8.32 28.90 1.48
N GLU D 18 8.33 29.24 2.77
CA GLU D 18 9.47 29.96 3.33
C GLU D 18 10.63 29.02 3.61
N THR D 19 10.38 27.73 3.71
CA THR D 19 11.38 26.68 3.73
C THR D 19 10.95 25.65 2.70
N PRO D 20 11.80 24.68 2.38
CA PRO D 20 11.32 23.52 1.61
C PRO D 20 10.19 22.79 2.32
N LEU D 21 9.38 22.10 1.52
CA LEU D 21 8.20 21.42 2.01
C LEU D 21 8.24 19.95 1.61
N HIS D 22 7.66 19.10 2.45
CA HIS D 22 7.38 17.73 2.09
C HIS D 22 6.02 17.34 2.65
N ILE D 23 5.16 16.80 1.79
CA ILE D 23 3.94 16.12 2.22
C ILE D 23 3.97 14.72 1.65
N GLY D 24 3.96 13.71 2.52
CA GLY D 24 4.14 12.34 2.06
C GLY D 24 2.88 11.80 1.39
N GLY D 25 3.08 11.13 0.25
CA GLY D 25 2.02 10.36 -0.36
C GLY D 25 1.98 8.92 0.10
N VAL D 26 1.77 8.00 -0.84
CA VAL D 26 1.96 6.58 -0.60
C VAL D 26 2.89 5.94 -1.60
N GLY D 27 3.39 6.69 -2.58
CA GLY D 27 4.26 6.15 -3.60
C GLY D 27 4.83 7.25 -4.49
N GLY D 28 3.97 8.13 -4.98
CA GLY D 28 4.39 9.41 -5.51
C GLY D 28 5.13 9.32 -6.84
N ASP D 29 5.46 10.50 -7.36
CA ASP D 29 6.24 10.60 -8.59
C ASP D 29 7.75 10.53 -8.35
N ALA D 30 8.20 10.73 -7.12
CA ALA D 30 9.61 10.51 -6.79
C ALA D 30 9.96 9.03 -6.80
N ASP D 31 11.23 8.75 -7.07
CA ASP D 31 11.77 7.40 -6.97
C ASP D 31 12.10 7.00 -5.54
N THR D 32 11.98 7.92 -4.59
CA THR D 32 12.50 7.73 -3.24
C THR D 32 11.63 6.77 -2.43
N ASP D 33 12.14 6.40 -1.26
CA ASP D 33 11.31 5.84 -0.20
C ASP D 33 10.31 6.86 0.31
N LEU D 34 10.78 8.05 0.67
CA LEU D 34 9.94 9.12 1.21
C LEU D 34 9.58 10.04 0.05
N ALA D 35 8.43 9.78 -0.56
CA ALA D 35 8.05 10.35 -1.85
C ALA D 35 6.86 11.29 -1.68
N LEU D 36 6.85 12.36 -2.46
CA LEU D 36 5.86 13.41 -2.32
C LEU D 36 4.47 12.92 -2.70
N ALA D 37 3.47 13.48 -2.03
CA ALA D 37 2.09 13.36 -2.49
C ALA D 37 1.89 14.13 -3.79
N VAL D 38 1.04 13.57 -4.66
CA VAL D 38 0.72 14.18 -5.94
C VAL D 38 -0.77 13.99 -6.21
N ASN D 39 -1.34 14.93 -6.96
CA ASN D 39 -2.73 14.79 -7.40
C ASN D 39 -2.84 13.72 -8.47
N GLY D 40 -4.08 13.47 -8.91
CA GLY D 40 -4.35 12.47 -9.93
C GLY D 40 -3.73 12.77 -11.28
N ALA D 41 -3.32 14.01 -11.52
CA ALA D 41 -2.57 14.37 -12.71
C ALA D 41 -1.07 14.36 -12.47
N GLY D 42 -0.61 13.81 -11.35
CA GLY D 42 0.80 13.72 -11.06
C GLY D 42 1.46 15.03 -10.69
N GLU D 43 0.71 16.11 -10.56
CA GLU D 43 1.28 17.39 -10.17
C GLU D 43 1.51 17.43 -8.67
N TYR D 44 2.61 18.05 -8.26
CA TYR D 44 2.85 18.30 -6.85
C TYR D 44 1.82 19.28 -6.30
N TYR D 45 1.25 18.95 -5.15
CA TYR D 45 0.11 19.68 -4.62
C TYR D 45 0.07 19.54 -3.12
N VAL D 46 -0.66 20.46 -2.48
CA VAL D 46 -0.93 20.40 -1.05
C VAL D 46 -2.31 19.78 -0.87
N PRO D 47 -2.44 18.61 -0.25
CA PRO D 47 -3.76 18.05 0.03
C PRO D 47 -4.54 18.94 0.99
N GLY D 48 -5.78 19.24 0.63
CA GLY D 48 -6.60 20.10 1.46
C GLY D 48 -6.69 19.63 2.89
N THR D 49 -6.82 18.32 3.08
CA THR D 49 -6.87 17.76 4.43
C THR D 49 -5.64 18.14 5.25
N SER D 50 -4.46 17.99 4.66
CA SER D 50 -3.22 18.26 5.40
C SER D 50 -3.11 19.72 5.79
N LEU D 51 -3.51 20.63 4.89
CA LEU D 51 -3.52 22.05 5.22
C LEU D 51 -4.60 22.36 6.26
N ALA D 52 -5.81 21.83 6.06
CA ALA D 52 -6.90 22.09 6.99
C ALA D 52 -6.54 21.67 8.41
N GLY D 53 -6.00 20.46 8.57
CA GLY D 53 -5.58 20.01 9.88
C GLY D 53 -4.44 20.83 10.45
N ALA D 54 -3.56 21.34 9.60
CA ALA D 54 -2.53 22.26 10.06
C ALA D 54 -3.14 23.51 10.68
N LEU D 55 -4.07 24.15 9.96
CA LEU D 55 -4.76 25.31 10.50
C LEU D 55 -5.52 24.98 11.77
N ARG D 56 -6.32 23.90 11.75
CA ARG D 56 -7.08 23.51 12.93
C ARG D 56 -6.16 23.21 14.12
N GLY D 57 -4.99 22.63 13.84
CA GLY D 57 -4.04 22.41 14.92
C GLY D 57 -3.61 23.70 15.60
N TRP D 58 -3.24 24.70 14.82
CA TRP D 58 -2.89 26.00 15.40
C TRP D 58 -4.07 26.63 16.14
N MET D 59 -5.28 26.53 15.60
CA MET D 59 -6.46 27.04 16.30
C MET D 59 -6.65 26.35 17.65
N THR D 60 -6.31 25.07 17.75
CA THR D 60 -6.40 24.39 19.04
C THR D 60 -5.47 25.01 20.08
N GLN D 61 -4.26 25.39 19.68
CA GLN D 61 -3.35 26.07 20.60
C GLN D 61 -3.90 27.43 21.03
N LEU D 62 -4.43 28.21 20.08
CA LEU D 62 -4.99 29.51 20.43
C LEU D 62 -6.13 29.38 21.44
N LEU D 63 -7.09 28.51 21.16
CA LEU D 63 -8.24 28.33 22.03
C LEU D 63 -7.95 27.46 23.25
N ASN D 64 -6.69 27.07 23.45
CA ASN D 64 -6.30 26.26 24.60
C ASN D 64 -7.12 24.97 24.71
N ASN D 65 -7.32 24.32 23.56
CA ASN D 65 -8.08 23.09 23.43
C ASN D 65 -9.56 23.23 23.78
N ASP D 66 -10.09 24.46 23.76
CA ASP D 66 -11.52 24.66 24.04
C ASP D 66 -12.33 24.08 22.88
N GLU D 67 -12.59 22.77 22.95
CA GLU D 67 -13.17 22.07 21.80
C GLU D 67 -14.56 22.59 21.47
N SER D 68 -15.32 22.99 22.47
CA SER D 68 -16.66 23.54 22.24
C SER D 68 -16.66 24.77 21.34
N GLN D 69 -15.53 25.45 21.19
CA GLN D 69 -15.38 26.48 20.17
C GLN D 69 -14.91 25.91 18.84
N ILE D 70 -13.87 25.06 18.86
CA ILE D 70 -13.32 24.50 17.63
C ILE D 70 -14.41 23.79 16.83
N LYS D 71 -15.21 22.97 17.49
CA LYS D 71 -16.18 22.12 16.80
C LYS D 71 -17.29 22.92 16.14
N ASP D 72 -17.49 24.18 16.51
CA ASP D 72 -18.49 25.01 15.86
C ASP D 72 -17.97 25.71 14.61
N LEU D 73 -16.65 25.69 14.38
CA LEU D 73 -16.08 26.07 13.09
C LEU D 73 -15.80 24.85 12.22
N TRP D 74 -15.13 23.85 12.77
CA TRP D 74 -14.54 22.75 11.99
C TRP D 74 -15.43 21.53 11.97
N GLY D 75 -16.55 21.56 12.70
CA GLY D 75 -17.50 20.47 12.69
C GLY D 75 -17.12 19.30 13.58
N ASP D 76 -18.09 18.39 13.73
CA ASP D 76 -17.97 17.22 14.59
C ASP D 76 -19.04 16.23 14.17
N HIS D 77 -18.65 14.97 14.00
CA HIS D 77 -19.60 13.91 13.69
C HIS D 77 -20.41 13.46 14.90
N LEU D 78 -19.90 13.68 16.11
CA LEU D 78 -20.56 13.13 17.30
C LEU D 78 -21.75 13.97 17.73
N ASP D 79 -21.57 15.28 17.86
CA ASP D 79 -22.61 16.13 18.42
C ASP D 79 -23.77 16.24 17.43
N ALA D 80 -24.98 15.94 17.93
CA ALA D 80 -26.20 16.04 17.13
C ALA D 80 -26.47 17.44 16.59
N LYS D 81 -25.87 18.47 17.18
CA LYS D 81 -26.09 19.85 16.76
C LYS D 81 -25.05 20.38 15.77
N ARG D 82 -24.02 19.59 15.44
CA ARG D 82 -22.85 20.14 14.76
C ARG D 82 -22.79 19.58 13.35
N GLY D 83 -22.13 18.47 13.11
CA GLY D 83 -21.97 17.99 11.75
C GLY D 83 -20.91 18.74 10.95
N ALA D 84 -21.29 19.24 9.78
CA ALA D 84 -20.31 19.64 8.77
C ALA D 84 -19.50 20.86 9.17
N SER D 85 -18.23 20.86 8.77
CA SER D 85 -17.34 22.00 8.91
C SER D 85 -17.88 23.24 8.21
N PHE D 86 -17.70 24.39 8.85
CA PHE D 86 -18.02 25.67 8.21
C PHE D 86 -16.84 26.26 7.45
N VAL D 87 -15.61 25.95 7.83
CA VAL D 87 -14.45 26.21 6.99
C VAL D 87 -14.34 25.13 5.92
N ILE D 88 -13.92 25.53 4.72
CA ILE D 88 -13.71 24.63 3.60
C ILE D 88 -12.32 24.88 3.03
N VAL D 89 -11.59 23.80 2.75
CA VAL D 89 -10.20 23.88 2.31
C VAL D 89 -10.08 23.02 1.06
N ASP D 90 -10.01 23.66 -0.10
CA ASP D 90 -9.80 22.97 -1.36
C ASP D 90 -8.34 22.55 -1.51
N ASP D 91 -8.11 21.62 -2.44
CA ASP D 91 -6.74 21.28 -2.81
C ASP D 91 -6.09 22.43 -3.58
N ALA D 92 -4.77 22.55 -3.42
CA ALA D 92 -4.00 23.54 -4.16
C ALA D 92 -2.79 22.88 -4.82
N VAL D 93 -2.67 23.05 -6.13
CA VAL D 93 -1.50 22.58 -6.86
C VAL D 93 -0.33 23.52 -6.58
N ILE D 94 0.87 22.97 -6.43
CA ILE D 94 2.05 23.77 -6.15
C ILE D 94 2.69 24.16 -7.48
N HIS D 95 2.84 25.47 -7.69
CA HIS D 95 3.64 25.99 -8.79
C HIS D 95 5.09 26.12 -8.36
N ILE D 96 5.87 25.07 -8.61
CA ILE D 96 7.32 25.19 -8.50
C ILE D 96 7.80 26.25 -9.50
N PRO D 97 8.74 27.12 -9.14
CA PRO D 97 9.04 28.26 -10.01
C PRO D 97 9.71 27.84 -11.31
N ASN D 98 9.88 28.84 -12.18
CA ASN D 98 10.51 28.64 -13.47
C ASN D 98 11.89 27.99 -13.35
N ASN D 99 12.16 27.05 -14.25
CA ASN D 99 13.46 26.38 -14.35
C ASN D 99 13.83 25.60 -13.09
N ALA D 100 12.84 25.20 -12.29
CA ALA D 100 13.11 24.56 -11.01
C ALA D 100 12.33 23.26 -10.91
N ASP D 101 12.86 22.33 -10.13
CA ASP D 101 12.28 20.99 -9.99
C ASP D 101 12.51 20.49 -8.58
N VAL D 102 11.78 19.43 -8.23
CA VAL D 102 11.93 18.79 -6.93
C VAL D 102 13.39 18.50 -6.64
N GLU D 103 13.83 18.89 -5.45
CA GLU D 103 15.16 18.55 -4.94
C GLU D 103 15.06 17.25 -4.14
N ILE D 104 16.20 16.56 -4.03
CA ILE D 104 16.33 15.46 -3.08
C ILE D 104 17.35 15.86 -2.02
N ARG D 105 16.89 15.89 -0.77
CA ARG D 105 17.78 15.92 0.38
C ARG D 105 18.30 14.52 0.67
N GLU D 106 19.56 14.44 1.08
CA GLU D 106 20.06 13.24 1.73
C GLU D 106 19.92 13.32 3.24
N GLY D 107 19.71 12.17 3.86
CA GLY D 107 19.63 12.05 5.31
C GLY D 107 20.41 10.85 5.80
N VAL D 108 21.09 10.99 6.94
CA VAL D 108 21.94 9.92 7.46
C VAL D 108 21.89 9.94 8.98
N GLY D 109 22.07 8.76 9.57
CA GLY D 109 22.25 8.63 11.01
C GLY D 109 23.71 8.45 11.35
N ILE D 110 24.14 9.13 12.41
CA ILE D 110 25.52 9.08 12.87
C ILE D 110 25.57 8.30 14.17
N ASP D 111 26.28 7.17 14.15
CA ASP D 111 26.47 6.36 15.34
C ASP D 111 27.16 7.19 16.41
N ARG D 112 26.49 7.37 17.55
CA ARG D 112 26.99 8.24 18.59
C ARG D 112 28.26 7.71 19.24
N HIS D 113 28.58 6.43 19.07
CA HIS D 113 29.85 5.91 19.58
C HIS D 113 30.99 6.16 18.59
N PHE D 114 30.85 5.65 17.37
CA PHE D 114 31.93 5.72 16.40
C PHE D 114 31.97 7.04 15.64
N GLY D 115 30.90 7.84 15.69
CA GLY D 115 30.89 9.08 14.94
C GLY D 115 30.75 8.91 13.45
N THR D 116 30.17 7.80 12.99
CA THR D 116 30.11 7.46 11.59
C THR D 116 28.70 7.02 11.23
N ALA D 117 28.43 6.95 9.93
CA ALA D 117 27.10 6.60 9.45
C ALA D 117 26.65 5.25 9.98
N ALA D 118 25.55 5.24 10.73
CA ALA D 118 25.04 4.02 11.33
C ALA D 118 24.41 3.10 10.28
N ASN D 119 24.69 1.81 10.41
CA ASN D 119 24.30 0.84 9.40
C ASN D 119 22.80 0.85 9.13
N GLY D 120 22.43 1.16 7.89
CA GLY D 120 21.06 1.18 7.45
C GLY D 120 20.32 2.49 7.67
N PHE D 121 20.80 3.34 8.58
CA PHE D 121 20.11 4.59 8.91
C PHE D 121 20.44 5.68 7.89
N LYS D 122 20.15 5.40 6.62
CA LYS D 122 20.27 6.37 5.55
C LYS D 122 18.95 6.51 4.81
N TYR D 123 18.62 7.73 4.39
CA TYR D 123 17.37 8.03 3.73
C TYR D 123 17.57 9.26 2.87
N SER D 124 16.61 9.49 1.96
CA SER D 124 16.82 10.46 0.87
C SER D 124 15.47 11.14 0.61
N ARG D 125 15.19 12.17 1.40
CA ARG D 125 13.89 12.83 1.37
C ARG D 125 13.79 13.78 0.18
N ALA D 126 12.75 13.61 -0.64
CA ALA D 126 12.40 14.60 -1.65
C ALA D 126 11.75 15.82 -1.01
N VAL D 127 12.03 17.00 -1.56
CA VAL D 127 11.47 18.24 -1.03
C VAL D 127 11.10 19.18 -2.18
N ILE D 128 10.03 19.93 -1.97
CA ILE D 128 9.69 21.09 -2.81
C ILE D 128 10.66 22.23 -2.50
N PRO D 129 11.30 22.84 -3.48
CA PRO D 129 12.26 23.90 -3.18
C PRO D 129 11.57 25.14 -2.63
N LYS D 130 12.31 25.86 -1.79
CA LYS D 130 11.84 27.11 -1.21
C LYS D 130 11.37 28.09 -2.29
N GLY D 131 10.32 28.83 -1.98
CA GLY D 131 9.77 29.82 -2.88
C GLY D 131 8.72 29.33 -3.85
N SER D 132 8.37 28.04 -3.80
CA SER D 132 7.20 27.57 -4.54
C SER D 132 5.93 28.16 -3.96
N LYS D 133 4.93 28.33 -4.83
CA LYS D 133 3.71 29.04 -4.51
C LYS D 133 2.51 28.11 -4.68
N PHE D 134 1.46 28.37 -3.92
CA PHE D 134 0.18 27.70 -4.14
C PHE D 134 -0.93 28.56 -3.55
N LYS D 135 -2.12 28.42 -4.12
CA LYS D 135 -3.26 29.25 -3.73
C LYS D 135 -3.77 28.88 -2.35
N LEU D 136 -4.00 29.89 -1.53
CA LEU D 136 -4.79 29.75 -0.31
C LEU D 136 -6.22 29.38 -0.66
N PRO D 137 -6.69 28.21 -0.28
CA PRO D 137 -7.92 27.67 -0.87
C PRO D 137 -9.11 27.70 0.07
N LEU D 138 -9.21 28.69 0.94
CA LEU D 138 -10.22 28.67 1.98
C LEU D 138 -11.55 29.23 1.48
N THR D 139 -12.63 28.69 2.04
CA THR D 139 -13.94 29.31 2.01
C THR D 139 -14.54 29.19 3.41
N PHE D 140 -15.34 30.18 3.80
CA PHE D 140 -15.98 30.12 5.10
C PHE D 140 -17.42 30.58 4.99
N ASP D 141 -18.31 29.86 5.68
CA ASP D 141 -19.74 30.15 5.73
C ASP D 141 -20.07 30.63 7.14
N SER D 142 -20.57 31.85 7.26
CA SER D 142 -20.95 32.40 8.55
C SER D 142 -22.47 32.40 8.67
N GLN D 143 -22.98 31.75 9.72
CA GLN D 143 -24.40 31.78 10.02
C GLN D 143 -24.80 32.99 10.85
N ASP D 144 -23.84 33.82 11.23
CA ASP D 144 -24.12 35.07 11.92
C ASP D 144 -23.20 36.15 11.38
N ASP D 145 -23.44 37.38 11.81
CA ASP D 145 -22.84 38.53 11.16
C ASP D 145 -21.36 38.66 11.55
N GLY D 146 -20.61 39.32 10.66
CA GLY D 146 -19.20 39.57 10.87
C GLY D 146 -18.33 38.37 10.55
N LEU D 147 -17.14 38.38 11.14
CA LEU D 147 -16.15 37.31 10.96
C LEU D 147 -15.67 36.85 12.32
N PRO D 148 -15.64 35.54 12.59
CA PRO D 148 -15.24 35.07 13.92
C PRO D 148 -13.85 35.55 14.29
N ASN D 149 -13.74 36.09 15.51
CA ASN D 149 -12.50 36.74 15.94
C ASN D 149 -11.32 35.79 15.91
N ALA D 150 -11.51 34.54 16.33
CA ALA D 150 -10.45 33.55 16.27
C ALA D 150 -10.00 33.27 14.84
N LEU D 151 -10.93 33.29 13.89
CA LEU D 151 -10.56 33.13 12.49
C LEU D 151 -9.74 34.32 11.99
N ILE D 152 -10.03 35.52 12.47
CA ILE D 152 -9.18 36.67 12.17
C ILE D 152 -7.77 36.44 12.68
N GLN D 153 -7.63 35.94 13.90
CA GLN D 153 -6.31 35.62 14.45
C GLN D 153 -5.56 34.64 13.57
N LEU D 154 -6.24 33.61 13.07
CA LEU D 154 -5.59 32.61 12.23
C LEU D 154 -4.98 33.22 10.98
N LEU D 155 -5.72 34.11 10.31
CA LEU D 155 -5.17 34.77 9.13
C LEU D 155 -3.95 35.62 9.46
N CYS D 156 -3.97 36.29 10.61
CA CYS D 156 -2.78 37.00 11.05
C CYS D 156 -1.60 36.05 11.27
N ALA D 157 -1.86 34.89 11.88
CA ALA D 157 -0.82 33.88 12.04
C ALA D 157 -0.26 33.41 10.70
N LEU D 158 -1.08 33.35 9.66
CA LEU D 158 -0.57 33.00 8.35
C LEU D 158 0.25 34.14 7.74
N GLU D 159 -0.20 35.38 7.90
CA GLU D 159 0.61 36.51 7.47
C GLU D 159 1.91 36.61 8.25
N ALA D 160 1.90 36.24 9.53
CA ALA D 160 3.14 36.14 10.29
C ALA D 160 3.99 34.96 9.86
N GLY D 161 3.41 34.01 9.13
CA GLY D 161 4.13 32.80 8.77
C GLY D 161 4.44 31.88 9.92
N ASP D 162 3.57 31.85 10.94
CA ASP D 162 3.84 31.10 12.15
C ASP D 162 3.39 29.64 12.09
N ILE D 163 2.65 29.25 11.07
CA ILE D 163 2.08 27.92 10.97
C ILE D 163 2.94 27.06 10.06
N ARG D 164 3.34 25.89 10.54
CA ARG D 164 4.14 24.95 9.78
C ARG D 164 3.27 23.85 9.18
N LEU D 165 3.69 23.34 8.03
CA LEU D 165 2.89 22.45 7.23
C LEU D 165 3.72 21.26 6.77
N GLY D 166 3.06 20.11 6.62
CA GLY D 166 3.71 18.94 6.08
C GLY D 166 4.59 18.19 7.07
N ALA D 167 5.49 17.38 6.52
CA ALA D 167 6.42 16.59 7.30
C ALA D 167 7.63 17.40 7.77
N ALA D 168 8.47 16.74 8.57
CA ALA D 168 9.80 17.24 8.95
C ALA D 168 9.76 18.60 9.61
N LYS D 169 8.67 18.90 10.32
CA LYS D 169 8.46 20.26 10.81
C LYS D 169 9.53 20.70 11.80
N THR D 170 10.04 19.76 12.59
CA THR D 170 11.08 20.09 13.58
C THR D 170 12.46 20.29 12.96
N ARG D 171 12.69 19.87 11.73
CA ARG D 171 14.03 19.52 11.30
C ARG D 171 14.38 20.13 9.96
N GLY D 172 13.85 21.33 9.68
CA GLY D 172 14.28 22.10 8.54
C GLY D 172 13.16 22.71 7.73
N LEU D 173 12.03 22.01 7.65
CA LEU D 173 11.08 22.15 6.56
C LEU D 173 9.77 22.75 7.05
N GLY D 174 8.83 22.90 6.13
CA GLY D 174 7.42 23.04 6.43
C GLY D 174 6.90 24.42 6.73
N ARG D 175 7.74 25.44 6.80
CA ARG D 175 7.26 26.78 7.10
C ARG D 175 6.63 27.40 5.85
N ILE D 176 5.50 28.09 6.03
CA ILE D 176 4.80 28.76 4.94
C ILE D 176 4.30 30.11 5.40
N LYS D 177 4.14 31.03 4.44
CA LYS D 177 3.67 32.38 4.71
C LYS D 177 2.62 32.77 3.68
N LEU D 178 1.67 33.60 4.11
CA LEU D 178 0.56 34.04 3.27
C LEU D 178 0.79 35.47 2.80
N ASP D 179 0.59 35.71 1.51
CA ASP D 179 0.61 37.04 0.94
C ASP D 179 -0.67 37.27 0.13
N ASP D 180 -0.88 38.53 -0.27
CA ASP D 180 -1.92 38.87 -1.24
C ASP D 180 -3.32 38.52 -0.74
N LEU D 181 -3.52 38.54 0.57
CA LEU D 181 -4.80 38.12 1.14
C LEU D 181 -5.94 39.02 0.66
N LYS D 182 -6.89 38.41 -0.06
CA LYS D 182 -8.12 39.07 -0.47
C LYS D 182 -9.30 38.34 0.15
N LEU D 183 -10.20 39.10 0.77
CA LEU D 183 -11.48 38.58 1.22
C LEU D 183 -12.60 39.02 0.28
N LYS D 184 -13.40 38.06 -0.18
CA LYS D 184 -14.63 38.33 -0.91
C LYS D 184 -15.83 37.92 -0.06
N SER D 185 -16.84 38.79 -0.01
CA SER D 185 -18.02 38.59 0.81
C SER D 185 -19.25 38.45 -0.08
N PHE D 186 -20.20 37.64 0.35
CA PHE D 186 -21.42 37.40 -0.41
C PHE D 186 -22.59 37.34 0.56
N ALA D 187 -23.47 38.33 0.50
CA ALA D 187 -24.62 38.42 1.41
C ALA D 187 -25.71 37.44 1.00
N LEU D 188 -25.39 36.15 1.07
CA LEU D 188 -26.27 35.11 0.55
C LEU D 188 -27.64 35.07 1.24
N ASP D 189 -27.81 35.75 2.37
CA ASP D 189 -29.14 35.94 2.94
C ASP D 189 -30.04 36.88 2.15
N LYS D 190 -29.55 37.58 1.14
CA LYS D 190 -30.33 38.62 0.49
C LYS D 190 -30.04 38.62 -1.00
N PRO D 191 -30.97 39.14 -1.82
CA PRO D 191 -30.88 38.92 -3.27
C PRO D 191 -29.62 39.48 -3.90
N GLU D 192 -29.19 40.67 -3.52
CA GLU D 192 -27.99 41.23 -4.13
C GLU D 192 -26.79 40.32 -3.89
N GLY D 193 -26.68 39.76 -2.69
CA GLY D 193 -25.59 38.84 -2.40
C GLY D 193 -25.60 37.59 -3.26
N ILE D 194 -26.73 36.90 -3.33
CA ILE D 194 -26.79 35.63 -4.06
C ILE D 194 -26.51 35.84 -5.54
N PHE D 195 -27.09 36.87 -6.15
CA PHE D 195 -26.77 37.16 -7.54
C PHE D 195 -25.33 37.63 -7.72
N SER D 196 -24.78 38.35 -6.75
CA SER D 196 -23.36 38.71 -6.84
C SER D 196 -22.49 37.46 -6.85
N ALA D 197 -22.82 36.48 -6.01
CA ALA D 197 -22.09 35.21 -6.03
C ALA D 197 -22.23 34.51 -7.37
N LEU D 198 -23.43 34.55 -7.96
CA LEU D 198 -23.64 33.87 -9.23
C LEU D 198 -22.98 34.59 -10.40
N LEU D 199 -22.84 35.93 -10.31
CA LEU D 199 -22.51 36.70 -11.51
C LEU D 199 -21.53 37.84 -11.29
N ASP D 200 -21.41 38.42 -10.11
CA ASP D 200 -20.64 39.65 -9.92
C ASP D 200 -19.43 39.49 -9.02
N GLN D 201 -19.16 38.28 -8.53
CA GLN D 201 -17.90 37.94 -7.88
C GLN D 201 -17.66 38.76 -6.61
N GLY D 202 -18.74 39.08 -5.89
CA GLY D 202 -18.64 39.43 -4.50
C GLY D 202 -18.29 40.89 -4.24
N LYS D 203 -18.59 41.31 -3.03
CA LYS D 203 -18.11 42.59 -2.50
C LYS D 203 -16.68 42.44 -2.02
N LYS D 204 -15.79 43.31 -2.53
CA LYS D 204 -14.44 43.36 -2.00
C LYS D 204 -14.48 43.86 -0.55
N LEU D 205 -13.60 43.30 0.29
CA LEU D 205 -13.33 43.84 1.60
C LEU D 205 -11.82 44.03 1.78
N ASP D 206 -11.44 45.15 2.39
CA ASP D 206 -10.04 45.37 2.75
C ASP D 206 -9.68 44.58 3.99
N TRP D 207 -8.46 44.03 4.00
CA TRP D 207 -7.97 43.29 5.15
C TRP D 207 -7.58 44.21 6.30
N ASN D 208 -7.03 45.38 5.98
CA ASN D 208 -6.42 46.23 7.00
C ASN D 208 -7.39 46.65 8.10
N GLN D 209 -8.65 46.92 7.74
CA GLN D 209 -9.65 47.25 8.74
C GLN D 209 -9.80 46.14 9.79
N LEU D 210 -10.01 44.91 9.34
CA LEU D 210 -10.20 43.80 10.28
C LEU D 210 -8.94 43.48 11.07
N LYS D 211 -7.76 43.64 10.47
CA LYS D 211 -6.52 43.45 11.20
C LYS D 211 -6.38 44.44 12.34
N ALA D 212 -6.79 45.70 12.13
CA ALA D 212 -6.72 46.69 13.21
C ALA D 212 -7.60 46.30 14.40
N ASN D 213 -8.66 45.53 14.17
CA ASN D 213 -9.59 45.18 15.24
C ASN D 213 -9.03 44.22 16.28
N VAL D 214 -7.89 43.57 16.02
CA VAL D 214 -7.39 42.56 16.94
C VAL D 214 -5.87 42.63 17.05
N THR D 215 -5.37 42.44 18.27
CA THR D 215 -3.95 42.24 18.52
C THR D 215 -3.56 40.80 18.20
N TYR D 216 -2.47 40.62 17.43
CA TYR D 216 -2.00 39.28 17.11
C TYR D 216 -1.47 38.60 18.37
N GLN D 217 -2.12 37.51 18.77
CA GLN D 217 -1.89 36.85 20.05
C GLN D 217 -0.96 35.64 19.83
N SER D 218 0.31 35.96 19.61
CA SER D 218 1.29 34.91 19.35
C SER D 218 1.44 34.01 20.57
N PRO D 219 1.55 32.70 20.39
CA PRO D 219 1.69 31.79 21.52
C PRO D 219 3.10 31.82 22.09
N PRO D 220 3.28 31.33 23.32
CA PRO D 220 4.61 31.32 23.96
C PRO D 220 5.67 30.63 23.13
N TYR D 221 6.73 31.34 22.77
CA TYR D 221 7.84 30.74 22.05
C TYR D 221 9.10 31.55 22.30
N LEU D 222 10.24 30.91 22.07
CA LEU D 222 11.53 31.57 22.14
C LEU D 222 12.20 31.47 20.77
N GLY D 223 12.51 32.63 20.18
CA GLY D 223 13.38 32.69 19.03
C GLY D 223 14.85 32.78 19.41
N ILE D 224 15.68 32.04 18.68
CA ILE D 224 17.12 32.06 18.86
C ILE D 224 17.76 32.33 17.52
N SER D 225 18.43 33.48 17.40
CA SER D 225 19.11 33.90 16.19
C SER D 225 20.61 33.84 16.43
N ILE D 226 21.31 33.06 15.62
CA ILE D 226 22.76 32.87 15.74
C ILE D 226 23.42 33.51 14.54
N THR D 227 24.30 34.47 14.78
CA THR D 227 25.05 35.15 13.74
C THR D 227 26.47 34.61 13.69
N TRP D 228 26.89 34.17 12.50
CA TRP D 228 28.03 33.29 12.38
C TRP D 228 28.64 33.44 11.00
N ASN D 229 29.86 32.93 10.86
CA ASN D 229 30.50 32.82 9.55
C ASN D 229 31.41 31.61 9.56
N PRO D 230 31.68 31.00 8.40
CA PRO D 230 32.73 29.99 8.32
C PRO D 230 34.09 30.56 8.70
N LYS D 231 34.77 29.87 9.62
CA LYS D 231 36.15 30.20 9.94
C LYS D 231 37.09 29.41 9.04
N ASP D 232 37.00 28.10 9.11
CA ASP D 232 37.42 27.19 8.06
C ASP D 232 36.26 26.97 7.10
N PRO D 233 36.50 26.45 5.90
CA PRO D 233 35.39 26.28 4.95
C PRO D 233 34.30 25.41 5.53
N VAL D 234 33.05 25.76 5.23
CA VAL D 234 31.90 25.01 5.71
C VAL D 234 31.03 24.64 4.52
N MET D 235 30.64 23.38 4.44
CA MET D 235 29.74 22.92 3.41
C MET D 235 29.10 21.61 3.85
N VAL D 236 27.93 21.33 3.30
CA VAL D 236 27.39 19.98 3.27
C VAL D 236 27.67 19.40 1.89
N LYS D 237 28.12 18.14 1.87
CA LYS D 237 28.51 17.52 0.60
C LYS D 237 27.29 17.36 -0.30
N ALA D 238 27.43 17.80 -1.55
CA ALA D 238 26.49 17.43 -2.60
C ALA D 238 26.40 15.92 -2.75
N GLU D 239 25.20 15.44 -2.99
CA GLU D 239 24.92 14.00 -2.96
C GLU D 239 25.45 13.25 -4.18
N GLY D 240 26.31 13.84 -5.00
CA GLY D 240 26.93 13.13 -6.09
C GLY D 240 28.20 13.81 -6.55
N ASP D 241 29.20 13.02 -6.95
CA ASP D 241 30.50 13.59 -7.28
C ASP D 241 30.47 14.26 -8.65
N GLY D 242 31.21 15.36 -8.76
CA GLY D 242 31.39 16.04 -10.02
C GLY D 242 32.39 15.34 -10.92
N LEU D 243 32.61 15.93 -12.09
CA LEU D 243 33.63 15.45 -13.01
C LEU D 243 34.97 16.15 -12.78
N ALA D 244 34.99 17.47 -12.89
CA ALA D 244 36.21 18.23 -12.62
C ALA D 244 36.57 18.18 -11.14
N ILE D 245 35.61 18.49 -10.27
CA ILE D 245 35.82 18.53 -8.83
C ILE D 245 35.04 17.39 -8.19
N ASP D 246 35.71 16.65 -7.31
CA ASP D 246 35.10 15.46 -6.73
C ASP D 246 34.05 15.82 -5.68
N ILE D 247 34.40 16.74 -4.78
CA ILE D 247 33.53 17.12 -3.67
C ILE D 247 33.02 18.52 -3.93
N LEU D 248 31.70 18.67 -4.00
CA LEU D 248 31.04 19.95 -4.26
C LEU D 248 30.13 20.34 -3.11
N PRO D 249 30.00 21.64 -2.83
CA PRO D 249 28.96 22.09 -1.90
C PRO D 249 27.57 21.74 -2.38
N LEU D 250 26.67 21.52 -1.43
CA LEU D 250 25.26 21.38 -1.75
C LEU D 250 24.66 22.75 -2.06
N VAL D 251 23.79 22.79 -3.06
CA VAL D 251 23.00 23.99 -3.34
C VAL D 251 21.53 23.65 -3.38
N SER D 252 20.70 24.64 -3.09
CA SER D 252 19.25 24.55 -3.23
C SER D 252 18.74 25.73 -4.05
N GLN D 253 17.66 25.49 -4.78
CA GLN D 253 16.89 26.59 -5.34
C GLN D 253 16.30 27.47 -4.26
N VAL D 254 16.33 28.78 -4.49
CA VAL D 254 15.62 29.74 -3.67
C VAL D 254 14.94 30.72 -4.61
N GLY D 255 13.66 30.50 -4.88
CA GLY D 255 12.95 31.22 -5.91
C GLY D 255 13.62 31.14 -7.27
N SER D 256 14.02 32.30 -7.81
CA SER D 256 14.67 32.33 -9.10
C SER D 256 16.05 31.67 -9.08
N ASP D 257 16.76 31.77 -7.97
CA ASP D 257 18.19 31.49 -7.92
C ASP D 257 18.48 30.20 -7.17
N VAL D 258 19.70 29.68 -7.36
CA VAL D 258 20.28 28.72 -6.43
C VAL D 258 21.17 29.43 -5.41
N ARG D 259 21.19 28.87 -4.21
CA ARG D 259 22.05 29.30 -3.12
C ARG D 259 22.67 28.07 -2.48
N PHE D 260 23.87 28.22 -1.92
CA PHE D 260 24.39 27.18 -1.06
C PHE D 260 23.48 27.02 0.14
N VAL D 261 23.43 25.81 0.70
CA VAL D 261 22.53 25.50 1.79
C VAL D 261 23.23 24.61 2.81
N ILE D 262 22.94 24.86 4.08
CA ILE D 262 23.11 23.89 5.16
C ILE D 262 21.73 23.48 5.62
N PRO D 263 21.32 22.22 5.47
CA PRO D 263 19.98 21.84 5.88
C PRO D 263 19.83 21.94 7.39
N GLY D 264 18.61 22.28 7.82
CA GLY D 264 18.33 22.34 9.24
C GLY D 264 18.64 21.04 9.95
N SER D 265 18.38 19.91 9.28
CA SER D 265 18.68 18.61 9.86
C SER D 265 20.15 18.50 10.29
N SER D 266 21.05 19.15 9.56
CA SER D 266 22.46 19.09 9.93
C SER D 266 22.74 19.92 11.18
N ILE D 267 22.16 21.11 11.27
CA ILE D 267 22.33 21.93 12.46
C ILE D 267 21.64 21.27 13.66
N LYS D 268 20.42 20.78 13.46
CA LYS D 268 19.75 20.00 14.51
C LYS D 268 20.60 18.83 14.97
N GLY D 269 21.14 18.07 14.03
CA GLY D 269 21.90 16.88 14.38
C GLY D 269 23.14 17.16 15.20
N ILE D 270 23.91 18.18 14.82
CA ILE D 270 25.11 18.49 15.59
C ILE D 270 24.76 19.04 16.96
N LEU D 271 23.68 19.82 17.06
CA LEU D 271 23.22 20.28 18.37
C LEU D 271 22.76 19.11 19.24
N ARG D 272 21.92 18.24 18.69
CA ARG D 272 21.53 17.04 19.42
C ARG D 272 22.73 16.21 19.85
N THR D 273 23.75 16.10 19.00
CA THR D 273 24.93 15.34 19.37
C THR D 273 25.60 15.92 20.60
N GLN D 274 25.83 17.24 20.59
CA GLN D 274 26.47 17.86 21.75
C GLN D 274 25.57 17.85 22.97
N ALA D 275 24.25 18.01 22.77
CA ALA D 275 23.32 17.89 23.89
C ALA D 275 23.40 16.51 24.53
N GLU D 276 23.32 15.46 23.71
CA GLU D 276 23.43 14.09 24.22
C GLU D 276 24.77 13.87 24.93
N ARG D 277 25.86 14.27 24.29
CA ARG D 277 27.18 14.10 24.88
C ARG D 277 27.26 14.72 26.27
N ILE D 278 26.72 15.93 26.44
CA ILE D 278 26.78 16.60 27.73
C ILE D 278 26.00 15.81 28.78
N ILE D 279 24.76 15.42 28.45
CA ILE D 279 23.93 14.65 29.38
C ILE D 279 24.63 13.37 29.81
N ARG D 280 25.05 12.55 28.85
CA ARG D 280 25.71 11.30 29.18
C ARG D 280 27.00 11.54 29.96
N THR D 281 27.72 12.62 29.66
CA THR D 281 28.94 12.93 30.40
C THR D 281 28.65 13.15 31.87
N ILE D 282 27.65 13.97 32.17
CA ILE D 282 27.26 14.22 33.55
C ILE D 282 26.84 12.93 34.25
N CYS D 283 26.07 12.09 33.56
CA CYS D 283 25.60 10.84 34.14
C CYS D 283 26.65 9.73 34.12
N GLN D 284 27.76 9.94 33.41
CA GLN D 284 28.70 8.87 33.07
C GLN D 284 28.00 7.65 32.48
N SER D 285 26.96 7.89 31.69
CA SER D 285 26.30 6.80 30.98
C SER D 285 27.16 6.36 29.80
N ASN D 286 26.75 5.27 29.16
CA ASN D 286 27.49 4.73 28.03
C ASN D 286 26.55 4.46 26.87
N GLY D 287 27.12 4.48 25.67
CA GLY D 287 26.38 4.12 24.47
C GLY D 287 27.13 3.10 23.63
N SER D 288 28.31 2.69 24.10
CA SER D 288 29.14 1.78 23.34
C SER D 288 28.44 0.46 23.07
N GLU D 289 27.49 0.08 23.93
CA GLU D 289 26.85 -1.22 23.90
C GLU D 289 25.43 -1.15 23.38
N LYS D 290 24.77 0.00 23.53
CA LYS D 290 23.47 0.22 22.92
C LYS D 290 23.60 0.31 21.41
N ASN D 291 22.57 -0.16 20.71
CA ASN D 291 22.41 0.16 19.30
C ASN D 291 22.11 1.64 19.11
N PHE D 292 22.20 2.07 17.84
CA PHE D 292 22.02 3.48 17.50
C PHE D 292 20.72 4.05 18.05
N LEU D 293 19.62 3.32 17.90
CA LEU D 293 18.33 3.83 18.39
C LEU D 293 18.33 4.03 19.90
N GLU D 294 18.90 3.09 20.65
CA GLU D 294 19.01 3.25 22.09
C GLU D 294 19.94 4.40 22.47
N GLN D 295 20.91 4.73 21.63
CA GLN D 295 21.75 5.89 21.91
C GLN D 295 20.97 7.19 21.85
N LEU D 296 19.95 7.28 20.99
CA LEU D 296 19.25 8.54 20.82
C LEU D 296 18.40 8.91 22.03
N ARG D 297 17.95 7.92 22.79
CA ARG D 297 16.83 8.08 23.71
C ARG D 297 17.36 8.35 25.12
N ILE D 298 17.59 9.63 25.43
CA ILE D 298 18.08 10.04 26.74
C ILE D 298 17.37 11.30 27.19
N ASN D 299 17.46 11.56 28.49
CA ASN D 299 16.64 12.56 29.16
C ASN D 299 16.96 13.98 28.71
N LEU D 300 15.93 14.84 28.76
CA LEU D 300 15.91 16.21 28.25
C LEU D 300 16.07 16.35 26.74
N VAL D 301 17.03 15.65 26.14
CA VAL D 301 17.10 15.65 24.68
C VAL D 301 15.86 14.98 24.09
N ASN D 302 15.30 13.97 24.77
CA ASN D 302 14.04 13.38 24.35
C ASN D 302 12.95 14.44 24.23
N GLU D 303 12.84 15.32 25.22
CA GLU D 303 11.81 16.35 25.19
C GLU D 303 12.13 17.46 24.19
N LEU D 304 13.38 17.92 24.16
CA LEU D 304 13.75 18.99 23.24
C LEU D 304 13.71 18.53 21.79
N PHE D 305 14.45 17.47 21.47
CA PHE D 305 14.64 17.04 20.10
C PHE D 305 13.70 15.94 19.66
N GLY D 306 12.93 15.36 20.57
CA GLY D 306 11.90 14.40 20.22
C GLY D 306 12.41 12.97 20.09
N SER D 307 11.46 12.05 19.99
CA SER D 307 11.73 10.62 19.96
C SER D 307 10.75 9.96 19.01
N ALA D 308 11.16 8.82 18.46
CA ALA D 308 10.34 8.10 17.49
C ALA D 308 9.11 7.52 18.14
N SER D 309 8.00 7.54 17.40
CA SER D 309 6.79 6.85 17.85
C SER D 309 7.02 5.35 17.96
N LEU D 310 6.80 4.83 19.17
CA LEU D 310 7.14 3.46 19.51
C LEU D 310 6.13 3.05 20.59
N SER D 311 5.06 2.38 20.16
CA SER D 311 4.04 1.92 21.08
C SER D 311 4.56 0.79 21.96
N GLN D 312 4.46 0.99 23.28
CA GLN D 312 4.92 0.03 24.27
C GLN D 312 3.80 -0.23 25.26
N LYS D 313 3.50 -1.50 25.50
CA LYS D 313 2.68 -1.89 26.65
C LYS D 313 3.39 -1.59 27.97
N ILE D 319 1.49 2.48 25.94
CA ILE D 319 1.92 3.88 25.96
C ILE D 319 2.85 4.16 24.79
N ASP D 320 2.87 5.42 24.35
CA ASP D 320 3.75 5.85 23.27
C ASP D 320 4.92 6.64 23.84
N LEU D 321 6.14 6.16 23.58
CA LEU D 321 7.34 6.89 23.97
C LEU D 321 7.64 8.03 23.01
N GLY D 322 7.00 8.06 21.84
CA GLY D 322 7.29 9.07 20.83
C GLY D 322 6.60 10.38 21.11
N LYS D 323 7.34 11.48 20.92
CA LYS D 323 6.76 12.80 20.96
C LYS D 323 7.58 13.74 20.10
N ILE D 324 6.89 14.72 19.49
CA ILE D 324 7.53 15.64 18.57
C ILE D 324 8.55 16.49 19.29
N GLY D 325 9.68 16.75 18.64
CA GLY D 325 10.69 17.62 19.21
C GLY D 325 10.19 19.05 19.33
N ALA D 326 10.28 19.60 20.54
CA ALA D 326 9.90 20.98 20.79
C ALA D 326 10.88 22.00 20.23
N LEU D 327 12.08 21.59 19.84
CA LEU D 327 13.05 22.47 19.20
C LEU D 327 13.03 22.29 17.69
N ALA D 328 13.00 23.40 16.96
CA ALA D 328 13.02 23.39 15.51
C ALA D 328 14.18 24.25 15.00
N VAL D 329 14.65 23.94 13.79
CA VAL D 329 15.78 24.63 13.18
C VAL D 329 15.46 24.88 11.71
N ASN D 330 15.80 26.06 11.22
CA ASN D 330 15.61 26.40 9.82
C ASN D 330 16.81 26.00 8.98
N ASP D 331 16.56 25.73 7.71
CA ASP D 331 17.61 25.74 6.70
C ASP D 331 18.34 27.07 6.70
N CYS D 332 19.64 27.02 6.43
CA CYS D 332 20.48 28.21 6.34
C CYS D 332 21.06 28.29 4.94
N PHE D 333 21.02 29.48 4.34
CA PHE D 333 21.44 29.68 2.97
C PHE D 333 22.57 30.68 2.90
N SER D 334 23.40 30.55 1.86
CA SER D 334 24.43 31.53 1.58
C SER D 334 23.85 32.89 1.22
N SER D 335 24.53 33.95 1.67
CA SER D 335 24.22 35.28 1.18
C SER D 335 24.46 35.39 -0.32
N LEU D 336 25.44 34.63 -0.84
CA LEU D 336 25.66 34.55 -2.28
C LEU D 336 24.52 33.77 -2.93
N SER D 337 24.23 34.11 -4.19
CA SER D 337 23.33 33.31 -5.00
C SER D 337 23.85 33.26 -6.43
N MET D 338 23.29 32.33 -7.20
CA MET D 338 23.65 32.13 -8.60
C MET D 338 22.40 31.77 -9.39
N THR D 339 22.43 32.03 -10.68
CA THR D 339 21.42 31.47 -11.57
C THR D 339 21.63 29.95 -11.68
N PRO D 340 20.56 29.22 -11.99
CA PRO D 340 20.70 27.75 -12.06
C PRO D 340 21.69 27.26 -13.10
N ASP D 341 21.73 27.89 -14.27
CA ASP D 341 22.69 27.49 -15.30
C ASP D 341 24.13 27.79 -14.92
N GLN D 342 24.38 28.90 -14.22
CA GLN D 342 25.72 29.20 -13.75
C GLN D 342 26.28 28.07 -12.88
N TRP D 343 25.49 27.56 -11.94
CA TRP D 343 25.95 26.43 -11.14
C TRP D 343 26.10 25.16 -11.97
N LYS D 344 25.18 24.92 -12.90
CA LYS D 344 25.34 23.79 -13.80
C LYS D 344 26.65 23.85 -14.57
N ALA D 345 27.13 25.05 -14.89
CA ALA D 345 28.43 25.18 -15.53
C ALA D 345 29.58 24.73 -14.64
N VAL D 346 29.43 24.85 -13.32
CA VAL D 346 30.43 24.28 -12.42
C VAL D 346 30.30 22.77 -12.33
N GLU D 347 29.07 22.27 -12.16
CA GLU D 347 28.89 20.83 -12.03
C GLU D 347 29.34 20.09 -13.28
N ASN D 348 29.15 20.69 -14.44
CA ASN D 348 29.47 20.03 -15.70
C ASN D 348 30.89 20.29 -16.19
N ALA D 349 31.66 21.10 -15.46
CA ALA D 349 33.05 21.33 -15.85
C ALA D 349 33.85 20.04 -15.78
N THR D 350 34.89 19.96 -16.61
CA THR D 350 35.71 18.76 -16.71
C THR D 350 37.18 18.98 -16.41
N GLU D 351 37.72 20.18 -16.63
CA GLU D 351 39.14 20.44 -16.46
C GLU D 351 39.34 21.52 -15.41
N MET D 352 40.07 21.18 -14.35
CA MET D 352 40.27 22.12 -13.25
C MET D 352 41.11 23.31 -13.69
N THR D 353 42.04 23.10 -14.62
CA THR D 353 42.80 24.19 -15.22
C THR D 353 42.03 24.89 -16.33
N GLY D 354 40.91 24.32 -16.77
CA GLY D 354 40.25 24.77 -17.99
C GLY D 354 38.85 25.30 -17.74
N ASN D 355 37.86 24.70 -18.40
CA ASN D 355 36.50 25.23 -18.41
C ASN D 355 35.94 25.47 -17.02
N LEU D 356 36.50 24.82 -15.98
CA LEU D 356 36.09 25.13 -14.62
C LEU D 356 36.34 26.58 -14.27
N GLN D 357 37.43 27.16 -14.76
CA GLN D 357 37.82 28.49 -14.30
C GLN D 357 36.88 29.57 -14.81
N PRO D 358 36.46 29.56 -16.09
CA PRO D 358 35.33 30.41 -16.48
C PRO D 358 34.10 30.24 -15.61
N ALA D 359 33.69 28.99 -15.37
CA ALA D 359 32.46 28.73 -14.61
C ALA D 359 32.54 29.28 -13.19
N LEU D 360 33.70 29.14 -12.54
CA LEU D 360 33.85 29.68 -11.19
C LEU D 360 33.92 31.20 -11.21
N LYS D 361 34.62 31.77 -12.20
CA LYS D 361 34.63 33.22 -12.34
C LYS D 361 33.23 33.76 -12.55
N GLN D 362 32.44 33.09 -13.40
CA GLN D 362 31.03 33.44 -13.55
C GLN D 362 30.26 33.25 -12.25
N ALA D 363 30.31 32.06 -11.68
CA ALA D 363 29.44 31.72 -10.56
C ALA D 363 29.71 32.59 -9.33
N THR D 364 30.98 32.87 -9.06
CA THR D 364 31.30 33.79 -7.97
C THR D 364 30.97 35.24 -8.30
N GLY D 365 30.55 35.52 -9.53
CA GLY D 365 30.28 36.89 -9.93
C GLY D 365 31.49 37.77 -10.13
N TYR D 366 32.66 37.19 -10.37
CA TYR D 366 33.84 37.96 -10.79
C TYR D 366 34.37 37.45 -12.13
N PRO D 367 33.56 37.57 -13.19
CA PRO D 367 34.01 37.08 -14.51
C PRO D 367 35.33 37.68 -14.97
N ASN D 368 35.73 38.80 -14.39
CA ASN D 368 36.95 39.51 -14.80
C ASN D 368 38.18 39.12 -14.00
N ASN D 369 38.03 38.47 -12.84
CA ASN D 369 39.12 38.45 -11.84
C ASN D 369 39.09 37.09 -11.15
N ILE D 370 39.97 36.20 -11.60
CA ILE D 370 40.07 34.84 -11.05
C ILE D 370 40.43 34.87 -9.56
N SER D 371 41.26 35.82 -9.16
CA SER D 371 41.72 35.86 -7.77
C SER D 371 40.56 36.12 -6.80
N GLN D 372 39.65 37.02 -7.17
CA GLN D 372 38.46 37.23 -6.34
C GLN D 372 37.54 36.03 -6.35
N ALA D 373 37.37 35.38 -7.50
CA ALA D 373 36.63 34.12 -7.55
C ALA D 373 37.20 33.09 -6.57
N TYR D 374 38.52 32.93 -6.56
CA TYR D 374 39.13 31.91 -5.72
C TYR D 374 39.31 32.33 -4.27
N LYS D 375 39.15 33.61 -3.96
CA LYS D 375 38.92 33.99 -2.56
C LYS D 375 37.53 33.60 -2.06
N VAL D 376 36.61 33.24 -2.97
CA VAL D 376 35.27 32.81 -2.58
C VAL D 376 35.18 31.29 -2.64
N LEU D 377 35.31 30.74 -3.85
CA LEU D 377 35.33 29.29 -4.04
C LEU D 377 36.71 28.88 -4.51
N GLN D 378 37.41 28.08 -3.72
CA GLN D 378 38.78 27.70 -4.02
C GLN D 378 38.90 26.20 -4.20
N PRO D 379 39.17 25.71 -5.41
CA PRO D 379 39.44 24.28 -5.58
C PRO D 379 40.77 23.91 -4.95
N ALA D 380 40.87 22.66 -4.50
CA ALA D 380 42.04 22.19 -3.79
C ALA D 380 42.22 20.71 -4.07
N MET D 381 43.46 20.26 -4.04
CA MET D 381 43.83 18.88 -4.29
C MET D 381 44.28 18.20 -3.00
N HIS D 382 43.96 16.91 -2.88
CA HIS D 382 44.39 16.11 -1.74
C HIS D 382 44.91 14.77 -2.25
N VAL D 383 45.84 14.18 -1.49
CA VAL D 383 46.45 12.90 -1.85
C VAL D 383 46.70 12.08 -0.59
N ALA D 384 46.62 10.76 -0.74
CA ALA D 384 47.08 9.82 0.28
C ALA D 384 48.50 9.39 -0.04
N VAL D 385 49.39 9.54 0.94
CA VAL D 385 50.81 9.25 0.74
C VAL D 385 51.12 7.86 1.25
N ASP D 386 51.60 6.99 0.36
CA ASP D 386 52.00 5.64 0.72
C ASP D 386 53.20 5.68 1.66
N ARG D 387 53.10 4.95 2.79
CA ARG D 387 54.09 5.12 3.86
C ARG D 387 55.47 4.58 3.51
N TRP D 388 55.59 3.73 2.48
CA TRP D 388 56.92 3.26 2.05
C TRP D 388 57.53 4.17 1.02
N THR D 389 56.75 4.54 0.01
CA THR D 389 57.29 5.19 -1.17
C THR D 389 57.27 6.70 -1.06
N GLY D 390 56.29 7.26 -0.36
CA GLY D 390 55.93 8.65 -0.58
C GLY D 390 55.28 8.81 -1.94
N GLY D 391 54.83 10.03 -2.21
CA GLY D 391 54.00 10.27 -3.37
C GLY D 391 52.65 9.61 -3.27
N ALA D 392 51.76 9.91 -4.21
CA ALA D 392 50.37 9.50 -4.09
C ALA D 392 50.24 7.98 -4.15
N ALA D 393 49.49 7.43 -3.21
CA ALA D 393 48.98 6.07 -3.34
C ALA D 393 48.09 5.97 -4.58
N GLU D 394 48.29 4.90 -5.34
CA GLU D 394 47.60 4.73 -6.62
C GLU D 394 46.10 4.90 -6.47
N GLY D 395 45.54 5.80 -7.28
CA GLY D 395 44.12 6.08 -7.25
C GLY D 395 43.66 7.05 -6.19
N MET D 396 44.47 7.33 -5.16
CA MET D 396 44.08 8.19 -4.06
C MET D 396 44.37 9.66 -4.33
N LEU D 397 43.95 10.17 -5.50
CA LEU D 397 44.01 11.58 -5.81
C LEU D 397 42.60 12.15 -5.93
N TYR D 398 42.31 13.20 -5.18
CA TYR D 398 40.95 13.74 -5.13
C TYR D 398 41.01 15.21 -4.77
N SER D 399 39.90 15.90 -5.03
CA SER D 399 39.89 17.36 -5.02
C SER D 399 38.58 17.85 -4.43
N VAL D 400 38.63 19.03 -3.82
CA VAL D 400 37.48 19.63 -3.15
C VAL D 400 37.29 21.04 -3.69
N LEU D 401 36.03 21.46 -3.84
CA LEU D 401 35.68 22.86 -4.05
C LEU D 401 35.33 23.49 -2.70
N GLU D 402 36.34 24.07 -2.06
CA GLU D 402 36.16 24.60 -0.72
C GLU D 402 35.50 25.97 -0.76
N PRO D 403 34.33 26.16 -0.16
CA PRO D 403 33.64 27.46 -0.18
C PRO D 403 34.21 28.44 0.85
N ILE D 404 35.55 28.56 0.87
CA ILE D 404 36.28 29.29 1.90
C ILE D 404 35.67 30.65 2.20
N GLY D 405 35.17 31.36 1.18
CA GLY D 405 34.66 32.70 1.39
C GLY D 405 33.17 32.91 1.31
N VAL D 406 32.36 31.86 1.19
CA VAL D 406 30.92 32.02 1.10
C VAL D 406 30.37 32.54 2.42
N THR D 407 29.69 33.68 2.36
CA THR D 407 29.05 34.25 3.54
C THR D 407 27.65 33.66 3.71
N TRP D 408 27.24 33.52 4.97
CA TRP D 408 26.01 32.80 5.30
C TRP D 408 25.10 33.70 6.12
N GLU D 409 23.79 33.48 5.98
CA GLU D 409 22.84 34.21 6.80
C GLU D 409 22.82 33.66 8.22
N PRO D 410 22.35 34.46 9.19
CA PRO D 410 22.20 33.97 10.56
C PRO D 410 21.27 32.78 10.69
N ILE D 411 21.71 31.78 11.45
CA ILE D 411 20.92 30.59 11.72
C ILE D 411 19.76 30.94 12.66
N GLN D 412 18.55 30.52 12.29
CA GLN D 412 17.38 30.69 13.14
C GLN D 412 17.07 29.35 13.81
N VAL D 413 17.20 29.31 15.13
CA VAL D 413 16.70 28.20 15.95
C VAL D 413 15.45 28.68 16.68
N HIS D 414 14.41 27.84 16.67
CA HIS D 414 13.09 28.22 17.14
C HIS D 414 12.60 27.20 18.15
N LEU D 415 12.41 27.62 19.39
CA LEU D 415 12.08 26.72 20.49
C LEU D 415 10.62 26.94 20.88
N ASP D 416 9.83 25.88 20.79
CA ASP D 416 8.42 25.88 21.20
C ASP D 416 8.32 25.70 22.71
N ILE D 417 8.30 26.82 23.44
CA ILE D 417 8.10 26.77 24.89
C ILE D 417 6.75 26.15 25.25
N ALA D 418 5.71 26.46 24.46
CA ALA D 418 4.39 25.90 24.72
C ALA D 418 4.38 24.38 24.67
N ARG D 419 5.03 23.79 23.67
CA ARG D 419 5.07 22.34 23.55
C ARG D 419 5.80 21.68 24.71
N LEU D 420 6.88 22.29 25.18
CA LEU D 420 7.54 21.81 26.40
C LEU D 420 6.62 21.88 27.61
N LYS D 421 5.86 22.98 27.75
CA LYS D 421 4.96 23.10 28.89
C LYS D 421 3.95 21.97 28.95
N ASN D 422 3.42 21.55 27.80
CA ASN D 422 2.59 20.34 27.76
C ASN D 422 3.36 19.11 28.24
N TYR D 423 4.58 18.92 27.74
CA TYR D 423 5.36 17.75 28.18
C TYR D 423 5.67 17.78 29.67
N TYR D 424 5.74 18.96 30.29
CA TYR D 424 5.91 19.05 31.73
C TYR D 424 4.61 19.34 32.46
N HIS D 425 3.47 19.10 31.81
CA HIS D 425 2.16 19.13 32.48
C HIS D 425 1.89 20.47 33.14
N GLY D 426 2.42 21.55 32.57
CA GLY D 426 2.24 22.87 33.11
C GLY D 426 3.19 23.29 34.22
N LYS D 427 4.06 22.40 34.70
CA LYS D 427 4.94 22.75 35.81
C LYS D 427 6.08 23.62 35.29
N GLU D 428 5.78 24.91 35.10
CA GLU D 428 6.68 25.80 34.40
C GLU D 428 8.06 25.87 35.06
N GLU D 429 8.14 25.65 36.37
CA GLU D 429 9.43 25.54 37.03
C GLU D 429 10.31 24.47 36.40
N LYS D 430 9.71 23.35 36.01
CA LYS D 430 10.45 22.22 35.44
C LYS D 430 10.91 22.48 34.01
N LEU D 431 10.58 23.64 33.43
CA LEU D 431 11.25 24.09 32.22
C LEU D 431 12.73 24.38 32.47
N LYS D 432 13.08 24.85 33.67
CA LYS D 432 14.41 25.39 33.91
C LYS D 432 15.55 24.48 33.48
N PRO D 433 15.55 23.18 33.77
CA PRO D 433 16.73 22.37 33.40
C PRO D 433 16.89 22.21 31.90
N ALA D 434 15.79 22.02 31.17
CA ALA D 434 15.89 21.90 29.71
C ALA D 434 16.38 23.20 29.08
N ILE D 435 15.86 24.34 29.56
CA ILE D 435 16.40 25.63 29.13
C ILE D 435 17.87 25.73 29.48
N ALA D 436 18.26 25.28 30.67
CA ALA D 436 19.66 25.33 31.08
C ALA D 436 20.54 24.52 30.15
N LEU D 437 20.10 23.31 29.80
CA LEU D 437 20.85 22.48 28.85
C LEU D 437 21.02 23.19 27.52
N LEU D 438 19.96 23.82 27.01
CA LEU D 438 20.04 24.49 25.72
C LEU D 438 21.07 25.62 25.73
N LEU D 439 21.12 26.40 26.81
CA LEU D 439 22.16 27.41 26.94
C LEU D 439 23.55 26.80 26.98
N LEU D 440 23.71 25.63 27.59
CA LEU D 440 24.99 24.94 27.53
C LEU D 440 25.34 24.51 26.12
N VAL D 441 24.37 23.98 25.38
CA VAL D 441 24.58 23.63 23.98
C VAL D 441 25.06 24.86 23.19
N LEU D 442 24.39 26.00 23.39
CA LEU D 442 24.78 27.21 22.69
C LEU D 442 26.14 27.73 23.16
N ARG D 443 26.45 27.59 24.45
CA ARG D 443 27.76 28.00 24.94
C ARG D 443 28.88 27.24 24.25
N ASP D 444 28.71 25.93 24.07
CA ASP D 444 29.73 25.14 23.38
C ASP D 444 29.79 25.50 21.90
N LEU D 445 28.63 25.71 21.27
CA LEU D 445 28.61 26.15 19.88
C LEU D 445 29.39 27.44 19.68
N ALA D 446 29.13 28.44 20.53
CA ALA D 446 29.85 29.70 20.41
C ALA D 446 31.34 29.54 20.68
N ASN D 447 31.73 28.57 21.51
CA ASN D 447 33.13 28.25 21.72
C ASN D 447 33.75 27.40 20.62
N LYS D 448 33.15 27.39 19.42
CA LYS D 448 33.64 26.66 18.26
C LYS D 448 33.71 25.15 18.49
N LYS D 449 33.21 24.64 19.62
CA LYS D 449 33.42 23.23 19.92
C LYS D 449 32.60 22.33 19.01
N ILE D 450 31.54 22.85 18.42
CA ILE D 450 30.67 22.06 17.55
C ILE D 450 31.04 22.40 16.10
N PRO D 451 31.68 21.51 15.36
CA PRO D 451 31.81 21.71 13.92
C PRO D 451 30.52 21.36 13.19
N VAL D 452 30.42 21.86 11.96
CA VAL D 452 29.22 21.65 11.15
C VAL D 452 29.61 21.21 9.75
N GLY D 453 28.77 20.37 9.15
CA GLY D 453 28.95 19.94 7.78
C GLY D 453 29.94 18.80 7.58
N TYR D 454 30.41 18.70 6.34
CA TYR D 454 31.36 17.69 5.90
C TYR D 454 32.78 17.98 6.38
N GLY D 455 33.58 16.92 6.44
CA GLY D 455 35.01 17.08 6.59
C GLY D 455 35.48 17.64 7.92
N THR D 456 34.73 17.41 8.99
CA THR D 456 34.99 18.13 10.24
C THR D 456 36.35 17.79 10.84
N ASN D 457 36.86 16.58 10.61
CA ASN D 457 38.20 16.24 11.06
C ASN D 457 39.28 16.52 10.02
N ARG D 458 38.95 17.16 8.91
CA ARG D 458 39.84 17.27 7.76
C ARG D 458 39.91 18.71 7.28
N GLY D 459 39.94 19.64 8.22
CA GLY D 459 40.17 21.04 7.91
C GLY D 459 38.96 21.81 7.44
N MET D 460 37.76 21.41 7.86
CA MET D 460 36.55 22.11 7.47
C MET D 460 35.60 22.17 8.67
N GLY D 461 34.60 23.04 8.55
CA GLY D 461 33.43 22.97 9.42
C GLY D 461 33.47 23.77 10.70
N THR D 462 34.59 24.41 11.03
CA THR D 462 34.67 25.17 12.28
C THR D 462 34.15 26.58 12.05
N ILE D 463 33.23 27.02 12.91
CA ILE D 463 32.52 28.28 12.69
C ILE D 463 32.73 29.21 13.89
N THR D 464 32.79 30.50 13.58
CA THR D 464 32.74 31.55 14.60
C THR D 464 31.29 31.97 14.78
N VAL D 465 30.89 32.19 16.03
CA VAL D 465 29.63 32.86 16.33
C VAL D 465 29.93 34.26 16.84
N SER D 466 29.40 35.26 16.16
CA SER D 466 29.56 36.66 16.55
C SER D 466 28.47 37.14 17.50
N GLN D 467 27.26 36.59 17.39
CA GLN D 467 26.11 37.12 18.11
C GLN D 467 25.04 36.05 18.20
N ILE D 468 24.44 35.93 19.39
CA ILE D 468 23.24 35.14 19.60
C ILE D 468 22.15 36.08 20.08
N THR D 469 21.01 36.08 19.40
CA THR D 469 19.85 36.88 19.80
C THR D 469 18.76 35.96 20.32
N LEU D 470 18.36 36.18 21.57
CA LEU D 470 17.28 35.44 22.20
C LEU D 470 16.05 36.34 22.28
N ASN D 471 14.92 35.84 21.78
CA ASN D 471 13.72 36.65 21.63
C ASN D 471 12.53 35.83 22.11
N GLY D 472 12.20 35.96 23.39
CA GLY D 472 11.06 35.26 23.97
C GLY D 472 9.80 36.09 23.87
N LYS D 473 8.72 35.46 23.42
CA LYS D 473 7.39 36.06 23.40
C LYS D 473 6.46 35.29 24.34
N ALA D 474 5.72 36.02 25.15
CA ALA D 474 4.77 35.45 26.11
C ALA D 474 5.44 34.40 27.00
N LEU D 475 6.67 34.68 27.40
CA LEU D 475 7.39 33.78 28.29
C LEU D 475 6.72 33.74 29.66
N PRO D 476 6.89 32.66 30.41
CA PRO D 476 6.69 32.73 31.86
C PRO D 476 7.69 33.69 32.48
N THR D 477 7.21 34.45 33.48
CA THR D 477 7.94 35.63 33.95
C THR D 477 9.32 35.26 34.48
N GLU D 478 9.46 34.08 35.09
CA GLU D 478 10.75 33.64 35.60
C GLU D 478 11.79 33.44 34.50
N LEU D 479 11.36 33.36 33.24
CA LEU D 479 12.26 33.25 32.10
C LEU D 479 12.47 34.56 31.35
N GLU D 480 11.82 35.65 31.77
CA GLU D 480 11.96 36.93 31.08
C GLU D 480 13.39 37.39 30.82
N PRO D 481 14.38 37.16 31.70
CA PRO D 481 15.75 37.63 31.39
C PRO D 481 16.34 37.06 30.11
N LEU D 482 15.73 36.04 29.52
CA LEU D 482 16.20 35.53 28.24
C LEU D 482 16.18 36.60 27.14
N ASN D 483 15.27 37.56 27.21
CA ASN D 483 15.17 38.58 26.17
C ASN D 483 16.42 39.45 26.21
N LYS D 484 17.38 39.13 25.35
CA LYS D 484 18.74 39.63 25.45
C LYS D 484 19.44 39.38 24.12
N THR D 485 20.52 40.13 23.88
CA THR D 485 21.47 39.80 22.83
C THR D 485 22.83 39.55 23.47
N MET D 486 23.46 38.44 23.09
CA MET D 486 24.70 38.00 23.69
C MET D 486 25.85 38.04 22.68
N THR D 487 27.00 38.54 23.13
CA THR D 487 28.21 38.49 22.33
C THR D 487 29.38 37.88 23.08
N CYS D 488 29.25 37.67 24.38
CA CYS D 488 30.19 36.84 25.13
C CYS D 488 29.91 35.36 24.85
N PRO D 489 30.91 34.58 24.46
CA PRO D 489 30.68 33.13 24.29
C PRO D 489 30.26 32.44 25.56
N ASN D 490 30.69 32.93 26.73
CA ASN D 490 30.29 32.36 28.00
C ASN D 490 28.95 32.86 28.51
N LEU D 491 28.19 33.59 27.67
CA LEU D 491 26.83 34.01 27.96
C LEU D 491 26.74 34.91 29.19
N THR D 492 27.85 35.51 29.61
CA THR D 492 27.84 36.41 30.75
C THR D 492 27.05 37.68 30.50
N ASP D 493 26.60 37.91 29.27
CA ASP D 493 25.65 38.98 29.00
C ASP D 493 24.28 38.69 29.59
N LEU D 494 23.93 37.43 29.79
CA LEU D 494 22.77 37.09 30.60
C LEU D 494 23.03 37.34 32.08
N ASP D 495 21.96 37.74 32.78
CA ASP D 495 22.07 38.19 34.16
C ASP D 495 22.59 37.07 35.07
N GLU D 496 23.55 37.41 35.92
CA GLU D 496 24.20 36.42 36.77
C GLU D 496 23.20 35.76 37.71
N ALA D 497 22.29 36.55 38.29
CA ALA D 497 21.25 35.99 39.14
C ALA D 497 20.37 34.99 38.38
N PHE D 498 20.04 35.30 37.12
CA PHE D 498 19.27 34.36 36.32
C PHE D 498 20.07 33.10 36.00
N ARG D 499 21.33 33.26 35.60
CA ARG D 499 22.20 32.11 35.38
C ARG D 499 22.40 31.31 36.66
N GLN D 500 22.42 31.97 37.81
CA GLN D 500 22.55 31.26 39.08
C GLN D 500 21.28 30.46 39.40
N ASP D 501 20.12 31.04 39.13
CA ASP D 501 18.85 30.33 39.28
C ASP D 501 18.83 29.06 38.46
N LEU D 502 19.05 29.17 37.14
CA LEU D 502 19.12 28.00 36.29
C LEU D 502 20.21 27.03 36.75
N SER D 503 21.37 27.54 37.16
CA SER D 503 22.43 26.67 37.67
C SER D 503 21.99 25.90 38.90
N THR D 504 21.12 26.50 39.73
CA THR D 504 20.61 25.78 40.89
C THR D 504 19.65 24.67 40.46
N ALA D 505 18.64 25.01 39.65
CA ALA D 505 17.73 24.01 39.13
C ALA D 505 18.45 22.94 38.31
N TRP D 506 19.53 23.32 37.61
CA TRP D 506 20.31 22.34 36.86
C TRP D 506 21.02 21.36 37.79
N LYS D 507 21.75 21.88 38.77
CA LYS D 507 22.40 21.02 39.74
C LYS D 507 21.40 20.14 40.51
N GLU D 508 20.21 20.68 40.80
CA GLU D 508 19.17 19.89 41.45
C GLU D 508 18.70 18.75 40.58
N TRP D 509 18.63 18.96 39.26
CA TRP D 509 18.24 17.87 38.38
C TRP D 509 19.39 16.88 38.14
N ILE D 510 20.62 17.38 38.05
CA ILE D 510 21.79 16.49 37.94
C ILE D 510 21.84 15.53 39.11
N ALA D 511 21.48 16.00 40.31
CA ALA D 511 21.53 15.15 41.50
C ALA D 511 20.51 14.00 41.45
N ASP D 512 19.48 14.09 40.61
CA ASP D 512 18.50 13.02 40.47
C ASP D 512 17.86 13.08 39.10
N PRO D 513 18.54 12.55 38.08
CA PRO D 513 18.14 12.83 36.68
C PRO D 513 16.94 11.99 36.24
N ILE D 514 15.83 12.14 36.95
CA ILE D 514 14.59 11.46 36.60
C ILE D 514 14.16 11.81 35.17
N ASP D 515 13.31 10.97 34.61
CA ASP D 515 12.58 11.29 33.39
C ASP D 515 11.59 12.41 33.66
N LEU D 516 12.06 13.66 33.55
CA LEU D 516 11.32 14.81 34.07
C LEU D 516 9.96 14.97 33.41
N CYS D 517 9.80 14.51 32.16
CA CYS D 517 8.51 14.59 31.51
C CYS D 517 7.49 13.60 32.05
N GLN D 518 7.89 12.71 32.95
CA GLN D 518 6.94 11.90 33.70
C GLN D 518 6.49 12.67 34.94
N GLN D 519 5.20 13.02 34.98
CA GLN D 519 4.61 13.61 36.18
C GLN D 519 4.47 12.57 37.29
N SER E 112 83.29 15.01 -1.64
CA SER E 112 82.49 14.92 -0.42
C SER E 112 81.62 13.67 -0.45
N ASN E 113 81.29 13.14 0.73
CA ASN E 113 80.20 12.19 0.85
C ASN E 113 78.87 12.93 0.89
N PHE E 114 77.79 12.17 0.74
CA PHE E 114 76.45 12.75 0.79
C PHE E 114 75.50 11.78 1.49
N HIS E 115 74.36 12.33 1.93
CA HIS E 115 73.28 11.57 2.51
C HIS E 115 72.15 11.45 1.49
N ASN E 116 71.61 10.25 1.34
CA ASN E 116 70.39 10.10 0.57
C ASN E 116 69.26 10.88 1.24
N PRO E 117 68.48 11.66 0.49
CA PRO E 117 67.51 12.57 1.13
C PRO E 117 66.35 11.89 1.82
N TYR E 118 66.21 10.57 1.71
CA TYR E 118 65.21 9.84 2.49
C TYR E 118 65.83 8.66 3.21
N ASN E 119 65.22 8.30 4.34
CA ASN E 119 65.54 7.06 5.04
C ASN E 119 64.22 6.46 5.53
N PHE E 120 64.32 5.42 6.35
CA PHE E 120 63.14 4.83 6.96
C PHE E 120 63.35 4.70 8.46
N VAL E 121 62.33 5.00 9.24
CA VAL E 121 62.24 4.49 10.60
C VAL E 121 61.72 3.05 10.55
N PRO E 122 62.33 2.12 11.29
CA PRO E 122 61.90 0.72 11.20
C PRO E 122 60.57 0.51 11.90
N ALA E 123 59.58 0.03 11.16
CA ALA E 123 58.33 -0.42 11.75
C ALA E 123 58.54 -1.79 12.38
N LEU E 124 58.44 -1.86 13.70
CA LEU E 124 58.56 -3.12 14.42
C LEU E 124 57.25 -3.90 14.37
N PRO E 125 57.31 -5.22 14.20
CA PRO E 125 56.09 -6.04 14.26
C PRO E 125 55.53 -6.05 15.67
N ARG E 126 54.22 -5.84 15.79
CA ARG E 126 53.61 -5.48 17.06
C ARG E 126 52.93 -6.65 17.75
N ASP E 127 53.31 -7.87 17.40
CA ASP E 127 52.76 -9.04 18.07
C ASP E 127 53.10 -9.02 19.56
N GLY E 128 52.08 -9.19 20.40
CA GLY E 128 52.27 -9.14 21.84
C GLY E 128 52.50 -7.77 22.42
N ILE E 129 52.28 -6.70 21.66
CA ILE E 129 52.14 -5.37 22.23
C ILE E 129 50.80 -5.26 22.96
N THR E 130 50.84 -4.92 24.23
CA THR E 130 49.68 -4.83 25.10
C THR E 130 49.51 -3.39 25.58
N GLY E 131 48.52 -3.18 26.44
CA GLY E 131 48.23 -1.85 26.94
C GLY E 131 47.68 -0.95 25.85
N ASP E 132 47.96 0.35 25.99
CA ASP E 132 47.41 1.33 25.05
C ASP E 132 48.15 1.37 23.72
N LEU E 133 49.44 0.99 23.69
CA LEU E 133 50.14 0.94 22.41
C LEU E 133 49.67 -0.22 21.55
N GLY E 134 49.05 -1.23 22.16
CA GLY E 134 48.46 -2.33 21.43
C GLY E 134 47.14 -1.96 20.78
N ASP E 135 46.58 -2.91 20.06
CA ASP E 135 45.26 -2.73 19.48
C ASP E 135 44.19 -2.83 20.56
N CYS E 136 43.14 -2.02 20.43
CA CYS E 136 42.08 -1.98 21.41
C CYS E 136 40.80 -1.51 20.74
N ALA E 137 39.67 -1.90 21.32
CA ALA E 137 38.40 -1.28 20.99
C ALA E 137 38.47 0.24 21.24
N PRO E 138 37.84 1.04 20.39
CA PRO E 138 38.04 2.49 20.47
C PRO E 138 37.34 3.09 21.68
N ALA E 139 37.90 4.20 22.18
CA ALA E 139 37.33 4.86 23.34
C ALA E 139 35.94 5.43 23.05
N GLY E 140 35.68 5.84 21.82
CA GLY E 140 34.35 6.25 21.42
C GLY E 140 34.05 7.72 21.71
N HIS E 141 32.97 8.20 21.11
CA HIS E 141 32.57 9.60 21.16
C HIS E 141 31.40 9.87 22.09
N SER E 142 30.78 8.84 22.68
CA SER E 142 29.45 9.02 23.26
C SER E 142 29.46 9.85 24.53
N TYR E 143 30.59 9.96 25.23
CA TYR E 143 30.71 10.74 26.44
C TYR E 143 32.17 10.90 26.77
N TYR E 144 32.46 11.87 27.65
CA TYR E 144 33.82 12.06 28.15
C TYR E 144 34.07 11.11 29.31
N HIS E 145 35.08 10.24 29.16
CA HIS E 145 35.34 9.22 30.17
C HIS E 145 36.08 9.82 31.36
N GLY E 146 35.73 9.36 32.55
CA GLY E 146 36.38 9.85 33.76
C GLY E 146 37.88 9.66 33.76
N ASP E 147 38.36 8.61 33.10
CA ASP E 147 39.77 8.29 33.06
C ASP E 147 40.51 8.84 31.85
N LYS E 148 39.83 9.57 30.96
CA LYS E 148 40.45 10.04 29.73
C LYS E 148 40.21 11.54 29.57
N TYR E 149 41.03 12.15 28.72
CA TYR E 149 41.16 13.60 28.65
C TYR E 149 40.62 14.15 27.33
N SER E 150 40.03 15.34 27.41
CA SER E 150 39.49 16.05 26.26
C SER E 150 39.79 17.53 26.41
N GLY E 151 39.81 18.23 25.29
CA GLY E 151 39.90 19.69 25.35
C GLY E 151 40.51 20.26 24.08
N ARG E 152 41.05 21.47 24.22
CA ARG E 152 41.56 22.26 23.12
C ARG E 152 43.03 22.57 23.39
N ILE E 153 43.91 22.23 22.44
CA ILE E 153 45.33 22.57 22.52
C ILE E 153 45.62 23.66 21.51
N ALA E 154 46.28 24.74 21.96
CA ALA E 154 46.76 25.79 21.09
C ALA E 154 48.20 25.49 20.68
N VAL E 155 48.46 25.50 19.37
CA VAL E 155 49.76 25.14 18.83
C VAL E 155 50.22 26.26 17.91
N LYS E 156 51.48 26.67 18.06
CA LYS E 156 52.11 27.63 17.16
C LYS E 156 53.13 26.91 16.28
N LEU E 157 53.01 27.12 14.98
CA LEU E 157 53.96 26.60 14.00
C LEU E 157 54.73 27.78 13.41
N THR E 158 56.04 27.66 13.37
CA THR E 158 56.86 28.61 12.62
C THR E 158 57.83 27.86 11.72
N THR E 159 58.01 28.40 10.52
CA THR E 159 58.80 27.75 9.48
C THR E 159 60.28 28.08 9.63
N VAL E 160 61.12 27.17 9.17
CA VAL E 160 62.57 27.26 9.31
C VAL E 160 63.26 27.26 7.95
N THR E 161 62.95 26.29 7.12
CA THR E 161 63.13 26.41 5.68
C THR E 161 61.84 26.92 5.04
N PRO E 162 61.91 27.52 3.85
CA PRO E 162 60.68 27.93 3.17
C PRO E 162 59.71 26.78 2.99
N LEU E 163 58.43 27.12 2.89
CA LEU E 163 57.36 26.14 2.81
C LEU E 163 56.64 26.30 1.49
N LEU E 164 56.57 25.22 0.71
CA LEU E 164 55.82 25.20 -0.53
C LEU E 164 54.38 24.79 -0.26
N ILE E 165 53.44 25.56 -0.80
CA ILE E 165 52.02 25.24 -0.67
C ILE E 165 51.35 25.49 -2.02
N PRO E 166 51.65 24.69 -3.05
CA PRO E 166 51.23 25.04 -4.41
C PRO E 166 49.72 24.84 -4.58
N ASP E 167 49.07 25.83 -5.17
CA ASP E 167 47.64 25.76 -5.48
C ASP E 167 47.49 25.26 -6.90
N ALA E 168 47.28 23.95 -7.04
CA ALA E 168 47.08 23.35 -8.37
C ALA E 168 45.87 23.90 -9.10
N SER E 169 44.89 24.45 -8.39
CA SER E 169 43.74 25.07 -9.05
C SER E 169 44.13 26.32 -9.84
N LYS E 170 45.30 26.89 -9.59
CA LYS E 170 45.75 28.09 -10.27
C LYS E 170 46.98 27.85 -11.14
N GLU E 171 47.36 26.58 -11.32
CA GLU E 171 48.54 26.24 -12.10
C GLU E 171 48.41 26.67 -13.55
N GLU E 172 49.55 26.79 -14.21
CA GLU E 172 49.64 27.28 -15.58
C GLU E 172 50.60 26.40 -16.36
N ILE E 173 50.39 26.32 -17.67
CA ILE E 173 51.06 25.33 -18.50
C ILE E 173 51.72 26.02 -19.68
N ASN E 174 52.98 25.70 -19.93
CA ASN E 174 53.70 26.06 -21.13
C ASN E 174 54.56 24.87 -21.52
N ASN E 175 54.46 24.42 -22.78
CA ASN E 175 55.18 23.26 -23.29
C ASN E 175 55.06 22.05 -22.34
N ASN E 176 53.90 21.96 -21.68
CA ASN E 176 53.62 21.00 -20.61
C ASN E 176 54.50 21.14 -19.37
N HIS E 177 55.40 22.12 -19.33
CA HIS E 177 55.97 22.54 -18.07
C HIS E 177 54.93 23.29 -17.24
N LYS E 178 54.95 23.07 -15.93
CA LYS E 178 53.89 23.55 -15.05
C LYS E 178 54.42 24.55 -14.05
N THR E 179 53.62 25.59 -13.79
CA THR E 179 53.95 26.63 -12.83
C THR E 179 52.85 26.69 -11.77
N TYR E 180 53.25 26.87 -10.51
CA TYR E 180 52.28 26.95 -9.42
C TYR E 180 52.49 28.23 -8.62
N PRO E 181 51.44 28.98 -8.32
CA PRO E 181 51.52 30.03 -7.31
C PRO E 181 51.30 29.47 -5.92
N VAL E 182 51.68 30.26 -4.92
CA VAL E 182 51.38 29.92 -3.54
C VAL E 182 49.89 30.11 -3.27
N ARG E 183 49.28 29.12 -2.63
CA ARG E 183 47.88 29.18 -2.25
C ARG E 183 47.64 30.28 -1.23
N ILE E 184 46.58 31.07 -1.44
CA ILE E 184 46.25 32.18 -0.56
C ILE E 184 44.79 32.10 -0.17
N GLY E 185 44.48 32.62 1.03
CA GLY E 185 43.15 32.58 1.58
C GLY E 185 42.38 33.88 1.35
N LYS E 186 41.16 33.90 1.89
CA LYS E 186 40.23 34.99 1.62
C LYS E 186 40.70 36.33 2.17
N ASP E 187 41.65 36.34 3.10
CA ASP E 187 42.25 37.58 3.57
C ASP E 187 43.55 37.91 2.85
N GLY E 188 43.95 37.10 1.87
CA GLY E 188 45.15 37.32 1.10
C GLY E 188 46.42 36.82 1.74
N LYS E 189 46.35 36.26 2.94
CA LYS E 189 47.48 35.62 3.57
C LYS E 189 47.70 34.25 2.95
N PRO E 190 48.93 33.73 3.00
CA PRO E 190 49.14 32.33 2.61
C PRO E 190 48.28 31.39 3.44
N TYR E 191 47.56 30.50 2.76
CA TYR E 191 46.63 29.59 3.41
C TYR E 191 47.27 28.20 3.49
N LEU E 192 47.34 27.66 4.71
CA LEU E 192 47.96 26.37 4.94
C LEU E 192 46.88 25.32 5.16
N PRO E 193 46.72 24.35 4.27
CA PRO E 193 45.65 23.37 4.42
C PRO E 193 45.82 22.56 5.69
N PRO E 194 44.83 22.57 6.57
CA PRO E 194 44.97 21.79 7.81
C PRO E 194 45.12 20.30 7.58
N THR E 195 44.59 19.79 6.47
CA THR E 195 44.89 18.42 6.06
C THR E 195 46.39 18.21 5.90
N SER E 196 47.08 19.19 5.32
CA SER E 196 48.52 19.05 5.17
C SER E 196 49.24 19.07 6.51
N ILE E 197 48.73 19.85 7.48
CA ILE E 197 49.24 19.73 8.84
C ILE E 197 48.92 18.35 9.39
N LYS E 198 47.68 17.90 9.20
CA LYS E 198 47.25 16.60 9.74
C LYS E 198 48.14 15.47 9.25
N GLY E 199 48.35 15.38 7.93
CA GLY E 199 49.15 14.29 7.40
C GLY E 199 50.59 14.34 7.86
N MET E 200 51.15 15.54 8.01
CA MET E 200 52.46 15.67 8.65
C MET E 200 52.44 15.03 10.03
N LEU E 201 51.55 15.52 10.90
CA LEU E 201 51.54 15.11 12.30
C LEU E 201 51.22 13.62 12.42
N ARG E 202 50.21 13.16 11.69
CA ARG E 202 49.84 11.75 11.72
C ARG E 202 51.01 10.84 11.38
N SER E 203 51.74 11.14 10.30
CA SER E 203 52.84 10.28 9.92
C SER E 203 53.95 10.29 10.97
N ALA E 204 54.22 11.46 11.56
CA ALA E 204 55.13 11.51 12.69
C ALA E 204 54.58 10.76 13.89
N TYR E 205 53.27 10.87 14.13
CA TYR E 205 52.64 10.16 15.24
C TYR E 205 52.69 8.65 15.01
N GLU E 206 52.31 8.21 13.80
CA GLU E 206 52.44 6.80 13.44
C GLU E 206 53.85 6.27 13.68
N ALA E 207 54.87 7.09 13.43
CA ALA E 207 56.24 6.68 13.71
C ALA E 207 56.50 6.51 15.19
N VAL E 208 56.33 7.58 15.98
CA VAL E 208 56.76 7.51 17.38
C VAL E 208 55.85 6.62 18.21
N THR E 209 54.63 6.34 17.77
CA THR E 209 53.81 5.33 18.42
C THR E 209 54.00 3.93 17.83
N ASN E 210 54.68 3.84 16.69
CA ASN E 210 54.77 2.63 15.88
C ASN E 210 53.40 1.96 15.70
N SER E 211 52.46 2.71 15.12
CA SER E 211 51.14 2.18 14.84
C SER E 211 51.15 1.31 13.59
N ARG E 212 49.97 0.79 13.25
CA ARG E 212 49.71 0.34 11.89
C ARG E 212 49.97 1.44 10.88
N LEU E 213 50.43 1.04 9.70
CA LEU E 213 50.70 1.99 8.62
C LEU E 213 49.39 2.24 7.87
N ALA E 214 48.91 3.48 7.91
CA ALA E 214 47.55 3.80 7.54
C ALA E 214 47.29 3.78 6.05
N VAL E 215 48.32 3.87 5.20
CA VAL E 215 48.13 4.03 3.76
C VAL E 215 49.15 3.16 3.05
N PHE E 216 48.67 2.08 2.43
CA PHE E 216 49.51 1.11 1.73
C PHE E 216 48.86 0.85 0.38
N GLU E 217 49.59 1.09 -0.71
CA GLU E 217 48.97 0.90 -2.02
C GLU E 217 49.09 -0.55 -2.47
N ASP E 218 49.18 -0.78 -3.78
CA ASP E 218 49.03 -2.12 -4.34
C ASP E 218 50.08 -3.11 -3.83
N HIS E 219 51.34 -2.98 -4.27
CA HIS E 219 52.45 -3.74 -3.71
C HIS E 219 52.23 -5.25 -3.70
N ASP E 220 51.23 -5.74 -4.43
CA ASP E 220 50.83 -7.13 -4.34
C ASP E 220 51.34 -7.98 -5.50
N SER E 221 51.83 -7.35 -6.57
CA SER E 221 52.57 -8.07 -7.59
C SER E 221 54.06 -8.03 -7.24
N ARG E 222 54.77 -9.06 -7.68
CA ARG E 222 56.23 -9.05 -7.57
C ARG E 222 56.80 -7.85 -8.32
N LEU E 223 57.75 -7.16 -7.69
CA LEU E 223 58.48 -6.11 -8.38
C LEU E 223 59.46 -6.72 -9.37
N ALA E 224 59.76 -5.95 -10.42
CA ALA E 224 60.72 -6.37 -11.43
C ALA E 224 62.09 -5.73 -11.24
N TYR E 225 63.09 -6.39 -11.80
CA TYR E 225 64.46 -5.90 -11.79
C TYR E 225 65.16 -6.44 -13.03
N ARG E 226 66.39 -6.00 -13.24
CA ARG E 226 67.19 -6.49 -14.36
C ARG E 226 68.44 -7.21 -13.87
N MET E 227 68.80 -8.28 -14.58
CA MET E 227 70.05 -8.97 -14.34
C MET E 227 71.23 -8.07 -14.73
N PRO E 228 72.37 -8.23 -14.07
CA PRO E 228 73.62 -7.71 -14.63
C PRO E 228 74.06 -8.53 -15.84
N ALA E 229 74.89 -7.89 -16.67
CA ALA E 229 75.36 -8.54 -17.90
C ALA E 229 76.17 -9.79 -17.63
N THR E 230 76.82 -9.89 -16.47
CA THR E 230 77.52 -11.13 -16.11
C THR E 230 76.58 -12.34 -16.14
N MET E 231 75.32 -12.15 -15.78
CA MET E 231 74.41 -13.29 -15.65
C MET E 231 74.11 -13.97 -16.97
N GLY E 232 74.25 -13.27 -18.10
CA GLY E 232 74.03 -13.90 -19.39
C GLY E 232 74.97 -15.05 -19.68
N LEU E 233 76.16 -15.03 -19.11
CA LEU E 233 77.15 -16.07 -19.39
C LEU E 233 76.76 -17.42 -18.84
N GLN E 234 75.72 -17.50 -18.01
CA GLN E 234 75.21 -18.77 -17.52
C GLN E 234 73.77 -19.01 -17.95
N MET E 235 73.37 -18.42 -19.08
CA MET E 235 72.15 -18.81 -19.77
C MET E 235 72.46 -19.87 -20.81
N VAL E 236 71.54 -20.81 -21.00
CA VAL E 236 71.72 -21.82 -22.05
C VAL E 236 70.57 -21.76 -23.05
N PRO E 237 70.85 -21.93 -24.34
CA PRO E 237 69.78 -22.05 -25.33
C PRO E 237 68.82 -23.16 -24.97
N ALA E 238 67.53 -22.91 -25.14
CA ALA E 238 66.55 -23.91 -24.72
C ALA E 238 65.32 -23.86 -25.61
N ARG E 239 64.58 -24.96 -25.56
CA ARG E 239 63.30 -25.13 -26.22
C ARG E 239 62.40 -25.88 -25.26
N ILE E 240 61.10 -25.86 -25.54
CA ILE E 240 60.18 -26.84 -24.98
C ILE E 240 59.70 -27.76 -26.09
N GLU E 241 59.83 -29.07 -25.85
CA GLU E 241 59.40 -30.11 -26.78
C GLU E 241 58.19 -30.80 -26.17
N GLY E 242 57.00 -30.55 -26.75
CA GLY E 242 55.77 -31.07 -26.20
C GLY E 242 55.47 -30.53 -24.81
N ASP E 243 56.06 -31.15 -23.79
CA ASP E 243 55.86 -30.69 -22.42
C ASP E 243 57.12 -30.80 -21.57
N ASN E 244 58.27 -31.06 -22.16
CA ASN E 244 59.56 -30.96 -21.49
C ASN E 244 60.33 -29.79 -22.06
N ILE E 245 60.96 -29.00 -21.18
CA ILE E 245 62.05 -28.16 -21.64
C ILE E 245 63.20 -29.04 -22.12
N VAL E 246 63.92 -28.55 -23.11
CA VAL E 246 65.13 -29.18 -23.61
C VAL E 246 66.25 -28.13 -23.62
N LEU E 247 67.49 -28.60 -23.48
CA LEU E 247 68.66 -27.75 -23.54
C LEU E 247 69.51 -28.15 -24.73
N TYR E 248 70.13 -27.17 -25.38
CA TYR E 248 71.01 -27.41 -26.52
C TYR E 248 72.36 -26.75 -26.28
N PRO E 249 73.13 -27.21 -25.29
CA PRO E 249 74.53 -26.78 -25.19
C PRO E 249 75.37 -27.25 -26.38
N GLY E 250 74.94 -28.30 -27.06
CA GLY E 250 75.55 -28.66 -28.34
C GLY E 250 76.92 -29.26 -28.13
N THR E 251 77.92 -28.71 -28.83
CA THR E 251 79.29 -29.15 -28.64
C THR E 251 79.91 -28.59 -27.36
N SER E 252 79.50 -27.40 -26.96
CA SER E 252 79.86 -26.89 -25.64
C SER E 252 79.28 -27.78 -24.54
N ARG E 253 79.95 -27.77 -23.38
CA ARG E 253 79.50 -28.52 -22.22
C ARG E 253 79.26 -27.56 -21.06
N ILE E 254 78.22 -27.84 -20.27
CA ILE E 254 77.76 -26.93 -19.23
C ILE E 254 78.69 -27.00 -18.03
N GLY E 255 79.45 -25.93 -17.79
CA GLY E 255 80.29 -25.84 -16.62
C GLY E 255 79.49 -25.71 -15.33
N ASN E 256 80.21 -25.87 -14.21
CA ASN E 256 79.58 -26.09 -12.93
C ASN E 256 78.67 -24.93 -12.54
N ASN E 257 79.14 -23.71 -12.70
CA ASN E 257 78.35 -22.51 -12.40
C ASN E 257 77.25 -22.25 -13.43
N GLY E 258 77.10 -23.13 -14.44
CA GLY E 258 76.23 -22.88 -15.56
C GLY E 258 76.91 -22.23 -16.75
N ARG E 259 78.10 -21.68 -16.57
CA ARG E 259 78.86 -21.09 -17.66
C ARG E 259 79.37 -22.19 -18.58
N PRO E 260 79.56 -21.90 -19.87
CA PRO E 260 80.21 -22.89 -20.75
C PRO E 260 81.60 -23.24 -20.25
N ALA E 261 81.82 -24.54 -20.05
CA ALA E 261 82.97 -25.05 -19.32
C ALA E 261 84.27 -24.82 -20.07
N ASN E 262 85.37 -24.81 -19.29
CA ASN E 262 86.75 -24.99 -19.77
C ASN E 262 87.11 -24.13 -20.97
N ASN E 263 86.53 -22.93 -21.05
CA ASN E 263 86.78 -22.02 -22.17
C ASN E 263 86.39 -22.64 -23.51
N ASP E 264 85.40 -23.54 -23.50
CA ASP E 264 84.76 -23.98 -24.73
C ASP E 264 83.87 -22.89 -25.30
N PRO E 265 83.43 -23.01 -26.56
CA PRO E 265 82.74 -21.90 -27.21
C PRO E 265 81.30 -21.73 -26.74
N MET E 266 80.80 -20.51 -26.91
CA MET E 266 79.45 -20.16 -26.50
C MET E 266 78.43 -21.17 -27.02
N TYR E 267 77.44 -21.48 -26.18
CA TYR E 267 76.50 -22.56 -26.48
C TYR E 267 75.81 -22.34 -27.82
N ALA E 268 75.24 -21.16 -28.02
CA ALA E 268 74.71 -20.78 -29.33
C ALA E 268 75.78 -20.21 -30.23
N ALA E 269 75.60 -20.45 -31.53
CA ALA E 269 76.35 -19.81 -32.60
C ALA E 269 75.83 -18.40 -32.85
N TRP E 270 76.69 -17.56 -33.42
CA TRP E 270 76.36 -16.15 -33.69
C TRP E 270 76.08 -15.97 -35.16
N LEU E 271 74.93 -15.37 -35.47
CA LEU E 271 74.53 -15.09 -36.85
C LEU E 271 74.73 -13.62 -37.13
N PRO E 272 75.69 -13.23 -37.97
CA PRO E 272 75.76 -11.84 -38.44
C PRO E 272 74.48 -11.46 -39.16
N TYR E 273 73.89 -10.32 -38.78
CA TYR E 273 72.51 -10.05 -39.15
C TYR E 273 72.27 -8.58 -39.50
N TYR E 274 72.93 -7.65 -38.81
CA TYR E 274 72.76 -6.24 -39.08
C TYR E 274 73.99 -5.59 -39.72
N GLN E 275 75.06 -6.34 -39.93
CA GLN E 275 76.22 -5.83 -40.66
C GLN E 275 76.66 -6.82 -41.73
N ASN E 276 77.57 -7.70 -41.35
CA ASN E 276 78.22 -8.63 -42.28
C ASN E 276 77.30 -9.79 -42.60
N ARG E 277 76.07 -9.48 -43.00
CA ARG E 277 74.97 -10.44 -43.15
C ARG E 277 75.42 -11.75 -43.80
N ILE E 278 74.99 -12.85 -43.21
CA ILE E 278 75.14 -14.18 -43.81
C ILE E 278 73.77 -14.55 -44.38
N ALA E 279 73.54 -14.16 -45.63
CA ALA E 279 72.29 -14.38 -46.32
C ALA E 279 72.22 -15.80 -46.86
N TYR E 280 71.00 -16.21 -47.26
CA TYR E 280 70.81 -17.47 -47.96
C TYR E 280 71.60 -17.50 -49.27
N GLN E 287 67.58 -12.58 -49.01
CA GLN E 287 66.66 -12.58 -47.89
C GLN E 287 67.35 -13.08 -46.63
N MET E 288 67.00 -12.46 -45.50
CA MET E 288 67.57 -12.80 -44.20
C MET E 288 66.61 -13.70 -43.42
N ALA E 289 67.18 -14.68 -42.73
CA ALA E 289 66.41 -15.67 -42.01
C ALA E 289 65.58 -15.02 -40.91
N GLU E 290 64.56 -15.75 -40.45
CA GLU E 290 63.62 -15.23 -39.47
C GLU E 290 63.40 -16.23 -38.34
N HIS E 291 62.90 -15.69 -37.23
CA HIS E 291 62.95 -16.37 -35.93
C HIS E 291 62.34 -17.77 -35.97
N GLY E 292 61.35 -17.99 -36.83
CA GLY E 292 60.76 -19.31 -36.99
C GLY E 292 61.49 -20.27 -37.92
N ASP E 293 62.49 -19.79 -38.66
CA ASP E 293 63.15 -20.61 -39.67
C ASP E 293 63.89 -21.78 -39.03
N HIS E 294 63.49 -23.00 -39.39
CA HIS E 294 64.31 -24.17 -39.17
C HIS E 294 65.36 -24.24 -40.28
N VAL E 295 66.63 -24.45 -39.90
CA VAL E 295 67.74 -24.15 -40.79
C VAL E 295 68.84 -25.20 -40.66
N ARG E 296 69.63 -25.32 -41.72
CA ARG E 296 70.90 -26.04 -41.73
C ARG E 296 71.98 -25.02 -42.05
N PHE E 297 73.12 -25.12 -41.37
CA PHE E 297 74.15 -24.11 -41.56
C PHE E 297 75.54 -24.64 -41.25
N TRP E 298 76.52 -24.05 -41.94
CA TRP E 298 77.92 -24.11 -41.56
C TRP E 298 78.24 -23.02 -40.55
N ALA E 299 79.16 -23.32 -39.64
CA ALA E 299 79.67 -22.33 -38.71
C ALA E 299 81.18 -22.48 -38.60
N GLU E 300 81.82 -21.43 -38.09
CA GLU E 300 83.26 -21.40 -37.86
C GLU E 300 83.53 -20.93 -36.45
N ARG E 301 84.48 -21.58 -35.78
CA ARG E 301 84.90 -21.11 -34.48
C ARG E 301 85.67 -19.80 -34.62
N TYR E 302 85.22 -18.78 -33.88
CA TYR E 302 85.84 -17.47 -33.86
C TYR E 302 86.25 -17.12 -32.43
N THR E 303 87.30 -16.33 -32.30
CA THR E 303 87.80 -15.92 -30.99
C THR E 303 87.65 -14.41 -30.82
N ARG E 304 87.34 -14.00 -29.59
CA ARG E 304 87.41 -12.60 -29.20
C ARG E 304 87.76 -12.52 -27.72
N GLY E 305 88.90 -11.92 -27.41
CA GLY E 305 89.29 -11.65 -26.04
C GLY E 305 89.29 -12.86 -25.10
N ASN E 306 88.44 -12.79 -24.07
CA ASN E 306 88.34 -13.86 -23.08
C ASN E 306 87.60 -15.10 -23.59
N PHE E 307 86.94 -15.05 -24.74
CA PHE E 307 86.01 -16.10 -25.10
C PHE E 307 86.08 -16.38 -26.60
N CYS E 308 85.37 -17.44 -27.01
CA CYS E 308 85.27 -17.84 -28.40
C CYS E 308 83.85 -18.29 -28.70
N TYR E 309 83.51 -18.34 -29.99
CA TYR E 309 82.14 -18.60 -30.39
C TYR E 309 82.10 -19.15 -31.80
N TRP E 310 80.98 -19.80 -32.13
CA TRP E 310 80.71 -20.32 -33.47
C TRP E 310 80.11 -19.22 -34.34
N ARG E 311 80.95 -18.57 -35.15
CA ARG E 311 80.44 -17.63 -36.16
C ARG E 311 79.80 -18.41 -37.30
N VAL E 312 78.52 -18.15 -37.56
CA VAL E 312 77.87 -18.73 -38.73
C VAL E 312 78.55 -18.23 -40.00
N ARG E 313 78.81 -19.16 -40.93
CA ARG E 313 79.47 -18.84 -42.19
C ARG E 313 78.56 -18.90 -43.39
N GLN E 314 77.59 -19.81 -43.41
CA GLN E 314 76.71 -19.99 -44.55
C GLN E 314 75.50 -20.79 -44.09
N ILE E 315 74.35 -20.55 -44.73
CA ILE E 315 73.08 -20.99 -44.20
C ILE E 315 72.14 -21.32 -45.35
N ALA E 316 71.25 -22.28 -45.10
CA ALA E 316 70.17 -22.65 -45.98
C ALA E 316 68.96 -22.98 -45.12
N ARG E 317 67.76 -22.83 -45.69
CA ARG E 317 66.61 -23.42 -45.04
C ARG E 317 66.75 -24.93 -44.98
N HIS E 318 66.18 -25.52 -43.93
CA HIS E 318 66.51 -26.88 -43.52
C HIS E 318 66.37 -27.88 -44.67
N ASN E 319 65.28 -27.79 -45.44
CA ASN E 319 65.03 -28.73 -46.51
C ASN E 319 66.00 -28.59 -47.68
N GLN E 320 66.61 -27.42 -47.85
CA GLN E 320 67.48 -27.18 -48.98
C GLN E 320 68.89 -27.71 -48.73
N ASN E 321 69.63 -27.86 -49.82
CA ASN E 321 71.05 -28.20 -49.72
C ASN E 321 71.84 -27.02 -49.17
N LEU E 322 72.71 -27.32 -48.20
CA LEU E 322 73.60 -26.32 -47.63
C LEU E 322 74.78 -26.00 -48.55
N GLY E 323 75.18 -26.94 -49.40
CA GLY E 323 76.34 -26.75 -50.23
C GLY E 323 77.67 -26.95 -49.53
N ASN E 324 78.73 -26.60 -50.27
CA ASN E 324 80.09 -26.94 -49.91
C ASN E 324 80.58 -26.23 -48.66
N ARG E 325 81.64 -26.77 -48.08
CA ARG E 325 82.26 -26.21 -46.88
C ARG E 325 82.91 -24.87 -47.22
N PRO E 326 82.62 -23.81 -46.47
CA PRO E 326 83.39 -22.57 -46.60
C PRO E 326 84.82 -22.72 -46.10
N GLU E 327 85.62 -21.66 -46.21
CA GLU E 327 87.01 -21.69 -45.77
C GLU E 327 87.37 -20.40 -45.05
N ARG E 328 88.47 -20.48 -44.29
CA ARG E 328 89.09 -19.40 -43.52
C ARG E 328 88.47 -18.02 -43.70
N GLY E 329 87.57 -17.64 -42.80
CA GLY E 329 86.87 -16.39 -42.91
C GLY E 329 87.77 -15.19 -42.66
N ARG E 330 87.24 -14.01 -42.99
CA ARG E 330 87.90 -12.77 -42.65
C ARG E 330 87.98 -12.60 -41.14
N ASN E 331 89.11 -12.09 -40.67
CA ASN E 331 89.21 -11.52 -39.32
C ASN E 331 88.42 -10.22 -39.28
N TYR E 332 87.16 -10.30 -38.84
CA TYR E 332 86.31 -9.13 -38.71
C TYR E 332 86.71 -8.30 -37.50
N GLY E 333 87.86 -7.63 -37.59
CA GLY E 333 88.42 -6.94 -36.45
C GLY E 333 88.86 -7.91 -35.37
N GLN E 334 88.51 -7.61 -34.13
CA GLN E 334 88.88 -8.46 -33.00
C GLN E 334 88.19 -9.80 -33.02
N HIS E 335 87.17 -9.98 -33.86
CA HIS E 335 86.64 -11.31 -34.18
C HIS E 335 87.63 -11.98 -35.13
N HIS E 336 88.53 -12.79 -34.58
CA HIS E 336 89.56 -13.44 -35.38
C HIS E 336 89.11 -14.83 -35.80
N SER E 337 89.34 -15.15 -37.07
CA SER E 337 89.10 -16.47 -37.60
C SER E 337 90.02 -17.51 -36.95
N THR E 338 89.60 -18.77 -37.05
CA THR E 338 90.43 -19.92 -36.73
C THR E 338 90.55 -20.91 -37.87
N GLY E 339 89.61 -20.90 -38.83
CA GLY E 339 89.49 -21.95 -39.81
C GLY E 339 88.95 -23.27 -39.31
N VAL E 340 88.68 -23.40 -38.01
CA VAL E 340 87.99 -24.57 -37.49
C VAL E 340 86.52 -24.45 -37.86
N ILE E 341 86.05 -25.35 -38.73
CA ILE E 341 84.74 -25.20 -39.35
C ILE E 341 83.92 -26.44 -39.06
N GLU E 342 82.61 -26.24 -38.88
CA GLU E 342 81.69 -27.29 -38.47
C GLU E 342 80.37 -27.12 -39.20
N GLN E 343 79.60 -28.20 -39.25
CA GLN E 343 78.23 -28.17 -39.74
C GLN E 343 77.26 -28.45 -38.60
N PHE E 344 76.20 -27.64 -38.52
CA PHE E 344 75.18 -27.74 -37.49
C PHE E 344 73.81 -27.59 -38.14
N GLU E 345 72.77 -27.90 -37.37
CA GLU E 345 71.40 -27.63 -37.80
C GLU E 345 70.54 -27.33 -36.57
N GLY E 346 69.44 -26.63 -36.80
CA GLY E 346 68.60 -26.15 -35.71
C GLY E 346 67.79 -24.91 -36.04
N PHE E 347 67.77 -23.93 -35.15
CA PHE E 347 66.89 -22.77 -35.29
C PHE E 347 67.64 -21.48 -35.04
N VAL E 348 67.29 -20.44 -35.79
CA VAL E 348 67.79 -19.08 -35.57
C VAL E 348 66.87 -18.37 -34.59
N TYR E 349 67.39 -18.04 -33.41
CA TYR E 349 66.64 -17.31 -32.40
C TYR E 349 66.80 -15.80 -32.55
N LYS E 350 66.59 -15.29 -33.76
CA LYS E 350 66.64 -13.85 -34.00
C LYS E 350 65.57 -13.12 -33.20
N THR E 351 65.98 -12.02 -32.54
CA THR E 351 65.05 -11.13 -31.84
C THR E 351 64.83 -9.84 -32.63
N ASN E 352 65.66 -8.82 -32.40
CA ASN E 352 65.61 -7.53 -33.07
C ASN E 352 66.88 -6.77 -32.71
N LYS E 353 67.08 -5.63 -33.37
CA LYS E 353 68.19 -4.74 -33.03
C LYS E 353 67.92 -3.97 -31.74
N ASN E 354 67.93 -4.67 -30.60
CA ASN E 354 67.42 -4.12 -29.36
C ASN E 354 68.50 -3.47 -28.49
N ILE E 355 69.70 -3.25 -29.03
CA ILE E 355 70.67 -2.32 -28.46
C ILE E 355 71.57 -1.81 -29.58
N GLY E 356 72.12 -0.62 -29.38
CA GLY E 356 72.77 0.09 -30.47
C GLY E 356 73.97 -0.61 -31.08
N ASN E 357 74.75 -1.32 -30.25
CA ASN E 357 75.92 -2.05 -30.72
C ASN E 357 75.66 -3.54 -30.90
N LYS E 358 74.40 -3.95 -31.07
CA LYS E 358 74.11 -5.33 -31.44
C LYS E 358 74.59 -5.58 -32.88
N HIS E 359 75.55 -6.47 -33.03
CA HIS E 359 76.01 -6.89 -34.35
C HIS E 359 75.25 -8.11 -34.87
N ASP E 360 74.87 -9.03 -34.00
CA ASP E 360 74.63 -10.41 -34.37
C ASP E 360 73.31 -10.90 -33.76
N GLU E 361 72.82 -12.00 -34.31
CA GLU E 361 71.79 -12.83 -33.69
C GLU E 361 72.40 -14.17 -33.30
N ARG E 362 71.62 -15.01 -32.64
CA ARG E 362 72.08 -16.34 -32.26
C ARG E 362 71.13 -17.41 -32.74
N VAL E 363 71.70 -18.61 -32.93
CA VAL E 363 71.03 -19.76 -33.52
C VAL E 363 71.33 -20.99 -32.67
N PHE E 364 70.34 -21.86 -32.53
CA PHE E 364 70.41 -23.00 -31.63
C PHE E 364 70.68 -24.28 -32.40
N ILE E 365 71.59 -25.11 -31.85
CA ILE E 365 72.16 -26.23 -32.59
C ILE E 365 71.63 -27.58 -32.09
N ILE E 366 70.48 -27.99 -32.64
CA ILE E 366 69.90 -29.31 -32.39
C ILE E 366 70.83 -30.44 -32.85
N ASP E 367 71.74 -30.15 -33.78
CA ASP E 367 72.67 -31.15 -34.31
C ASP E 367 73.49 -31.87 -33.25
N ARG E 368 73.62 -31.32 -32.04
CA ARG E 368 74.56 -31.91 -31.09
C ARG E 368 73.97 -32.12 -29.69
N GLU E 369 74.84 -32.44 -28.74
CA GLU E 369 74.43 -33.06 -27.48
C GLU E 369 73.40 -32.23 -26.74
N SER E 370 72.45 -32.92 -26.10
CA SER E 370 71.24 -32.30 -25.59
C SER E 370 70.86 -32.92 -24.26
N ILE E 371 70.02 -32.20 -23.52
CA ILE E 371 69.53 -32.59 -22.20
C ILE E 371 68.08 -32.15 -22.12
N GLU E 372 67.28 -32.81 -21.29
CA GLU E 372 65.91 -32.36 -21.07
C GLU E 372 65.51 -32.46 -19.61
N ILE E 373 64.49 -31.68 -19.27
CA ILE E 373 63.89 -31.62 -17.94
C ILE E 373 62.40 -31.46 -18.08
N PRO E 374 61.62 -32.05 -17.17
CA PRO E 374 60.17 -31.78 -17.17
C PRO E 374 59.87 -30.31 -16.90
N LEU E 375 58.92 -29.78 -17.66
CA LEU E 375 58.47 -28.40 -17.52
C LEU E 375 57.64 -28.24 -16.25
N SER E 376 58.20 -27.62 -15.22
CA SER E 376 57.47 -27.37 -14.00
C SER E 376 56.46 -26.25 -14.20
N ARG E 377 55.34 -26.33 -13.46
CA ARG E 377 54.39 -25.22 -13.43
C ARG E 377 55.04 -23.95 -12.90
N ASP E 378 56.05 -24.08 -12.05
CA ASP E 378 56.81 -22.92 -11.59
C ASP E 378 57.45 -22.17 -12.76
N LEU E 379 58.08 -22.89 -13.68
CA LEU E 379 58.65 -22.24 -14.85
C LEU E 379 57.60 -21.67 -15.78
N ARG E 380 56.42 -22.28 -15.85
CA ARG E 380 55.32 -21.68 -16.60
C ARG E 380 54.92 -20.31 -16.05
N ARG E 381 54.59 -20.24 -14.76
CA ARG E 381 54.14 -18.97 -14.19
C ARG E 381 55.21 -17.89 -14.29
N LYS E 382 56.48 -18.23 -14.06
CA LYS E 382 57.55 -17.25 -14.22
C LYS E 382 57.59 -16.68 -15.63
N TRP E 383 57.58 -17.55 -16.64
CA TRP E 383 57.59 -17.08 -18.02
C TRP E 383 56.39 -16.18 -18.32
N ARG E 384 55.19 -16.68 -18.08
CA ARG E 384 53.99 -15.87 -18.26
C ARG E 384 54.12 -14.52 -17.56
N GLU E 385 54.45 -14.55 -16.27
CA GLU E 385 54.51 -13.32 -15.49
C GLU E 385 55.59 -12.39 -16.00
N LEU E 386 56.77 -12.92 -16.34
CA LEU E 386 57.83 -12.08 -16.87
C LEU E 386 57.47 -11.47 -18.21
N ILE E 387 56.91 -12.27 -19.12
CA ILE E 387 56.47 -11.73 -20.40
C ILE E 387 55.32 -10.73 -20.20
N THR E 388 54.48 -10.96 -19.19
CA THR E 388 53.48 -9.97 -18.82
C THR E 388 54.13 -8.64 -18.44
N SER E 389 55.21 -8.70 -17.65
CA SER E 389 55.93 -7.49 -17.29
C SER E 389 56.45 -6.77 -18.53
N TYR E 390 57.17 -7.50 -19.40
CA TYR E 390 57.68 -6.89 -20.63
C TYR E 390 56.57 -6.24 -21.44
N GLN E 391 55.49 -6.96 -21.70
CA GLN E 391 54.47 -6.47 -22.62
C GLN E 391 53.69 -5.29 -22.06
N GLU E 392 53.43 -5.30 -20.75
CA GLU E 392 52.56 -4.26 -20.19
C GLU E 392 53.32 -2.97 -19.85
N ILE E 393 54.57 -3.09 -19.36
CA ILE E 393 55.27 -1.90 -18.86
C ILE E 393 55.50 -0.89 -19.98
N HIS E 394 55.77 -1.38 -21.20
CA HIS E 394 56.09 -0.51 -22.31
C HIS E 394 54.87 -0.15 -23.15
N LYS E 395 53.67 -0.51 -22.68
CA LYS E 395 52.46 -0.42 -23.51
C LYS E 395 52.27 0.97 -24.10
N LYS E 396 52.36 2.01 -23.26
CA LYS E 396 52.16 3.38 -23.73
C LYS E 396 53.15 3.75 -24.83
N GLU E 397 54.44 3.50 -24.62
CA GLU E 397 55.45 3.88 -25.60
C GLU E 397 55.20 3.21 -26.95
N VAL E 398 54.88 1.93 -26.94
CA VAL E 398 54.50 1.24 -28.18
C VAL E 398 53.22 1.83 -28.76
N ASP E 399 52.24 2.12 -27.91
CA ASP E 399 50.93 2.53 -28.40
C ASP E 399 50.93 3.94 -28.97
N ARG E 400 51.80 4.82 -28.47
CA ARG E 400 52.01 6.10 -29.15
C ARG E 400 52.93 5.98 -30.37
N GLY E 401 53.38 4.77 -30.69
CA GLY E 401 54.10 4.54 -31.93
C GLY E 401 55.60 4.69 -31.88
N ASP E 402 56.20 4.67 -30.70
CA ASP E 402 57.65 4.64 -30.62
C ASP E 402 58.19 3.36 -31.25
N THR E 403 59.35 3.47 -31.89
CA THR E 403 59.96 2.32 -32.54
C THR E 403 60.92 1.58 -31.62
N GLY E 404 61.30 2.17 -30.50
CA GLY E 404 62.24 1.54 -29.60
C GLY E 404 62.29 2.26 -28.26
N PRO E 405 62.99 1.67 -27.29
CA PRO E 405 63.08 2.29 -25.97
C PRO E 405 63.70 3.68 -26.05
N SER E 406 63.01 4.65 -25.45
CA SER E 406 63.49 6.02 -25.48
C SER E 406 64.83 6.18 -24.77
N ALA E 407 65.17 5.26 -23.86
CA ALA E 407 66.38 5.38 -23.06
C ALA E 407 67.66 5.20 -23.85
N VAL E 408 67.60 4.75 -25.10
CA VAL E 408 68.81 4.61 -25.92
C VAL E 408 68.45 4.86 -27.37
N ASN E 409 69.39 5.42 -28.11
CA ASN E 409 69.22 5.70 -29.53
C ASN E 409 69.34 4.42 -30.35
N GLY E 410 68.78 4.46 -31.55
CA GLY E 410 69.04 3.44 -32.55
C GLY E 410 68.35 2.11 -32.33
N ALA E 411 68.26 1.68 -31.08
CA ALA E 411 67.64 0.39 -30.78
C ALA E 411 66.16 0.40 -31.13
N VAL E 412 65.63 -0.80 -31.40
CA VAL E 412 64.21 -1.00 -31.61
C VAL E 412 63.75 -2.17 -30.74
N TRP E 413 62.44 -2.18 -30.47
CA TRP E 413 61.89 -3.01 -29.40
C TRP E 413 62.34 -4.47 -29.52
N SER E 414 62.72 -5.03 -28.38
CA SER E 414 62.98 -6.47 -28.29
C SER E 414 61.75 -7.28 -28.68
N ARG E 415 61.98 -8.40 -29.35
CA ARG E 415 60.91 -9.07 -30.09
C ARG E 415 59.73 -9.43 -29.19
N GLN E 416 60.01 -9.89 -27.97
CA GLN E 416 58.94 -10.40 -27.11
C GLN E 416 57.97 -9.31 -26.64
N ILE E 417 58.43 -8.07 -26.43
CA ILE E 417 57.53 -7.09 -25.83
C ILE E 417 56.46 -6.63 -26.83
N ILE E 418 56.80 -6.57 -28.11
CA ILE E 418 55.81 -6.24 -29.13
C ILE E 418 54.98 -7.42 -29.60
N ALA E 419 55.27 -8.63 -29.15
CA ALA E 419 54.54 -9.81 -29.59
C ALA E 419 53.17 -9.86 -28.93
N ASP E 420 52.34 -10.77 -29.43
CA ASP E 420 51.04 -11.07 -28.82
C ASP E 420 51.18 -11.99 -27.61
N GLU E 421 50.05 -12.18 -26.92
CA GLU E 421 49.98 -13.13 -25.81
C GLU E 421 50.35 -14.55 -26.20
N SER E 422 50.33 -14.89 -27.49
CA SER E 422 50.89 -16.18 -27.90
C SER E 422 52.34 -16.32 -27.48
N GLU E 423 53.06 -15.20 -27.40
CA GLU E 423 54.40 -15.21 -26.82
C GLU E 423 54.35 -15.34 -25.30
N ARG E 424 53.27 -14.86 -24.69
CA ARG E 424 53.16 -14.89 -23.23
C ARG E 424 52.90 -16.30 -22.73
N ASN E 425 52.06 -17.06 -23.42
CA ASN E 425 51.97 -18.48 -23.19
C ASN E 425 53.25 -19.18 -23.65
N LEU E 426 53.48 -20.37 -23.10
CA LEU E 426 54.69 -21.14 -23.34
C LEU E 426 54.29 -22.41 -24.08
N SER E 427 54.07 -22.28 -25.38
CA SER E 427 53.51 -23.34 -26.20
C SER E 427 54.61 -24.19 -26.82
N ASP E 428 54.20 -25.36 -27.31
CA ASP E 428 55.12 -26.31 -27.95
C ASP E 428 55.96 -25.64 -29.03
N GLY E 429 57.25 -25.98 -29.05
CA GLY E 429 58.19 -25.47 -30.03
C GLY E 429 58.70 -24.07 -29.81
N THR E 430 58.18 -23.34 -28.83
CA THR E 430 58.72 -22.02 -28.54
C THR E 430 60.13 -22.15 -27.96
N LEU E 431 60.91 -21.08 -28.11
CA LEU E 431 62.31 -21.10 -27.77
C LEU E 431 62.61 -20.06 -26.70
N CYS E 432 63.62 -20.35 -25.89
CA CYS E 432 63.99 -19.50 -24.77
C CYS E 432 65.49 -19.62 -24.54
N TYR E 433 66.05 -18.63 -23.84
CA TYR E 433 67.24 -18.88 -23.05
C TYR E 433 66.80 -19.36 -21.68
N ALA E 434 67.48 -20.39 -21.18
CA ALA E 434 67.20 -20.94 -19.87
C ALA E 434 68.38 -20.72 -18.93
N HIS E 435 68.07 -20.51 -17.66
CA HIS E 435 69.08 -20.32 -16.63
C HIS E 435 69.24 -21.64 -15.89
N VAL E 436 70.46 -22.18 -15.88
CA VAL E 436 70.70 -23.48 -15.27
C VAL E 436 72.05 -23.47 -14.56
N LYS E 437 72.16 -24.34 -13.56
CA LYS E 437 73.37 -24.55 -12.80
C LYS E 437 73.60 -26.04 -12.66
N LYS E 438 74.86 -26.44 -12.49
CA LYS E 438 75.17 -27.80 -12.09
C LYS E 438 75.13 -27.85 -10.57
N GLU E 439 74.17 -28.61 -10.04
CA GLU E 439 73.98 -28.78 -8.61
C GLU E 439 74.05 -30.25 -8.26
N ASP E 440 75.04 -30.62 -7.44
CA ASP E 440 75.31 -32.02 -7.11
C ASP E 440 75.44 -32.87 -8.37
N GLY E 441 76.07 -32.31 -9.38
CA GLY E 441 76.18 -32.95 -10.68
C GLY E 441 74.92 -32.92 -11.52
N GLN E 442 73.81 -32.40 -10.98
CA GLN E 442 72.54 -32.37 -11.67
C GLN E 442 72.36 -31.00 -12.31
N TYR E 443 72.04 -30.99 -13.60
CA TYR E 443 71.69 -29.75 -14.29
C TYR E 443 70.26 -29.37 -13.92
N LYS E 444 70.12 -28.37 -13.07
CA LYS E 444 68.81 -27.88 -12.64
C LYS E 444 68.52 -26.52 -13.24
N ILE E 445 67.30 -26.35 -13.72
CA ILE E 445 66.89 -25.16 -14.44
C ILE E 445 66.08 -24.27 -13.50
N LEU E 446 66.45 -22.99 -13.44
CA LEU E 446 65.84 -22.05 -12.51
C LEU E 446 64.79 -21.17 -13.17
N ASN E 447 65.03 -20.71 -14.40
CA ASN E 447 64.19 -19.71 -15.04
C ASN E 447 64.24 -19.91 -16.54
N LEU E 448 63.25 -19.35 -17.23
CA LEU E 448 63.28 -19.14 -18.67
C LEU E 448 63.26 -17.65 -18.97
N TYR E 449 64.12 -17.23 -19.90
CA TYR E 449 64.34 -15.83 -20.19
C TYR E 449 64.39 -15.61 -21.70
N PRO E 450 63.75 -14.55 -22.20
CA PRO E 450 63.74 -14.32 -23.65
C PRO E 450 65.05 -13.81 -24.20
N VAL E 451 65.89 -13.19 -23.39
CA VAL E 451 67.09 -12.51 -23.86
C VAL E 451 68.24 -12.79 -22.90
N MET E 452 69.46 -12.71 -23.43
CA MET E 452 70.64 -13.13 -22.69
C MET E 452 70.77 -12.36 -21.37
N ILE E 453 70.64 -11.04 -21.44
CA ILE E 453 70.59 -10.19 -20.25
C ILE E 453 69.15 -9.71 -20.08
N THR E 454 68.53 -10.08 -18.98
CA THR E 454 67.08 -10.13 -18.90
C THR E 454 66.55 -9.27 -17.76
N ARG E 455 65.33 -8.80 -17.94
CA ARG E 455 64.47 -8.40 -16.83
C ARG E 455 64.08 -9.64 -16.03
N GLY E 456 63.85 -9.44 -14.73
CA GLY E 456 63.41 -10.53 -13.89
C GLY E 456 62.57 -10.05 -12.74
N LEU E 457 61.91 -11.00 -12.10
CA LEU E 457 61.07 -10.74 -10.94
C LEU E 457 61.75 -11.25 -9.67
N TYR E 458 61.72 -10.43 -8.62
CA TYR E 458 61.96 -10.96 -7.29
C TYR E 458 60.88 -11.98 -6.96
N GLU E 459 61.22 -12.99 -6.15
CA GLU E 459 60.30 -14.09 -5.94
C GLU E 459 59.15 -13.77 -4.99
N ILE E 460 59.17 -12.64 -4.27
CA ILE E 460 58.13 -12.34 -3.29
C ILE E 460 57.56 -10.94 -3.55
N ALA E 461 56.23 -10.84 -3.52
CA ALA E 461 55.54 -9.56 -3.60
C ALA E 461 55.69 -8.79 -2.29
N PRO E 462 56.04 -7.50 -2.35
CA PRO E 462 56.37 -6.76 -1.12
C PRO E 462 55.33 -6.80 -0.02
N VAL E 463 54.02 -6.81 -0.35
CA VAL E 463 52.99 -6.86 0.67
C VAL E 463 53.16 -8.08 1.57
N ASP E 464 53.68 -9.18 1.03
CA ASP E 464 53.83 -10.40 1.80
C ASP E 464 55.01 -10.38 2.77
N LEU E 465 55.92 -9.42 2.62
CA LEU E 465 56.97 -9.23 3.64
C LEU E 465 56.50 -8.44 4.84
N LEU E 466 55.40 -7.70 4.74
CA LEU E 466 54.94 -6.88 5.85
C LEU E 466 54.15 -7.70 6.86
N ASP E 467 54.44 -7.50 8.14
CA ASP E 467 53.74 -8.20 9.20
C ASP E 467 52.26 -7.85 9.19
N GLU E 468 51.42 -8.87 9.42
CA GLU E 468 49.97 -8.68 9.42
C GLU E 468 49.50 -7.67 10.45
N THR E 469 50.21 -7.54 11.58
CA THR E 469 49.84 -6.51 12.56
C THR E 469 50.21 -5.10 12.11
N LEU E 470 51.12 -4.94 11.15
CA LEU E 470 51.43 -3.62 10.65
C LEU E 470 50.60 -3.18 9.45
N LYS E 471 50.05 -4.12 8.68
CA LYS E 471 49.23 -3.79 7.53
C LYS E 471 48.07 -2.88 7.94
N PRO E 472 47.50 -2.12 7.00
CA PRO E 472 46.33 -1.30 7.30
C PRO E 472 45.23 -2.11 7.96
N ALA E 473 44.56 -1.49 8.93
CA ALA E 473 43.62 -2.22 9.77
C ALA E 473 42.46 -2.78 8.97
N THR E 474 41.97 -3.92 9.41
CA THR E 474 40.98 -4.70 8.66
C THR E 474 39.77 -5.08 9.50
N ASP E 475 39.73 -4.69 10.77
CA ASP E 475 38.56 -4.94 11.60
C ASP E 475 38.53 -3.92 12.73
N LYS E 476 37.35 -3.79 13.35
CA LYS E 476 37.12 -2.78 14.36
C LYS E 476 37.87 -3.02 15.66
N LYS E 477 38.37 -4.24 15.88
CA LYS E 477 39.08 -4.53 17.12
C LYS E 477 40.57 -4.25 17.03
N GLN E 478 41.16 -4.37 15.84
CA GLN E 478 42.59 -4.23 15.64
C GLN E 478 43.04 -2.80 15.39
N LEU E 479 42.21 -1.81 15.72
CA LEU E 479 42.55 -0.40 15.52
C LEU E 479 43.74 -0.02 16.41
N SER E 480 44.86 0.30 15.78
CA SER E 480 46.06 0.69 16.49
C SER E 480 45.99 2.15 16.92
N PRO E 481 46.90 2.62 17.78
CA PRO E 481 46.72 3.94 18.39
C PRO E 481 46.46 5.08 17.42
N ALA E 482 47.25 5.18 16.33
CA ALA E 482 47.02 6.25 15.37
C ALA E 482 45.66 6.12 14.71
N ASP E 483 45.23 4.88 14.44
CA ASP E 483 43.91 4.66 13.87
C ASP E 483 42.81 5.15 14.80
N ARG E 484 42.98 4.96 16.11
CA ARG E 484 41.98 5.45 17.05
C ARG E 484 42.01 6.97 17.16
N VAL E 485 43.20 7.55 17.32
CA VAL E 485 43.29 9.00 17.48
C VAL E 485 42.83 9.72 16.22
N PHE E 486 43.36 9.33 15.07
CA PHE E 486 43.09 10.03 13.81
C PHE E 486 41.91 9.47 13.03
N GLY E 487 41.37 8.31 13.42
CA GLY E 487 40.30 7.69 12.67
C GLY E 487 40.81 6.80 11.55
N TRP E 488 39.90 5.94 11.08
CA TRP E 488 40.26 4.90 10.14
C TRP E 488 39.06 4.56 9.28
N VAL E 489 39.33 4.08 8.07
CA VAL E 489 38.31 3.53 7.17
C VAL E 489 38.85 2.24 6.59
N ASN E 490 38.05 1.18 6.60
CA ASN E 490 38.45 -0.08 6.00
C ASN E 490 38.41 0.04 4.48
N GLN E 491 39.54 -0.24 3.84
CA GLN E 491 39.63 -0.17 2.39
C GLN E 491 39.07 -1.40 1.70
N ARG E 492 38.54 -2.37 2.45
CA ARG E 492 38.20 -3.69 1.91
C ARG E 492 36.78 -4.12 2.21
N GLY E 493 35.99 -3.29 2.88
CA GLY E 493 34.72 -3.74 3.41
C GLY E 493 34.12 -2.68 4.31
N ASN E 494 33.07 -3.08 5.02
CA ASN E 494 32.50 -2.24 6.06
C ASN E 494 33.52 -1.98 7.17
N GLY E 495 33.29 -0.91 7.92
CA GLY E 495 34.15 -0.56 9.02
C GLY E 495 34.74 0.83 8.89
N CYS E 496 34.49 1.67 9.90
CA CYS E 496 35.04 3.02 9.92
C CYS E 496 34.97 3.56 11.35
N TYR E 497 35.75 4.61 11.60
CA TYR E 497 35.77 5.25 12.91
C TYR E 497 36.18 6.71 12.73
N LYS E 498 35.35 7.62 13.25
CA LYS E 498 35.69 9.04 13.22
C LYS E 498 36.85 9.34 14.16
N GLY E 499 37.86 10.02 13.63
CA GLY E 499 39.01 10.38 14.45
C GLY E 499 38.62 11.17 15.69
N GLN E 500 39.38 10.94 16.75
CA GLN E 500 39.29 11.68 18.00
C GLN E 500 39.97 13.05 17.95
N LEU E 501 40.30 13.59 16.78
CA LEU E 501 41.12 14.79 16.71
C LEU E 501 40.65 15.68 15.58
N ARG E 502 40.64 16.99 15.83
CA ARG E 502 40.39 18.00 14.80
C ARG E 502 41.46 19.09 14.87
N ILE E 503 42.09 19.36 13.74
CA ILE E 503 42.93 20.55 13.56
C ILE E 503 42.07 21.65 12.94
N HIS E 504 42.20 22.88 13.42
CA HIS E 504 41.33 23.94 12.95
C HIS E 504 41.93 25.30 13.26
N SER E 505 41.23 26.34 12.77
CA SER E 505 41.57 27.74 13.00
C SER E 505 42.99 28.10 12.55
N VAL E 506 43.42 27.52 11.43
CA VAL E 506 44.73 27.87 10.88
C VAL E 506 44.72 29.33 10.43
N THR E 507 45.72 30.09 10.86
CA THR E 507 45.95 31.44 10.38
C THR E 507 47.44 31.68 10.23
N CYS E 508 47.82 32.39 9.18
CA CYS E 508 49.12 33.05 9.16
C CYS E 508 49.08 34.31 10.02
N GLN E 509 50.11 34.49 10.86
CA GLN E 509 50.15 35.67 11.73
C GLN E 509 50.72 36.88 11.01
N HIS E 510 51.80 36.70 10.26
CA HIS E 510 52.37 37.77 9.46
C HIS E 510 51.47 38.11 8.28
N ASP E 511 51.77 39.23 7.64
CA ASP E 511 51.03 39.72 6.48
C ASP E 511 51.79 39.52 5.17
N ASP E 512 53.07 39.89 5.12
CA ASP E 512 53.89 39.81 3.92
C ASP E 512 54.65 38.50 3.82
N ALA E 513 54.00 37.40 4.19
CA ALA E 513 54.66 36.11 4.35
C ALA E 513 55.10 35.48 3.03
N ILE E 514 54.64 35.96 1.89
CA ILE E 514 54.90 35.30 0.61
C ILE E 514 56.12 35.94 -0.04
N ASP E 515 57.16 35.13 -0.24
CA ASP E 515 58.36 35.52 -1.00
C ASP E 515 58.06 35.48 -2.49
N ASP E 516 57.37 36.51 -2.97
CA ASP E 516 57.52 36.88 -4.37
C ASP E 516 58.93 37.42 -4.57
N PHE E 517 59.72 36.74 -5.41
CA PHE E 517 61.14 37.06 -5.54
C PHE E 517 61.39 38.48 -6.04
N GLY E 518 60.42 39.10 -6.70
CA GLY E 518 60.50 40.51 -6.99
C GLY E 518 59.41 40.97 -7.93
N ASN E 519 59.06 40.12 -8.89
CA ASN E 519 57.96 40.40 -9.81
C ASN E 519 57.22 39.11 -10.13
N GLN E 520 55.90 39.22 -10.27
CA GLN E 520 55.04 38.05 -10.36
C GLN E 520 55.32 37.21 -11.61
N ASN E 521 55.95 37.78 -12.63
CA ASN E 521 56.32 36.99 -13.80
C ASN E 521 57.52 36.07 -13.55
N PHE E 522 58.31 36.31 -12.50
CA PHE E 522 59.38 35.39 -12.18
C PHE E 522 58.82 34.06 -11.67
N SER E 523 59.55 32.98 -11.92
CA SER E 523 59.26 31.69 -11.30
C SER E 523 60.52 30.85 -11.32
N VAL E 524 60.87 30.28 -10.16
CA VAL E 524 62.10 29.50 -10.00
C VAL E 524 61.87 28.04 -10.40
N PRO E 525 62.75 27.47 -11.23
CA PRO E 525 62.64 26.05 -11.56
C PRO E 525 63.29 25.18 -10.49
N LEU E 526 62.71 23.99 -10.28
CA LEU E 526 62.81 23.30 -8.99
C LEU E 526 63.11 21.81 -9.20
N ALA E 527 64.40 21.48 -9.23
CA ALA E 527 64.95 20.12 -9.22
C ALA E 527 64.24 19.16 -10.18
N ILE E 528 64.27 17.87 -9.85
CA ILE E 528 63.47 16.85 -10.52
C ILE E 528 62.83 16.00 -9.44
N LEU E 529 61.56 16.25 -9.15
CA LEU E 529 60.83 15.44 -8.16
C LEU E 529 60.37 14.12 -8.80
N GLY E 530 61.35 13.25 -9.03
CA GLY E 530 61.06 11.98 -9.67
C GLY E 530 60.18 11.08 -8.81
N GLN E 531 59.51 10.15 -9.48
CA GLN E 531 58.69 9.17 -8.78
C GLN E 531 59.58 8.20 -7.99
N PRO E 532 59.17 7.84 -6.77
CA PRO E 532 59.84 6.74 -6.06
C PRO E 532 59.76 5.43 -6.83
N LYS E 533 60.81 4.62 -6.70
CA LYS E 533 60.96 3.38 -7.47
C LYS E 533 61.42 2.27 -6.54
N PRO E 534 60.49 1.63 -5.83
CA PRO E 534 60.88 0.60 -4.86
C PRO E 534 61.54 -0.64 -5.45
N GLU E 535 61.63 -0.76 -6.77
CA GLU E 535 62.51 -1.76 -7.37
C GLU E 535 63.94 -1.70 -6.85
N GLN E 536 64.37 -0.57 -6.30
CA GLN E 536 65.72 -0.43 -5.75
C GLN E 536 65.77 -1.16 -4.42
N ALA E 537 65.88 -2.49 -4.50
CA ALA E 537 65.77 -3.35 -3.33
C ALA E 537 66.76 -2.97 -2.23
N ARG E 538 67.99 -2.60 -2.60
CA ARG E 538 68.96 -2.23 -1.58
C ARG E 538 68.60 -0.96 -0.83
N PHE E 539 67.55 -0.25 -1.25
CA PHE E 539 67.04 0.91 -0.53
C PHE E 539 65.76 0.60 0.23
N TYR E 540 64.82 -0.09 -0.41
CA TYR E 540 63.48 -0.24 0.14
C TYR E 540 63.27 -1.54 0.90
N CYS E 541 64.06 -2.57 0.64
CA CYS E 541 63.88 -3.85 1.30
C CYS E 541 64.65 -3.87 2.62
N ALA E 542 64.17 -4.68 3.56
CA ALA E 542 64.81 -4.88 4.84
C ALA E 542 65.19 -6.34 5.04
N ASP E 543 66.39 -6.58 5.54
CA ASP E 543 66.90 -7.95 5.67
C ASP E 543 66.13 -8.72 6.73
N ASP E 544 65.45 -8.03 7.63
CA ASP E 544 64.63 -8.64 8.65
C ASP E 544 63.45 -7.71 8.90
N ARG E 545 62.37 -8.29 9.43
CA ARG E 545 61.16 -7.48 9.65
C ARG E 545 61.33 -6.42 10.72
N LYS E 546 62.44 -6.42 11.45
CA LYS E 546 62.85 -5.27 12.24
C LYS E 546 63.46 -4.13 11.42
N GLY E 547 63.46 -4.23 10.09
CA GLY E 547 63.97 -3.16 9.27
C GLY E 547 65.47 -3.09 9.10
N ILE E 548 66.19 -4.17 9.38
CA ILE E 548 67.65 -4.18 9.21
C ILE E 548 67.99 -3.92 7.74
N PRO E 549 68.88 -2.99 7.42
CA PRO E 549 69.32 -2.81 6.03
C PRO E 549 69.94 -4.09 5.46
N LEU E 550 69.76 -4.29 4.15
CA LEU E 550 70.40 -5.41 3.47
C LEU E 550 71.92 -5.30 3.56
N GLU E 551 72.56 -6.46 3.39
CA GLU E 551 74.02 -6.50 3.34
C GLU E 551 74.54 -5.96 2.00
N ASP E 552 75.67 -5.27 2.07
CA ASP E 552 76.33 -4.80 0.86
C ASP E 552 76.94 -5.97 0.09
N GLY E 553 77.18 -5.74 -1.20
CA GLY E 553 77.93 -6.66 -2.03
C GLY E 553 77.14 -7.78 -2.67
N TYR E 554 76.04 -8.20 -2.07
CA TYR E 554 75.25 -9.28 -2.67
C TYR E 554 74.53 -8.79 -3.93
N ASP E 555 74.17 -9.75 -4.77
CA ASP E 555 73.38 -9.47 -5.96
C ASP E 555 72.01 -8.93 -5.61
N ARG E 556 71.28 -8.50 -6.64
CA ARG E 556 69.92 -8.05 -6.46
C ARG E 556 69.00 -9.17 -5.99
N ASP E 557 69.18 -10.38 -6.54
CA ASP E 557 68.26 -11.49 -6.27
C ASP E 557 68.02 -11.69 -4.79
N ASP E 558 69.03 -11.42 -3.95
CA ASP E 558 68.94 -11.50 -2.51
C ASP E 558 67.80 -10.67 -1.91
N GLY E 559 67.23 -9.76 -2.70
CA GLY E 559 66.20 -8.84 -2.21
C GLY E 559 64.94 -9.48 -1.65
N TYR E 560 63.82 -9.27 -2.33
CA TYR E 560 62.52 -9.74 -1.85
C TYR E 560 62.46 -11.26 -2.01
N SER E 561 63.15 -11.96 -1.12
CA SER E 561 63.66 -13.30 -1.44
C SER E 561 63.27 -14.32 -0.39
N ASP E 562 63.06 -13.89 0.85
CA ASP E 562 62.60 -14.78 1.90
C ASP E 562 61.47 -14.12 2.67
N SER E 563 60.54 -14.92 3.16
CA SER E 563 59.45 -14.36 3.95
C SER E 563 59.96 -13.75 5.25
N GLU E 564 61.08 -14.24 5.77
CA GLU E 564 61.73 -13.63 6.92
C GLU E 564 62.47 -12.34 6.59
N GLN E 565 62.57 -11.96 5.31
CA GLN E 565 62.83 -10.57 4.99
C GLN E 565 61.71 -9.68 5.53
N GLY E 566 62.01 -8.39 5.62
CA GLY E 566 60.98 -7.41 5.92
C GLY E 566 60.97 -6.22 4.97
N LEU E 567 60.22 -5.19 5.32
CA LEU E 567 60.27 -3.92 4.63
C LEU E 567 60.88 -2.85 5.55
N ARG E 568 61.59 -1.90 4.95
CA ARG E 568 62.29 -0.88 5.74
C ARG E 568 61.35 -0.04 6.59
N GLY E 569 60.05 -0.04 6.30
CA GLY E 569 59.10 0.65 7.14
C GLY E 569 58.66 2.01 6.64
N ARG E 570 58.47 2.95 7.57
CA ARG E 570 57.89 4.25 7.27
C ARG E 570 58.97 5.20 6.74
N LYS E 571 58.81 5.64 5.50
CA LYS E 571 59.75 6.57 4.89
C LYS E 571 59.68 7.94 5.54
N VAL E 572 60.84 8.53 5.81
CA VAL E 572 60.93 9.83 6.46
C VAL E 572 61.96 10.65 5.72
N TYR E 573 61.79 11.98 5.75
CA TYR E 573 62.70 12.89 5.07
C TYR E 573 63.45 13.73 6.09
N PRO E 574 64.68 13.36 6.44
CA PRO E 574 65.37 14.05 7.54
C PRO E 574 65.51 15.54 7.29
N HIS E 575 65.61 16.29 8.38
CA HIS E 575 65.83 17.73 8.30
C HIS E 575 67.17 18.04 7.66
N HIS E 576 67.19 19.05 6.79
CA HIS E 576 68.43 19.51 6.16
C HIS E 576 69.18 20.42 7.12
N LYS E 577 69.75 19.80 8.15
CA LYS E 577 70.57 20.52 9.11
C LYS E 577 71.81 21.10 8.43
N GLY E 578 72.22 22.28 8.90
CA GLY E 578 73.53 22.78 8.53
C GLY E 578 73.60 23.46 7.18
N LEU E 579 72.47 23.92 6.66
CA LEU E 579 72.46 24.74 5.47
C LEU E 579 73.25 26.03 5.70
N PRO E 580 73.84 26.59 4.65
CA PRO E 580 74.54 27.87 4.80
C PRO E 580 73.57 29.04 4.86
N ASN E 581 74.00 30.08 5.57
CA ASN E 581 73.21 31.30 5.68
C ASN E 581 72.93 31.89 4.30
N GLY E 582 71.69 32.32 4.08
CA GLY E 582 71.33 32.88 2.80
C GLY E 582 71.19 31.86 1.69
N TYR E 583 71.12 30.58 2.03
CA TYR E 583 70.91 29.54 1.04
C TYR E 583 69.66 29.81 0.20
N TRP E 584 68.61 30.31 0.84
CA TRP E 584 67.35 30.64 0.20
C TRP E 584 67.30 32.06 -0.36
N SER E 585 68.34 32.87 -0.13
CA SER E 585 68.37 34.22 -0.66
C SER E 585 68.52 34.21 -2.18
N ASN E 586 68.00 35.26 -2.81
CA ASN E 586 68.12 35.53 -4.24
C ASN E 586 67.96 34.25 -5.08
N PRO E 587 66.79 33.61 -5.02
CA PRO E 587 66.72 32.20 -5.46
C PRO E 587 66.71 32.03 -6.97
N THR E 588 66.40 33.07 -7.74
CA THR E 588 66.41 32.93 -9.20
C THR E 588 67.81 32.76 -9.78
N GLU E 589 68.85 33.16 -9.06
CA GLU E 589 70.20 32.96 -9.55
C GLU E 589 70.60 31.49 -9.52
N ASP E 590 71.18 31.01 -10.63
CA ASP E 590 71.70 29.64 -10.73
C ASP E 590 73.07 29.55 -10.05
N ARG E 591 73.05 29.69 -8.72
CA ARG E 591 74.23 29.44 -7.91
C ARG E 591 74.61 27.97 -7.84
N SER E 592 73.84 27.08 -8.49
CA SER E 592 74.00 25.64 -8.34
C SER E 592 75.40 25.15 -8.67
N GLN E 593 76.17 25.89 -9.45
CA GLN E 593 77.53 25.51 -9.79
C GLN E 593 78.57 25.94 -8.76
N GLN E 594 78.16 26.54 -7.65
CA GLN E 594 79.10 27.03 -6.64
C GLN E 594 78.79 26.36 -5.31
N ALA E 595 79.81 25.72 -4.73
CA ALA E 595 79.69 25.07 -3.42
C ALA E 595 79.82 26.11 -2.31
N ILE E 596 78.79 26.97 -2.23
CA ILE E 596 78.75 27.99 -1.18
C ILE E 596 78.84 27.31 0.19
N GLN E 597 79.91 27.61 0.92
CA GLN E 597 80.25 26.99 2.20
C GLN E 597 80.29 25.46 2.12
N GLY E 598 80.51 24.89 0.94
CA GLY E 598 80.50 23.45 0.76
C GLY E 598 79.18 22.83 0.40
N HIS E 599 78.10 23.60 0.29
CA HIS E 599 76.81 23.09 -0.15
C HIS E 599 76.48 23.72 -1.51
N TYR E 600 76.21 22.89 -2.50
CA TYR E 600 75.65 23.41 -3.74
C TYR E 600 74.19 23.78 -3.55
N GLN E 601 73.78 24.85 -4.24
CA GLN E 601 72.37 25.23 -4.27
C GLN E 601 71.55 24.13 -4.94
N GLU E 602 70.91 23.28 -4.14
CA GLU E 602 70.44 21.99 -4.63
C GLU E 602 68.99 22.03 -5.10
N TYR E 603 68.17 22.91 -4.52
CA TYR E 603 66.76 22.94 -4.90
C TYR E 603 66.54 23.47 -6.31
N ARG E 604 67.38 24.39 -6.76
CA ARG E 604 67.19 25.02 -8.06
C ARG E 604 67.59 24.06 -9.19
N ARG E 605 66.70 23.89 -10.16
CA ARG E 605 67.05 23.20 -11.38
C ARG E 605 68.17 23.97 -12.09
N PRO E 606 69.29 23.34 -12.41
CA PRO E 606 70.39 24.07 -13.05
C PRO E 606 70.00 24.61 -14.42
N LYS E 607 70.77 25.60 -14.86
CA LYS E 607 70.67 26.11 -16.23
C LYS E 607 71.42 25.22 -17.21
N LYS E 608 70.89 25.15 -18.42
CA LYS E 608 71.52 24.45 -19.54
C LYS E 608 71.80 25.46 -20.64
N ASP E 609 73.04 25.47 -21.14
CA ASP E 609 73.48 26.42 -22.16
C ASP E 609 73.19 27.86 -21.76
N GLY E 610 73.14 28.12 -20.46
CA GLY E 610 72.75 29.43 -19.96
C GLY E 610 71.28 29.77 -20.09
N LEU E 611 70.40 28.78 -20.09
CA LEU E 611 68.96 29.04 -20.08
C LEU E 611 68.24 28.03 -19.20
N GLU E 612 67.02 28.40 -18.80
CA GLU E 612 66.27 27.65 -17.80
C GLU E 612 65.66 26.38 -18.41
N GLN E 613 65.89 25.24 -17.75
CA GLN E 613 65.35 23.96 -18.20
C GLN E 613 63.91 23.80 -17.70
N ARG E 614 62.99 24.48 -18.39
CA ARG E 614 61.56 24.33 -18.11
C ARG E 614 61.00 23.11 -18.83
N ASP E 615 61.48 21.94 -18.42
CA ASP E 615 61.12 20.68 -19.06
C ASP E 615 59.84 20.11 -18.46
N ASP E 616 59.36 19.04 -19.07
CA ASP E 616 58.17 18.32 -18.65
C ASP E 616 58.40 17.42 -17.44
N GLN E 617 59.59 17.43 -16.85
CA GLN E 617 59.89 16.59 -15.71
C GLN E 617 59.80 17.31 -14.36
N ASN E 618 59.81 18.64 -14.35
CA ASN E 618 59.84 19.39 -13.10
C ASN E 618 58.79 20.49 -13.09
N ARG E 619 58.27 20.77 -11.91
CA ARG E 619 57.40 21.91 -11.67
C ARG E 619 58.23 23.15 -11.34
N SER E 620 57.61 24.31 -11.50
CA SER E 620 58.20 25.57 -11.12
C SER E 620 57.20 26.37 -10.31
N VAL E 621 57.69 27.15 -9.35
CA VAL E 621 56.83 27.83 -8.40
C VAL E 621 57.08 29.33 -8.47
N LYS E 622 56.01 30.11 -8.33
CA LYS E 622 56.08 31.56 -8.33
C LYS E 622 56.61 32.16 -7.04
N GLY E 623 56.84 31.35 -6.01
CA GLY E 623 57.26 31.88 -4.73
C GLY E 623 57.08 30.84 -3.65
N TRP E 624 57.36 31.25 -2.42
CA TRP E 624 57.13 30.39 -1.27
C TRP E 624 56.89 31.25 -0.04
N VAL E 625 56.27 30.62 0.97
CA VAL E 625 56.20 31.23 2.29
C VAL E 625 57.60 31.35 2.87
N LYS E 626 57.95 32.56 3.31
CA LYS E 626 59.30 32.81 3.82
C LYS E 626 59.57 31.97 5.06
N PRO E 627 60.83 31.60 5.28
CA PRO E 627 61.22 31.08 6.60
C PRO E 627 60.97 32.12 7.69
N LEU E 628 60.88 31.62 8.92
CA LEU E 628 60.60 32.39 10.13
C LEU E 628 59.24 33.07 10.11
N THR E 629 58.39 32.75 9.14
CA THR E 629 56.97 33.09 9.27
C THR E 629 56.35 32.26 10.38
N GLU E 630 55.23 32.74 10.91
CA GLU E 630 54.56 32.08 12.01
C GLU E 630 53.08 31.88 11.72
N PHE E 631 52.56 30.77 12.20
CA PHE E 631 51.18 30.38 12.01
C PHE E 631 50.61 29.93 13.34
N THR E 632 49.30 30.04 13.49
CA THR E 632 48.61 29.40 14.59
C THR E 632 47.64 28.35 14.05
N PHE E 633 47.46 27.28 14.82
CA PHE E 633 46.28 26.44 14.69
C PHE E 633 45.96 25.86 16.05
N GLU E 634 44.75 25.33 16.18
CA GLU E 634 44.31 24.67 17.41
C GLU E 634 44.06 23.21 17.11
N ILE E 635 44.29 22.36 18.10
CA ILE E 635 43.94 20.95 18.02
C ILE E 635 42.85 20.64 19.03
N ASP E 636 41.71 20.15 18.54
CA ASP E 636 40.66 19.62 19.37
C ASP E 636 40.88 18.12 19.54
N VAL E 637 40.78 17.64 20.78
CA VAL E 637 41.05 16.25 21.10
C VAL E 637 39.93 15.75 21.98
N THR E 638 39.56 14.48 21.81
CA THR E 638 38.46 13.89 22.56
C THR E 638 38.85 12.51 23.07
N ASN E 639 38.56 12.24 24.34
CA ASN E 639 38.74 10.93 24.96
C ASN E 639 40.12 10.31 24.72
N LEU E 640 41.17 11.13 24.68
CA LEU E 640 42.51 10.56 24.65
C LEU E 640 42.84 9.89 25.97
N SER E 641 43.39 8.68 25.90
CA SER E 641 44.04 8.09 27.06
C SER E 641 45.29 8.87 27.43
N GLU E 642 45.77 8.65 28.65
CA GLU E 642 46.99 9.30 29.11
C GLU E 642 48.21 8.92 28.27
N VAL E 643 48.23 7.71 27.72
CA VAL E 643 49.33 7.33 26.82
C VAL E 643 49.21 8.03 25.48
N GLU E 644 48.02 7.99 24.86
CA GLU E 644 47.84 8.65 23.57
C GLU E 644 48.08 10.15 23.70
N LEU E 645 47.51 10.78 24.72
CA LEU E 645 47.77 12.20 24.93
C LEU E 645 49.23 12.46 25.26
N GLY E 646 49.85 11.58 26.05
CA GLY E 646 51.28 11.69 26.28
C GLY E 646 52.10 11.69 24.99
N ALA E 647 51.77 10.79 24.06
CA ALA E 647 52.45 10.76 22.78
C ALA E 647 52.27 12.07 22.01
N LEU E 648 51.03 12.53 21.89
CA LEU E 648 50.75 13.73 21.11
C LEU E 648 51.48 14.94 21.65
N LEU E 649 51.37 15.19 22.97
CA LEU E 649 52.08 16.32 23.57
C LEU E 649 53.60 16.18 23.45
N TRP E 650 54.12 14.96 23.47
CA TRP E 650 55.56 14.80 23.26
C TRP E 650 55.99 15.33 21.90
N LEU E 651 55.23 15.01 20.85
CA LEU E 651 55.53 15.55 19.53
C LEU E 651 55.50 17.08 19.51
N LEU E 652 54.68 17.68 20.35
CA LEU E 652 54.53 19.13 20.39
C LEU E 652 55.49 19.81 21.35
N THR E 653 56.37 19.07 22.03
CA THR E 653 57.29 19.64 23.00
C THR E 653 58.71 19.16 22.81
N LEU E 654 59.05 18.66 21.62
CA LEU E 654 60.39 18.16 21.36
C LEU E 654 61.43 19.25 21.65
N PRO E 655 62.60 18.88 22.16
CA PRO E 655 63.65 19.88 22.39
C PRO E 655 64.06 20.59 21.10
N ASP E 656 64.81 21.67 21.29
CA ASP E 656 65.14 22.58 20.21
C ASP E 656 65.95 21.87 19.12
N LEU E 657 65.91 22.47 17.92
CA LEU E 657 66.55 21.97 16.70
C LEU E 657 65.90 20.71 16.14
N HIS E 658 64.98 20.09 16.89
CA HIS E 658 64.08 19.12 16.27
C HIS E 658 63.01 19.84 15.46
N PHE E 659 62.73 19.32 14.27
CA PHE E 659 61.73 19.92 13.39
C PHE E 659 60.90 18.85 12.71
N HIS E 660 59.63 19.15 12.52
CA HIS E 660 58.76 18.36 11.65
C HIS E 660 58.97 18.79 10.19
N ARG E 661 58.43 17.99 9.28
CA ARG E 661 58.58 18.24 7.86
C ARG E 661 57.20 18.36 7.23
N LEU E 662 57.03 19.35 6.37
CA LEU E 662 55.71 19.77 5.94
C LEU E 662 55.75 20.20 4.48
N GLY E 663 54.59 20.15 3.82
CA GLY E 663 54.45 20.58 2.45
C GLY E 663 55.19 19.69 1.46
N GLY E 664 55.34 20.21 0.25
CA GLY E 664 56.10 19.55 -0.79
C GLY E 664 57.59 19.83 -0.73
N GLY E 665 58.31 19.19 -1.65
CA GLY E 665 59.73 19.43 -1.78
C GLY E 665 60.58 18.97 -0.62
N LYS E 666 60.05 18.11 0.24
CA LYS E 666 60.80 17.69 1.42
C LYS E 666 62.17 17.10 1.10
N PRO E 667 62.38 16.32 0.04
CA PRO E 667 63.75 15.93 -0.31
C PRO E 667 64.67 17.12 -0.53
N LEU E 668 64.13 18.24 -1.02
CA LEU E 668 64.96 19.41 -1.26
C LEU E 668 65.20 20.23 0.01
N GLY E 669 64.48 19.94 1.09
CA GLY E 669 64.66 20.63 2.35
C GLY E 669 63.55 21.58 2.71
N PHE E 670 62.63 21.86 1.78
CA PHE E 670 61.50 22.73 2.05
C PHE E 670 60.64 22.22 3.21
N GLY E 671 59.85 23.13 3.76
CA GLY E 671 58.79 22.79 4.70
C GLY E 671 59.20 22.24 6.04
N SER E 672 60.42 22.51 6.49
CA SER E 672 60.80 22.16 7.85
C SER E 672 60.21 23.18 8.82
N VAL E 673 59.57 22.69 9.88
CA VAL E 673 58.78 23.55 10.76
C VAL E 673 59.08 23.21 12.21
N ARG E 674 58.98 24.23 13.07
CA ARG E 674 59.02 24.09 14.52
C ARG E 674 57.60 24.15 15.07
N LEU E 675 57.21 23.14 15.84
CA LEU E 675 55.96 23.15 16.60
C LEU E 675 56.23 23.33 18.08
N ASP E 676 55.45 24.20 18.72
CA ASP E 676 55.44 24.30 20.17
C ASP E 676 54.04 24.72 20.63
N ILE E 677 53.83 24.64 21.94
CA ILE E 677 52.53 24.83 22.56
C ILE E 677 52.43 26.22 23.15
N ASP E 678 51.26 26.85 23.02
CA ASP E 678 50.86 27.96 23.87
C ASP E 678 50.11 27.43 25.10
N PRO E 679 50.80 27.30 26.24
CA PRO E 679 50.17 26.61 27.38
C PRO E 679 49.04 27.38 28.03
N ASP E 680 49.02 28.71 27.92
CA ASP E 680 47.95 29.50 28.52
C ASP E 680 46.66 29.47 27.71
N LYS E 681 46.74 29.29 26.39
CA LYS E 681 45.54 29.17 25.58
C LYS E 681 45.01 27.74 25.48
N THR E 682 45.85 26.74 25.75
CA THR E 682 45.39 25.37 25.84
C THR E 682 44.48 25.20 27.05
N ASP E 683 43.50 24.30 26.92
CA ASP E 683 42.70 23.88 28.07
C ASP E 683 42.36 22.40 27.91
N LEU E 684 42.80 21.59 28.87
CA LEU E 684 42.57 20.16 28.88
C LEU E 684 42.10 19.73 30.26
N ARG E 685 41.11 18.82 30.28
CA ARG E 685 40.59 18.28 31.53
C ARG E 685 40.17 16.85 31.29
N ASN E 686 40.17 16.05 32.35
CA ASN E 686 39.54 14.74 32.31
C ASN E 686 38.02 14.87 32.32
N GLY E 687 37.36 13.73 32.10
CA GLY E 687 35.90 13.70 32.09
C GLY E 687 35.26 14.29 33.33
N ALA E 688 35.85 14.03 34.51
CA ALA E 688 35.30 14.60 35.74
C ALA E 688 35.37 16.11 35.73
N GLY E 689 36.51 16.67 35.30
CA GLY E 689 36.63 18.12 35.21
C GLY E 689 35.65 18.77 34.25
N TRP E 690 35.20 18.03 33.24
CA TRP E 690 34.12 18.51 32.40
C TRP E 690 32.74 18.39 33.05
N ARG E 691 32.50 17.34 33.83
CA ARG E 691 31.25 17.30 34.60
C ARG E 691 31.09 18.54 35.47
N ASP E 692 32.18 18.98 36.11
CA ASP E 692 32.14 20.23 36.86
C ASP E 692 31.86 21.43 35.96
N TYR E 693 32.51 21.47 34.80
CA TYR E 693 32.25 22.55 33.84
C TYR E 693 30.82 22.54 33.33
N TYR E 694 30.30 21.37 32.95
CA TYR E 694 28.93 21.29 32.49
C TYR E 694 27.91 21.33 33.62
N GLY E 695 28.33 21.14 34.86
CA GLY E 695 27.41 21.16 35.97
C GLY E 695 26.84 22.52 36.33
N SER E 696 27.29 23.59 35.67
CA SER E 696 26.84 24.93 36.04
C SER E 696 26.99 25.86 34.84
N LEU E 697 26.06 26.80 34.72
CA LEU E 697 26.18 27.87 33.75
C LEU E 697 27.03 29.03 34.25
N LEU E 698 27.26 29.12 35.55
CA LEU E 698 28.24 30.06 36.07
C LEU E 698 29.66 29.61 35.74
N GLU E 699 30.56 30.58 35.63
CA GLU E 699 31.95 30.29 35.33
C GLU E 699 32.62 29.52 36.45
N THR E 700 33.64 28.74 36.09
CA THR E 700 34.34 27.88 37.01
C THR E 700 35.79 27.81 36.59
N SER E 701 36.65 27.36 37.51
CA SER E 701 38.08 27.36 37.23
C SER E 701 38.40 26.33 36.15
N GLN E 702 39.66 26.35 35.72
CA GLN E 702 40.24 25.27 34.95
C GLN E 702 41.43 24.67 35.69
N PRO E 703 41.63 23.35 35.60
CA PRO E 703 42.84 22.76 36.15
C PRO E 703 44.07 23.19 35.36
N ASP E 704 45.19 23.35 36.07
CA ASP E 704 46.46 23.71 35.45
C ASP E 704 47.13 22.43 34.97
N PHE E 705 46.75 22.00 33.77
CA PHE E 705 47.36 20.83 33.13
C PHE E 705 48.87 20.97 32.93
N THR E 706 49.42 22.19 32.97
CA THR E 706 50.85 22.35 32.79
C THR E 706 51.68 21.74 33.91
N THR E 707 51.06 21.37 35.03
CA THR E 707 51.74 20.55 36.02
C THR E 707 51.79 19.09 35.59
N LEU E 708 50.82 18.65 34.80
CA LEU E 708 50.68 17.25 34.41
C LEU E 708 51.37 16.91 33.10
N ILE E 709 51.59 17.91 32.22
CA ILE E 709 52.09 17.65 30.87
C ILE E 709 53.36 16.79 30.90
N SER E 710 54.34 17.17 31.71
CA SER E 710 55.54 16.34 31.86
C SER E 710 55.22 14.94 32.34
N GLN E 711 54.23 14.80 33.22
CA GLN E 711 53.86 13.48 33.71
C GLN E 711 53.24 12.61 32.62
N TRP E 712 52.34 13.16 31.80
CA TRP E 712 51.81 12.43 30.66
C TRP E 712 52.88 12.00 29.67
N ILE E 713 53.85 12.87 29.40
CA ILE E 713 54.98 12.46 28.55
C ILE E 713 55.67 11.25 29.15
N ASN E 714 55.92 11.26 30.45
CA ASN E 714 56.54 10.10 31.09
C ASN E 714 55.62 8.88 31.07
N ALA E 715 54.31 9.09 31.20
CA ALA E 715 53.37 7.98 31.03
C ALA E 715 53.48 7.35 29.65
N PHE E 716 53.60 8.16 28.61
CA PHE E 716 53.78 7.64 27.26
C PHE E 716 55.08 6.86 27.11
N GLN E 717 56.19 7.48 27.51
CA GLN E 717 57.49 6.82 27.36
C GLN E 717 57.53 5.48 28.07
N THR E 718 57.00 5.39 29.28
CA THR E 718 57.04 4.12 30.01
C THR E 718 56.25 3.04 29.28
N ALA E 719 55.15 3.39 28.63
CA ALA E 719 54.44 2.43 27.80
C ALA E 719 55.32 1.92 26.67
N VAL E 720 56.08 2.81 26.02
CA VAL E 720 56.97 2.38 24.94
C VAL E 720 58.04 1.43 25.48
N LYS E 721 58.68 1.80 26.58
CA LYS E 721 59.69 0.96 27.20
C LYS E 721 59.16 -0.45 27.48
N GLU E 722 57.96 -0.52 28.08
CA GLU E 722 57.46 -1.79 28.58
C GLU E 722 57.07 -2.74 27.45
N GLU E 723 56.33 -2.24 26.47
CA GLU E 723 55.86 -3.10 25.39
C GLU E 723 56.95 -3.46 24.40
N TYR E 724 57.86 -2.54 24.09
CA TYR E 724 58.96 -2.85 23.18
C TYR E 724 60.25 -3.24 23.90
N GLY E 725 60.15 -3.68 25.16
CA GLY E 725 61.24 -4.39 25.82
C GLY E 725 62.63 -3.80 25.71
N SER E 726 62.80 -2.51 25.96
CA SER E 726 64.05 -1.84 25.70
C SER E 726 64.47 -1.04 26.93
N SER E 727 65.78 -1.10 27.25
CA SER E 727 66.26 -0.63 28.54
C SER E 727 66.05 0.86 28.72
N SER E 728 65.93 1.62 27.65
CA SER E 728 65.62 3.04 27.77
C SER E 728 64.80 3.49 26.57
N PHE E 729 63.97 4.51 26.78
CA PHE E 729 63.09 5.00 25.74
C PHE E 729 63.88 5.55 24.55
N ASP E 730 64.91 6.35 24.83
CA ASP E 730 65.74 6.97 23.81
C ASP E 730 66.59 5.98 23.01
N GLN E 731 66.54 4.68 23.31
CA GLN E 731 67.21 3.68 22.48
C GLN E 731 66.25 2.61 21.96
N VAL E 732 64.95 2.87 21.99
CA VAL E 732 64.03 2.19 21.08
C VAL E 732 64.34 2.63 19.65
N THR E 733 64.36 1.65 18.73
CA THR E 733 64.87 1.91 17.38
C THR E 733 64.05 2.98 16.66
N PHE E 734 62.73 2.79 16.56
CA PHE E 734 61.92 3.77 15.85
C PHE E 734 61.93 5.13 16.53
N ILE E 735 61.99 5.17 17.87
CA ILE E 735 62.13 6.45 18.55
C ILE E 735 63.45 7.11 18.19
N LYS E 736 64.55 6.38 18.37
CA LYS E 736 65.87 6.90 18.02
C LYS E 736 65.90 7.35 16.56
N ALA E 737 65.40 6.49 15.66
CA ALA E 737 65.41 6.82 14.24
C ALA E 737 64.55 8.04 13.94
N SER E 738 63.37 8.14 14.56
CA SER E 738 62.52 9.31 14.34
C SER E 738 63.20 10.58 14.84
N GLY E 739 63.74 10.55 16.06
CA GLY E 739 64.49 11.69 16.55
C GLY E 739 65.64 12.06 15.63
N GLN E 740 66.41 11.06 15.20
CA GLN E 740 67.48 11.29 14.24
C GLN E 740 66.95 11.90 12.95
N SER E 741 65.75 11.48 12.52
CA SER E 741 65.10 12.11 11.39
C SER E 741 64.83 13.58 11.65
N LEU E 742 64.09 13.89 12.70
CA LEU E 742 63.62 15.26 12.90
C LEU E 742 64.77 16.18 13.27
N GLN E 743 65.83 15.64 13.88
CA GLN E 743 67.03 16.43 14.16
C GLN E 743 67.91 16.58 12.94
N GLY E 744 67.80 15.68 11.97
CA GLY E 744 68.60 15.72 10.77
C GLY E 744 70.01 15.18 10.98
N PHE E 745 70.63 14.84 9.86
CA PHE E 745 72.00 14.35 9.87
C PHE E 745 72.97 15.44 10.28
N HIS E 746 74.14 15.02 10.77
CA HIS E 746 74.96 15.91 11.59
C HIS E 746 76.46 15.68 11.41
N ASP E 747 76.87 14.82 10.47
CA ASP E 747 78.25 14.79 9.99
C ASP E 747 78.56 15.94 9.03
N ASN E 748 77.66 16.92 8.92
CA ASN E 748 77.72 18.05 7.98
C ASN E 748 77.92 17.61 6.53
N ALA E 749 77.68 16.34 6.21
CA ALA E 749 77.60 15.92 4.83
C ALA E 749 76.39 16.55 4.14
N SER E 750 76.58 16.96 2.89
CA SER E 750 75.46 17.49 2.12
C SER E 750 74.40 16.42 1.89
N ILE E 751 73.16 16.87 1.73
CA ILE E 751 72.04 16.00 1.37
C ILE E 751 71.64 16.29 -0.07
N HIS E 752 71.71 15.28 -0.93
CA HIS E 752 71.23 15.40 -2.30
C HIS E 752 70.97 14.00 -2.82
N TYR E 753 70.15 13.92 -3.87
CA TYR E 753 69.95 12.64 -4.54
C TYR E 753 71.27 12.08 -5.03
N PRO E 754 71.38 10.75 -5.13
CA PRO E 754 72.64 10.15 -5.61
C PRO E 754 73.01 10.67 -6.97
N ARG E 755 74.32 10.83 -7.19
CA ARG E 755 74.83 11.20 -8.50
C ARG E 755 76.31 10.85 -8.54
N SER E 756 76.81 10.65 -9.77
CA SER E 756 78.21 10.28 -9.95
C SER E 756 79.18 11.42 -9.66
N THR E 757 78.71 12.66 -9.62
CA THR E 757 79.58 13.82 -9.69
C THR E 757 79.23 14.77 -8.55
N PRO E 758 80.22 15.30 -7.82
CA PRO E 758 79.88 16.21 -6.70
C PRO E 758 79.07 17.41 -7.15
N GLU E 759 79.53 18.10 -8.19
CA GLU E 759 78.75 19.18 -8.78
C GLU E 759 77.45 18.63 -9.36
N PRO E 760 76.30 19.23 -9.06
CA PRO E 760 75.08 18.89 -9.79
C PRO E 760 75.14 19.39 -11.23
N LYS E 761 75.62 18.53 -12.13
CA LYS E 761 75.68 18.88 -13.54
C LYS E 761 74.29 18.93 -14.16
N PRO E 762 74.11 19.75 -15.20
CA PRO E 762 72.75 20.05 -15.69
C PRO E 762 71.94 18.85 -16.12
N ASP E 763 72.56 17.84 -16.74
CA ASP E 763 71.80 16.69 -17.20
C ASP E 763 71.23 15.88 -16.05
N GLY E 764 71.88 15.88 -14.89
CA GLY E 764 71.34 15.14 -13.76
C GLY E 764 71.25 13.65 -14.00
N GLU E 765 72.30 13.06 -14.55
CA GLU E 765 72.33 11.63 -14.80
C GLU E 765 72.54 10.84 -13.52
N ALA E 766 71.65 11.04 -12.55
CA ALA E 766 71.75 10.41 -11.25
C ALA E 766 71.89 8.89 -11.34
N PHE E 767 71.26 8.27 -12.35
CA PHE E 767 71.29 6.83 -12.49
C PHE E 767 72.69 6.22 -12.57
N LYS E 768 73.67 6.92 -13.15
CA LYS E 768 74.97 6.27 -13.31
C LYS E 768 75.69 6.05 -12.00
N TRP E 769 75.35 6.80 -10.95
CA TRP E 769 75.82 6.42 -9.62
C TRP E 769 75.29 5.05 -9.22
N PHE E 770 74.03 4.76 -9.56
CA PHE E 770 73.46 3.44 -9.26
C PHE E 770 74.10 2.33 -10.08
N VAL E 771 74.41 2.59 -11.35
CA VAL E 771 75.12 1.56 -12.11
C VAL E 771 76.54 1.40 -11.59
N ALA E 772 77.20 2.52 -11.23
CA ALA E 772 78.49 2.42 -10.58
C ALA E 772 78.40 1.66 -9.28
N ASN E 773 77.37 1.94 -8.49
CA ASN E 773 77.12 1.19 -7.27
C ASN E 773 76.93 -0.29 -7.55
N GLU E 774 76.18 -0.63 -8.59
CA GLU E 774 75.90 -2.03 -8.88
C GLU E 774 77.16 -2.80 -9.21
N LYS E 775 77.99 -2.26 -10.11
CA LYS E 775 79.26 -2.92 -10.40
C LYS E 775 80.26 -2.72 -9.28
N GLY E 776 80.13 -1.65 -8.51
CA GLY E 776 81.07 -1.33 -7.44
C GLY E 776 80.77 -1.98 -6.11
N ARG E 777 80.84 -1.19 -5.03
CA ARG E 777 80.79 -1.71 -3.68
C ARG E 777 79.40 -2.11 -3.25
N ARG E 778 78.38 -1.79 -4.04
CA ARG E 778 77.00 -2.26 -3.81
C ARG E 778 76.50 -1.90 -2.41
N LEU E 779 76.66 -0.63 -2.05
CA LEU E 779 76.19 -0.18 -0.74
C LEU E 779 74.68 -0.27 -0.64
N ALA E 780 74.20 -0.60 0.55
CA ALA E 780 72.80 -0.46 0.90
C ALA E 780 72.55 0.87 1.59
N LEU E 781 71.30 1.30 1.55
CA LEU E 781 70.90 2.51 2.25
C LEU E 781 71.12 2.32 3.75
N PRO E 782 71.96 3.14 4.39
CA PRO E 782 72.27 2.95 5.81
C PRO E 782 71.06 2.80 6.72
N ALA E 783 71.27 2.19 7.89
CA ALA E 783 70.31 2.34 8.98
C ALA E 783 70.27 3.80 9.42
N LEU E 784 69.05 4.33 9.58
CA LEU E 784 68.89 5.77 9.78
C LEU E 784 69.65 6.27 11.00
N GLU E 785 69.53 5.56 12.13
CA GLU E 785 70.25 5.95 13.33
C GLU E 785 71.77 5.89 13.18
N LYS E 786 72.28 5.12 12.22
CA LYS E 786 73.72 5.07 12.02
C LYS E 786 74.29 6.28 11.29
N SER E 787 73.44 7.08 10.65
CA SER E 787 73.84 8.37 10.09
C SER E 787 75.00 8.25 9.10
N GLN E 788 75.09 7.15 8.37
CA GLN E 788 76.18 6.95 7.43
C GLN E 788 75.89 7.67 6.13
N SER E 789 76.93 8.30 5.58
CA SER E 789 76.84 9.03 4.32
C SER E 789 77.41 8.19 3.17
N PHE E 790 76.69 8.18 2.05
CA PHE E 790 77.13 7.45 0.88
C PHE E 790 78.44 8.03 0.34
N PRO E 791 79.36 7.19 -0.13
CA PRO E 791 80.52 7.71 -0.86
C PRO E 791 80.12 8.18 -2.25
N ILE E 792 80.75 9.28 -2.69
CA ILE E 792 80.46 9.77 -4.03
C ILE E 792 80.93 8.79 -5.10
N LYS E 793 81.97 8.01 -4.81
CA LYS E 793 82.31 6.85 -5.63
C LYS E 793 81.87 5.58 -4.92
N PRO E 794 80.83 4.90 -5.36
CA PRO E 794 80.43 3.65 -4.72
C PRO E 794 81.21 2.45 -5.24
N SER E 795 82.37 2.69 -5.83
CA SER E 795 83.17 1.62 -6.42
C SER E 795 83.64 0.65 -5.33
#